data_5FIL
#
_entry.id   5FIL
#
_cell.length_a   1.000
_cell.length_b   1.000
_cell.length_c   1.000
_cell.angle_alpha   90.00
_cell.angle_beta   90.00
_cell.angle_gamma   90.00
#
_symmetry.space_group_name_H-M   'P 1'
#
loop_
_entity.id
_entity.type
_entity.pdbx_description
1 polymer 'ATP SYNTHASE SUBUNIT ALPHA, MITOCHONDRIAL'
2 polymer 'ATP SYNTHASE SUBUNIT BETA, MITOCHONDRIAL'
3 polymer 'ATP SYNTHASE SUBUNIT GAMMA, MITOCHONDRIAL'
4 polymer 'ATP SYNTHASE SUBUNIT DELTA, MITOCHONDRIAL'
5 polymer 'ATP SYNTHASE SUBUNIT EPSILON, MITOCHONDRIAL'
6 polymer 'ATP SYNTHASE F(0) COMPLEX SUBUNIT C1, MITOCHONDRIAL'
7 polymer 'ATP SYNTHASE SUBUNIT O, MITOCHONDRIAL'
8 polymer 'ATP SYNTHASE F(0) COMPLEX SUBUNIT B1, MITOCHONDRIAL'
9 polymer 'ATP SYNTHASE SUBUNIT D, MITOCHONDRIAL'
10 polymer 'ATP SYNTHASE-COUPLING FACTOR 6, MITOCHONDRIAL'
11 polymer 'ATP SYNTHASE SUBUNIT BETA, MITOCHONDRIAL'
#
loop_
_entity_poly.entity_id
_entity_poly.type
_entity_poly.pdbx_seq_one_letter_code
_entity_poly.pdbx_strand_id
1 'polypeptide(L)'
;QKTGTAEVSSILEERILGADTSVDLEETGRVLSIGDGIARVHGLRNVQAEEMVEFSSGLKGMSLNLEPDNVGVVVFGNDK
LIKEGDIVKRTGAIVDVPVGEELLGRVVDALGNAIDGKGPIGSKARRRVGLKAPGIIPRISVREPMQTGIKAVDSLVPIG
RGQRELIIGDRQTGKTSIAIDTIINQKRFNDGTDEKKKLYCIYVAIGQKRSTVAQLVKRLTDADAMKYTIVVSATASDAA
PLQYLAPYSGCSMGEYFRDNGKHALIIYDDLSKQAVAYRQMSLLLRRPPGREAYPGDVFYLHSRLLERAAKMNDAFGGGS
LTALPVIETQAGDVSAYIPTNVISITDGQIFLETELFYKGIRPAINVGLSVSRVGSAAQTRAMKQVAGTMKLELAQYREV
AAFAQFGSDLDAATQQLLSRGVRLTELLKQGQYSPMAIEEQVAVIYAGVRGYLDKLEPSKITKFENAFLSHVISQHQALL
GKIRTDGKISEESDAKLKEIVTNFLAGFEA
;
A,B,C
2 'polypeptide(L)'
;AAQASPSPKAGATTGRIVAVIGAVVDVQFDEGLPPILNALEVQGRETRLVLEVAQHLGESTVRTIAMDGTEGLVRGQKVL
DSGAPIRIPVGPETLGRIMNVIGEPIDERGPIKTKQFAAIHAEAPEFVEMSVEQEILVTGIKVVDLLAPYAKGGKIGLFG
GAGVGKTVLIMELINNVAKAHGGYSVFAGVGERTREGNDLYHEMIESGVINLKDATSKVALVYGQMNEPPGARARVALTG
LTVAEYFRDQEGQDVLLFIDNIFRFTQAGSEVSALLGRIPSAVGYQPTLATDMGTMQERITTTKKGSITSVQAIYVPADD
LTDPAPATTFAHLDATTVLSRAIAELGIYPAVDPLDSTSRIMDPNIVGSEHYDVARGVQKILQDYKSLQDIIAILGMDEL
SEEDKLTVSRARKIQRFLSQPFQVAEVFTGHLGKLVPLKETIKGFQQILAGEYDHLPEQAFYMVGPIEEAVAKADKLAEE
HS
;
D,E,F
3 'polypeptide(L)'
;ATLKDITRRLKSIKNIQKITKSMKMVAAAKYARAERELKPARVYGVGSLALYEKADIKTPEDKKKHLIIGVSSDRGLCGA
IHSSVAKQMKSEAANLAAAGKEVKIIGVGDKIRSILHRTHSDQFLVTFKEVGRRPPTFGDASVIALELLNSGYEFDEGSI
IFNRFRSVISYKTEEKPIFSLDTISSAESMSIYDDIDADVLRNYQEYSLANIIYYSLKESTTSEQSARMTAMDNASKNAS
EMIDKLTLTFNRTRQAVITKELIEIISGAAALD
;
G
4 'polypeptide(L)'
;AEAAAAQAPAAGPGQMSFTFASPTQVFFNSANVRQVDVPTQTGAFGILAAHVPTLQVLRPGLVVVHAEDGTTSKYFVSSG
SVTVNADSSVQLLAEEAVTLDMLDLGAAKANLEKAQSELLGAADEATRAEIQIRIEANEALVKALE
;
H
5 'polypeptide(L)' VAYWRQAGLSYIRYSQICAKAVRDALKTEFKANAMKTSGSTIKIVKVKKE I
6 'polypeptide(L)' IDTAAKFIGAGAATVGVAGSGAGIGTVFGSLIIGYARNPSLKQQLFSYAILGFALSEAMGLFCLMVAFLILF J,K,L,M,N,O,P,Q
7 'polypeptide(L)'
;FAKLVRPPVQIYGIEGRYATALYSAASKQNKLEQVEKELLRVGQILKEPKMAASLLNPYVKRSVKVKSLSDMTAKEKFSP
LTSNLINLLAENGRLTNTPAVISAFSTMMSVHRGEVPCTVTTASALDETTLTELKTVLKSFLSKGQVLKLEVKIDPSIMG
GMIVRIGEKYVDMSAKTKIQKLSRAMREIL
;
S
8 'polypeptide(L)'
;PYVLGTGLILYLLSKEIYVITPETFSAISTIGFLVYIVKKYGASVGEFADKLNEQKIAQLEEVKQASIKQIQDAIDMEKS
QQALVQKRHYLFDVQRNNIAMALEVTYRERLHRVYREVKNRLDYHISVQNMMRQKEQEHMINWVEKRVVQSISAQQEKET
IAKCIADLKLLSKK
;
T
9 'polypeptide(L)'
;AGRKLALKTIDWVAFGEIIPRNQKAVANSLKSWNETLTSRLATLPEKPPAIDWAYYKANVAKAGLVDDFEKKFNALKVPI
PEDKYTAQVDAEEKEDVKSCAEFLTQSKTRIQEYEKELEKMRNI
;
U
10 'polypeptide(L)' FNKELDPVQKLFVDKIREYRTKRQTSGGPVDAGPEYQQDLDRELFKLKQMYGKADMNTFPNFTFEDPKFEVVEKPQS V
11 'polypeptide(L)'
;ITPVILGLPLVTLIVLFPSLLFPTSNRLVSNRFVTLQQWMLQLVSKQMMSIHNSKGQTWTLMLMSLILFIGSTNLLGLLP
HSFTPTTQLSMNLGMAIPLWAGAVITGFRNKTKASLAHFLPQGTPTPLIPMLVIIETISLFIQPMALAVRLTANITAGHL
LIHLIGGATLALMSISTTTALITFTILILLTILEFAVAMIQAYVFTLLVSLYLHDNT
;
W
#
# COMPACT_ATOMS: atom_id res chain seq x y z
N LYS A 2 60.58 10.06 16.58
CA LYS A 2 60.34 9.43 17.90
C LYS A 2 58.93 9.68 18.27
N THR A 3 58.71 10.95 18.53
CA THR A 3 57.63 11.57 19.17
C THR A 3 58.45 12.77 19.18
N GLY A 4 58.03 13.82 18.48
CA GLY A 4 58.90 14.96 18.29
C GLY A 4 58.93 15.73 19.57
N THR A 5 57.99 15.39 20.49
CA THR A 5 57.96 15.85 21.83
C THR A 5 59.14 15.25 22.48
N ALA A 6 59.83 16.06 23.30
CA ALA A 6 61.06 15.77 23.97
C ALA A 6 62.19 15.98 23.05
N GLU A 7 61.93 15.90 21.72
CA GLU A 7 62.81 16.41 20.72
C GLU A 7 62.72 17.88 20.62
N VAL A 8 61.99 18.43 21.61
CA VAL A 8 61.87 19.79 22.01
C VAL A 8 63.24 20.06 22.36
N SER A 9 63.77 21.12 21.80
CA SER A 9 65.13 21.40 21.98
C SER A 9 65.16 22.47 23.00
N SER A 10 64.62 22.08 24.14
CA SER A 10 64.89 22.67 25.41
C SER A 10 65.02 21.48 26.21
N ILE A 11 64.20 20.47 25.87
CA ILE A 11 64.20 19.18 26.42
C ILE A 11 65.47 18.61 25.96
N LEU A 12 65.55 18.07 24.74
CA LEU A 12 66.76 17.57 24.17
C LEU A 12 67.93 18.39 24.47
N GLU A 13 67.79 19.68 24.16
CA GLU A 13 68.70 20.74 24.38
C GLU A 13 69.14 20.92 25.76
N GLU A 14 69.86 19.93 26.28
CA GLU A 14 70.40 19.95 27.56
C GLU A 14 70.67 18.56 27.89
N ARG A 15 69.90 17.57 27.49
CA ARG A 15 70.37 16.23 27.68
C ARG A 15 71.59 15.92 26.91
N ILE A 16 71.65 16.58 25.76
CA ILE A 16 72.72 16.73 24.86
C ILE A 16 73.80 17.31 25.58
N LEU A 17 73.53 18.49 26.11
CA LEU A 17 74.51 19.32 26.68
C LEU A 17 75.14 18.62 27.80
N GLY A 18 74.27 17.93 28.54
CA GLY A 18 74.47 17.63 29.91
C GLY A 18 74.24 18.96 30.55
N ALA A 19 73.03 19.52 30.46
CA ALA A 19 72.71 20.80 31.02
C ALA A 19 71.31 20.72 31.44
N ASP A 20 70.91 19.49 31.74
CA ASP A 20 69.59 19.14 32.07
C ASP A 20 69.49 19.25 33.56
N THR A 21 68.31 18.88 34.12
CA THR A 21 67.81 19.10 35.47
C THR A 21 66.72 20.11 35.40
N SER A 22 65.47 19.69 35.73
CA SER A 22 64.32 20.52 35.50
C SER A 22 63.28 20.19 36.52
N VAL A 23 62.02 20.60 36.19
CA VAL A 23 60.78 20.58 36.94
C VAL A 23 60.73 19.49 37.97
N ASP A 24 61.04 18.28 37.55
CA ASP A 24 61.26 17.17 38.38
C ASP A 24 61.32 16.19 37.29
N LEU A 25 60.30 16.31 36.41
CA LEU A 25 59.98 15.42 35.37
C LEU A 25 59.73 14.11 35.96
N GLU A 26 59.23 14.07 37.20
CA GLU A 26 58.92 12.84 37.76
C GLU A 26 57.92 13.00 38.80
N GLU A 27 57.98 14.15 39.46
CA GLU A 27 57.04 14.52 40.43
C GLU A 27 56.41 15.76 40.07
N THR A 28 56.96 16.36 39.05
CA THR A 28 56.40 17.47 38.42
C THR A 28 56.78 17.15 37.02
N GLY A 29 56.20 17.82 36.07
CA GLY A 29 56.50 17.60 34.72
C GLY A 29 56.29 18.89 34.07
N ARG A 30 56.69 19.00 32.81
CA ARG A 30 56.53 20.18 32.03
C ARG A 30 55.63 19.65 31.07
N VAL A 31 54.65 20.41 30.63
CA VAL A 31 53.64 19.97 29.75
C VAL A 31 54.29 19.83 28.46
N LEU A 32 54.35 18.65 27.92
CA LEU A 32 54.93 18.49 26.64
C LEU A 32 54.04 19.18 25.63
N SER A 33 52.74 18.89 25.69
CA SER A 33 51.81 19.48 24.80
C SER A 33 50.61 19.46 25.57
N ILE A 34 49.74 20.39 25.19
CA ILE A 34 48.50 20.32 25.84
C ILE A 34 47.60 20.72 24.78
N GLY A 35 46.63 19.85 24.76
CA GLY A 35 45.72 19.87 23.76
C GLY A 35 45.00 18.75 24.25
N ASP A 36 43.69 18.90 24.12
CA ASP A 36 42.82 17.78 24.12
C ASP A 36 42.51 17.41 25.53
N GLY A 37 42.91 18.29 26.48
CA GLY A 37 42.71 18.07 27.88
C GLY A 37 43.60 16.97 28.33
N ILE A 38 44.55 16.59 27.45
CA ILE A 38 45.39 15.54 27.78
C ILE A 38 46.63 16.20 27.60
N ALA A 39 47.23 16.29 28.76
CA ALA A 39 48.32 17.12 28.93
C ALA A 39 49.21 16.02 28.97
N ARG A 40 50.06 16.08 27.96
CA ARG A 40 51.15 15.23 27.92
C ARG A 40 52.04 16.05 28.64
N VAL A 41 52.58 15.48 29.69
CA VAL A 41 53.31 16.24 30.59
C VAL A 41 54.44 15.39 30.59
N HIS A 42 55.55 16.00 30.38
CA HIS A 42 56.77 15.40 30.30
C HIS A 42 57.22 15.22 31.65
N GLY A 43 57.74 14.01 31.79
CA GLY A 43 58.32 13.49 32.94
C GLY A 43 57.29 12.72 33.61
N LEU A 44 57.22 12.87 34.95
CA LEU A 44 56.33 12.22 35.84
C LEU A 44 56.59 10.73 35.83
N ARG A 45 57.41 10.24 36.77
CA ARG A 45 57.97 8.94 36.66
C ARG A 45 57.63 8.28 37.88
N ASN A 46 58.03 8.92 38.98
CA ASN A 46 57.82 8.36 40.27
C ASN A 46 56.45 8.61 40.62
N VAL A 47 55.83 9.50 39.84
CA VAL A 47 54.46 9.82 39.83
C VAL A 47 53.62 8.68 40.27
N GLN A 48 52.69 8.96 41.19
CA GLN A 48 51.80 8.00 41.73
C GLN A 48 50.94 7.67 40.60
N ALA A 49 50.37 6.48 40.61
CA ALA A 49 49.39 6.18 39.67
C ALA A 49 48.16 6.70 40.21
N GLU A 50 47.24 6.89 39.28
CA GLU A 50 45.97 7.50 39.47
C GLU A 50 46.07 8.82 40.12
N GLU A 51 47.23 9.45 40.05
CA GLU A 51 47.41 10.54 40.88
C GLU A 51 46.84 11.80 40.41
N MET A 52 46.17 12.49 41.30
CA MET A 52 45.83 13.84 41.12
C MET A 52 47.08 14.63 41.18
N VAL A 53 47.25 15.47 40.18
CA VAL A 53 48.32 16.39 40.10
C VAL A 53 47.68 17.71 40.09
N GLU A 54 48.48 18.76 40.19
CA GLU A 54 48.01 20.09 40.06
C GLU A 54 48.88 20.70 39.08
N PHE A 55 48.22 21.47 38.23
CA PHE A 55 48.73 22.20 37.13
C PHE A 55 49.02 23.52 37.65
N SER A 56 49.89 24.19 36.88
CA SER A 56 50.28 25.55 37.03
C SER A 56 49.18 26.39 36.40
N SER A 57 47.97 26.24 36.95
CA SER A 57 46.77 26.87 36.50
C SER A 57 45.80 26.66 37.60
N GLY A 58 46.20 25.90 38.65
CA GLY A 58 45.38 25.57 39.79
C GLY A 58 44.42 24.49 39.38
N LEU A 59 44.54 24.04 38.13
CA LEU A 59 43.73 23.03 37.59
C LEU A 59 44.42 21.80 37.94
N LYS A 60 43.59 20.81 38.10
CA LYS A 60 43.93 19.58 38.67
C LYS A 60 44.06 18.70 37.52
N GLY A 61 44.75 17.59 37.62
CA GLY A 61 44.74 16.72 36.50
C GLY A 61 44.92 15.44 37.10
N MET A 62 44.80 14.37 36.33
CA MET A 62 45.01 13.11 36.90
C MET A 62 45.79 12.39 35.92
N SER A 63 46.75 11.66 36.46
CA SER A 63 47.80 10.98 35.81
C SER A 63 47.28 9.65 35.39
N LEU A 64 46.76 9.60 34.16
CA LEU A 64 46.11 8.39 33.80
C LEU A 64 47.04 7.37 33.25
N ASN A 65 47.80 7.79 32.25
CA ASN A 65 48.72 6.94 31.61
C ASN A 65 50.00 7.36 32.00
N LEU A 66 50.72 6.49 32.70
CA LEU A 66 52.04 6.72 33.14
C LEU A 66 52.79 6.01 32.12
N GLU A 67 53.31 6.82 31.28
CA GLU A 67 53.93 6.40 30.11
C GLU A 67 55.27 6.67 30.57
N PRO A 68 56.25 6.16 29.96
CA PRO A 68 57.57 6.20 30.52
C PRO A 68 58.18 7.52 30.35
N ASP A 69 57.50 8.40 29.63
CA ASP A 69 58.07 9.61 29.16
C ASP A 69 57.25 10.72 29.65
N ASN A 70 55.97 10.44 29.75
CA ASN A 70 55.08 11.48 29.96
C ASN A 70 53.94 10.79 30.48
N VAL A 71 52.96 11.58 30.86
CA VAL A 71 51.75 11.21 31.46
C VAL A 71 50.62 11.72 30.66
N GLY A 72 49.69 10.83 30.25
CA GLY A 72 48.50 11.33 29.64
C GLY A 72 47.71 11.73 30.80
N VAL A 73 47.42 13.03 30.88
CA VAL A 73 46.89 13.56 32.08
C VAL A 73 45.63 14.11 31.69
N VAL A 74 44.61 13.63 32.36
CA VAL A 74 43.31 14.14 32.15
C VAL A 74 43.17 15.37 32.95
N VAL A 75 42.67 16.41 32.27
CA VAL A 75 42.66 17.74 32.75
C VAL A 75 41.37 18.07 33.39
N PHE A 76 41.49 18.53 34.63
CA PHE A 76 40.45 19.04 35.46
C PHE A 76 40.30 20.48 35.39
N GLY A 77 39.99 20.95 34.19
CA GLY A 77 39.77 22.33 33.94
C GLY A 77 39.65 22.36 32.48
N ASN A 78 40.23 23.40 31.86
CA ASN A 78 40.13 23.62 30.45
C ASN A 78 41.45 24.18 30.12
N ASP A 79 41.94 23.85 28.92
CA ASP A 79 43.32 24.07 28.56
C ASP A 79 43.50 25.29 27.76
N LYS A 80 42.44 26.09 27.72
CA LYS A 80 42.52 27.44 27.31
C LYS A 80 43.11 28.17 28.47
N LEU A 81 43.02 27.53 29.66
CA LEU A 81 43.48 28.03 30.91
C LEU A 81 44.80 27.41 31.21
N ILE A 82 45.43 26.73 30.22
CA ILE A 82 46.71 26.10 30.40
C ILE A 82 47.43 26.29 29.08
N LYS A 83 48.74 25.94 29.02
CA LYS A 83 49.47 25.95 27.79
C LYS A 83 50.60 25.00 27.89
N GLU A 84 51.32 24.87 26.77
CA GLU A 84 52.42 23.99 26.60
C GLU A 84 53.47 24.31 27.61
N GLY A 85 54.27 23.32 27.96
CA GLY A 85 55.44 23.39 28.80
C GLY A 85 55.12 23.35 30.23
N ASP A 86 53.87 23.72 30.55
CA ASP A 86 53.51 24.06 31.87
C ASP A 86 53.77 23.00 32.83
N ILE A 87 54.15 23.49 33.99
CA ILE A 87 54.58 22.63 35.00
C ILE A 87 53.42 22.14 35.68
N VAL A 88 53.43 20.85 35.84
CA VAL A 88 52.41 20.18 36.51
C VAL A 88 53.20 19.62 37.60
N LYS A 89 52.75 19.78 38.84
CA LYS A 89 53.41 19.37 40.02
C LYS A 89 52.45 18.39 40.47
N ARG A 90 52.93 17.30 41.04
CA ARG A 90 52.04 16.32 41.55
C ARG A 90 51.23 16.92 42.66
N THR A 91 50.10 16.28 43.02
CA THR A 91 49.53 16.54 44.31
C THR A 91 49.96 15.39 45.11
N GLY A 92 50.70 14.48 44.48
CA GLY A 92 51.20 13.25 45.00
C GLY A 92 50.17 12.21 45.03
N ALA A 93 48.93 12.61 45.25
CA ALA A 93 47.92 11.70 45.67
C ALA A 93 46.99 11.56 44.59
N ILE A 94 46.31 10.40 44.60
CA ILE A 94 45.22 10.15 43.75
C ILE A 94 44.10 10.90 44.29
N VAL A 95 43.01 10.84 43.56
CA VAL A 95 41.76 11.30 44.03
C VAL A 95 41.18 10.55 45.24
N ASP A 96 40.75 11.40 46.14
CA ASP A 96 39.90 11.16 47.23
C ASP A 96 39.12 12.36 47.00
N VAL A 97 38.01 12.46 47.66
CA VAL A 97 37.19 13.58 47.48
C VAL A 97 37.00 13.82 48.87
N PRO A 98 36.75 15.01 49.34
CA PRO A 98 36.55 15.19 50.76
C PRO A 98 35.28 14.46 51.05
N VAL A 99 35.11 13.73 52.16
CA VAL A 99 33.90 13.01 52.35
C VAL A 99 33.55 13.29 53.74
N GLY A 100 32.25 13.24 54.05
CA GLY A 100 31.82 13.35 55.40
C GLY A 100 30.35 13.52 55.37
N GLU A 101 29.90 14.71 55.82
CA GLU A 101 28.52 14.91 56.18
C GLU A 101 28.14 16.36 56.03
N GLU A 102 29.12 17.26 55.88
CA GLU A 102 28.92 18.70 55.90
C GLU A 102 28.70 19.14 54.49
N LEU A 103 28.04 18.23 53.76
CA LEU A 103 27.73 18.24 52.38
C LEU A 103 26.24 18.11 52.21
N LEU A 104 25.57 17.78 53.31
CA LEU A 104 24.17 17.55 53.32
C LEU A 104 23.62 18.89 53.55
N GLY A 105 23.10 19.49 52.50
CA GLY A 105 22.74 20.85 52.51
C GLY A 105 23.58 21.54 51.50
N ARG A 106 24.27 20.82 50.59
CA ARG A 106 25.15 21.51 49.66
C ARG A 106 24.87 21.15 48.27
N VAL A 107 25.11 22.16 47.39
CA VAL A 107 25.31 21.97 45.99
C VAL A 107 26.73 22.32 45.85
N VAL A 108 27.46 21.34 45.37
CA VAL A 108 28.83 21.53 45.14
C VAL A 108 28.98 21.16 43.78
N ASP A 109 30.12 21.60 43.27
CA ASP A 109 30.71 21.01 42.13
C ASP A 109 31.29 19.76 42.68
N ALA A 110 31.57 18.78 41.82
CA ALA A 110 32.12 17.51 42.25
C ALA A 110 33.50 17.66 42.80
N LEU A 111 34.14 18.82 42.61
CA LEU A 111 35.43 19.10 43.15
C LEU A 111 35.30 19.54 44.55
N GLY A 112 34.07 19.48 45.08
CA GLY A 112 33.79 19.65 46.45
C GLY A 112 33.94 21.08 46.76
N ASN A 113 33.36 21.94 45.93
CA ASN A 113 33.45 23.34 46.16
C ASN A 113 32.08 23.72 45.93
N ALA A 114 31.50 24.36 46.93
CA ALA A 114 30.10 24.53 46.97
C ALA A 114 29.73 25.65 46.09
N ILE A 115 29.33 25.27 44.86
CA ILE A 115 28.97 26.15 43.80
C ILE A 115 27.70 26.81 44.07
N ASP A 116 26.98 26.29 45.10
CA ASP A 116 25.79 26.87 45.65
C ASP A 116 26.07 28.32 45.89
N GLY A 117 27.01 28.56 46.79
CA GLY A 117 27.61 29.83 46.98
C GLY A 117 28.10 29.83 48.38
N LYS A 118 28.25 28.68 49.05
CA LYS A 118 28.80 28.68 50.39
C LYS A 118 30.27 28.63 50.29
N GLY A 119 30.70 28.08 49.13
CA GLY A 119 32.04 27.69 48.89
C GLY A 119 32.17 26.41 49.66
N PRO A 120 33.27 25.72 49.56
CA PRO A 120 33.44 24.43 50.17
C PRO A 120 33.21 24.53 51.66
N ILE A 121 32.27 23.71 52.18
CA ILE A 121 32.08 23.55 53.60
C ILE A 121 32.64 22.19 53.72
N GLY A 122 33.95 22.19 53.38
CA GLY A 122 34.76 21.09 53.00
C GLY A 122 34.90 20.11 54.07
N SER A 123 35.01 18.85 53.65
CA SER A 123 35.09 17.81 54.58
C SER A 123 36.52 17.62 54.84
N LYS A 124 36.73 17.55 56.14
CA LYS A 124 37.92 17.32 56.89
C LYS A 124 38.60 16.12 56.35
N ALA A 125 37.78 15.09 56.15
CA ALA A 125 38.09 13.81 55.64
C ALA A 125 37.88 13.86 54.20
N ARG A 126 38.54 12.90 53.54
CA ARG A 126 38.41 12.66 52.16
C ARG A 126 38.34 11.22 52.08
N ARG A 127 37.85 10.68 50.99
CA ARG A 127 37.66 9.31 50.94
C ARG A 127 37.79 9.16 49.54
N ARG A 128 38.45 8.06 49.29
CA ARG A 128 38.95 7.68 48.08
C ARG A 128 37.88 7.47 47.15
N VAL A 129 38.09 8.04 45.97
CA VAL A 129 37.27 7.66 44.88
C VAL A 129 37.91 6.40 44.37
N GLY A 130 39.20 6.14 44.74
CA GLY A 130 39.97 4.99 44.33
C GLY A 130 39.53 3.77 45.09
N LEU A 131 38.56 3.98 45.99
CA LEU A 131 37.93 3.00 46.82
C LEU A 131 37.09 2.12 45.95
N LYS A 132 36.90 0.85 46.35
CA LYS A 132 36.18 -0.07 45.53
C LYS A 132 35.08 -0.66 46.31
N ALA A 133 34.32 -1.49 45.58
CA ALA A 133 33.13 -2.11 46.02
C ALA A 133 33.38 -2.99 47.18
N PRO A 134 32.41 -3.17 48.03
CA PRO A 134 32.53 -4.11 49.12
C PRO A 134 32.48 -5.52 48.64
N GLY A 135 32.83 -6.46 49.54
CA GLY A 135 32.86 -7.86 49.23
C GLY A 135 31.53 -8.46 49.50
N ILE A 136 31.44 -9.75 49.18
CA ILE A 136 30.26 -10.57 49.23
C ILE A 136 29.79 -10.61 50.63
N ILE A 137 30.74 -11.02 51.46
CA ILE A 137 30.63 -11.28 52.85
C ILE A 137 30.34 -10.02 53.56
N PRO A 138 30.97 -8.89 53.22
CA PRO A 138 30.64 -7.62 53.79
C PRO A 138 29.24 -7.27 53.65
N ARG A 139 28.59 -7.80 52.62
CA ARG A 139 27.25 -7.47 52.37
C ARG A 139 26.48 -8.44 53.13
N ILE A 140 25.31 -7.96 53.53
CA ILE A 140 24.30 -8.83 53.95
C ILE A 140 23.17 -8.09 53.35
N SER A 141 22.36 -8.87 52.66
CA SER A 141 21.19 -8.55 51.90
C SER A 141 20.40 -7.25 52.13
N VAL A 142 19.89 -6.71 50.98
CA VAL A 142 19.01 -5.56 50.79
C VAL A 142 17.72 -6.04 51.31
N ARG A 143 17.15 -5.41 52.33
CA ARG A 143 15.87 -5.89 52.75
C ARG A 143 15.15 -4.73 53.27
N GLU A 144 15.94 -3.76 53.77
CA GLU A 144 15.53 -2.51 54.31
C GLU A 144 14.76 -1.87 53.24
N PRO A 145 13.47 -1.61 53.32
CA PRO A 145 12.74 -0.95 52.29
C PRO A 145 13.24 0.42 52.13
N MET A 146 12.49 1.23 51.45
CA MET A 146 12.78 2.58 51.26
C MET A 146 11.66 2.76 50.41
N GLN A 147 10.79 3.69 50.75
CA GLN A 147 9.63 3.85 49.98
C GLN A 147 9.55 5.31 49.75
N THR A 148 9.30 5.62 48.47
CA THR A 148 9.34 6.88 47.81
C THR A 148 8.19 7.75 48.05
N GLY A 149 7.12 7.19 48.61
CA GLY A 149 5.91 7.91 48.67
C GLY A 149 5.31 7.98 47.32
N ILE A 150 5.34 6.86 46.58
CA ILE A 150 4.83 6.78 45.27
C ILE A 150 4.36 5.42 45.33
N LYS A 151 3.05 5.32 45.31
CA LYS A 151 2.35 4.16 45.63
C LYS A 151 2.73 3.06 44.76
N ALA A 152 2.70 3.35 43.46
CA ALA A 152 3.04 2.47 42.40
C ALA A 152 4.36 1.88 42.55
N VAL A 153 5.28 2.69 43.01
CA VAL A 153 6.62 2.27 43.03
C VAL A 153 6.77 1.37 44.15
N ASP A 154 6.44 1.91 45.29
CA ASP A 154 6.62 1.30 46.54
C ASP A 154 5.95 0.03 46.64
N SER A 155 4.94 -0.17 45.82
CA SER A 155 4.23 -1.38 45.82
C SER A 155 4.84 -2.30 44.86
N LEU A 156 5.00 -1.85 43.63
CA LEU A 156 5.08 -2.80 42.58
C LEU A 156 6.44 -3.08 42.22
N VAL A 157 7.29 -2.15 42.54
CA VAL A 157 8.65 -2.41 42.39
C VAL A 157 9.03 -1.86 43.68
N PRO A 158 8.68 -2.52 44.76
CA PRO A 158 8.82 -1.94 46.08
C PRO A 158 10.29 -1.81 46.32
N ILE A 159 10.74 -0.79 47.09
CA ILE A 159 12.15 -0.49 47.09
C ILE A 159 12.78 -0.78 48.40
N GLY A 160 13.90 -1.51 48.32
CA GLY A 160 14.75 -1.95 49.38
C GLY A 160 15.67 -0.85 49.59
N ARG A 161 16.95 -1.19 49.81
CA ARG A 161 17.96 -0.26 50.17
C ARG A 161 19.20 -1.00 50.05
N GLY A 162 20.23 -0.27 49.64
CA GLY A 162 21.52 -0.74 49.33
C GLY A 162 21.59 -0.98 47.89
N GLN A 163 20.38 -1.14 47.33
CA GLN A 163 20.03 -1.48 46.00
C GLN A 163 20.69 -0.71 44.91
N ARG A 164 20.33 -1.08 43.68
CA ARG A 164 20.81 -0.52 42.46
C ARG A 164 19.70 -0.82 41.55
N GLU A 165 18.87 0.20 41.26
CA GLU A 165 17.72 -0.01 40.44
C GLU A 165 17.67 1.07 39.43
N LEU A 166 17.40 0.66 38.18
CA LEU A 166 17.52 1.61 37.12
C LEU A 166 16.28 2.36 36.97
N ILE A 167 16.43 3.67 36.88
CA ILE A 167 15.43 4.58 36.55
C ILE A 167 15.66 4.82 35.12
N ILE A 168 14.67 4.51 34.29
CA ILE A 168 14.86 4.62 32.90
C ILE A 168 13.63 5.22 32.38
N GLY A 169 13.79 6.21 31.48
CA GLY A 169 12.65 6.91 30.95
C GLY A 169 13.14 8.07 30.16
N ASP A 170 12.28 8.69 29.34
CA ASP A 170 12.67 9.76 28.45
C ASP A 170 12.58 11.15 28.94
N ARG A 171 12.97 12.07 28.04
CA ARG A 171 13.09 13.48 28.23
C ARG A 171 12.09 14.10 29.07
N GLN A 172 12.57 14.31 30.30
CA GLN A 172 11.93 14.73 31.47
C GLN A 172 10.55 14.53 31.44
N THR A 173 10.28 13.25 31.52
CA THR A 173 9.00 12.69 31.45
C THR A 173 8.58 12.63 32.85
N GLY A 174 8.80 13.74 33.56
CA GLY A 174 8.53 13.76 34.92
C GLY A 174 9.54 12.95 35.60
N LYS A 175 10.64 12.58 34.95
CA LYS A 175 11.54 11.64 35.54
C LYS A 175 12.06 12.14 36.78
N THR A 176 12.44 13.38 36.67
CA THR A 176 13.02 14.15 37.66
C THR A 176 11.92 14.40 38.59
N SER A 177 10.72 14.75 38.10
CA SER A 177 9.57 14.89 38.95
C SER A 177 9.40 13.79 39.93
N ILE A 178 9.59 12.56 39.45
CA ILE A 178 9.57 11.37 40.23
C ILE A 178 10.59 11.37 41.29
N ALA A 179 11.82 11.76 40.94
CA ALA A 179 12.92 11.76 41.85
C ALA A 179 12.62 12.68 42.98
N ILE A 180 11.97 13.81 42.70
CA ILE A 180 11.66 14.81 43.67
C ILE A 180 10.66 14.28 44.64
N ASP A 181 9.58 13.66 44.16
CA ASP A 181 8.52 13.19 45.02
C ASP A 181 9.03 12.23 46.04
N THR A 182 10.03 11.43 45.65
CA THR A 182 10.75 10.59 46.54
C THR A 182 11.51 11.34 47.54
N ILE A 183 12.24 12.33 47.08
CA ILE A 183 13.13 13.10 47.90
C ILE A 183 12.41 13.77 48.97
N ILE A 184 11.31 14.45 48.60
CA ILE A 184 10.40 15.01 49.52
C ILE A 184 9.94 13.93 50.41
N ASN A 185 9.62 12.76 49.87
CA ASN A 185 9.23 11.68 50.68
C ASN A 185 10.20 11.25 51.71
N GLN A 186 11.49 11.37 51.45
CA GLN A 186 12.44 10.89 52.38
C GLN A 186 12.55 11.73 53.55
N LYS A 187 12.07 12.94 53.35
CA LYS A 187 11.96 13.91 54.35
C LYS A 187 11.39 13.44 55.57
N ARG A 188 10.21 12.82 55.60
CA ARG A 188 9.63 12.37 56.83
C ARG A 188 10.42 11.41 57.63
N PHE A 189 11.31 10.65 57.00
CA PHE A 189 12.08 9.62 57.65
C PHE A 189 13.26 10.26 58.18
N ASN A 190 13.71 11.23 57.42
CA ASN A 190 14.82 12.00 57.78
C ASN A 190 14.40 12.99 58.80
N ASP A 191 13.09 13.30 58.84
CA ASP A 191 12.44 14.08 59.83
C ASP A 191 12.00 13.18 60.86
N GLY A 192 12.03 11.88 60.57
CA GLY A 192 11.96 10.88 61.56
C GLY A 192 13.37 10.85 61.94
N THR A 193 13.73 9.90 62.76
CA THR A 193 15.09 9.77 63.13
C THR A 193 15.11 8.34 62.94
N ASP A 194 14.84 8.06 61.67
CA ASP A 194 14.62 6.78 61.16
C ASP A 194 15.99 6.42 60.82
N GLU A 195 16.68 5.69 61.70
CA GLU A 195 18.09 5.58 61.53
C GLU A 195 18.47 4.57 60.56
N LYS A 196 17.52 3.67 60.36
CA LYS A 196 17.45 2.72 59.32
C LYS A 196 17.27 3.48 58.05
N LYS A 197 16.46 4.54 58.06
CA LYS A 197 16.20 5.32 56.89
C LYS A 197 16.62 6.68 57.11
N LYS A 198 17.93 6.77 57.38
CA LYS A 198 18.57 8.01 57.55
C LYS A 198 19.34 8.02 56.32
N LEU A 199 18.56 8.41 55.31
CA LEU A 199 18.87 8.29 53.96
C LEU A 199 19.33 9.61 53.52
N TYR A 200 20.62 9.63 53.24
CA TYR A 200 21.29 10.80 52.83
C TYR A 200 21.23 10.72 51.39
N CYS A 201 20.83 11.82 50.76
CA CYS A 201 20.48 11.76 49.40
C CYS A 201 21.61 12.39 48.71
N ILE A 202 21.94 11.82 47.56
CA ILE A 202 23.08 12.21 46.84
C ILE A 202 22.51 12.28 45.54
N TYR A 203 22.68 13.46 44.99
CA TYR A 203 22.22 13.70 43.75
C TYR A 203 23.42 13.96 43.00
N VAL A 204 23.70 13.00 42.14
CA VAL A 204 24.67 13.22 41.15
C VAL A 204 23.90 13.68 39.97
N ALA A 205 24.27 14.91 39.58
CA ALA A 205 23.83 15.61 38.42
C ALA A 205 24.96 15.43 37.47
N ILE A 206 24.74 14.73 36.36
CA ILE A 206 25.76 14.55 35.37
C ILE A 206 25.19 15.32 34.25
N GLY A 207 25.99 16.31 33.80
CA GLY A 207 25.79 17.17 32.67
C GLY A 207 24.71 18.18 32.78
N GLN A 208 23.92 18.26 33.87
CA GLN A 208 22.83 19.19 33.83
C GLN A 208 23.29 20.57 33.83
N LYS A 209 22.93 21.33 32.79
CA LYS A 209 23.08 22.75 32.76
C LYS A 209 22.49 23.31 33.99
N ARG A 210 23.18 24.34 34.49
CA ARG A 210 23.00 24.85 35.81
C ARG A 210 21.63 25.27 36.07
N SER A 211 20.95 25.92 35.13
CA SER A 211 19.57 26.25 35.34
C SER A 211 18.71 25.07 35.63
N THR A 212 18.98 23.90 35.03
CA THR A 212 18.17 22.72 35.19
C THR A 212 18.35 22.29 36.59
N VAL A 213 19.60 22.37 37.02
CA VAL A 213 19.92 22.10 38.36
C VAL A 213 19.23 23.10 39.21
N ALA A 214 19.17 24.35 38.79
CA ALA A 214 18.75 25.43 39.59
C ALA A 214 17.35 25.37 40.04
N GLN A 215 16.39 25.07 39.16
CA GLN A 215 15.08 24.76 39.63
C GLN A 215 15.08 23.61 40.49
N LEU A 216 15.88 22.64 40.11
CA LEU A 216 15.78 21.42 40.79
C LEU A 216 16.21 21.55 42.19
N VAL A 217 17.38 22.15 42.39
CA VAL A 217 17.96 22.39 43.66
C VAL A 217 17.08 23.22 44.42
N LYS A 218 16.48 24.19 43.75
CA LYS A 218 15.56 25.05 44.34
C LYS A 218 14.51 24.23 44.89
N ARG A 219 14.01 23.26 44.15
CA ARG A 219 13.07 22.30 44.58
C ARG A 219 13.51 21.53 45.73
N LEU A 220 14.75 21.12 45.80
CA LEU A 220 15.28 20.37 46.89
C LEU A 220 15.32 21.18 48.11
N THR A 221 15.62 22.46 47.92
CA THR A 221 15.65 23.44 48.93
C THR A 221 14.30 23.54 49.46
N ASP A 222 13.34 23.55 48.53
CA ASP A 222 11.96 23.69 48.81
C ASP A 222 11.48 22.51 49.54
N ALA A 223 12.01 21.34 49.18
CA ALA A 223 11.69 20.11 49.80
C ALA A 223 12.44 20.02 51.04
N ASP A 224 13.40 20.95 51.23
CA ASP A 224 14.34 21.16 52.30
C ASP A 224 15.08 19.97 52.66
N ALA A 225 14.86 18.93 51.87
CA ALA A 225 15.37 17.63 51.79
C ALA A 225 16.80 17.75 51.54
N MET A 226 17.19 18.93 51.06
CA MET A 226 18.49 19.34 50.72
C MET A 226 19.32 19.23 51.95
N LYS A 227 18.71 19.41 53.10
CA LYS A 227 19.38 19.25 54.34
C LYS A 227 20.10 17.94 54.54
N TYR A 228 19.63 16.82 53.98
CA TYR A 228 20.29 15.55 54.16
C TYR A 228 20.90 15.21 52.86
N THR A 229 21.19 16.22 52.05
CA THR A 229 21.46 15.98 50.68
C THR A 229 22.64 16.67 50.21
N ILE A 230 23.46 15.89 49.51
CA ILE A 230 24.51 16.40 48.71
C ILE A 230 23.95 16.46 47.35
N VAL A 231 24.32 17.53 46.66
CA VAL A 231 24.03 17.66 45.30
C VAL A 231 25.37 17.84 44.78
N VAL A 232 25.75 16.81 44.05
CA VAL A 232 26.99 16.71 43.40
C VAL A 232 26.55 17.13 42.06
N SER A 233 27.26 18.14 41.56
CA SER A 233 26.79 18.89 40.42
C SER A 233 27.90 18.97 39.42
N ALA A 234 27.76 18.29 38.26
CA ALA A 234 28.62 18.46 37.12
C ALA A 234 27.79 18.94 35.98
N THR A 235 27.73 20.26 35.73
CA THR A 235 26.76 20.81 34.83
C THR A 235 27.18 20.62 33.44
N ALA A 236 26.38 21.22 32.54
CA ALA A 236 26.62 21.15 31.13
C ALA A 236 27.92 21.83 30.85
N SER A 237 28.11 23.02 31.45
CA SER A 237 29.38 23.68 31.45
C SER A 237 30.27 22.87 32.34
N ASP A 238 31.29 22.24 31.74
CA ASP A 238 32.08 21.28 32.44
C ASP A 238 33.17 20.92 31.52
N ALA A 239 34.22 20.35 32.11
CA ALA A 239 35.09 19.55 31.32
C ALA A 239 34.47 18.22 31.57
N ALA A 240 34.60 17.35 30.59
CA ALA A 240 34.04 16.04 30.56
C ALA A 240 34.40 15.18 31.73
N PRO A 241 35.66 15.10 32.21
CA PRO A 241 36.04 14.16 33.20
C PRO A 241 35.33 14.45 34.43
N LEU A 242 34.93 15.70 34.55
CA LEU A 242 34.33 16.16 35.73
C LEU A 242 33.00 15.56 35.87
N GLN A 243 32.24 15.53 34.76
CA GLN A 243 31.00 14.84 34.77
C GLN A 243 31.17 13.41 34.98
N TYR A 244 32.22 12.90 34.36
CA TYR A 244 32.58 11.54 34.51
C TYR A 244 32.85 11.24 35.96
N LEU A 245 33.54 12.11 36.65
CA LEU A 245 34.06 11.84 37.92
C LEU A 245 32.98 11.77 38.88
N ALA A 246 32.02 12.67 38.73
CA ALA A 246 30.99 12.89 39.68
C ALA A 246 30.41 11.65 40.36
N PRO A 247 30.04 10.57 39.72
CA PRO A 247 29.49 9.42 40.38
C PRO A 247 30.37 8.79 41.34
N TYR A 248 31.63 8.74 40.99
CA TYR A 248 32.69 8.10 41.68
C TYR A 248 32.95 8.82 42.91
N SER A 249 32.81 10.14 42.79
CA SER A 249 32.99 11.05 43.88
C SER A 249 32.01 10.73 44.92
N GLY A 250 30.73 10.78 44.49
CA GLY A 250 29.57 10.40 45.24
C GLY A 250 29.74 9.06 45.82
N CYS A 251 30.36 8.17 45.06
CA CYS A 251 30.57 6.82 45.41
C CYS A 251 31.40 6.73 46.64
N SER A 252 32.51 7.50 46.72
CA SER A 252 33.28 7.54 47.94
C SER A 252 32.44 8.01 49.05
N MET A 253 31.68 9.05 48.80
CA MET A 253 30.93 9.60 49.87
C MET A 253 29.85 8.79 50.50
N GLY A 254 29.13 8.00 49.68
CA GLY A 254 27.94 7.29 50.08
C GLY A 254 28.13 6.02 50.78
N GLU A 255 29.23 5.37 50.39
CA GLU A 255 29.65 4.15 50.96
C GLU A 255 30.02 4.43 52.37
N TYR A 256 30.51 5.65 52.66
CA TYR A 256 30.76 6.04 54.00
C TYR A 256 29.53 5.95 54.85
N PHE A 257 28.37 6.47 54.42
CA PHE A 257 27.16 6.37 55.18
C PHE A 257 26.75 5.02 55.38
N ARG A 258 26.90 4.23 54.35
CA ARG A 258 26.52 2.88 54.33
C ARG A 258 27.25 2.19 55.37
N ASP A 259 28.54 2.44 55.39
CA ASP A 259 29.45 1.81 56.27
C ASP A 259 29.44 2.37 57.61
N ASN A 260 28.79 3.51 57.74
CA ASN A 260 28.58 4.03 59.03
C ASN A 260 27.15 3.82 59.26
N GLY A 261 26.62 2.67 58.84
CA GLY A 261 25.30 2.24 59.17
C GLY A 261 24.21 2.98 58.50
N LYS A 262 24.39 4.26 58.21
CA LYS A 262 23.50 5.11 57.53
C LYS A 262 23.35 4.67 56.14
N HIS A 263 22.43 5.36 55.54
CA HIS A 263 21.78 4.96 54.38
C HIS A 263 22.05 6.03 53.50
N ALA A 264 22.55 5.71 52.34
CA ALA A 264 22.86 6.72 51.42
C ALA A 264 22.07 6.27 50.26
N LEU A 265 21.74 7.26 49.42
CA LEU A 265 20.93 7.18 48.24
C LEU A 265 21.69 7.94 47.26
N ILE A 266 22.00 7.36 46.12
CA ILE A 266 22.64 8.10 45.09
C ILE A 266 21.77 8.05 43.91
N ILE A 267 21.64 9.19 43.26
CA ILE A 267 20.93 9.24 42.05
C ILE A 267 21.95 9.63 41.11
N TYR A 268 22.18 8.77 40.12
CA TYR A 268 23.10 9.08 39.08
C TYR A 268 22.32 9.50 37.93
N ASP A 269 22.35 10.79 37.61
CA ASP A 269 21.56 11.24 36.52
C ASP A 269 22.38 12.00 35.53
N ASP A 270 22.98 11.38 34.52
CA ASP A 270 22.89 9.99 34.30
C ASP A 270 24.14 9.65 33.68
N LEU A 271 24.31 8.36 33.75
CA LEU A 271 25.42 7.68 33.23
C LEU A 271 25.34 7.64 31.76
N SER A 272 24.18 7.90 31.15
CA SER A 272 24.12 7.99 29.73
C SER A 272 25.01 9.06 29.27
N LYS A 273 24.94 10.21 29.96
CA LYS A 273 25.75 11.29 29.54
C LYS A 273 27.15 11.03 29.86
N GLN A 274 27.37 10.34 30.99
CA GLN A 274 28.72 10.10 31.35
C GLN A 274 29.34 9.28 30.35
N ALA A 275 28.68 8.21 29.99
CA ALA A 275 29.19 7.17 29.18
C ALA A 275 29.64 7.71 27.94
N VAL A 276 28.81 8.60 27.43
CA VAL A 276 29.12 9.27 26.24
C VAL A 276 30.36 10.02 26.40
N ALA A 277 30.42 10.76 27.50
CA ALA A 277 31.47 11.66 27.78
C ALA A 277 32.71 10.99 27.95
N TYR A 278 32.69 9.94 28.71
CA TYR A 278 33.77 9.15 29.02
C TYR A 278 34.24 8.44 27.87
N ARG A 279 33.32 7.97 27.04
CA ARG A 279 33.70 7.15 25.95
C ARG A 279 34.53 7.92 25.10
N GLN A 280 33.97 9.10 24.88
CA GLN A 280 34.44 10.20 24.18
C GLN A 280 35.70 10.50 24.72
N MET A 281 35.84 10.58 26.03
CA MET A 281 37.03 10.89 26.71
C MET A 281 38.02 9.89 26.30
N SER A 282 37.71 8.59 26.37
CA SER A 282 38.53 7.51 25.91
C SER A 282 38.93 7.75 24.54
N LEU A 283 38.01 8.13 23.71
CA LEU A 283 38.19 8.24 22.32
C LEU A 283 39.05 9.36 22.06
N LEU A 284 38.94 10.41 22.85
CA LEU A 284 39.71 11.56 22.74
C LEU A 284 41.07 11.26 23.13
N LEU A 285 41.17 10.38 24.11
CA LEU A 285 42.35 9.73 24.53
C LEU A 285 42.77 8.73 23.55
N ARG A 286 41.97 8.53 22.51
CA ARG A 286 42.12 7.64 21.40
C ARG A 286 41.58 6.39 21.86
N ARG A 287 42.03 6.00 23.06
CA ARG A 287 41.63 4.97 23.93
C ARG A 287 40.28 4.45 23.58
N PRO A 288 40.22 3.17 23.31
CA PRO A 288 39.23 2.58 22.50
C PRO A 288 37.79 2.96 22.58
N PRO A 289 37.13 2.42 21.61
CA PRO A 289 35.71 2.44 21.54
C PRO A 289 35.44 0.98 21.63
N GLY A 290 34.37 0.56 21.02
CA GLY A 290 34.09 -0.81 20.82
C GLY A 290 32.76 -0.58 20.29
N ARG A 291 31.85 -1.48 20.62
CA ARG A 291 30.45 -1.38 20.37
C ARG A 291 29.87 -0.04 20.68
N GLU A 292 29.09 0.49 19.75
CA GLU A 292 28.54 1.81 19.74
C GLU A 292 29.54 2.86 19.95
N ALA A 293 30.77 2.57 19.54
CA ALA A 293 31.89 3.43 19.72
C ALA A 293 32.34 3.51 21.13
N TYR A 294 31.71 2.79 22.04
CA TYR A 294 32.10 2.90 23.40
C TYR A 294 33.16 1.94 23.70
N PRO A 295 34.20 2.31 24.46
CA PRO A 295 35.20 1.40 25.02
C PRO A 295 34.51 0.33 25.78
N GLY A 296 35.05 -0.90 25.82
CA GLY A 296 34.34 -1.99 26.46
C GLY A 296 34.26 -1.87 27.95
N ASP A 297 35.20 -1.12 28.50
CA ASP A 297 35.36 -1.03 29.91
C ASP A 297 34.59 0.09 30.39
N VAL A 298 33.62 0.54 29.58
CA VAL A 298 32.65 1.45 30.04
C VAL A 298 31.76 0.64 30.91
N PHE A 299 31.80 -0.66 30.66
CA PHE A 299 31.17 -1.54 31.49
C PHE A 299 31.97 -1.62 32.66
N TYR A 300 33.27 -1.91 32.53
CA TYR A 300 34.01 -2.06 33.73
C TYR A 300 33.89 -0.93 34.64
N LEU A 301 33.97 0.23 34.07
CA LEU A 301 33.79 1.49 34.61
C LEU A 301 32.62 1.52 35.46
N HIS A 302 31.53 1.12 34.86
CA HIS A 302 30.35 1.26 35.59
C HIS A 302 30.11 0.19 36.49
N SER A 303 30.60 -0.97 36.14
CA SER A 303 30.27 -2.13 36.85
C SER A 303 30.85 -2.07 38.19
N ARG A 304 32.08 -1.61 38.16
CA ARG A 304 32.95 -1.33 39.22
C ARG A 304 32.41 -0.22 40.01
N LEU A 305 31.84 0.78 39.32
CA LEU A 305 31.23 1.87 39.98
C LEU A 305 30.11 1.38 40.80
N LEU A 306 29.29 0.54 40.20
CA LEU A 306 28.04 0.18 40.75
C LEU A 306 28.07 -0.86 41.78
N GLU A 307 29.09 -1.73 41.81
CA GLU A 307 29.22 -2.76 42.82
C GLU A 307 29.41 -2.10 44.16
N ARG A 308 29.95 -0.88 44.13
CA ARG A 308 30.17 -0.06 45.27
C ARG A 308 28.91 0.35 45.94
N ALA A 309 27.73 0.31 45.29
CA ALA A 309 26.46 0.45 45.99
C ALA A 309 26.00 -0.87 46.45
N ALA A 310 25.60 -0.95 47.73
CA ALA A 310 25.25 -2.21 48.30
C ALA A 310 24.51 -1.96 49.56
N LYS A 311 23.95 -3.05 50.08
CA LYS A 311 23.29 -3.14 51.34
C LYS A 311 24.13 -4.03 52.12
N MET A 312 24.69 -3.47 53.17
CA MET A 312 25.72 -4.08 53.88
C MET A 312 25.31 -4.89 55.02
N ASN A 313 26.29 -5.69 55.43
CA ASN A 313 26.29 -6.41 56.63
C ASN A 313 26.70 -5.45 57.66
N ASP A 314 26.70 -6.03 58.80
CA ASP A 314 26.78 -5.55 60.12
C ASP A 314 27.99 -4.75 60.40
N ALA A 315 29.13 -5.13 59.83
CA ALA A 315 30.39 -4.48 59.93
C ALA A 315 30.32 -3.04 59.53
N PHE A 316 29.32 -2.73 58.72
CA PHE A 316 29.19 -1.48 58.04
C PHE A 316 28.09 -0.78 58.66
N GLY A 317 27.72 -1.23 59.85
CA GLY A 317 26.60 -0.72 60.54
C GLY A 317 25.39 -1.26 59.85
N GLY A 318 25.56 -2.23 58.93
CA GLY A 318 24.47 -2.76 58.17
C GLY A 318 24.00 -1.84 57.11
N GLY A 319 24.58 -0.62 56.97
CA GLY A 319 23.94 0.42 56.21
C GLY A 319 23.82 0.21 54.79
N SER A 320 23.58 1.28 54.05
CA SER A 320 23.33 1.09 52.67
C SER A 320 23.87 2.25 52.02
N LEU A 321 24.14 1.97 50.76
CA LEU A 321 24.32 2.96 49.81
C LEU A 321 23.47 2.29 48.82
N THR A 322 22.37 2.96 48.56
CA THR A 322 21.32 2.58 47.70
C THR A 322 21.52 3.37 46.51
N ALA A 323 21.38 2.75 45.37
CA ALA A 323 21.64 3.40 44.16
C ALA A 323 20.36 3.34 43.46
N LEU A 324 19.97 4.52 43.00
CA LEU A 324 18.94 4.67 42.05
C LEU A 324 19.62 5.27 40.89
N PRO A 325 20.23 4.49 40.03
CA PRO A 325 20.84 5.03 38.85
C PRO A 325 19.79 5.43 37.92
N VAL A 326 20.12 6.41 37.09
CA VAL A 326 19.28 6.91 36.07
C VAL A 326 20.02 6.74 34.81
N ILE A 327 19.26 6.40 33.76
CA ILE A 327 19.61 6.36 32.38
C ILE A 327 18.38 6.97 31.83
N GLU A 328 18.51 7.91 30.89
CA GLU A 328 17.34 8.45 30.28
C GLU A 328 17.25 7.72 28.99
N THR A 329 16.16 6.98 28.75
CA THR A 329 16.00 6.31 27.50
C THR A 329 15.70 7.27 26.42
N GLN A 330 15.94 6.72 25.24
CA GLN A 330 15.62 7.21 23.95
C GLN A 330 14.93 5.98 23.57
N ALA A 331 13.71 6.13 23.04
CA ALA A 331 12.92 5.09 22.47
C ALA A 331 13.07 3.71 23.05
N GLY A 332 13.24 3.56 24.39
CA GLY A 332 13.43 2.28 25.02
C GLY A 332 14.52 1.46 24.37
N ASP A 333 15.73 2.02 24.22
CA ASP A 333 16.75 1.38 23.47
C ASP A 333 17.63 0.72 24.48
N VAL A 334 17.67 -0.62 24.34
CA VAL A 334 18.03 -1.50 25.41
C VAL A 334 19.08 -2.49 25.10
N SER A 335 19.14 -2.86 23.81
CA SER A 335 20.24 -3.57 23.24
C SER A 335 21.29 -2.57 23.06
N ALA A 336 20.85 -1.28 23.23
CA ALA A 336 21.60 -0.13 23.54
C ALA A 336 22.37 -0.61 24.65
N TYR A 337 23.64 -0.66 24.35
CA TYR A 337 24.64 -1.52 24.82
C TYR A 337 24.64 -1.17 26.23
N ILE A 338 24.71 0.12 26.50
CA ILE A 338 24.85 0.60 27.83
C ILE A 338 23.60 0.21 28.54
N PRO A 339 22.42 0.36 28.04
CA PRO A 339 21.31 -0.26 28.67
C PRO A 339 21.46 -1.71 28.88
N THR A 340 21.88 -2.51 27.90
CA THR A 340 22.06 -3.93 28.03
C THR A 340 22.79 -4.28 29.28
N ASN A 341 23.90 -3.59 29.46
CA ASN A 341 24.79 -3.70 30.55
C ASN A 341 24.10 -3.47 31.80
N VAL A 342 23.45 -2.32 31.84
CA VAL A 342 22.92 -1.80 33.03
C VAL A 342 21.88 -2.70 33.50
N ILE A 343 21.10 -3.24 32.58
CA ILE A 343 20.09 -4.16 32.92
C ILE A 343 20.62 -5.35 33.61
N SER A 344 21.71 -5.90 33.09
CA SER A 344 22.26 -7.06 33.69
C SER A 344 22.85 -6.76 35.01
N ILE A 345 23.16 -5.49 35.27
CA ILE A 345 23.70 -5.15 36.52
C ILE A 345 22.60 -4.90 37.48
N THR A 346 21.66 -4.06 37.06
CA THR A 346 20.64 -3.57 37.92
C THR A 346 19.73 -4.65 38.24
N ASP A 347 19.18 -4.45 39.43
CA ASP A 347 18.56 -5.45 40.23
C ASP A 347 17.09 -5.18 40.18
N GLY A 348 16.73 -4.64 39.01
CA GLY A 348 15.46 -4.37 38.45
C GLY A 348 15.55 -2.99 37.88
N GLN A 349 14.51 -2.63 37.12
CA GLN A 349 14.53 -1.43 36.34
C GLN A 349 13.14 -0.92 36.26
N ILE A 350 13.07 0.40 36.21
CA ILE A 350 11.89 1.20 36.20
C ILE A 350 11.71 1.88 34.90
N PHE A 351 10.79 1.41 34.09
CA PHE A 351 10.42 1.89 32.80
C PHE A 351 9.46 2.98 32.88
N LEU A 352 9.70 4.13 32.21
CA LEU A 352 8.75 5.22 32.11
C LEU A 352 8.23 5.37 30.70
N GLU A 353 6.91 5.69 30.56
CA GLU A 353 6.20 5.68 29.30
C GLU A 353 5.36 6.90 29.07
N THR A 354 5.65 7.57 27.98
CA THR A 354 5.12 8.83 27.61
C THR A 354 3.70 8.84 27.43
N GLU A 355 3.12 7.82 26.85
CA GLU A 355 1.75 7.64 26.60
C GLU A 355 1.04 7.78 27.80
N LEU A 356 1.51 7.13 28.84
CA LEU A 356 0.96 7.21 30.13
C LEU A 356 1.04 8.56 30.59
N PHE A 357 2.20 9.15 30.41
CA PHE A 357 2.37 10.54 30.59
C PHE A 357 1.33 11.36 29.88
N TYR A 358 0.92 11.05 28.61
CA TYR A 358 -0.01 11.85 27.85
C TYR A 358 -1.31 11.63 28.46
N LYS A 359 -1.54 10.41 28.91
CA LYS A 359 -2.67 10.01 29.66
C LYS A 359 -2.74 10.77 30.94
N GLY A 360 -1.64 11.47 31.28
CA GLY A 360 -1.51 12.41 32.36
C GLY A 360 -0.80 11.75 33.44
N ILE A 361 -0.73 10.43 33.28
CA ILE A 361 -0.15 9.50 34.15
C ILE A 361 1.27 9.82 34.14
N ARG A 362 1.52 10.57 35.18
CA ARG A 362 2.73 11.01 35.65
C ARG A 362 2.38 10.44 36.94
N PRO A 363 3.03 9.44 37.45
CA PRO A 363 4.19 8.79 36.88
C PRO A 363 3.73 7.95 35.71
N ALA A 364 4.60 7.61 34.75
CA ALA A 364 4.28 7.14 33.42
C ALA A 364 4.58 5.67 33.16
N ILE A 365 5.06 4.97 34.21
CA ILE A 365 5.61 3.63 34.33
C ILE A 365 5.16 2.53 33.39
N ASN A 366 6.10 1.73 32.80
CA ASN A 366 5.73 0.46 32.27
C ASN A 366 6.01 -0.47 33.35
N VAL A 367 4.92 -0.84 33.98
CA VAL A 367 4.86 -1.69 35.09
C VAL A 367 5.30 -3.06 34.76
N GLY A 368 4.81 -3.60 33.63
CA GLY A 368 5.10 -4.95 33.21
C GLY A 368 6.55 -5.20 33.19
N LEU A 369 7.27 -4.19 32.75
CA LEU A 369 8.65 -4.29 32.63
C LEU A 369 9.25 -3.81 33.85
N SER A 370 8.56 -2.93 34.58
CA SER A 370 9.11 -2.46 35.80
C SER A 370 9.13 -3.58 36.71
N VAL A 371 10.30 -3.78 37.23
CA VAL A 371 10.58 -5.02 37.82
C VAL A 371 11.53 -4.65 38.85
N SER A 372 11.45 -5.43 39.90
CA SER A 372 12.41 -5.37 40.90
C SER A 372 12.76 -6.80 40.81
N ARG A 373 14.03 -7.08 40.40
CA ARG A 373 14.54 -8.43 40.19
C ARG A 373 14.60 -8.94 41.61
N VAL A 374 15.09 -8.04 42.49
CA VAL A 374 15.00 -8.06 43.93
C VAL A 374 13.63 -8.43 44.41
N GLY A 375 12.60 -7.66 44.03
CA GLY A 375 11.24 -8.06 44.26
C GLY A 375 10.87 -7.91 45.71
N SER A 376 10.66 -9.07 46.39
CA SER A 376 10.03 -9.21 47.71
C SER A 376 10.78 -8.58 48.85
N ALA A 377 12.12 -8.62 48.78
CA ALA A 377 13.06 -8.08 49.73
C ALA A 377 12.95 -6.60 49.91
N ALA A 378 12.38 -5.93 48.93
CA ALA A 378 12.39 -4.51 48.92
C ALA A 378 11.17 -3.92 49.56
N GLN A 379 10.35 -4.70 50.28
CA GLN A 379 9.03 -4.28 50.68
C GLN A 379 8.87 -4.16 52.16
N THR A 380 7.58 -4.24 52.56
CA THR A 380 7.04 -4.15 53.88
C THR A 380 5.79 -4.93 53.69
N ARG A 381 5.40 -5.68 54.71
CA ARG A 381 4.20 -6.45 54.68
C ARG A 381 3.02 -5.67 54.44
N ALA A 382 2.94 -4.42 54.95
CA ALA A 382 1.79 -3.57 54.83
C ALA A 382 1.38 -3.58 53.43
N MET A 383 2.35 -3.16 52.65
CA MET A 383 2.29 -3.15 51.26
C MET A 383 2.13 -4.52 50.73
N LYS A 384 2.87 -5.51 51.20
CA LYS A 384 2.82 -6.84 50.70
C LYS A 384 1.49 -7.44 50.69
N GLN A 385 0.73 -7.13 51.73
CA GLN A 385 -0.53 -7.71 51.87
C GLN A 385 -1.51 -7.24 50.86
N VAL A 386 -1.46 -5.97 50.44
CA VAL A 386 -2.43 -5.51 49.48
C VAL A 386 -1.85 -5.47 48.15
N ALA A 387 -0.57 -5.08 48.08
CA ALA A 387 0.14 -4.86 46.87
C ALA A 387 0.35 -6.12 46.22
N GLY A 388 0.62 -7.20 46.98
CA GLY A 388 0.72 -8.51 46.42
C GLY A 388 -0.44 -8.83 45.55
N THR A 389 -1.64 -8.64 46.10
CA THR A 389 -2.79 -8.95 45.34
C THR A 389 -3.03 -8.00 44.25
N MET A 390 -2.71 -6.74 44.50
CA MET A 390 -2.99 -5.67 43.63
C MET A 390 -2.21 -5.72 42.41
N LYS A 391 -0.93 -5.99 42.56
CA LYS A 391 0.06 -6.06 41.55
C LYS A 391 -0.34 -7.07 40.58
N LEU A 392 -0.78 -8.16 41.16
CA LEU A 392 -1.24 -9.27 40.49
C LEU A 392 -2.49 -8.94 39.78
N GLU A 393 -3.37 -8.18 40.42
CA GLU A 393 -4.65 -7.86 39.91
C GLU A 393 -4.50 -6.95 38.77
N LEU A 394 -3.46 -6.13 38.83
CA LEU A 394 -3.13 -5.22 37.83
C LEU A 394 -2.53 -5.92 36.72
N ALA A 395 -1.81 -7.01 37.01
CA ALA A 395 -1.21 -7.78 35.99
C ALA A 395 -2.26 -8.25 35.10
N GLN A 396 -3.29 -8.81 35.70
CA GLN A 396 -4.41 -9.21 34.95
C GLN A 396 -5.12 -8.17 34.29
N TYR A 397 -5.27 -7.04 34.95
CA TYR A 397 -5.95 -5.94 34.39
C TYR A 397 -5.33 -5.53 33.13
N ARG A 398 -4.00 -5.51 33.10
CA ARG A 398 -3.24 -5.09 31.99
C ARG A 398 -3.27 -6.04 30.90
N GLU A 399 -3.26 -7.32 31.25
CA GLU A 399 -3.38 -8.42 30.36
C GLU A 399 -4.66 -8.29 29.69
N VAL A 400 -5.57 -7.69 30.40
CA VAL A 400 -6.86 -7.66 29.92
C VAL A 400 -6.97 -6.30 29.41
N ALA A 401 -6.10 -5.33 29.73
CA ALA A 401 -6.11 -4.13 28.98
C ALA A 401 -5.67 -4.41 27.59
N ALA A 402 -4.85 -5.48 27.43
CA ALA A 402 -4.54 -6.18 26.24
C ALA A 402 -5.69 -6.62 25.46
N PHE A 403 -6.65 -7.13 26.22
CA PHE A 403 -7.78 -7.87 25.79
C PHE A 403 -8.96 -7.12 26.15
N ALA A 404 -9.04 -5.89 25.62
CA ALA A 404 -10.10 -5.02 25.96
C ALA A 404 -10.66 -4.32 24.74
N GLN A 405 -11.20 -4.99 23.70
CA GLN A 405 -11.48 -4.19 22.53
C GLN A 405 -12.36 -4.89 21.55
N PHE A 406 -13.05 -5.95 21.99
CA PHE A 406 -13.98 -6.69 21.18
C PHE A 406 -15.30 -6.63 21.85
N GLY A 407 -15.37 -5.72 22.84
CA GLY A 407 -16.19 -5.91 23.99
C GLY A 407 -15.18 -6.52 24.93
N SER A 408 -15.15 -6.05 26.20
CA SER A 408 -14.43 -6.68 27.30
C SER A 408 -15.42 -7.38 28.16
N ASP A 409 -16.68 -7.16 27.79
CA ASP A 409 -17.80 -7.81 28.34
C ASP A 409 -17.92 -8.94 27.47
N LEU A 410 -17.30 -9.96 28.02
CA LEU A 410 -17.03 -11.19 27.44
C LEU A 410 -17.16 -11.96 28.69
N ASP A 411 -16.30 -11.74 29.70
CA ASP A 411 -16.56 -12.34 30.97
C ASP A 411 -16.52 -11.19 31.88
N ALA A 412 -17.13 -11.37 33.05
CA ALA A 412 -17.36 -10.34 33.99
C ALA A 412 -16.11 -9.84 34.52
N ALA A 413 -15.30 -10.80 34.92
CA ALA A 413 -14.00 -10.69 35.45
C ALA A 413 -13.23 -9.68 34.71
N THR A 414 -13.19 -9.81 33.39
CA THR A 414 -12.32 -8.99 32.64
C THR A 414 -12.79 -7.61 32.52
N GLN A 415 -14.11 -7.42 32.41
CA GLN A 415 -14.67 -6.11 32.42
C GLN A 415 -14.34 -5.43 33.63
N GLN A 416 -14.41 -6.25 34.68
CA GLN A 416 -14.14 -5.91 35.98
C GLN A 416 -12.77 -5.50 36.11
N LEU A 417 -11.84 -6.36 35.70
CA LEU A 417 -10.44 -6.15 35.78
C LEU A 417 -10.06 -4.85 35.23
N LEU A 418 -10.73 -4.48 34.15
CA LEU A 418 -10.60 -3.21 33.60
C LEU A 418 -11.16 -2.14 34.42
N SER A 419 -12.39 -2.25 34.92
CA SER A 419 -12.97 -1.26 35.78
C SER A 419 -12.15 -1.03 36.99
N ARG A 420 -11.88 -2.11 37.72
CA ARG A 420 -11.06 -2.20 38.89
C ARG A 420 -9.74 -1.64 38.60
N GLY A 421 -9.16 -2.11 37.50
CA GLY A 421 -7.87 -1.79 37.04
C GLY A 421 -7.74 -0.36 36.86
N VAL A 422 -8.68 0.21 36.12
CA VAL A 422 -8.83 1.59 35.86
C VAL A 422 -8.91 2.31 37.10
N ARG A 423 -9.58 1.80 38.11
CA ARG A 423 -9.71 2.51 39.35
C ARG A 423 -8.36 2.67 39.91
N LEU A 424 -7.64 1.55 39.98
CA LEU A 424 -6.33 1.51 40.51
C LEU A 424 -5.43 2.37 39.73
N THR A 425 -5.70 2.46 38.43
CA THR A 425 -4.95 3.27 37.56
C THR A 425 -5.05 4.65 37.99
N GLU A 426 -6.26 5.06 38.40
CA GLU A 426 -6.45 6.39 38.82
C GLU A 426 -5.66 6.65 40.02
N LEU A 427 -5.58 5.63 40.86
CA LEU A 427 -4.80 5.81 42.02
C LEU A 427 -3.35 5.92 41.79
N LEU A 428 -2.84 5.24 40.77
CA LEU A 428 -1.42 5.18 40.64
C LEU A 428 -0.80 6.31 39.96
N LYS A 429 -1.62 7.12 39.28
CA LYS A 429 -1.18 8.36 38.74
C LYS A 429 -1.08 9.22 39.91
N GLN A 430 -0.15 10.16 39.88
CA GLN A 430 0.16 10.87 41.05
C GLN A 430 0.52 12.16 40.54
N GLY A 431 0.36 13.17 41.40
CA GLY A 431 0.64 14.49 41.00
C GLY A 431 2.10 14.59 40.93
N GLN A 432 2.48 15.80 40.66
CA GLN A 432 3.83 16.15 40.66
C GLN A 432 3.96 16.57 42.06
N TYR A 433 5.13 16.36 42.67
CA TYR A 433 5.41 16.70 44.05
C TYR A 433 4.57 15.86 44.96
N SER A 434 4.60 14.55 44.76
CA SER A 434 3.75 13.63 45.45
C SER A 434 4.51 12.60 46.21
N PRO A 435 5.04 12.95 47.38
CA PRO A 435 5.60 12.01 48.30
C PRO A 435 4.36 11.50 48.98
N MET A 436 4.39 10.37 49.71
CA MET A 436 3.20 9.78 50.24
C MET A 436 3.59 8.96 51.43
N ALA A 437 2.60 8.68 52.30
CA ALA A 437 2.73 7.79 53.43
C ALA A 437 1.99 6.53 53.14
N ILE A 438 2.64 5.44 53.57
CA ILE A 438 2.32 4.08 53.27
C ILE A 438 0.97 3.69 53.66
N GLU A 439 0.51 4.19 54.80
CA GLU A 439 -0.73 3.78 55.33
C GLU A 439 -1.81 4.29 54.48
N GLU A 440 -1.68 5.51 53.94
CA GLU A 440 -2.61 6.04 53.00
C GLU A 440 -2.59 5.24 51.78
N GLN A 441 -1.36 4.89 51.38
CA GLN A 441 -1.15 4.28 50.13
C GLN A 441 -1.81 2.97 50.12
N VAL A 442 -1.54 2.15 51.13
CA VAL A 442 -2.18 0.89 51.32
C VAL A 442 -3.61 1.06 51.52
N ALA A 443 -4.03 2.13 52.19
CA ALA A 443 -5.38 2.47 52.44
C ALA A 443 -6.13 2.62 51.18
N VAL A 444 -5.48 3.30 50.26
CA VAL A 444 -6.09 3.76 49.07
C VAL A 444 -6.13 2.56 48.23
N ILE A 445 -5.07 1.75 48.30
CA ILE A 445 -4.99 0.54 47.56
C ILE A 445 -6.04 -0.38 47.99
N TYR A 446 -6.19 -0.51 49.29
CA TYR A 446 -7.08 -1.36 49.96
C TYR A 446 -8.45 -1.19 49.46
N ALA A 447 -8.79 0.08 49.31
CA ALA A 447 -10.08 0.45 48.89
C ALA A 447 -10.42 -0.17 47.58
N GLY A 448 -9.46 -0.08 46.68
CA GLY A 448 -9.58 -0.55 45.35
C GLY A 448 -9.50 -2.00 45.29
N VAL A 449 -8.55 -2.66 45.97
CA VAL A 449 -8.37 -4.08 45.84
C VAL A 449 -9.50 -4.81 46.44
N ARG A 450 -10.24 -4.16 47.32
CA ARG A 450 -11.46 -4.71 47.78
C ARG A 450 -12.58 -4.16 47.05
N GLY A 451 -12.28 -3.41 46.01
CA GLY A 451 -13.19 -3.12 44.98
C GLY A 451 -14.13 -2.09 45.30
N TYR A 452 -13.94 -1.38 46.39
CA TYR A 452 -14.94 -0.44 46.79
C TYR A 452 -15.00 0.68 45.84
N LEU A 453 -13.80 1.01 45.37
CA LEU A 453 -13.59 1.97 44.34
C LEU A 453 -13.98 1.39 43.04
N ASP A 454 -14.10 0.07 43.00
CA ASP A 454 -14.53 -0.60 41.83
C ASP A 454 -15.99 -0.42 41.66
N LYS A 455 -16.63 0.11 42.71
CA LYS A 455 -18.02 0.45 42.77
C LYS A 455 -18.08 1.92 42.67
N LEU A 456 -17.21 2.53 41.86
CA LEU A 456 -17.16 3.95 41.84
C LEU A 456 -16.71 4.32 40.48
N GLU A 457 -17.09 5.51 40.01
CA GLU A 457 -16.71 5.97 38.73
C GLU A 457 -15.26 6.35 38.77
N PRO A 458 -14.48 6.00 37.76
CA PRO A 458 -13.09 6.29 37.64
C PRO A 458 -12.65 7.67 37.94
N SER A 459 -13.43 8.68 37.54
CA SER A 459 -13.07 10.04 37.79
C SER A 459 -13.09 10.34 39.22
N LYS A 460 -13.92 9.62 39.95
CA LYS A 460 -14.14 10.01 41.28
C LYS A 460 -13.24 9.30 42.14
N ILE A 461 -12.46 8.40 41.56
CA ILE A 461 -11.55 7.58 42.26
C ILE A 461 -10.51 8.43 42.85
N THR A 462 -9.96 9.28 41.99
CA THR A 462 -8.97 10.22 42.35
C THR A 462 -9.46 11.16 43.38
N LYS A 463 -10.71 11.49 43.20
CA LYS A 463 -11.40 12.47 43.89
C LYS A 463 -11.56 12.05 45.27
N PHE A 464 -11.95 10.78 45.40
CA PHE A 464 -11.97 10.04 46.58
C PHE A 464 -10.67 10.07 47.15
N GLU A 465 -9.65 9.80 46.37
CA GLU A 465 -8.37 9.54 46.93
C GLU A 465 -7.89 10.65 47.75
N ASN A 466 -8.04 11.87 47.23
CA ASN A 466 -7.69 13.05 47.95
C ASN A 466 -8.48 13.19 49.15
N ALA A 467 -9.77 12.91 48.97
CA ALA A 467 -10.78 13.20 49.92
C ALA A 467 -10.65 12.32 51.07
N PHE A 468 -10.46 11.06 50.74
CA PHE A 468 -10.20 9.93 51.53
C PHE A 468 -9.02 10.18 52.26
N LEU A 469 -8.04 10.81 51.64
CA LEU A 469 -6.85 11.07 52.35
C LEU A 469 -7.11 12.08 53.36
N SER A 470 -7.71 13.20 53.01
CA SER A 470 -8.02 14.24 53.93
C SER A 470 -8.91 13.81 55.03
N HIS A 471 -9.75 12.85 54.71
CA HIS A 471 -10.62 12.27 55.64
C HIS A 471 -9.87 11.48 56.63
N VAL A 472 -9.06 10.53 56.22
CA VAL A 472 -8.38 9.67 57.13
C VAL A 472 -7.38 10.41 57.92
N ILE A 473 -6.79 11.42 57.29
CA ILE A 473 -5.84 12.29 57.89
C ILE A 473 -6.51 12.96 59.01
N SER A 474 -7.71 13.45 58.72
CA SER A 474 -8.44 14.11 59.72
C SER A 474 -8.82 13.15 60.82
N GLN A 475 -9.66 12.14 60.54
CA GLN A 475 -10.19 11.37 61.61
C GLN A 475 -9.30 10.29 62.03
N HIS A 476 -8.99 9.46 61.04
CA HIS A 476 -8.48 8.15 61.25
C HIS A 476 -7.03 8.18 61.33
N GLN A 477 -6.55 9.31 61.84
CA GLN A 477 -5.23 9.52 62.22
C GLN A 477 -4.72 8.48 63.16
N ALA A 478 -5.64 7.99 63.99
CA ALA A 478 -5.50 6.83 64.81
C ALA A 478 -4.93 5.70 64.07
N LEU A 479 -5.64 5.33 63.02
CA LEU A 479 -5.42 4.23 62.17
C LEU A 479 -4.21 4.37 61.40
N LEU A 480 -3.90 5.59 60.96
CA LEU A 480 -2.74 5.83 60.14
C LEU A 480 -1.54 5.58 60.98
N GLY A 481 -1.60 6.10 62.21
CA GLY A 481 -0.70 5.74 63.25
C GLY A 481 -0.57 4.28 63.37
N LYS A 482 -1.68 3.52 63.40
CA LYS A 482 -1.62 2.11 63.54
C LYS A 482 -1.01 1.39 62.45
N ILE A 483 -1.23 1.72 61.18
CA ILE A 483 -0.71 0.92 60.11
C ILE A 483 0.74 1.06 60.11
N ARG A 484 1.18 2.27 60.42
CA ARG A 484 2.55 2.54 60.64
C ARG A 484 3.04 1.76 61.82
N THR A 485 2.31 1.77 62.94
CA THR A 485 2.66 1.09 64.15
C THR A 485 2.81 -0.37 63.94
N ASP A 486 1.75 -1.06 63.49
CA ASP A 486 1.78 -2.46 63.22
C ASP A 486 2.71 -2.72 62.12
N GLY A 487 3.05 -1.68 61.32
CA GLY A 487 4.04 -1.70 60.28
C GLY A 487 3.49 -2.33 59.06
N LYS A 488 2.26 -2.77 59.18
CA LYS A 488 1.61 -3.50 58.21
C LYS A 488 0.30 -2.92 58.38
N ILE A 489 -0.55 -3.35 57.47
CA ILE A 489 -1.96 -3.30 57.67
C ILE A 489 -2.18 -4.44 58.63
N SER A 490 -2.64 -4.15 59.86
CA SER A 490 -3.00 -5.22 60.77
C SER A 490 -4.43 -5.46 60.45
N GLU A 491 -4.90 -6.71 60.59
CA GLU A 491 -6.28 -7.07 60.41
C GLU A 491 -7.25 -6.17 61.12
N GLU A 492 -6.94 -5.73 62.34
CA GLU A 492 -7.77 -4.79 63.03
C GLU A 492 -7.81 -3.53 62.27
N SER A 493 -6.61 -3.00 61.95
CA SER A 493 -6.46 -1.70 61.37
C SER A 493 -7.26 -1.68 60.14
N ASP A 494 -7.20 -2.78 59.39
CA ASP A 494 -7.98 -3.12 58.25
C ASP A 494 -9.43 -3.03 58.54
N ALA A 495 -9.90 -3.59 59.65
CA ALA A 495 -11.29 -3.59 59.93
C ALA A 495 -11.71 -2.20 60.21
N LYS A 496 -10.93 -1.45 60.97
CA LYS A 496 -11.30 -0.10 61.19
C LYS A 496 -11.28 0.67 59.93
N LEU A 497 -10.25 0.43 59.13
CA LEU A 497 -9.93 1.08 57.90
C LEU A 497 -11.00 0.92 56.94
N LYS A 498 -11.42 -0.30 56.73
CA LYS A 498 -12.45 -0.76 55.89
C LYS A 498 -13.65 -0.10 56.20
N GLU A 499 -13.86 0.02 57.50
CA GLU A 499 -15.06 0.51 58.03
C GLU A 499 -15.12 1.87 57.77
N ILE A 500 -14.01 2.51 57.87
CA ILE A 500 -13.82 3.83 57.47
C ILE A 500 -14.10 3.89 56.07
N VAL A 501 -13.55 3.01 55.23
CA VAL A 501 -13.60 3.10 53.82
C VAL A 501 -14.98 3.12 53.44
N THR A 502 -15.77 2.17 53.87
CA THR A 502 -17.10 1.99 53.53
C THR A 502 -17.87 3.21 53.87
N ASN A 503 -17.59 3.81 55.03
CA ASN A 503 -18.31 4.96 55.45
C ASN A 503 -17.90 6.14 54.69
N PHE A 504 -16.59 6.24 54.52
CA PHE A 504 -15.93 7.32 53.94
C PHE A 504 -16.35 7.40 52.57
N LEU A 505 -16.38 6.24 51.93
CA LEU A 505 -16.71 5.91 50.60
C LEU A 505 -18.05 6.35 50.42
N ALA A 506 -18.91 5.97 51.35
CA ALA A 506 -20.26 6.42 51.36
C ALA A 506 -20.32 7.89 51.43
N GLY A 507 -19.48 8.52 52.25
CA GLY A 507 -19.39 9.94 52.30
C GLY A 507 -18.81 10.55 51.08
N PHE A 508 -17.84 9.90 50.45
CA PHE A 508 -17.19 10.39 49.30
C PHE A 508 -18.04 10.36 48.11
N GLU A 509 -18.75 9.23 47.96
CA GLU A 509 -19.46 8.95 46.76
C GLU A 509 -20.68 9.74 46.85
N ALA A 510 -21.32 9.60 48.02
CA ALA A 510 -22.38 10.45 48.37
C ALA A 510 -21.60 11.40 49.26
N VAL B 23 76.90 -14.50 13.43
CA VAL B 23 75.78 -15.36 13.89
C VAL B 23 74.54 -14.96 13.15
N ASP B 24 73.72 -15.96 12.80
CA ASP B 24 72.64 -15.70 11.90
C ASP B 24 71.53 -15.09 12.65
N LEU B 25 71.30 -13.95 12.10
CA LEU B 25 70.34 -12.98 12.28
C LEU B 25 70.10 -12.79 10.84
N GLU B 26 70.20 -13.88 10.09
CA GLU B 26 70.06 -13.82 8.73
C GLU B 26 69.66 -15.16 8.40
N GLU B 27 69.45 -16.04 9.34
CA GLU B 27 68.86 -17.30 9.03
C GLU B 27 68.38 -17.80 10.27
N THR B 28 68.71 -17.12 11.31
CA THR B 28 68.38 -17.52 12.58
C THR B 28 68.12 -16.21 13.14
N GLY B 29 67.41 -16.14 14.24
CA GLY B 29 67.06 -14.89 14.74
C GLY B 29 66.94 -15.05 16.17
N ARG B 30 66.79 -13.94 16.87
CA ARG B 30 66.61 -13.97 18.27
C ARG B 30 65.29 -13.43 18.34
N VAL B 31 64.45 -13.93 19.25
CA VAL B 31 63.10 -13.50 19.30
C VAL B 31 63.17 -12.15 19.86
N LEU B 32 62.86 -11.20 19.03
CA LEU B 32 62.96 -9.84 19.38
C LEU B 32 61.89 -9.50 20.36
N SER B 33 60.69 -9.91 19.99
CA SER B 33 59.52 -9.70 20.72
C SER B 33 58.74 -10.80 20.23
N ILE B 34 57.81 -11.21 21.04
CA ILE B 34 56.97 -12.21 20.55
C ILE B 34 55.79 -11.71 21.18
N GLY B 35 54.79 -11.57 20.30
CA GLY B 35 53.52 -11.01 20.60
C GLY B 35 52.97 -11.97 21.54
N ASP B 36 52.64 -13.13 20.99
CA ASP B 36 52.44 -14.34 21.70
C ASP B 36 52.27 -15.40 20.67
N GLY B 37 52.49 -15.06 19.40
CA GLY B 37 52.27 -16.01 18.36
C GLY B 37 52.85 -15.44 17.13
N ILE B 38 53.28 -14.18 17.23
CA ILE B 38 53.92 -13.60 16.12
C ILE B 38 55.16 -13.28 16.79
N ALA B 39 56.20 -13.84 16.22
CA ALA B 39 57.48 -13.65 16.73
C ALA B 39 58.01 -12.74 15.76
N ARG B 40 58.35 -11.62 16.33
CA ARG B 40 59.15 -10.69 15.69
C ARG B 40 60.44 -11.18 16.09
N VAL B 41 61.23 -11.44 15.10
CA VAL B 41 62.44 -12.10 15.28
C VAL B 41 63.35 -11.19 14.66
N HIS B 42 64.42 -10.88 15.39
CA HIS B 42 65.45 -10.07 14.89
C HIS B 42 66.31 -11.02 14.15
N GLY B 43 66.64 -10.62 12.93
CA GLY B 43 67.47 -11.34 12.04
C GLY B 43 66.76 -12.14 11.00
N LEU B 44 67.18 -13.41 10.81
CA LEU B 44 66.73 -14.39 9.87
C LEU B 44 66.91 -14.19 8.38
N ARG B 45 67.15 -12.97 7.89
CA ARG B 45 67.21 -12.47 6.52
C ARG B 45 67.26 -13.40 5.37
N ASN B 46 68.29 -14.27 5.38
CA ASN B 46 68.67 -15.17 4.34
C ASN B 46 67.67 -16.21 4.17
N VAL B 47 66.75 -16.29 5.13
CA VAL B 47 65.57 -17.09 5.04
C VAL B 47 64.85 -16.73 3.80
N GLN B 48 64.26 -17.74 3.13
CA GLN B 48 63.51 -17.46 1.94
C GLN B 48 62.13 -17.35 2.38
N ALA B 49 61.39 -16.55 1.65
CA ALA B 49 60.06 -16.20 1.91
C ALA B 49 59.21 -17.37 2.00
N GLU B 50 58.50 -17.47 3.14
CA GLU B 50 57.52 -18.46 3.43
C GLU B 50 58.16 -19.74 3.78
N GLU B 51 59.28 -19.62 4.47
CA GLU B 51 59.99 -20.73 4.95
C GLU B 51 59.45 -21.17 6.24
N MET B 52 59.31 -22.47 6.42
CA MET B 52 59.11 -23.04 7.70
C MET B 52 60.38 -22.82 8.45
N VAL B 53 60.29 -22.29 9.66
CA VAL B 53 61.43 -22.15 10.49
C VAL B 53 61.09 -22.98 11.64
N GLU B 54 62.06 -23.15 12.50
CA GLU B 54 61.86 -23.85 13.69
C GLU B 54 62.49 -23.00 14.72
N PHE B 55 61.82 -22.84 15.85
CA PHE B 55 62.09 -22.03 16.99
C PHE B 55 62.77 -22.77 18.07
N SER B 56 63.44 -22.01 18.97
CA SER B 56 63.97 -22.51 20.22
C SER B 56 62.91 -22.47 21.30
N SER B 57 61.83 -23.16 20.98
CA SER B 57 60.72 -23.44 21.82
C SER B 57 60.21 -24.70 21.20
N GLY B 58 60.98 -25.20 20.20
CA GLY B 58 60.82 -26.34 19.38
C GLY B 58 59.77 -26.08 18.37
N LEU B 59 59.12 -24.91 18.44
CA LEU B 59 58.02 -24.64 17.59
C LEU B 59 58.45 -24.40 16.21
N LYS B 60 57.48 -24.40 15.34
CA LYS B 60 57.65 -24.18 13.97
C LYS B 60 57.18 -22.82 13.75
N GLY B 61 57.54 -22.21 12.64
CA GLY B 61 57.09 -20.90 12.38
C GLY B 61 57.08 -20.78 10.93
N MET B 62 56.58 -19.67 10.39
CA MET B 62 56.81 -19.48 9.00
C MET B 62 57.26 -18.14 9.03
N SER B 63 58.30 -17.89 8.26
CA SER B 63 58.83 -16.59 8.07
C SER B 63 58.01 -16.19 6.93
N LEU B 64 56.90 -15.58 7.29
CA LEU B 64 55.94 -15.20 6.36
C LEU B 64 56.26 -13.85 5.85
N ASN B 65 56.50 -12.95 6.82
CA ASN B 65 56.67 -11.58 6.53
C ASN B 65 58.07 -11.29 6.66
N LEU B 66 58.59 -10.91 5.50
CA LEU B 66 59.93 -10.54 5.38
C LEU B 66 59.83 -9.09 5.42
N GLU B 67 60.26 -8.56 6.54
CA GLU B 67 60.05 -7.19 6.79
C GLU B 67 61.41 -6.75 6.56
N PRO B 68 61.67 -5.54 6.38
CA PRO B 68 63.01 -5.12 6.12
C PRO B 68 63.69 -4.92 7.41
N ASP B 69 63.73 -5.91 8.31
CA ASP B 69 64.27 -5.58 9.58
C ASP B 69 64.21 -6.79 10.40
N ASN B 70 63.13 -7.51 10.28
CA ASN B 70 62.93 -8.56 11.19
C ASN B 70 61.96 -9.33 10.41
N VAL B 71 61.62 -10.47 10.97
CA VAL B 71 60.80 -11.42 10.33
C VAL B 71 59.64 -11.64 11.19
N GLY B 72 58.46 -11.41 10.57
CA GLY B 72 57.25 -11.74 11.21
C GLY B 72 57.16 -13.19 10.98
N VAL B 73 57.17 -13.95 12.07
CA VAL B 73 57.20 -15.34 11.94
C VAL B 73 55.98 -15.69 12.61
N VAL B 74 55.12 -16.33 11.85
CA VAL B 74 53.93 -16.81 12.41
C VAL B 74 54.30 -18.05 13.09
N VAL B 75 53.90 -18.16 14.34
CA VAL B 75 54.39 -19.23 15.11
C VAL B 75 53.37 -20.26 15.01
N PHE B 76 53.91 -21.39 14.59
CA PHE B 76 53.28 -22.63 14.42
C PHE B 76 53.42 -23.37 15.66
N GLY B 77 52.88 -22.82 16.75
CA GLY B 77 53.01 -23.48 18.00
C GLY B 77 52.41 -22.62 19.04
N ASN B 78 52.64 -23.04 20.29
CA ASN B 78 52.08 -22.50 21.49
C ASN B 78 53.29 -22.33 22.32
N ASP B 79 53.45 -21.12 22.87
CA ASP B 79 54.60 -20.79 23.61
C ASP B 79 54.23 -20.08 24.85
N LYS B 80 55.25 -20.11 25.69
CA LYS B 80 55.51 -19.55 26.97
C LYS B 80 56.75 -20.33 27.25
N LEU B 81 57.49 -20.59 26.17
CA LEU B 81 58.64 -21.43 26.04
C LEU B 81 59.61 -20.48 25.51
N ILE B 82 59.09 -19.75 24.52
CA ILE B 82 59.68 -18.57 24.05
C ILE B 82 59.64 -17.61 25.18
N LYS B 83 60.80 -17.02 25.29
CA LYS B 83 60.99 -15.86 26.03
C LYS B 83 61.89 -15.22 25.05
N GLU B 84 62.05 -13.91 25.09
CA GLU B 84 62.79 -13.22 24.06
C GLU B 84 64.20 -13.71 23.99
N GLY B 85 64.80 -13.50 22.82
CA GLY B 85 66.15 -13.81 22.53
C GLY B 85 66.24 -15.15 22.01
N ASP B 86 65.10 -15.88 22.05
CA ASP B 86 65.13 -17.24 21.67
C ASP B 86 65.55 -17.29 20.27
N ILE B 87 66.28 -18.31 20.02
CA ILE B 87 66.91 -18.48 18.81
C ILE B 87 65.96 -19.09 17.93
N VAL B 88 65.86 -18.55 16.77
CA VAL B 88 64.90 -18.91 15.82
C VAL B 88 65.79 -19.42 14.81
N LYS B 89 65.54 -20.61 14.29
CA LYS B 89 66.43 -21.30 13.44
C LYS B 89 65.70 -21.46 12.21
N ARG B 90 66.38 -21.33 11.09
CA ARG B 90 65.84 -21.80 9.86
C ARG B 90 65.65 -23.27 9.90
N THR B 91 64.68 -23.74 9.13
CA THR B 91 64.59 -25.12 8.80
C THR B 91 65.10 -25.15 7.42
N GLY B 92 65.08 -24.00 6.76
CA GLY B 92 65.51 -23.80 5.43
C GLY B 92 64.53 -24.34 4.46
N ALA B 93 63.27 -24.62 4.86
CA ALA B 93 62.37 -25.18 3.90
C ALA B 93 61.12 -24.42 3.78
N ILE B 94 60.63 -24.22 2.54
CA ILE B 94 59.27 -23.86 2.21
C ILE B 94 58.50 -25.12 2.41
N VAL B 95 57.35 -24.99 3.05
CA VAL B 95 56.53 -26.10 3.43
C VAL B 95 55.98 -26.99 2.33
N ASP B 96 56.03 -28.29 2.64
CA ASP B 96 55.45 -29.40 1.96
C ASP B 96 54.84 -30.12 3.07
N VAL B 97 53.98 -31.09 2.76
CA VAL B 97 53.34 -31.84 3.79
C VAL B 97 53.48 -33.20 3.31
N PRO B 98 53.50 -34.23 4.16
CA PRO B 98 53.47 -35.58 3.67
C PRO B 98 52.16 -35.72 2.97
N VAL B 99 52.11 -36.42 1.86
CA VAL B 99 50.99 -36.59 1.05
C VAL B 99 51.12 -38.03 0.76
N GLY B 100 50.02 -38.64 0.38
CA GLY B 100 50.13 -40.00 0.03
C GLY B 100 48.74 -40.44 -0.15
N GLU B 101 48.47 -41.63 0.41
CA GLU B 101 47.27 -42.37 0.15
C GLU B 101 47.02 -43.25 1.35
N GLU B 102 47.68 -42.99 2.50
CA GLU B 102 47.74 -43.94 3.59
C GLU B 102 47.14 -43.32 4.78
N LEU B 103 46.62 -42.12 4.54
CA LEU B 103 45.89 -41.28 5.43
C LEU B 103 44.50 -41.77 5.53
N LEU B 104 44.21 -42.73 4.66
CA LEU B 104 43.02 -43.45 4.58
C LEU B 104 43.10 -44.31 5.76
N GLY B 105 42.14 -44.16 6.66
CA GLY B 105 42.22 -44.75 7.93
C GLY B 105 43.14 -43.98 8.80
N ARG B 106 43.12 -42.63 8.83
CA ARG B 106 44.06 -41.88 9.66
C ARG B 106 43.45 -40.58 10.02
N VAL B 107 43.65 -40.12 11.29
CA VAL B 107 43.35 -38.79 11.74
C VAL B 107 44.62 -38.11 11.99
N VAL B 108 44.78 -37.01 11.29
CA VAL B 108 46.00 -36.34 11.25
C VAL B 108 45.86 -34.94 11.60
N ASP B 109 47.01 -34.35 11.93
CA ASP B 109 47.18 -32.94 12.03
C ASP B 109 48.08 -32.62 10.87
N ALA B 110 47.99 -31.34 10.46
CA ALA B 110 48.57 -30.72 9.31
C ALA B 110 50.04 -30.85 9.14
N LEU B 111 50.82 -30.89 10.24
CA LEU B 111 52.25 -31.05 10.13
C LEU B 111 52.57 -32.37 9.55
N GLY B 112 51.59 -33.26 9.66
CA GLY B 112 51.63 -34.54 9.06
C GLY B 112 51.75 -35.44 10.19
N ASN B 113 51.52 -34.93 11.42
CA ASN B 113 51.60 -35.76 12.59
C ASN B 113 50.22 -36.28 12.69
N ALA B 114 49.98 -37.32 13.48
CA ALA B 114 48.70 -37.95 13.40
C ALA B 114 48.15 -38.09 14.75
N ILE B 115 47.30 -37.11 15.07
CA ILE B 115 46.55 -36.93 16.28
C ILE B 115 45.52 -37.96 16.49
N ASP B 116 45.39 -38.85 15.52
CA ASP B 116 44.65 -40.05 15.66
C ASP B 116 45.17 -40.82 16.80
N GLY B 117 46.49 -40.76 16.97
CA GLY B 117 47.16 -41.51 17.97
C GLY B 117 47.20 -42.91 17.46
N LYS B 118 47.27 -43.05 16.11
CA LYS B 118 47.48 -44.28 15.41
C LYS B 118 48.94 -44.24 15.11
N GLY B 119 49.70 -43.56 16.00
CA GLY B 119 51.10 -43.33 15.81
C GLY B 119 51.13 -42.40 14.66
N PRO B 120 51.96 -42.68 13.71
CA PRO B 120 52.09 -41.80 12.59
C PRO B 120 51.57 -42.57 11.44
N ILE B 121 51.15 -41.80 10.47
CA ILE B 121 50.59 -42.10 9.20
C ILE B 121 51.49 -42.89 8.33
N GLY B 122 50.95 -43.19 7.14
CA GLY B 122 51.72 -43.87 6.14
C GLY B 122 52.15 -42.86 5.12
N SER B 123 51.69 -41.58 5.19
CA SER B 123 51.99 -40.62 4.14
C SER B 123 53.34 -40.05 4.41
N LYS B 124 53.97 -39.89 3.24
CA LYS B 124 55.39 -40.00 3.22
C LYS B 124 55.99 -39.25 2.10
N ALA B 125 55.24 -38.98 1.02
CA ALA B 125 55.75 -38.27 -0.10
C ALA B 125 55.41 -36.93 0.32
N ARG B 126 56.06 -35.88 -0.13
CA ARG B 126 55.64 -34.66 0.43
C ARG B 126 55.56 -33.81 -0.71
N ARG B 127 54.74 -32.80 -0.53
CA ARG B 127 54.29 -32.14 -1.69
C ARG B 127 53.98 -30.88 -1.08
N ARG B 128 54.31 -29.83 -1.82
CA ARG B 128 54.04 -28.51 -1.41
C ARG B 128 52.61 -28.32 -1.40
N VAL B 129 52.10 -27.77 -0.31
CA VAL B 129 50.72 -27.37 -0.29
C VAL B 129 50.63 -26.13 -1.11
N GLY B 130 51.79 -25.52 -1.43
CA GLY B 130 51.84 -24.29 -2.13
C GLY B 130 51.68 -24.49 -3.60
N LEU B 131 51.56 -25.73 -4.09
CA LEU B 131 51.36 -25.98 -5.49
C LEU B 131 49.98 -25.52 -5.88
N LYS B 132 49.79 -25.08 -7.15
CA LYS B 132 48.58 -24.41 -7.58
C LYS B 132 47.81 -25.13 -8.62
N ALA B 133 46.61 -24.58 -8.88
CA ALA B 133 45.61 -24.88 -9.85
C ALA B 133 46.07 -25.62 -11.07
N PRO B 134 45.52 -26.76 -11.40
CA PRO B 134 45.73 -27.43 -12.67
C PRO B 134 45.47 -26.62 -13.89
N GLY B 135 46.01 -27.05 -15.05
CA GLY B 135 45.80 -26.37 -16.29
C GLY B 135 44.56 -26.95 -16.88
N ILE B 136 43.98 -26.27 -17.88
CA ILE B 136 42.74 -26.59 -18.53
C ILE B 136 42.81 -27.91 -19.14
N ILE B 137 43.92 -28.16 -19.82
CA ILE B 137 44.13 -29.35 -20.56
C ILE B 137 44.41 -30.43 -19.56
N PRO B 138 45.20 -30.18 -18.50
CA PRO B 138 45.41 -31.12 -17.43
C PRO B 138 44.17 -31.45 -16.76
N ARG B 139 43.21 -30.54 -16.87
CA ARG B 139 42.01 -30.59 -16.18
C ARG B 139 41.16 -31.15 -17.21
N ILE B 140 40.06 -31.72 -16.82
CA ILE B 140 39.18 -32.16 -17.82
C ILE B 140 37.96 -32.12 -17.08
N SER B 141 37.02 -31.44 -17.72
CA SER B 141 35.70 -31.12 -17.29
C SER B 141 34.97 -32.26 -16.60
N VAL B 142 33.94 -31.98 -15.75
CA VAL B 142 33.23 -33.03 -15.05
C VAL B 142 32.26 -33.63 -15.98
N ARG B 143 32.11 -34.93 -15.79
CA ARG B 143 31.37 -35.81 -16.63
C ARG B 143 31.17 -37.01 -15.79
N GLU B 144 31.98 -37.02 -14.74
CA GLU B 144 32.14 -37.94 -13.72
C GLU B 144 31.08 -37.61 -12.77
N PRO B 145 30.08 -38.42 -12.51
CA PRO B 145 29.15 -38.33 -11.41
C PRO B 145 29.74 -38.07 -10.09
N MET B 146 28.88 -37.70 -9.13
CA MET B 146 29.24 -37.67 -7.76
C MET B 146 27.98 -37.91 -7.00
N GLN B 147 27.95 -38.81 -6.00
CA GLN B 147 26.71 -39.21 -5.35
C GLN B 147 26.90 -39.29 -3.88
N THR B 148 25.79 -39.25 -3.10
CA THR B 148 25.85 -39.16 -1.67
C THR B 148 25.05 -40.18 -0.97
N GLY B 149 24.20 -40.90 -1.70
CA GLY B 149 23.25 -41.80 -1.10
C GLY B 149 22.06 -41.07 -0.61
N ILE B 150 22.03 -39.75 -0.92
CA ILE B 150 21.01 -38.84 -0.50
C ILE B 150 20.40 -38.41 -1.75
N LYS B 151 19.14 -38.82 -1.88
CA LYS B 151 18.40 -38.72 -3.08
C LYS B 151 18.35 -37.36 -3.54
N ALA B 152 17.91 -36.46 -2.66
CA ALA B 152 17.74 -35.08 -2.88
C ALA B 152 18.98 -34.51 -3.39
N VAL B 153 20.10 -35.00 -2.91
CA VAL B 153 21.30 -34.38 -3.32
C VAL B 153 21.59 -34.82 -4.66
N ASP B 154 21.66 -36.10 -4.82
CA ASP B 154 22.07 -36.63 -6.06
C ASP B 154 21.18 -36.34 -7.17
N SER B 155 19.93 -36.07 -6.82
CA SER B 155 18.88 -35.88 -7.74
C SER B 155 18.84 -34.49 -8.07
N LEU B 156 18.81 -33.68 -7.04
CA LEU B 156 18.36 -32.36 -7.22
C LEU B 156 19.56 -31.59 -7.42
N VAL B 157 20.68 -32.10 -6.95
CA VAL B 157 21.89 -31.55 -7.45
C VAL B 157 22.30 -32.60 -8.40
N PRO B 158 22.65 -32.23 -9.60
CA PRO B 158 23.19 -33.19 -10.53
C PRO B 158 24.63 -32.82 -10.37
N ILE B 159 25.47 -33.82 -10.10
CA ILE B 159 26.77 -33.50 -9.58
C ILE B 159 27.79 -34.41 -10.14
N GLY B 160 28.96 -33.80 -10.39
CA GLY B 160 30.14 -34.46 -10.80
C GLY B 160 31.23 -34.31 -9.81
N ARG B 161 32.40 -34.88 -10.13
CA ARG B 161 33.49 -34.94 -9.20
C ARG B 161 34.61 -34.17 -9.77
N GLY B 162 35.22 -33.36 -8.90
CA GLY B 162 36.17 -32.37 -9.24
C GLY B 162 35.58 -31.19 -8.56
N GLN B 163 34.25 -31.10 -8.74
CA GLN B 163 33.36 -30.04 -8.37
C GLN B 163 33.42 -29.59 -6.95
N ARG B 164 33.37 -28.26 -6.85
CA ARG B 164 33.12 -27.49 -5.67
C ARG B 164 31.67 -27.39 -5.50
N GLU B 165 31.19 -27.79 -4.33
CA GLU B 165 29.84 -27.47 -4.05
C GLU B 165 29.86 -27.16 -2.63
N LEU B 166 29.22 -26.07 -2.31
CA LEU B 166 29.34 -25.49 -1.05
C LEU B 166 28.40 -26.15 -0.21
N ILE B 167 28.79 -26.59 0.95
CA ILE B 167 27.82 -27.04 1.85
C ILE B 167 27.65 -25.87 2.69
N ILE B 168 26.45 -25.34 2.70
CA ILE B 168 26.27 -24.11 3.37
C ILE B 168 24.99 -24.23 4.09
N GLY B 169 25.09 -23.74 5.32
CA GLY B 169 24.11 -24.05 6.30
C GLY B 169 24.73 -23.57 7.56
N ASP B 170 23.97 -23.54 8.65
CA ASP B 170 24.48 -23.17 9.94
C ASP B 170 24.34 -24.44 10.74
N ARG B 171 25.43 -24.85 11.46
CA ARG B 171 25.67 -25.95 12.39
C ARG B 171 25.34 -27.25 11.83
N GLN B 172 25.94 -28.43 12.19
CA GLN B 172 25.40 -29.73 11.87
C GLN B 172 24.09 -29.58 12.35
N THR B 173 23.23 -29.76 11.45
CA THR B 173 21.88 -29.61 11.66
C THR B 173 21.64 -30.65 10.67
N GLY B 174 22.26 -31.79 10.89
CA GLY B 174 22.41 -32.73 9.89
C GLY B 174 23.46 -32.32 8.97
N LYS B 175 24.11 -31.16 9.07
CA LYS B 175 25.05 -30.73 8.07
C LYS B 175 26.13 -31.64 8.02
N THR B 176 26.54 -31.84 9.22
CA THR B 176 27.67 -32.57 9.46
C THR B 176 27.26 -33.95 9.16
N SER B 177 26.08 -34.35 9.66
CA SER B 177 25.45 -35.57 9.22
C SER B 177 25.47 -35.83 7.77
N ILE B 178 25.25 -34.79 7.00
CA ILE B 178 25.13 -34.79 5.61
C ILE B 178 26.36 -35.28 5.01
N ALA B 179 27.47 -34.75 5.52
CA ALA B 179 28.74 -35.15 5.02
C ALA B 179 28.95 -36.56 5.33
N ILE B 180 28.51 -36.99 6.51
CA ILE B 180 28.72 -38.32 6.95
C ILE B 180 27.99 -39.28 6.11
N ASP B 181 26.70 -39.08 5.85
CA ASP B 181 25.91 -39.99 5.08
C ASP B 181 26.51 -40.17 3.75
N THR B 182 27.10 -39.11 3.22
CA THR B 182 27.76 -39.22 1.99
C THR B 182 28.94 -40.09 2.08
N ILE B 183 29.73 -39.87 3.12
CA ILE B 183 30.96 -40.56 3.36
C ILE B 183 30.76 -42.00 3.51
N ILE B 184 29.82 -42.33 4.38
CA ILE B 184 29.29 -43.62 4.57
C ILE B 184 28.80 -44.18 3.30
N ASN B 185 28.13 -43.37 2.47
CA ASN B 185 27.65 -43.85 1.22
C ASN B 185 28.72 -44.37 0.33
N GLN B 186 29.91 -43.78 0.47
CA GLN B 186 31.00 -44.10 -0.37
C GLN B 186 31.54 -45.39 -0.01
N LYS B 187 31.20 -45.88 1.16
CA LYS B 187 31.54 -47.15 1.61
C LYS B 187 31.20 -48.19 0.68
N ARG B 188 29.95 -48.26 0.24
CA ARG B 188 29.61 -49.25 -0.73
C ARG B 188 30.39 -49.16 -2.00
N PHE B 189 30.86 -47.96 -2.36
CA PHE B 189 31.60 -47.79 -3.56
C PHE B 189 33.05 -47.98 -3.47
N ASN B 190 33.64 -47.55 -2.36
CA ASN B 190 35.04 -47.61 -2.18
C ASN B 190 35.38 -48.96 -1.76
N ASP B 191 34.39 -49.58 -1.11
CA ASP B 191 34.48 -50.92 -0.68
C ASP B 191 33.88 -51.74 -1.73
N GLY B 192 33.20 -51.04 -2.64
CA GLY B 192 32.91 -51.57 -3.92
C GLY B 192 34.18 -51.36 -4.63
N THR B 193 34.18 -51.78 -5.87
CA THR B 193 35.36 -51.82 -6.64
C THR B 193 35.17 -50.81 -7.69
N ASP B 194 34.54 -49.73 -7.26
CA ASP B 194 34.17 -48.66 -8.08
C ASP B 194 35.40 -47.91 -8.02
N GLU B 195 36.26 -48.07 -9.02
CA GLU B 195 37.57 -47.52 -8.97
C GLU B 195 37.44 -46.09 -9.13
N LYS B 196 36.57 -45.78 -10.07
CA LYS B 196 36.12 -44.48 -10.29
C LYS B 196 35.39 -43.95 -9.13
N LYS B 197 34.55 -44.76 -8.45
CA LYS B 197 33.94 -44.28 -7.24
C LYS B 197 34.68 -44.82 -6.09
N LYS B 198 35.97 -44.42 -6.10
CA LYS B 198 36.84 -44.74 -5.04
C LYS B 198 37.39 -43.42 -4.74
N LEU B 199 36.73 -42.85 -3.75
CA LEU B 199 36.81 -41.49 -3.40
C LEU B 199 37.41 -41.44 -2.06
N TYR B 200 38.50 -40.71 -1.97
CA TYR B 200 39.23 -40.65 -0.75
C TYR B 200 38.71 -39.49 -0.09
N CYS B 201 38.34 -39.65 1.16
CA CYS B 201 37.50 -38.62 1.72
C CYS B 201 38.46 -37.88 2.53
N ILE B 202 38.35 -36.55 2.55
CA ILE B 202 39.30 -35.81 3.28
C ILE B 202 38.43 -34.94 3.97
N TYR B 203 38.52 -35.01 5.26
CA TYR B 203 37.65 -34.23 6.00
C TYR B 203 38.58 -33.39 6.68
N VAL B 204 38.59 -32.12 6.32
CA VAL B 204 39.42 -31.28 7.06
C VAL B 204 38.50 -30.73 8.06
N ALA B 205 38.80 -30.99 9.32
CA ALA B 205 38.07 -30.65 10.47
C ALA B 205 38.81 -29.48 10.93
N ILE B 206 38.17 -28.32 10.88
CA ILE B 206 38.74 -27.04 11.13
C ILE B 206 38.03 -26.60 12.34
N GLY B 207 38.74 -26.26 13.42
CA GLY B 207 38.22 -25.71 14.64
C GLY B 207 37.11 -26.45 15.30
N GLN B 208 37.10 -27.78 15.19
CA GLN B 208 35.96 -28.52 15.65
C GLN B 208 36.22 -28.99 16.98
N LYS B 209 35.27 -29.03 17.93
CA LYS B 209 35.64 -29.61 19.19
C LYS B 209 36.05 -31.02 18.99
N ARG B 210 36.98 -31.40 19.85
CA ARG B 210 37.62 -32.67 19.85
C ARG B 210 36.61 -33.71 20.04
N SER B 211 35.67 -33.40 20.91
CA SER B 211 34.50 -34.15 21.23
C SER B 211 33.68 -34.43 20.03
N THR B 212 33.58 -33.44 19.14
CA THR B 212 32.66 -33.48 18.05
C THR B 212 33.16 -34.44 17.10
N VAL B 213 34.44 -34.27 16.95
CA VAL B 213 35.31 -35.05 16.22
C VAL B 213 35.26 -36.35 16.86
N ALA B 214 35.18 -36.46 18.16
CA ALA B 214 35.29 -37.70 18.77
C ALA B 214 34.28 -38.64 18.46
N GLN B 215 33.09 -38.14 18.57
CA GLN B 215 31.90 -38.76 18.19
C GLN B 215 31.93 -39.02 16.79
N LEU B 216 32.46 -38.08 16.06
CA LEU B 216 32.43 -38.13 14.66
C LEU B 216 33.27 -39.22 14.25
N VAL B 217 34.46 -39.22 14.79
CA VAL B 217 35.53 -40.06 14.42
C VAL B 217 35.11 -41.38 14.66
N LYS B 218 34.53 -41.51 15.84
CA LYS B 218 33.97 -42.69 16.24
C LYS B 218 32.97 -43.05 15.31
N ARG B 219 32.11 -42.13 14.97
CA ARG B 219 31.04 -42.39 14.15
C ARG B 219 31.35 -42.88 12.86
N LEU B 220 32.29 -42.27 12.21
CA LEU B 220 32.71 -42.67 10.94
C LEU B 220 33.37 -43.90 10.97
N THR B 221 34.12 -44.13 12.02
CA THR B 221 34.79 -45.34 12.23
C THR B 221 33.83 -46.43 12.37
N ASP B 222 32.76 -46.18 13.12
CA ASP B 222 31.75 -47.17 13.34
C ASP B 222 31.09 -47.47 12.05
N ALA B 223 30.94 -46.39 11.29
CA ALA B 223 30.39 -46.33 10.01
C ALA B 223 31.34 -46.79 8.98
N ASP B 224 32.57 -47.09 9.43
CA ASP B 224 33.82 -47.19 8.75
C ASP B 224 33.80 -46.81 7.34
N ALA B 225 33.77 -45.52 7.11
CA ALA B 225 34.13 -45.11 5.81
C ALA B 225 35.61 -44.90 5.87
N MET B 226 36.09 -44.86 7.13
CA MET B 226 37.31 -44.28 7.52
C MET B 226 38.50 -44.89 6.93
N LYS B 227 38.49 -46.17 6.68
CA LYS B 227 39.57 -46.78 6.00
C LYS B 227 39.99 -46.15 4.71
N TYR B 228 39.08 -45.50 3.94
CA TYR B 228 39.37 -44.91 2.68
C TYR B 228 39.37 -43.42 2.85
N THR B 229 39.61 -43.01 4.10
CA THR B 229 39.38 -41.67 4.55
C THR B 229 40.49 -41.09 5.34
N ILE B 230 40.83 -39.86 4.99
CA ILE B 230 41.63 -38.98 5.76
C ILE B 230 40.70 -38.13 6.54
N VAL B 231 41.07 -37.91 7.79
CA VAL B 231 40.45 -36.94 8.62
C VAL B 231 41.57 -36.10 9.01
N VAL B 232 41.54 -34.85 8.57
CA VAL B 232 42.52 -33.90 8.97
C VAL B 232 41.75 -33.23 10.03
N SER B 233 42.31 -33.12 11.24
CA SER B 233 41.62 -32.67 12.40
C SER B 233 42.44 -31.61 13.03
N ALA B 234 41.87 -30.42 12.96
CA ALA B 234 42.29 -29.21 13.55
C ALA B 234 41.17 -28.87 14.45
N THR B 235 41.26 -29.17 15.75
CA THR B 235 40.14 -29.06 16.61
C THR B 235 40.10 -27.66 17.10
N ALA B 236 39.05 -27.35 17.88
CA ALA B 236 38.67 -26.04 18.28
C ALA B 236 39.78 -25.29 18.92
N SER B 237 40.52 -25.94 19.79
CA SER B 237 41.63 -25.32 20.42
C SER B 237 42.73 -24.86 19.51
N ASP B 238 43.17 -25.77 18.60
CA ASP B 238 44.27 -25.71 17.68
C ASP B 238 44.69 -24.35 17.24
N ALA B 239 46.03 -24.11 17.17
CA ALA B 239 46.50 -22.80 16.83
C ALA B 239 46.09 -22.48 15.46
N ALA B 240 45.71 -21.23 15.31
CA ALA B 240 45.10 -20.67 14.15
C ALA B 240 45.82 -20.90 12.88
N PRO B 241 47.13 -20.73 12.71
CA PRO B 241 47.71 -20.90 11.41
C PRO B 241 47.64 -22.31 11.06
N LEU B 242 47.59 -23.15 12.07
CA LEU B 242 47.50 -24.54 11.86
C LEU B 242 46.19 -24.89 11.34
N GLN B 243 45.16 -24.29 11.96
CA GLN B 243 43.82 -24.57 11.61
C GLN B 243 43.57 -24.11 10.24
N TYR B 244 44.16 -22.96 9.96
CA TYR B 244 44.23 -22.39 8.69
C TYR B 244 44.93 -23.36 7.75
N LEU B 245 46.03 -23.95 8.17
CA LEU B 245 46.90 -24.63 7.29
C LEU B 245 46.36 -25.87 6.82
N ALA B 246 45.70 -26.56 7.75
CA ALA B 246 45.14 -27.86 7.60
C ALA B 246 44.50 -28.07 6.28
N PRO B 247 43.66 -27.22 5.76
CA PRO B 247 43.07 -27.44 4.46
C PRO B 247 44.03 -27.55 3.35
N TYR B 248 45.07 -26.75 3.36
CA TYR B 248 46.03 -26.66 2.31
C TYR B 248 46.78 -27.89 2.30
N SER B 249 46.98 -28.38 3.50
CA SER B 249 47.61 -29.61 3.74
C SER B 249 46.83 -30.68 3.10
N GLY B 250 45.55 -30.78 3.52
CA GLY B 250 44.57 -31.67 3.00
C GLY B 250 44.51 -31.64 1.55
N CYS B 251 44.59 -30.43 1.01
CA CYS B 251 44.52 -30.17 -0.37
C CYS B 251 45.63 -30.83 -1.08
N SER B 252 46.86 -30.70 -0.59
CA SER B 252 48.03 -31.31 -1.17
C SER B 252 47.90 -32.80 -1.26
N MET B 253 47.39 -33.34 -0.16
CA MET B 253 47.11 -34.72 -0.01
C MET B 253 46.07 -35.23 -0.95
N GLY B 254 45.06 -34.40 -1.28
CA GLY B 254 43.95 -34.84 -2.11
C GLY B 254 44.28 -34.85 -3.55
N GLU B 255 45.18 -33.93 -3.90
CA GLU B 255 45.77 -33.82 -5.19
C GLU B 255 46.56 -35.03 -5.39
N TYR B 256 47.08 -35.53 -4.26
CA TYR B 256 47.85 -36.69 -4.25
C TYR B 256 47.12 -37.76 -4.88
N PHE B 257 45.86 -38.00 -4.55
CA PHE B 257 45.01 -38.86 -5.31
C PHE B 257 44.67 -38.41 -6.65
N ARG B 258 44.40 -37.13 -6.81
CA ARG B 258 43.79 -36.64 -8.00
C ARG B 258 44.60 -36.89 -9.17
N ASP B 259 45.84 -36.52 -9.00
CA ASP B 259 46.81 -36.49 -10.02
C ASP B 259 47.31 -37.80 -10.33
N ASN B 260 46.94 -38.67 -9.43
CA ASN B 260 47.21 -40.05 -9.33
C ASN B 260 45.92 -40.70 -9.65
N GLY B 261 45.15 -40.15 -10.59
CA GLY B 261 44.05 -40.84 -11.19
C GLY B 261 42.84 -40.90 -10.38
N LYS B 262 43.03 -40.94 -9.08
CA LYS B 262 42.04 -41.15 -8.14
C LYS B 262 41.41 -39.92 -7.77
N HIS B 263 40.36 -40.19 -7.01
CA HIS B 263 39.32 -39.29 -6.81
C HIS B 263 39.41 -39.14 -5.41
N ALA B 264 39.57 -37.92 -5.00
CA ALA B 264 39.61 -37.62 -3.64
C ALA B 264 38.52 -36.65 -3.61
N LEU B 265 38.01 -36.49 -2.42
CA LEU B 265 36.94 -35.68 -2.08
C LEU B 265 37.51 -35.07 -0.93
N ILE B 266 37.50 -33.77 -0.90
CA ILE B 266 37.92 -33.09 0.24
C ILE B 266 36.72 -32.36 0.55
N ILE B 267 36.48 -32.38 1.81
CA ILE B 267 35.42 -31.77 2.40
C ILE B 267 36.23 -30.84 3.20
N TYR B 268 36.03 -29.53 2.99
CA TYR B 268 36.73 -28.54 3.77
C TYR B 268 35.81 -28.03 4.80
N ASP B 269 36.09 -28.42 6.05
CA ASP B 269 35.08 -28.35 7.05
C ASP B 269 35.58 -27.65 8.26
N ASP B 270 35.44 -26.34 8.41
CA ASP B 270 34.79 -25.46 7.54
C ASP B 270 35.70 -24.31 7.56
N LEU B 271 35.61 -23.69 6.42
CA LEU B 271 36.36 -22.60 6.03
C LEU B 271 35.99 -21.34 6.69
N SER B 272 34.81 -21.24 7.29
CA SER B 272 34.44 -20.06 8.02
C SER B 272 35.38 -19.89 9.12
N LYS B 273 35.64 -21.00 9.78
CA LYS B 273 36.49 -20.99 10.90
C LYS B 273 37.89 -20.76 10.50
N GLN B 274 38.23 -21.24 9.30
CA GLN B 274 39.55 -21.03 8.81
C GLN B 274 39.81 -19.59 8.62
N ALA B 275 38.85 -18.92 7.98
CA ALA B 275 38.91 -17.55 7.65
C ALA B 275 39.10 -16.72 8.81
N VAL B 276 38.36 -17.07 9.85
CA VAL B 276 38.38 -16.33 11.05
C VAL B 276 39.70 -16.29 11.60
N ALA B 277 40.26 -17.49 11.62
CA ALA B 277 41.52 -17.77 12.18
C ALA B 277 42.47 -17.04 11.41
N TYR B 278 42.31 -17.11 10.12
CA TYR B 278 43.15 -16.48 9.25
C TYR B 278 43.13 -15.01 9.39
N ARG B 279 41.98 -14.41 9.59
CA ARG B 279 41.94 -13.00 9.66
C ARG B 279 42.72 -12.52 10.78
N GLN B 280 42.44 -13.22 11.85
CA GLN B 280 42.94 -13.06 13.13
C GLN B 280 44.39 -13.09 13.02
N MET B 281 44.89 -14.09 12.31
CA MET B 281 46.27 -14.27 12.04
C MET B 281 46.82 -13.05 11.38
N SER B 282 46.18 -12.59 10.32
CA SER B 282 46.55 -11.38 9.62
C SER B 282 46.71 -10.24 10.50
N LEU B 283 45.74 -10.07 11.39
CA LEU B 283 45.60 -8.92 12.20
C LEU B 283 46.66 -8.92 13.19
N LEU B 284 47.03 -10.10 13.62
CA LEU B 284 48.08 -10.24 14.54
C LEU B 284 49.33 -9.90 13.85
N LEU B 285 49.43 -10.24 12.57
CA LEU B 285 50.52 -9.74 11.80
C LEU B 285 50.39 -8.33 11.48
N ARG B 286 49.25 -7.74 11.87
CA ARG B 286 48.92 -6.37 11.72
C ARG B 286 48.91 -6.03 10.31
N ARG B 287 48.76 -7.10 9.55
CA ARG B 287 48.59 -7.15 8.17
C ARG B 287 47.11 -6.96 8.15
N PRO B 288 46.62 -5.92 7.51
CA PRO B 288 45.28 -5.38 7.68
C PRO B 288 44.07 -6.33 7.57
N PRO B 289 42.90 -5.87 8.02
CA PRO B 289 41.61 -6.53 7.87
C PRO B 289 41.10 -6.26 6.50
N GLY B 290 39.79 -6.22 6.36
CA GLY B 290 39.17 -5.71 5.19
C GLY B 290 37.78 -5.76 5.63
N ARG B 291 36.83 -5.79 4.69
CA ARG B 291 35.41 -5.89 4.88
C ARG B 291 35.08 -6.83 5.97
N GLU B 292 34.20 -6.42 6.89
CA GLU B 292 33.88 -7.15 8.09
C GLU B 292 35.06 -7.50 8.93
N ALA B 293 36.06 -6.62 8.88
CA ALA B 293 37.33 -6.76 9.49
C ALA B 293 38.12 -7.85 8.87
N TYR B 294 37.62 -8.52 7.85
CA TYR B 294 38.34 -9.56 7.21
C TYR B 294 39.23 -9.13 6.11
N PRO B 295 40.50 -9.45 6.12
CA PRO B 295 41.47 -9.23 5.07
C PRO B 295 41.07 -9.40 3.67
N GLY B 296 41.73 -8.68 2.76
CA GLY B 296 41.40 -8.62 1.37
C GLY B 296 41.59 -9.85 0.56
N ASP B 297 42.47 -10.80 0.92
CA ASP B 297 42.73 -11.83 -0.06
C ASP B 297 41.87 -13.02 0.08
N VAL B 298 40.87 -12.82 0.87
CA VAL B 298 40.31 -13.95 1.48
C VAL B 298 39.49 -14.72 0.56
N PHE B 299 39.07 -14.12 -0.54
CA PHE B 299 38.40 -14.83 -1.57
C PHE B 299 39.42 -15.62 -2.19
N TYR B 300 40.47 -14.88 -2.52
CA TYR B 300 41.58 -15.31 -3.18
C TYR B 300 42.15 -16.49 -2.53
N LEU B 301 42.13 -16.50 -1.22
CA LEU B 301 42.52 -17.49 -0.34
C LEU B 301 42.03 -18.75 -0.66
N HIS B 302 40.76 -18.75 -0.83
CA HIS B 302 40.13 -19.96 -1.07
C HIS B 302 40.26 -20.22 -2.47
N SER B 303 40.33 -19.16 -3.26
CA SER B 303 40.26 -19.34 -4.65
C SER B 303 41.41 -20.10 -5.11
N ARG B 304 42.58 -19.74 -4.61
CA ARG B 304 43.77 -20.36 -4.98
C ARG B 304 43.75 -21.74 -4.47
N LEU B 305 43.19 -21.92 -3.27
CA LEU B 305 43.09 -23.22 -2.73
C LEU B 305 42.26 -24.13 -3.55
N LEU B 306 41.10 -23.66 -3.94
CA LEU B 306 40.12 -24.47 -4.56
C LEU B 306 40.40 -24.66 -5.98
N GLU B 307 41.12 -23.72 -6.58
CA GLU B 307 41.58 -23.82 -7.91
C GLU B 307 42.56 -24.92 -7.99
N ARG B 308 43.27 -25.18 -6.87
CA ARG B 308 44.12 -26.35 -6.80
C ARG B 308 43.31 -27.61 -6.82
N ALA B 309 42.01 -27.58 -6.44
CA ALA B 309 41.09 -28.68 -6.66
C ALA B 309 40.69 -28.73 -8.10
N ALA B 310 40.44 -29.95 -8.62
CA ALA B 310 40.14 -30.06 -10.02
C ALA B 310 39.55 -31.40 -10.33
N LYS B 311 39.05 -31.52 -11.56
CA LYS B 311 38.72 -32.76 -12.18
C LYS B 311 39.64 -32.77 -13.31
N MET B 312 40.52 -33.74 -13.35
CA MET B 312 41.56 -33.81 -14.29
C MET B 312 41.28 -34.60 -15.46
N ASN B 313 42.18 -34.40 -16.41
CA ASN B 313 42.40 -35.22 -17.53
C ASN B 313 43.26 -36.32 -17.08
N ASP B 314 43.41 -37.16 -18.04
CA ASP B 314 43.87 -38.50 -18.21
C ASP B 314 45.23 -38.63 -17.82
N ALA B 315 45.99 -37.56 -18.05
CA ALA B 315 47.34 -37.43 -17.58
C ALA B 315 47.42 -37.64 -16.08
N PHE B 316 46.32 -37.38 -15.38
CA PHE B 316 46.22 -37.42 -13.96
C PHE B 316 45.42 -38.53 -13.61
N GLY B 317 45.34 -39.48 -14.55
CA GLY B 317 44.53 -40.64 -14.58
C GLY B 317 43.11 -40.23 -14.68
N GLY B 318 42.85 -39.01 -15.14
CA GLY B 318 41.51 -38.49 -15.22
C GLY B 318 41.07 -38.07 -13.86
N GLY B 319 41.94 -38.19 -12.83
CA GLY B 319 41.53 -38.11 -11.47
C GLY B 319 40.91 -36.85 -11.07
N SER B 320 40.49 -36.79 -9.81
CA SER B 320 39.73 -35.67 -9.41
C SER B 320 40.01 -35.48 -7.99
N LEU B 321 39.74 -34.25 -7.60
CA LEU B 321 39.65 -33.86 -6.25
C LEU B 321 38.39 -33.08 -6.33
N THR B 322 37.39 -33.57 -5.60
CA THR B 322 36.08 -33.05 -5.56
C THR B 322 36.09 -32.32 -4.32
N ALA B 323 35.54 -31.13 -4.33
CA ALA B 323 35.69 -30.30 -3.20
C ALA B 323 34.31 -30.14 -2.78
N LEU B 324 34.07 -30.45 -1.52
CA LEU B 324 32.88 -30.07 -0.88
C LEU B 324 33.33 -29.19 0.18
N PRO B 325 33.52 -27.94 -0.10
CA PRO B 325 33.82 -27.00 0.93
C PRO B 325 32.61 -26.76 1.70
N VAL B 326 32.80 -26.36 2.95
CA VAL B 326 31.75 -26.12 3.85
C VAL B 326 31.88 -24.74 4.32
N ILE B 327 30.71 -24.09 4.48
CA ILE B 327 30.57 -22.79 5.00
C ILE B 327 29.49 -22.94 5.97
N GLU B 328 29.78 -22.37 7.12
CA GLU B 328 28.85 -22.23 8.17
C GLU B 328 28.45 -20.82 8.06
N THR B 329 27.17 -20.53 7.81
CA THR B 329 26.73 -19.17 7.80
C THR B 329 26.44 -18.74 9.19
N GLN B 330 26.26 -17.41 9.41
CA GLN B 330 25.84 -16.87 10.68
C GLN B 330 24.57 -16.38 10.17
N ALA B 331 23.49 -16.92 10.72
CA ALA B 331 22.15 -16.59 10.39
C ALA B 331 21.91 -16.54 8.92
N GLY B 332 22.51 -17.48 8.17
CA GLY B 332 22.24 -17.61 6.78
C GLY B 332 22.63 -16.38 6.03
N ASP B 333 23.73 -15.74 6.41
CA ASP B 333 24.05 -14.46 5.86
C ASP B 333 25.28 -14.71 5.09
N VAL B 334 25.13 -14.40 3.79
CA VAL B 334 25.94 -14.95 2.74
C VAL B 334 26.31 -13.91 1.74
N SER B 335 25.59 -12.82 1.90
CA SER B 335 25.76 -11.54 1.30
C SER B 335 27.11 -11.14 1.76
N ALA B 336 27.35 -11.50 3.04
CA ALA B 336 28.57 -11.57 3.74
C ALA B 336 29.62 -11.91 2.81
N TYR B 337 30.61 -11.07 2.89
CA TYR B 337 31.62 -10.74 1.97
C TYR B 337 32.24 -12.00 1.73
N ILE B 338 32.67 -12.66 2.78
CA ILE B 338 33.32 -13.89 2.58
C ILE B 338 32.39 -14.86 1.97
N PRO B 339 31.18 -15.04 2.34
CA PRO B 339 30.36 -15.95 1.64
C PRO B 339 30.19 -15.62 0.26
N THR B 340 29.92 -14.39 -0.08
CA THR B 340 29.81 -13.96 -1.41
C THR B 340 30.99 -14.34 -2.17
N ASN B 341 32.14 -14.23 -1.57
CA ASN B 341 33.39 -14.57 -2.14
C ASN B 341 33.32 -15.94 -2.56
N VAL B 342 32.99 -16.77 -1.62
CA VAL B 342 33.03 -18.16 -1.81
C VAL B 342 32.04 -18.53 -2.84
N ILE B 343 30.90 -17.87 -2.79
CA ILE B 343 29.82 -18.11 -3.65
C ILE B 343 30.20 -17.91 -5.04
N SER B 344 30.94 -16.85 -5.27
CA SER B 344 31.34 -16.52 -6.58
C SER B 344 32.32 -17.51 -7.11
N ILE B 345 32.96 -18.29 -6.23
CA ILE B 345 33.82 -19.32 -6.71
C ILE B 345 33.05 -20.59 -6.99
N THR B 346 32.20 -21.06 -6.04
CA THR B 346 31.67 -22.40 -6.10
C THR B 346 30.85 -22.66 -7.27
N ASP B 347 30.69 -23.95 -7.55
CA ASP B 347 29.95 -24.40 -8.68
C ASP B 347 28.62 -24.76 -8.17
N GLY B 348 28.24 -24.15 -7.04
CA GLY B 348 26.98 -24.41 -6.47
C GLY B 348 27.19 -24.67 -5.05
N GLN B 349 26.06 -24.81 -4.39
CA GLN B 349 25.91 -24.78 -3.01
C GLN B 349 24.87 -25.69 -2.71
N ILE B 350 24.95 -26.22 -1.53
CA ILE B 350 23.96 -26.94 -0.92
C ILE B 350 23.59 -26.05 0.17
N PHE B 351 22.51 -25.36 -0.03
CA PHE B 351 21.90 -24.59 0.96
C PHE B 351 20.99 -25.38 1.85
N LEU B 352 21.20 -25.29 3.17
CA LEU B 352 20.27 -25.91 4.10
C LEU B 352 19.39 -24.92 4.80
N GLU B 353 18.05 -25.20 4.90
CA GLU B 353 17.06 -24.35 5.58
C GLU B 353 16.58 -25.04 6.82
N THR B 354 16.52 -24.32 7.94
CA THR B 354 16.14 -24.91 9.19
C THR B 354 14.78 -25.40 9.29
N GLU B 355 13.82 -24.62 8.82
CA GLU B 355 12.47 -24.90 9.12
C GLU B 355 12.04 -26.27 8.83
N LEU B 356 12.37 -26.80 7.68
CA LEU B 356 12.16 -28.14 7.32
C LEU B 356 12.90 -29.06 8.18
N PHE B 357 14.18 -28.83 8.49
CA PHE B 357 14.91 -29.69 9.41
C PHE B 357 14.16 -29.88 10.66
N TYR B 358 13.65 -28.74 11.15
CA TYR B 358 13.09 -28.47 12.42
C TYR B 358 11.75 -29.10 12.49
N LYS B 359 11.06 -29.04 11.39
CA LYS B 359 9.95 -29.84 11.15
C LYS B 359 10.21 -31.30 11.22
N GLY B 360 11.48 -31.66 11.09
CA GLY B 360 11.98 -32.98 11.17
C GLY B 360 12.36 -33.34 9.78
N ILE B 361 11.86 -32.58 8.78
CA ILE B 361 12.16 -32.78 7.41
C ILE B 361 13.61 -32.71 7.24
N ARG B 362 14.18 -33.88 6.99
CA ARG B 362 15.53 -34.00 6.64
C ARG B 362 15.25 -34.73 5.41
N PRO B 363 15.50 -34.14 4.29
CA PRO B 363 16.23 -32.92 4.09
C PRO B 363 15.44 -31.71 4.48
N ALA B 364 16.19 -30.67 4.84
CA ALA B 364 15.75 -29.50 5.48
C ALA B 364 15.94 -28.34 4.56
N ILE B 365 16.78 -28.55 3.54
CA ILE B 365 17.30 -27.68 2.52
C ILE B 365 16.47 -26.54 2.12
N ASN B 366 17.08 -25.40 1.75
CA ASN B 366 16.32 -24.53 0.91
C ASN B 366 16.93 -24.81 -0.38
N VAL B 367 16.06 -25.41 -1.19
CA VAL B 367 16.29 -25.98 -2.45
C VAL B 367 16.62 -24.94 -3.39
N GLY B 368 15.88 -23.84 -3.35
CA GLY B 368 16.11 -22.68 -4.15
C GLY B 368 17.50 -22.20 -3.95
N LEU B 369 17.98 -22.31 -2.72
CA LEU B 369 19.22 -21.75 -2.33
C LEU B 369 20.29 -22.71 -2.52
N SER B 370 19.93 -23.98 -2.56
CA SER B 370 20.88 -24.96 -2.95
C SER B 370 20.91 -24.79 -4.43
N VAL B 371 22.08 -24.87 -5.06
CA VAL B 371 22.20 -24.55 -6.43
C VAL B 371 23.28 -25.38 -7.05
N SER B 372 23.06 -25.78 -8.32
CA SER B 372 24.06 -26.24 -9.23
C SER B 372 23.84 -25.40 -10.48
N ARG B 373 24.78 -24.49 -10.89
CA ARG B 373 24.62 -23.56 -12.02
C ARG B 373 24.35 -24.36 -13.25
N VAL B 374 25.10 -25.46 -13.44
CA VAL B 374 24.91 -26.35 -14.55
C VAL B 374 25.28 -27.72 -14.07
N GLY B 375 24.57 -28.23 -13.04
CA GLY B 375 24.95 -29.47 -12.40
C GLY B 375 25.03 -30.64 -13.31
N SER B 376 24.20 -30.63 -14.38
CA SER B 376 23.95 -31.79 -15.16
C SER B 376 24.93 -31.71 -16.25
N ALA B 377 26.03 -32.43 -16.06
CA ALA B 377 26.92 -32.68 -17.14
C ALA B 377 27.92 -33.57 -16.53
N ALA B 378 27.54 -34.34 -15.50
CA ALA B 378 28.53 -35.15 -14.91
C ALA B 378 27.84 -35.99 -14.00
N GLN B 379 26.87 -36.76 -14.47
CA GLN B 379 26.15 -37.62 -13.59
C GLN B 379 25.46 -38.62 -14.47
N THR B 380 24.23 -39.07 -14.12
CA THR B 380 23.76 -40.40 -14.41
C THR B 380 22.38 -40.40 -14.97
N ARG B 381 22.19 -41.09 -16.09
CA ARG B 381 20.92 -41.16 -16.71
C ARG B 381 19.81 -41.66 -15.92
N ALA B 382 20.06 -42.67 -15.08
CA ALA B 382 19.06 -43.35 -14.32
C ALA B 382 18.23 -42.42 -13.58
N MET B 383 18.95 -41.67 -12.75
CA MET B 383 18.39 -40.68 -11.93
C MET B 383 17.79 -39.65 -12.76
N LYS B 384 18.52 -39.21 -13.78
CA LYS B 384 18.08 -38.18 -14.65
C LYS B 384 16.77 -38.38 -15.25
N GLN B 385 16.47 -39.63 -15.60
CA GLN B 385 15.29 -39.93 -16.32
C GLN B 385 14.09 -39.67 -15.53
N VAL B 386 14.17 -39.83 -14.23
CA VAL B 386 13.02 -39.57 -13.45
C VAL B 386 13.16 -38.20 -12.89
N ALA B 387 14.39 -37.80 -12.56
CA ALA B 387 14.57 -36.62 -11.78
C ALA B 387 14.24 -35.32 -12.41
N GLY B 388 14.58 -35.10 -13.69
CA GLY B 388 14.30 -33.83 -14.31
C GLY B 388 12.90 -33.36 -14.13
N THR B 389 12.06 -34.29 -14.47
CA THR B 389 10.68 -34.08 -14.56
C THR B 389 10.07 -33.89 -13.24
N MET B 390 10.66 -34.60 -12.30
CA MET B 390 10.25 -34.66 -10.95
C MET B 390 10.49 -33.38 -10.29
N LYS B 391 11.67 -32.86 -10.57
CA LYS B 391 12.18 -31.67 -10.01
C LYS B 391 11.26 -30.54 -10.27
N LEU B 392 10.80 -30.58 -11.49
CA LEU B 392 9.87 -29.68 -12.00
C LEU B 392 8.58 -29.83 -11.29
N GLU B 393 8.14 -31.06 -11.01
CA GLU B 393 6.83 -31.25 -10.43
C GLU B 393 6.83 -30.71 -9.07
N LEU B 394 7.98 -30.79 -8.45
CA LEU B 394 8.11 -30.33 -7.14
C LEU B 394 8.08 -28.91 -7.15
N ALA B 395 8.63 -28.32 -8.20
CA ALA B 395 8.54 -26.92 -8.29
C ALA B 395 7.18 -26.51 -8.26
N GLN B 396 6.41 -27.12 -9.09
CA GLN B 396 5.06 -26.76 -9.20
C GLN B 396 4.27 -26.94 -8.02
N TYR B 397 4.54 -28.03 -7.37
CA TYR B 397 3.98 -28.33 -6.12
C TYR B 397 4.27 -27.27 -5.10
N ARG B 398 5.49 -26.79 -5.12
CA ARG B 398 5.96 -25.90 -4.14
C ARG B 398 5.39 -24.55 -4.22
N GLU B 399 5.22 -24.18 -5.45
CA GLU B 399 5.14 -22.88 -5.98
C GLU B 399 4.08 -21.94 -5.50
N VAL B 400 2.99 -22.49 -5.00
CA VAL B 400 1.76 -21.84 -5.28
C VAL B 400 1.27 -20.89 -4.23
N ALA B 401 1.98 -20.79 -3.11
CA ALA B 401 1.77 -19.66 -2.23
C ALA B 401 2.04 -18.30 -2.93
N LEU B 410 -9.35 -28.29 -4.19
CA LEU B 410 -8.77 -27.20 -5.01
C LEU B 410 -8.55 -27.71 -6.39
N ASP B 411 -7.67 -27.09 -7.22
CA ASP B 411 -7.43 -27.59 -8.56
C ASP B 411 -6.93 -28.95 -8.39
N ALA B 412 -7.49 -29.91 -9.14
CA ALA B 412 -7.25 -31.29 -8.91
C ALA B 412 -5.84 -31.57 -9.09
N ALA B 413 -5.32 -30.95 -10.15
CA ALA B 413 -3.98 -30.83 -10.53
C ALA B 413 -3.13 -30.42 -9.39
N THR B 414 -3.47 -29.28 -8.80
CA THR B 414 -2.56 -28.70 -7.87
C THR B 414 -2.55 -29.44 -6.60
N GLN B 415 -3.72 -29.87 -6.20
CA GLN B 415 -3.98 -30.69 -5.08
C GLN B 415 -3.24 -31.95 -5.21
N GLN B 416 -3.18 -32.44 -6.44
CA GLN B 416 -2.42 -33.54 -6.84
C GLN B 416 -0.98 -33.25 -6.64
N LEU B 417 -0.44 -32.18 -7.21
CA LEU B 417 0.94 -31.82 -7.09
C LEU B 417 1.41 -31.80 -5.69
N LEU B 418 0.51 -31.34 -4.83
CA LEU B 418 0.66 -31.28 -3.45
C LEU B 418 0.71 -32.60 -2.86
N SER B 419 -0.20 -33.49 -3.25
CA SER B 419 -0.21 -34.84 -2.83
C SER B 419 1.06 -35.47 -3.14
N ARG B 420 1.43 -35.39 -4.41
CA ARG B 420 2.63 -35.90 -4.94
C ARG B 420 3.75 -35.40 -4.25
N GLY B 421 3.74 -34.11 -4.12
CA GLY B 421 4.78 -33.35 -3.61
C GLY B 421 5.07 -33.82 -2.28
N VAL B 422 4.05 -33.90 -1.44
CA VAL B 422 4.21 -34.39 -0.12
C VAL B 422 4.71 -35.78 -0.09
N ARG B 423 4.32 -36.62 -1.05
CA ARG B 423 4.75 -37.99 -1.12
C ARG B 423 6.20 -38.00 -1.35
N LEU B 424 6.59 -37.20 -2.33
CA LEU B 424 7.91 -37.01 -2.76
C LEU B 424 8.71 -36.43 -1.69
N THR B 425 8.12 -35.63 -0.80
CA THR B 425 8.86 -35.06 0.29
C THR B 425 9.35 -36.12 1.12
N GLU B 426 8.50 -37.12 1.36
CA GLU B 426 8.89 -38.26 2.13
C GLU B 426 9.92 -38.99 1.44
N LEU B 427 9.75 -39.01 0.12
CA LEU B 427 10.62 -39.76 -0.68
C LEU B 427 11.98 -39.18 -0.71
N LEU B 428 12.10 -37.86 -0.67
CA LEU B 428 13.39 -37.27 -0.59
C LEU B 428 13.83 -37.19 0.80
N LYS B 429 12.87 -37.38 1.71
CA LYS B 429 13.18 -37.50 3.07
C LYS B 429 13.76 -38.78 3.34
N GLN B 430 15.03 -38.63 3.70
CA GLN B 430 15.81 -39.68 4.21
C GLN B 430 16.39 -38.81 5.23
N GLY B 431 16.34 -39.28 6.47
CA GLY B 431 16.78 -38.49 7.56
C GLY B 431 18.24 -38.49 7.52
N GLN B 432 18.82 -38.01 8.61
CA GLN B 432 20.20 -38.17 8.90
C GLN B 432 20.32 -39.65 9.11
N TYR B 433 21.50 -40.24 8.86
CA TYR B 433 21.76 -41.66 8.98
C TYR B 433 20.85 -42.46 8.12
N SER B 434 21.07 -42.41 6.79
CA SER B 434 20.23 -43.03 5.81
C SER B 434 20.89 -43.23 4.45
N PRO B 435 22.18 -43.17 4.13
CA PRO B 435 22.67 -43.24 2.76
C PRO B 435 22.42 -44.53 2.05
N MET B 436 22.60 -44.51 0.73
CA MET B 436 22.08 -45.52 -0.12
C MET B 436 22.87 -45.79 -1.35
N ALA B 437 22.68 -47.00 -1.92
CA ALA B 437 22.98 -47.22 -3.31
C ALA B 437 21.91 -46.56 -4.13
N ILE B 438 22.34 -45.98 -5.26
CA ILE B 438 21.56 -45.12 -6.10
C ILE B 438 20.32 -45.70 -6.63
N GLU B 439 20.40 -46.96 -6.97
CA GLU B 439 19.42 -47.71 -7.68
C GLU B 439 18.20 -47.78 -6.83
N GLU B 440 18.41 -47.91 -5.52
CA GLU B 440 17.35 -47.94 -4.57
C GLU B 440 16.59 -46.68 -4.62
N GLN B 441 17.36 -45.61 -4.74
CA GLN B 441 16.85 -44.31 -4.79
C GLN B 441 16.04 -44.08 -6.01
N VAL B 442 16.56 -44.41 -7.20
CA VAL B 442 15.87 -44.16 -8.44
C VAL B 442 14.59 -44.88 -8.45
N ALA B 443 14.61 -46.10 -7.90
CA ALA B 443 13.47 -46.95 -7.84
C ALA B 443 12.34 -46.32 -7.14
N VAL B 444 12.63 -45.73 -6.00
CA VAL B 444 11.56 -45.30 -5.16
C VAL B 444 11.06 -44.05 -5.74
N ILE B 445 11.97 -43.29 -6.37
CA ILE B 445 11.65 -42.06 -6.99
C ILE B 445 10.73 -42.29 -8.11
N TYR B 446 11.01 -43.31 -8.92
CA TYR B 446 10.20 -43.72 -9.99
C TYR B 446 8.77 -43.89 -9.56
N ALA B 447 8.59 -44.55 -8.42
CA ALA B 447 7.30 -44.89 -7.92
C ALA B 447 6.47 -43.69 -7.73
N GLY B 448 7.15 -42.69 -7.18
CA GLY B 448 6.58 -41.51 -6.69
C GLY B 448 6.22 -40.76 -7.87
N VAL B 449 7.10 -40.73 -8.88
CA VAL B 449 6.81 -40.04 -10.08
C VAL B 449 5.73 -40.72 -10.83
N ARG B 450 5.39 -41.98 -10.51
CA ARG B 450 4.21 -42.49 -11.12
C ARG B 450 3.03 -42.28 -10.30
N GLY B 451 3.11 -41.51 -9.22
CA GLY B 451 1.94 -41.15 -8.47
C GLY B 451 1.39 -42.29 -7.74
N TYR B 452 2.20 -43.36 -7.68
CA TYR B 452 1.84 -44.58 -7.09
C TYR B 452 1.60 -44.34 -5.65
N LEU B 453 2.54 -43.56 -5.11
CA LEU B 453 2.60 -43.05 -3.79
C LEU B 453 1.50 -42.12 -3.43
N ASP B 454 0.85 -41.49 -4.42
CA ASP B 454 -0.16 -40.51 -4.13
C ASP B 454 -1.39 -41.22 -3.69
N LYS B 455 -1.45 -42.51 -4.03
CA LYS B 455 -2.45 -43.42 -3.60
C LYS B 455 -2.06 -43.95 -2.26
N LEU B 456 -1.42 -43.16 -1.38
CA LEU B 456 -1.07 -43.60 -0.07
C LEU B 456 -1.10 -42.41 0.79
N GLU B 457 -1.34 -42.63 2.09
CA GLU B 457 -1.27 -41.60 3.07
C GLU B 457 0.18 -41.29 3.16
N PRO B 458 0.53 -40.05 3.26
CA PRO B 458 1.88 -39.65 3.37
C PRO B 458 2.72 -40.31 4.45
N SER B 459 2.19 -40.63 5.66
CA SER B 459 3.00 -41.30 6.65
C SER B 459 3.37 -42.65 6.22
N LYS B 460 2.51 -43.22 5.40
CA LYS B 460 2.70 -44.57 5.06
C LYS B 460 3.51 -44.62 3.88
N ILE B 461 3.85 -43.49 3.30
CA ILE B 461 4.81 -43.49 2.24
C ILE B 461 6.05 -43.94 2.81
N THR B 462 6.39 -43.35 3.95
CA THR B 462 7.59 -43.67 4.59
C THR B 462 7.68 -45.04 5.03
N LYS B 463 6.59 -45.53 5.53
CA LYS B 463 6.55 -46.83 6.04
C LYS B 463 6.68 -47.84 4.98
N PHE B 464 5.91 -47.58 3.92
CA PHE B 464 5.81 -48.31 2.71
C PHE B 464 7.11 -48.45 2.12
N GLU B 465 7.80 -47.34 2.03
CA GLU B 465 9.06 -47.15 1.43
C GLU B 465 10.01 -48.06 2.06
N ASN B 466 9.98 -48.17 3.39
CA ASN B 466 10.88 -49.04 4.09
C ASN B 466 10.71 -50.47 3.71
N ALA B 467 9.44 -50.86 3.65
CA ALA B 467 9.01 -52.22 3.40
C ALA B 467 9.29 -52.60 2.03
N PHE B 468 8.93 -51.68 1.16
CA PHE B 468 9.09 -51.72 -0.23
C PHE B 468 10.50 -51.91 -0.51
N LEU B 469 11.33 -51.19 0.24
CA LEU B 469 12.70 -51.18 -0.08
C LEU B 469 13.26 -52.49 0.20
N SER B 470 12.99 -53.03 1.38
CA SER B 470 13.38 -54.36 1.69
C SER B 470 12.77 -55.37 0.79
N HIS B 471 11.60 -55.07 0.20
CA HIS B 471 10.98 -55.92 -0.76
C HIS B 471 11.77 -55.99 -2.03
N VAL B 472 12.12 -54.87 -2.66
CA VAL B 472 12.88 -54.88 -3.88
C VAL B 472 14.23 -55.37 -3.60
N ILE B 473 14.75 -55.09 -2.42
CA ILE B 473 16.05 -55.50 -2.02
C ILE B 473 16.06 -56.94 -2.05
N SER B 474 15.01 -57.52 -1.50
CA SER B 474 14.86 -58.91 -1.48
C SER B 474 14.76 -59.38 -2.88
N GLN B 475 13.77 -58.94 -3.59
CA GLN B 475 13.43 -59.55 -4.80
C GLN B 475 14.15 -59.04 -5.96
N HIS B 476 13.97 -57.75 -6.11
CA HIS B 476 14.27 -57.07 -7.31
C HIS B 476 15.55 -56.45 -7.18
N GLN B 477 16.39 -57.00 -6.31
CA GLN B 477 17.78 -56.77 -6.27
C GLN B 477 18.34 -57.13 -7.58
N ALA B 478 17.69 -58.11 -8.21
CA ALA B 478 17.86 -58.50 -9.57
C ALA B 478 17.82 -57.31 -10.45
N LEU B 479 16.68 -56.64 -10.37
CA LEU B 479 16.36 -55.53 -11.17
C LEU B 479 17.21 -54.38 -10.89
N LEU B 480 17.50 -54.14 -9.62
CA LEU B 480 18.26 -53.03 -9.17
C LEU B 480 19.65 -53.14 -9.64
N GLY B 481 20.20 -54.35 -9.50
CA GLY B 481 21.46 -54.77 -10.03
C GLY B 481 21.52 -54.40 -11.44
N LYS B 482 20.45 -54.71 -12.19
CA LYS B 482 20.37 -54.34 -13.56
C LYS B 482 20.33 -52.90 -13.75
N ILE B 483 19.59 -52.15 -12.96
CA ILE B 483 19.35 -50.75 -13.22
C ILE B 483 20.60 -50.00 -13.04
N ARG B 484 21.35 -50.45 -12.05
CA ARG B 484 22.66 -50.05 -11.69
C ARG B 484 23.49 -50.35 -12.85
N THR B 485 23.31 -51.55 -13.41
CA THR B 485 23.99 -51.93 -14.61
C THR B 485 23.67 -50.99 -15.76
N ASP B 486 22.41 -50.76 -16.17
CA ASP B 486 22.16 -50.00 -17.36
C ASP B 486 22.61 -48.56 -17.28
N GLY B 487 22.83 -48.00 -16.08
CA GLY B 487 23.29 -46.63 -15.94
C GLY B 487 22.18 -45.65 -16.19
N LYS B 488 21.02 -46.21 -16.46
CA LYS B 488 19.84 -45.58 -16.92
C LYS B 488 18.85 -46.54 -16.43
N ILE B 489 17.59 -46.22 -16.67
CA ILE B 489 16.48 -47.03 -16.31
C ILE B 489 16.07 -47.53 -17.64
N SER B 490 15.90 -48.86 -17.79
CA SER B 490 15.35 -49.35 -19.01
C SER B 490 13.89 -49.46 -18.78
N GLU B 491 13.14 -49.15 -19.83
CA GLU B 491 11.75 -49.26 -20.18
C GLU B 491 11.22 -50.60 -19.87
N GLU B 492 12.08 -51.59 -20.20
CA GLU B 492 11.88 -52.95 -19.96
C GLU B 492 11.82 -53.14 -18.49
N SER B 493 12.90 -52.66 -17.82
CA SER B 493 13.11 -52.74 -16.41
C SER B 493 11.97 -52.11 -15.75
N ASP B 494 11.51 -50.97 -16.30
CA ASP B 494 10.38 -50.19 -15.96
C ASP B 494 9.19 -51.04 -15.96
N ALA B 495 8.96 -51.89 -16.95
CA ALA B 495 7.77 -52.65 -16.97
C ALA B 495 7.87 -53.66 -15.87
N LYS B 496 9.06 -54.26 -15.68
CA LYS B 496 9.21 -55.21 -14.61
C LYS B 496 9.01 -54.55 -13.29
N LEU B 497 9.61 -53.37 -13.15
CA LEU B 497 9.64 -52.51 -12.02
C LEU B 497 8.36 -52.01 -11.68
N LYS B 498 7.62 -51.56 -12.66
CA LYS B 498 6.32 -51.02 -12.56
C LYS B 498 5.54 -51.99 -11.91
N GLU B 499 5.76 -53.20 -12.39
CA GLU B 499 5.04 -54.30 -12.00
C GLU B 499 5.39 -54.68 -10.68
N ILE B 500 6.64 -54.61 -10.31
CA ILE B 500 7.15 -54.91 -9.03
C ILE B 500 6.57 -54.09 -8.02
N VAL B 501 6.68 -52.81 -8.31
CA VAL B 501 6.39 -51.69 -7.50
C VAL B 501 4.99 -51.77 -7.24
N THR B 502 4.19 -51.98 -8.28
CA THR B 502 2.78 -52.08 -8.24
C THR B 502 2.44 -53.22 -7.40
N ASN B 503 3.21 -54.31 -7.47
CA ASN B 503 2.84 -55.48 -6.76
C ASN B 503 3.08 -55.22 -5.35
N PHE B 504 4.19 -54.61 -5.01
CA PHE B 504 4.46 -54.26 -3.67
C PHE B 504 3.51 -53.30 -3.14
N LEU B 505 3.21 -52.28 -3.97
CA LEU B 505 2.39 -51.13 -3.81
C LEU B 505 1.11 -51.65 -3.39
N ALA B 506 0.31 -52.06 -4.37
CA ALA B 506 -0.94 -52.72 -4.23
C ALA B 506 -0.97 -53.71 -3.11
N GLY B 507 0.11 -54.50 -3.09
CA GLY B 507 0.44 -55.59 -2.23
C GLY B 507 1.12 -55.25 -0.99
N PHE B 508 0.80 -54.09 -0.47
CA PHE B 508 1.32 -53.62 0.73
C PHE B 508 0.96 -52.20 0.60
N GLU B 509 -0.23 -51.93 0.05
CA GLU B 509 -0.60 -50.57 -0.19
C GLU B 509 -1.28 -50.27 1.09
N ALA B 510 -1.93 -51.30 1.63
CA ALA B 510 -2.23 -51.40 3.02
C ALA B 510 -1.19 -52.39 3.50
N ASP C 24 69.48 36.22 -7.98
CA ASP C 24 69.74 35.11 -7.03
C ASP C 24 69.49 33.77 -7.63
N LEU C 25 68.88 32.86 -6.85
CA LEU C 25 68.59 31.55 -7.32
C LEU C 25 67.12 31.49 -7.56
N GLU C 26 66.68 30.57 -8.45
CA GLU C 26 65.28 30.40 -8.72
C GLU C 26 64.74 29.37 -7.78
N GLU C 27 63.42 29.45 -7.49
CA GLU C 27 62.83 28.51 -6.58
C GLU C 27 62.84 27.17 -7.25
N THR C 28 63.77 26.29 -6.85
CA THR C 28 63.76 24.97 -7.41
C THR C 28 63.46 24.08 -6.27
N GLY C 29 63.14 22.82 -6.56
CA GLY C 29 62.69 21.97 -5.48
C GLY C 29 62.65 20.64 -6.09
N ARG C 30 62.55 19.58 -5.31
CA ARG C 30 62.43 18.23 -5.69
C ARG C 30 61.29 17.50 -5.21
N VAL C 31 60.81 16.55 -5.95
CA VAL C 31 59.82 15.59 -5.67
C VAL C 31 60.51 14.76 -4.71
N LEU C 32 60.06 14.70 -3.47
CA LEU C 32 60.70 13.79 -2.58
C LEU C 32 60.39 12.36 -2.97
N SER C 33 59.10 12.04 -3.16
CA SER C 33 58.73 10.70 -3.45
C SER C 33 57.54 10.87 -4.18
N ILE C 34 57.29 9.91 -5.03
CA ILE C 34 56.16 10.02 -5.80
C ILE C 34 55.65 8.69 -6.06
N GLY C 35 54.37 8.61 -5.91
CA GLY C 35 53.69 7.49 -6.31
C GLY C 35 52.41 7.99 -5.94
N ASP C 36 51.46 7.61 -6.79
CA ASP C 36 50.07 7.67 -6.53
C ASP C 36 49.61 9.05 -6.79
N GLY C 37 50.42 9.82 -7.53
CA GLY C 37 50.10 11.17 -7.84
C GLY C 37 50.31 11.99 -6.62
N ILE C 38 51.08 11.46 -5.66
CA ILE C 38 51.26 12.15 -4.45
C ILE C 38 52.69 12.25 -4.35
N ALA C 39 53.09 13.50 -4.46
CA ALA C 39 54.45 13.83 -4.48
C ALA C 39 54.58 14.47 -3.20
N ARG C 40 55.40 13.89 -2.37
CA ARG C 40 55.81 14.55 -1.20
C ARG C 40 56.96 15.30 -1.68
N VAL C 41 57.01 16.61 -1.46
CA VAL C 41 57.85 17.48 -2.21
C VAL C 41 58.73 18.26 -1.37
N HIS C 42 59.95 18.23 -1.77
CA HIS C 42 60.97 18.98 -1.26
C HIS C 42 60.93 20.30 -1.92
N GLY C 43 61.08 21.19 -0.96
CA GLY C 43 61.57 22.51 -0.96
C GLY C 43 60.44 23.40 -1.08
N LEU C 44 60.64 24.42 -1.91
CA LEU C 44 59.66 25.35 -2.36
C LEU C 44 58.83 25.93 -1.26
N ARG C 45 59.45 26.56 -0.27
CA ARG C 45 58.86 26.86 1.03
C ARG C 45 57.95 28.02 0.98
N ASN C 46 58.15 28.69 -0.10
CA ASN C 46 57.71 29.94 -0.49
C ASN C 46 56.35 29.73 -0.98
N VAL C 47 56.05 28.46 -1.30
CA VAL C 47 54.82 27.97 -1.79
C VAL C 47 53.62 28.65 -1.27
N GLN C 48 52.86 29.20 -2.21
CA GLN C 48 51.63 29.85 -1.99
C GLN C 48 50.64 28.74 -2.03
N ALA C 49 49.56 28.77 -1.26
CA ALA C 49 48.62 27.71 -1.29
C ALA C 49 47.79 27.59 -2.54
N GLU C 50 47.89 26.38 -3.12
CA GLU C 50 47.32 25.87 -4.35
C GLU C 50 47.93 26.46 -5.49
N GLU C 51 49.21 26.52 -5.31
CA GLU C 51 50.05 26.97 -6.29
C GLU C 51 50.22 25.81 -7.16
N MET C 52 50.16 26.14 -8.43
CA MET C 52 50.49 25.36 -9.51
C MET C 52 51.96 25.16 -9.44
N VAL C 53 52.42 23.92 -9.58
CA VAL C 53 53.83 23.71 -9.71
C VAL C 53 54.00 23.15 -11.05
N GLU C 54 55.27 23.06 -11.46
CA GLU C 54 55.56 22.52 -12.71
C GLU C 54 56.59 21.52 -12.41
N PHE C 55 56.35 20.37 -13.01
CA PHE C 55 57.07 19.20 -12.87
C PHE C 55 58.06 19.00 -13.93
N SER C 56 59.03 18.18 -13.57
CA SER C 56 59.99 17.56 -14.42
C SER C 56 59.33 16.83 -15.54
N SER C 57 58.14 16.30 -15.30
CA SER C 57 57.47 15.52 -16.29
C SER C 57 56.71 16.43 -17.19
N GLY C 58 56.88 17.73 -16.98
CA GLY C 58 56.23 18.78 -17.69
C GLY C 58 54.86 18.88 -17.14
N LEU C 59 54.52 18.09 -16.13
CA LEU C 59 53.21 18.11 -15.62
C LEU C 59 53.03 19.17 -14.65
N LYS C 60 51.77 19.39 -14.40
CA LYS C 60 51.35 20.32 -13.46
C LYS C 60 50.91 19.68 -12.24
N GLY C 61 50.92 20.46 -11.14
CA GLY C 61 50.44 19.91 -9.91
C GLY C 61 49.89 20.99 -9.07
N MET C 62 49.30 20.61 -7.93
CA MET C 62 48.83 21.61 -7.03
C MET C 62 49.30 21.22 -5.74
N SER C 63 49.77 22.24 -5.05
CA SER C 63 50.44 22.13 -3.81
C SER C 63 49.35 22.14 -2.84
N LEU C 64 48.87 20.96 -2.49
CA LEU C 64 47.73 20.88 -1.67
C LEU C 64 48.02 20.91 -0.20
N ASN C 65 48.93 20.06 0.19
CA ASN C 65 49.36 19.90 1.52
C ASN C 65 50.64 20.50 1.57
N LEU C 66 50.68 21.52 2.40
CA LEU C 66 51.80 22.26 2.76
C LEU C 66 52.04 21.63 4.08
N GLU C 67 53.09 20.84 4.17
CA GLU C 67 53.41 19.99 5.26
C GLU C 67 54.52 20.72 5.84
N PRO C 68 54.96 20.40 7.03
CA PRO C 68 55.99 21.11 7.72
C PRO C 68 57.20 21.17 6.92
N ASP C 69 57.55 20.07 6.25
CA ASP C 69 58.81 20.01 5.57
C ASP C 69 58.58 19.57 4.17
N ASN C 70 57.33 19.50 3.68
CA ASN C 70 57.25 19.06 2.33
C ASN C 70 55.97 19.46 1.82
N VAL C 71 55.79 19.20 0.55
CA VAL C 71 54.59 19.56 -0.10
C VAL C 71 53.98 18.30 -0.62
N GLY C 72 52.75 17.99 -0.21
CA GLY C 72 51.95 16.96 -0.76
C GLY C 72 51.38 17.60 -1.95
N VAL C 73 51.68 17.04 -3.12
CA VAL C 73 51.37 17.66 -4.36
C VAL C 73 50.53 16.73 -5.11
N VAL C 74 49.36 17.24 -5.53
CA VAL C 74 48.47 16.52 -6.37
C VAL C 74 48.97 16.65 -7.77
N VAL C 75 49.04 15.49 -8.44
CA VAL C 75 49.55 15.34 -9.77
C VAL C 75 48.38 15.41 -10.67
N PHE C 76 48.51 16.30 -11.64
CA PHE C 76 47.48 16.57 -12.55
C PHE C 76 47.77 15.60 -13.60
N GLY C 77 46.81 14.69 -13.79
CA GLY C 77 47.02 13.61 -14.69
C GLY C 77 47.70 12.53 -13.91
N ASN C 78 48.47 11.73 -14.65
CA ASN C 78 49.12 10.50 -14.28
C ASN C 78 50.42 10.82 -13.66
N ASP C 79 50.96 9.79 -13.00
CA ASP C 79 52.26 9.75 -12.46
C ASP C 79 52.81 8.40 -12.84
N LYS C 80 53.98 8.42 -13.45
CA LYS C 80 54.87 7.30 -13.64
C LYS C 80 56.00 7.85 -14.40
N LEU C 81 55.78 9.08 -14.92
CA LEU C 81 56.65 9.93 -15.65
C LEU C 81 57.71 10.38 -14.71
N ILE C 82 57.19 10.72 -13.54
CA ILE C 82 57.87 11.17 -12.39
C ILE C 82 58.48 10.00 -11.68
N LYS C 83 59.40 10.33 -10.76
CA LYS C 83 60.04 9.40 -9.92
C LYS C 83 60.63 10.24 -8.85
N GLU C 84 61.22 9.57 -7.86
CA GLU C 84 61.75 10.22 -6.71
C GLU C 84 62.83 11.19 -7.07
N GLY C 85 62.94 12.26 -6.28
CA GLY C 85 63.98 13.27 -6.29
C GLY C 85 63.89 14.21 -7.41
N ASP C 86 62.94 14.02 -8.31
CA ASP C 86 62.79 14.80 -9.50
C ASP C 86 62.55 16.21 -9.19
N ILE C 87 62.96 17.16 -10.00
CA ILE C 87 62.75 18.53 -9.66
C ILE C 87 61.40 19.03 -9.99
N VAL C 88 60.89 19.73 -9.01
CA VAL C 88 59.67 20.37 -8.99
C VAL C 88 60.14 21.75 -8.92
N LYS C 89 59.62 22.55 -9.80
CA LYS C 89 59.95 23.91 -9.79
C LYS C 89 58.64 24.43 -9.52
N ARG C 90 58.63 25.49 -8.72
CA ARG C 90 57.44 26.25 -8.52
C ARG C 90 57.11 26.83 -9.82
N THR C 91 55.82 27.05 -9.98
CA THR C 91 55.35 27.82 -11.08
C THR C 91 55.05 29.09 -10.43
N GLY C 92 54.85 29.02 -9.11
CA GLY C 92 54.72 30.18 -8.33
C GLY C 92 53.40 30.78 -8.54
N ALA C 93 52.40 30.06 -9.08
CA ALA C 93 51.15 30.69 -9.31
C ALA C 93 50.10 29.88 -8.69
N ILE C 94 49.12 30.52 -8.01
CA ILE C 94 47.87 29.88 -7.71
C ILE C 94 47.12 29.99 -8.98
N VAL C 95 46.55 28.89 -9.40
CA VAL C 95 45.84 28.77 -10.63
C VAL C 95 44.73 29.73 -10.94
N ASP C 96 44.56 29.94 -12.26
CA ASP C 96 43.59 30.74 -12.91
C ASP C 96 43.16 29.90 -14.10
N VAL C 97 42.05 30.25 -14.76
CA VAL C 97 41.51 29.52 -15.85
C VAL C 97 41.18 30.50 -16.86
N PRO C 98 41.16 30.18 -18.12
CA PRO C 98 40.68 31.09 -19.11
C PRO C 98 39.23 31.34 -18.91
N VAL C 99 38.75 32.56 -19.16
CA VAL C 99 37.37 32.83 -19.11
C VAL C 99 37.16 33.61 -20.35
N GLY C 100 35.90 33.59 -20.84
CA GLY C 100 35.57 34.24 -22.06
C GLY C 100 34.36 33.58 -22.60
N GLU C 101 33.92 33.99 -23.80
CA GLU C 101 32.60 33.73 -24.29
C GLU C 101 32.66 33.30 -25.71
N GLU C 102 33.88 32.98 -26.13
CA GLU C 102 34.25 32.46 -27.40
C GLU C 102 34.01 31.01 -27.21
N LEU C 103 34.22 30.68 -25.93
CA LEU C 103 33.92 29.57 -25.13
C LEU C 103 32.53 29.16 -25.30
N LEU C 104 31.68 30.15 -25.60
CA LEU C 104 30.36 29.87 -25.98
C LEU C 104 30.52 29.48 -27.39
N GLY C 105 30.46 28.18 -27.61
CA GLY C 105 30.85 27.62 -28.84
C GLY C 105 32.22 27.09 -28.63
N ARG C 106 32.47 26.37 -27.52
CA ARG C 106 33.74 25.71 -27.31
C ARG C 106 33.49 24.60 -26.38
N VAL C 107 34.09 23.40 -26.67
CA VAL C 107 34.17 22.36 -25.67
C VAL C 107 35.60 22.32 -25.33
N VAL C 108 35.85 22.59 -24.09
CA VAL C 108 37.14 22.60 -23.58
C VAL C 108 37.13 21.75 -22.42
N ASP C 109 38.32 21.38 -22.01
CA ASP C 109 38.51 20.88 -20.69
C ASP C 109 38.47 22.09 -19.80
N ALA C 110 38.61 21.86 -18.50
CA ALA C 110 38.62 22.89 -17.50
C ALA C 110 39.66 23.96 -17.68
N LEU C 111 40.90 23.60 -18.04
CA LEU C 111 41.97 24.54 -18.24
C LEU C 111 41.75 25.38 -19.42
N GLY C 112 40.73 24.98 -20.17
CA GLY C 112 40.28 25.62 -21.33
C GLY C 112 41.20 25.16 -22.35
N ASN C 113 41.09 23.87 -22.72
CA ASN C 113 41.93 23.40 -23.77
C ASN C 113 41.04 22.60 -24.62
N ALA C 114 41.30 22.77 -25.92
CA ALA C 114 40.60 22.35 -27.09
C ALA C 114 40.56 20.88 -27.20
N ILE C 115 39.81 20.23 -26.32
CA ILE C 115 39.61 18.82 -26.39
C ILE C 115 38.72 18.54 -27.54
N ASP C 116 37.93 19.56 -27.89
CA ASP C 116 37.19 19.64 -29.10
C ASP C 116 38.05 19.39 -30.29
N GLY C 117 39.29 19.92 -30.30
CA GLY C 117 40.19 19.76 -31.39
C GLY C 117 40.02 20.95 -32.28
N LYS C 118 39.22 21.94 -31.85
CA LYS C 118 39.05 23.20 -32.51
C LYS C 118 40.33 23.91 -32.52
N GLY C 119 41.08 23.79 -31.42
CA GLY C 119 42.34 24.41 -31.33
C GLY C 119 42.09 25.81 -30.89
N PRO C 120 43.17 26.58 -30.82
CA PRO C 120 43.34 27.89 -30.24
C PRO C 120 42.10 28.58 -29.96
N ILE C 121 41.78 28.38 -28.71
CA ILE C 121 40.54 28.74 -28.21
C ILE C 121 40.64 30.20 -28.00
N GLY C 122 39.50 30.88 -28.14
CA GLY C 122 39.45 32.28 -27.91
C GLY C 122 39.17 32.24 -26.45
N SER C 123 39.99 32.88 -25.64
CA SER C 123 40.10 32.51 -24.26
C SER C 123 40.88 33.61 -23.66
N LYS C 124 40.57 34.79 -24.21
CA LYS C 124 41.22 36.04 -24.04
C LYS C 124 41.53 36.35 -22.63
N ALA C 125 40.56 36.13 -21.74
CA ALA C 125 40.78 36.33 -20.37
C ALA C 125 41.21 35.03 -19.88
N ARG C 126 41.88 35.16 -18.77
CA ARG C 126 41.95 34.09 -17.91
C ARG C 126 41.74 34.79 -16.67
N ARG C 127 41.35 34.04 -15.68
CA ARG C 127 40.82 34.64 -14.56
C ARG C 127 41.08 33.63 -13.57
N ARG C 128 41.43 34.09 -12.39
CA ARG C 128 41.67 33.26 -11.29
C ARG C 128 40.46 32.53 -10.89
N VAL C 129 40.63 31.24 -10.66
CA VAL C 129 39.55 30.41 -10.27
C VAL C 129 39.04 30.70 -8.90
N GLY C 130 39.85 31.33 -8.02
CA GLY C 130 39.51 31.43 -6.63
C GLY C 130 38.96 32.77 -6.33
N LEU C 131 37.93 33.20 -7.07
CA LEU C 131 37.45 34.54 -6.88
C LEU C 131 36.11 34.44 -6.32
N LYS C 132 36.03 35.07 -5.13
CA LYS C 132 34.94 34.85 -4.27
C LYS C 132 33.61 35.28 -4.72
N ALA C 133 32.68 34.57 -4.08
CA ALA C 133 31.28 34.66 -4.14
C ALA C 133 30.94 36.07 -3.68
N PRO C 134 30.03 36.77 -4.29
CA PRO C 134 29.70 38.14 -3.96
C PRO C 134 29.08 38.38 -2.63
N GLY C 135 29.13 39.64 -2.17
CA GLY C 135 28.59 40.05 -0.90
C GLY C 135 27.12 40.07 -0.89
N ILE C 136 26.60 40.40 0.32
CA ILE C 136 25.19 40.43 0.66
C ILE C 136 24.59 41.41 -0.25
N ILE C 137 25.23 42.57 -0.19
CA ILE C 137 24.81 43.73 -0.86
C ILE C 137 25.01 43.54 -2.32
N PRO C 138 26.09 42.98 -2.85
CA PRO C 138 26.22 42.75 -4.26
C PRO C 138 25.13 41.96 -4.87
N ARG C 139 24.55 41.04 -4.11
CA ARG C 139 23.59 40.16 -4.66
C ARG C 139 22.28 40.81 -4.75
N ILE C 140 21.29 40.07 -5.28
CA ILE C 140 19.95 40.53 -5.33
C ILE C 140 19.15 39.27 -5.32
N SER C 141 17.87 39.32 -4.89
CA SER C 141 17.05 38.14 -4.94
C SER C 141 16.64 37.94 -6.35
N VAL C 142 16.35 36.67 -6.67
CA VAL C 142 15.90 36.26 -7.97
C VAL C 142 14.47 36.60 -7.99
N ARG C 143 14.00 36.94 -9.18
CA ARG C 143 12.64 37.25 -9.38
C ARG C 143 12.56 37.43 -10.86
N GLU C 144 13.71 37.28 -11.56
CA GLU C 144 13.73 37.39 -12.96
C GLU C 144 13.56 36.02 -13.45
N PRO C 145 12.57 35.69 -14.24
CA PRO C 145 12.36 34.43 -14.88
C PRO C 145 13.44 33.70 -15.48
N MET C 146 13.15 32.43 -15.65
CA MET C 146 13.92 31.47 -16.32
C MET C 146 12.96 30.37 -16.50
N GLN C 147 13.36 29.41 -17.32
CA GLN C 147 12.48 28.49 -17.89
C GLN C 147 13.39 27.46 -18.42
N THR C 148 12.82 26.39 -18.99
CA THR C 148 13.57 25.27 -19.46
C THR C 148 12.90 24.72 -20.65
N GLY C 149 11.69 25.21 -20.97
CA GLY C 149 10.89 24.68 -22.04
C GLY C 149 10.20 23.46 -21.60
N ILE C 150 10.35 23.07 -20.33
CA ILE C 150 9.79 21.86 -19.86
C ILE C 150 8.75 22.29 -18.99
N LYS C 151 7.52 22.02 -19.42
CA LYS C 151 6.39 22.65 -18.86
C LYS C 151 6.30 22.39 -17.46
N ALA C 152 6.36 21.10 -17.13
CA ALA C 152 6.30 20.56 -15.84
C ALA C 152 7.29 21.19 -15.02
N VAL C 153 8.44 21.45 -15.62
CA VAL C 153 9.42 22.02 -14.80
C VAL C 153 9.13 23.42 -14.59
N ASP C 154 9.01 24.21 -15.61
CA ASP C 154 8.86 25.61 -15.44
C ASP C 154 7.66 25.99 -14.72
N SER C 155 6.70 25.09 -14.69
CA SER C 155 5.44 25.36 -14.17
C SER C 155 5.55 25.07 -12.77
N LEU C 156 6.06 23.91 -12.44
CA LEU C 156 5.81 23.46 -11.12
C LEU C 156 6.95 23.82 -10.31
N VAL C 157 8.08 24.02 -10.95
CA VAL C 157 9.13 24.70 -10.31
C VAL C 157 9.26 25.91 -11.17
N PRO C 158 8.81 27.05 -10.74
CA PRO C 158 8.94 28.23 -11.55
C PRO C 158 10.33 28.74 -11.32
N ILE C 159 11.01 29.22 -12.39
CA ILE C 159 12.43 29.48 -12.35
C ILE C 159 12.81 30.88 -12.69
N GLY C 160 14.03 31.27 -12.21
CA GLY C 160 14.72 32.49 -12.45
C GLY C 160 16.18 32.30 -12.57
N ARG C 161 16.95 33.41 -12.49
CA ARG C 161 18.37 33.40 -12.76
C ARG C 161 19.13 33.49 -11.48
N GLY C 162 20.41 33.12 -11.50
CA GLY C 162 21.25 33.20 -10.34
C GLY C 162 21.17 32.06 -9.37
N GLN C 163 20.27 31.12 -9.63
CA GLN C 163 19.90 30.01 -8.77
C GLN C 163 20.94 28.96 -8.49
N ARG C 164 20.51 27.93 -7.73
CA ARG C 164 21.18 26.70 -7.41
C ARG C 164 20.06 25.76 -7.31
N GLU C 165 20.01 24.70 -8.12
CA GLU C 165 18.96 23.76 -8.00
C GLU C 165 19.46 22.43 -8.33
N LEU C 166 19.11 21.46 -7.48
CA LEU C 166 19.66 20.18 -7.68
C LEU C 166 18.80 19.52 -8.64
N ILE C 167 19.39 18.98 -9.64
CA ILE C 167 18.76 18.16 -10.56
C ILE C 167 19.10 16.83 -10.14
N ILE C 168 18.12 16.01 -9.81
CA ILE C 168 18.46 14.74 -9.30
C ILE C 168 17.57 13.72 -9.92
N GLY C 169 18.20 12.57 -10.30
CA GLY C 169 17.57 11.51 -11.07
C GLY C 169 18.61 10.54 -11.51
N ASP C 170 18.27 9.35 -12.03
CA ASP C 170 19.19 8.32 -12.36
C ASP C 170 19.58 8.28 -13.77
N ARG C 171 20.42 7.33 -14.16
CA ARG C 171 20.84 7.16 -15.51
C ARG C 171 19.74 7.02 -16.40
N GLN C 172 19.64 8.09 -17.10
CA GLN C 172 18.80 8.37 -18.14
C GLN C 172 17.53 8.45 -17.58
N THR C 173 17.40 9.28 -16.55
CA THR C 173 16.07 9.61 -16.11
C THR C 173 15.89 10.89 -16.80
N GLY C 174 15.90 10.61 -18.14
CA GLY C 174 16.17 11.37 -19.28
C GLY C 174 17.34 12.12 -18.90
N LYS C 175 18.30 11.50 -18.20
CA LYS C 175 19.05 12.26 -17.29
C LYS C 175 19.75 13.29 -17.90
N THR C 176 20.31 12.81 -18.94
CA THR C 176 21.02 13.60 -19.81
C THR C 176 20.05 14.50 -20.51
N SER C 177 18.96 13.90 -20.99
CA SER C 177 17.84 14.53 -21.63
C SER C 177 17.45 15.79 -20.98
N ILE C 178 17.47 15.79 -19.64
CA ILE C 178 17.01 16.87 -18.85
C ILE C 178 17.73 18.10 -19.17
N ALA C 179 19.05 17.96 -19.20
CA ALA C 179 19.89 19.06 -19.50
C ALA C 179 19.64 19.47 -20.88
N ILE C 180 19.41 18.48 -21.75
CA ILE C 180 19.35 18.80 -23.12
C ILE C 180 18.18 19.64 -23.44
N ASP C 181 16.96 19.26 -23.10
CA ASP C 181 15.82 20.08 -23.38
C ASP C 181 15.83 21.42 -22.78
N THR C 182 16.45 21.54 -21.61
CA THR C 182 16.54 22.81 -21.01
C THR C 182 17.34 23.71 -21.84
N ILE C 183 18.50 23.20 -22.27
CA ILE C 183 19.39 23.90 -23.12
C ILE C 183 18.77 24.22 -24.43
N ILE C 184 18.14 23.24 -25.11
CA ILE C 184 17.49 23.45 -26.39
C ILE C 184 16.52 24.56 -26.30
N ASN C 185 15.72 24.60 -25.21
CA ASN C 185 14.79 25.66 -24.99
C ASN C 185 15.39 27.01 -24.99
N GLN C 186 16.62 27.18 -24.54
CA GLN C 186 17.22 28.46 -24.44
C GLN C 186 17.58 29.03 -25.73
N LYS C 187 17.59 28.22 -26.79
CA LYS C 187 17.88 28.62 -28.12
C LYS C 187 17.17 29.83 -28.55
N ARG C 188 15.83 29.86 -28.47
CA ARG C 188 14.96 30.97 -28.75
C ARG C 188 15.22 32.18 -27.96
N PHE C 189 15.78 31.97 -26.78
CA PHE C 189 16.07 32.94 -25.77
C PHE C 189 17.38 33.48 -26.14
N ASN C 190 18.20 32.63 -26.69
CA ASN C 190 19.46 32.99 -27.16
C ASN C 190 19.25 33.65 -28.47
N ASP C 191 18.09 33.39 -29.09
CA ASP C 191 17.62 34.04 -30.26
C ASP C 191 16.84 35.19 -29.81
N GLY C 192 16.54 35.22 -28.52
CA GLY C 192 16.09 36.36 -27.85
C GLY C 192 17.37 37.00 -27.51
N THR C 193 17.36 38.26 -27.11
CA THR C 193 18.57 39.00 -27.16
C THR C 193 19.03 39.37 -25.84
N ASP C 194 18.28 39.02 -24.79
CA ASP C 194 18.63 39.51 -23.48
C ASP C 194 19.62 38.57 -22.92
N GLU C 195 20.01 38.85 -21.67
CA GLU C 195 20.90 38.11 -20.83
C GLU C 195 19.96 37.30 -20.00
N LYS C 196 18.76 37.88 -19.85
CA LYS C 196 17.57 37.36 -19.28
C LYS C 196 16.86 36.58 -20.33
N LYS C 197 17.62 36.14 -21.36
CA LYS C 197 17.15 35.31 -22.39
C LYS C 197 18.30 34.48 -22.77
N LYS C 198 19.28 35.08 -23.48
CA LYS C 198 20.49 34.46 -23.88
C LYS C 198 21.19 34.12 -22.60
N LEU C 199 21.26 32.83 -22.36
CA LEU C 199 21.67 32.31 -21.11
C LEU C 199 22.83 31.61 -21.56
N TYR C 200 23.96 31.87 -20.91
CA TYR C 200 25.14 31.32 -21.49
C TYR C 200 25.26 30.08 -20.78
N CYS C 201 25.36 28.99 -21.51
CA CYS C 201 25.17 27.75 -20.84
C CYS C 201 26.48 27.16 -20.69
N ILE C 202 26.65 26.52 -19.54
CA ILE C 202 27.92 26.02 -19.16
C ILE C 202 27.62 24.68 -18.70
N TYR C 203 28.27 23.72 -19.31
CA TYR C 203 28.04 22.38 -18.98
C TYR C 203 29.30 21.89 -18.48
N VAL C 204 29.39 21.61 -17.19
CA VAL C 204 30.59 21.00 -16.75
C VAL C 204 30.25 19.55 -16.79
N ALA C 205 30.97 18.76 -17.63
CA ALA C 205 30.75 17.37 -17.80
C ALA C 205 31.78 16.70 -17.02
N ILE C 206 31.37 16.04 -15.97
CA ILE C 206 32.22 15.46 -15.01
C ILE C 206 32.01 14.02 -15.12
N GLY C 207 33.13 13.32 -15.34
CA GLY C 207 33.21 11.92 -15.35
C GLY C 207 32.47 11.32 -16.46
N GLN C 208 32.35 12.04 -17.56
CA GLN C 208 31.50 11.58 -18.59
C GLN C 208 32.46 11.22 -19.56
N LYS C 209 32.62 9.91 -19.80
CA LYS C 209 33.57 9.44 -20.75
C LYS C 209 33.40 10.12 -22.05
N ARG C 210 34.48 10.23 -22.81
CA ARG C 210 34.50 11.05 -23.98
C ARG C 210 33.46 10.65 -24.92
N SER C 211 33.21 9.35 -25.08
CA SER C 211 32.20 8.87 -25.97
C SER C 211 30.86 9.43 -25.66
N THR C 212 30.63 9.60 -24.35
CA THR C 212 29.38 10.09 -23.86
C THR C 212 29.31 11.49 -24.18
N VAL C 213 30.41 12.17 -23.94
CA VAL C 213 30.47 13.56 -24.15
C VAL C 213 30.30 13.84 -25.59
N ALA C 214 30.91 13.05 -26.43
CA ALA C 214 30.97 13.19 -27.83
C ALA C 214 29.62 13.10 -28.35
N GLN C 215 28.95 12.12 -27.79
CA GLN C 215 27.63 11.93 -28.08
C GLN C 215 26.76 13.07 -27.77
N LEU C 216 27.01 13.65 -26.64
CA LEU C 216 26.33 14.80 -26.20
C LEU C 216 26.58 15.99 -26.99
N VAL C 217 27.85 16.22 -27.21
CA VAL C 217 28.41 17.36 -27.83
C VAL C 217 27.79 17.52 -29.12
N LYS C 218 27.70 16.38 -29.80
CA LYS C 218 27.08 16.29 -31.04
C LYS C 218 25.72 16.83 -30.91
N ARG C 219 25.00 16.42 -29.87
CA ARG C 219 23.71 17.02 -29.71
C ARG C 219 23.63 18.51 -29.63
N LEU C 220 24.53 19.13 -28.86
CA LEU C 220 24.45 20.56 -28.62
C LEU C 220 24.67 21.33 -29.82
N THR C 221 25.58 20.82 -30.63
CA THR C 221 25.86 21.36 -31.90
C THR C 221 24.66 21.33 -32.74
N ASP C 222 23.96 20.21 -32.70
CA ASP C 222 22.84 20.04 -33.56
C ASP C 222 21.78 20.98 -33.21
N ALA C 223 21.64 21.20 -31.90
CA ALA C 223 20.69 22.10 -31.36
C ALA C 223 21.15 23.49 -31.48
N ASP C 224 22.42 23.62 -31.92
CA ASP C 224 23.29 24.72 -31.85
C ASP C 224 22.86 25.69 -30.88
N ALA C 225 22.98 25.19 -29.68
CA ALA C 225 22.78 25.89 -28.51
C ALA C 225 24.18 26.04 -28.08
N MET C 226 25.09 25.26 -28.73
CA MET C 226 26.47 25.17 -28.44
C MET C 226 27.13 26.47 -28.63
N LYS C 227 26.62 27.25 -29.56
CA LYS C 227 27.05 28.57 -29.82
C LYS C 227 27.04 29.49 -28.62
N TYR C 228 26.11 29.32 -27.65
CA TYR C 228 26.07 30.15 -26.47
C TYR C 228 26.53 29.35 -25.32
N THR C 229 27.30 28.31 -25.61
CA THR C 229 27.58 27.32 -24.63
C THR C 229 29.00 26.95 -24.60
N ILE C 230 29.53 26.94 -23.38
CA ILE C 230 30.77 26.32 -23.09
C ILE C 230 30.44 24.98 -22.56
N VAL C 231 31.28 24.02 -22.91
CA VAL C 231 31.19 22.73 -22.35
C VAL C 231 32.53 22.55 -21.76
N VAL C 232 32.58 22.45 -20.43
CA VAL C 232 33.79 22.23 -19.72
C VAL C 232 33.73 20.76 -19.56
N SER C 233 34.75 19.99 -19.98
CA SER C 233 34.67 18.54 -19.99
C SER C 233 35.86 17.90 -19.33
N ALA C 234 35.63 17.26 -18.17
CA ALA C 234 36.53 16.37 -17.50
C ALA C 234 35.86 15.02 -17.50
N THR C 235 36.18 14.19 -18.50
CA THR C 235 35.59 12.93 -18.73
C THR C 235 35.85 11.98 -17.64
N ALA C 236 35.38 10.75 -17.86
CA ALA C 236 35.51 9.71 -16.90
C ALA C 236 36.91 9.33 -16.57
N SER C 237 37.77 9.22 -17.58
CA SER C 237 39.12 8.75 -17.41
C SER C 237 39.95 9.56 -16.49
N ASP C 238 39.97 10.88 -16.76
CA ASP C 238 40.60 12.00 -16.11
C ASP C 238 41.25 11.76 -14.83
N ALA C 239 42.35 12.48 -14.59
CA ALA C 239 42.82 12.53 -13.26
C ALA C 239 41.85 13.32 -12.48
N ALA C 240 41.80 12.92 -11.24
CA ALA C 240 40.88 13.38 -10.27
C ALA C 240 40.90 14.83 -10.05
N PRO C 241 42.02 15.55 -9.88
CA PRO C 241 41.96 16.93 -9.55
C PRO C 241 41.35 17.63 -10.64
N LEU C 242 41.47 17.07 -11.83
CA LEU C 242 41.03 17.71 -12.97
C LEU C 242 39.57 17.76 -12.95
N GLN C 243 39.01 16.61 -12.63
CA GLN C 243 37.61 16.53 -12.49
C GLN C 243 37.10 17.30 -11.37
N TYR C 244 37.85 17.24 -10.28
CA TYR C 244 37.54 17.90 -9.09
C TYR C 244 37.44 19.37 -9.38
N LEU C 245 38.41 19.86 -10.13
CA LEU C 245 38.56 21.25 -10.32
C LEU C 245 37.55 21.81 -11.18
N ALA C 246 37.20 21.06 -12.23
CA ALA C 246 36.34 21.48 -13.30
C ALA C 246 35.18 22.35 -12.88
N PRO C 247 34.40 22.09 -11.86
CA PRO C 247 33.31 22.96 -11.49
C PRO C 247 33.74 24.29 -11.06
N TYR C 248 34.85 24.40 -10.37
CA TYR C 248 35.37 25.61 -9.83
C TYR C 248 35.78 26.43 -10.90
N SER C 249 36.31 25.75 -11.90
CA SER C 249 36.72 26.32 -13.13
C SER C 249 35.55 26.94 -13.73
N GLY C 250 34.50 26.12 -13.91
CA GLY C 250 33.22 26.47 -14.43
C GLY C 250 32.70 27.63 -13.70
N CYS C 251 32.96 27.65 -12.40
CA CYS C 251 32.53 28.66 -11.52
C CYS C 251 33.12 29.95 -11.85
N SER C 252 34.43 29.99 -12.02
CA SER C 252 35.14 31.19 -12.36
C SER C 252 34.67 31.79 -13.62
N MET C 253 34.49 30.93 -14.61
CA MET C 253 34.04 31.34 -15.90
C MET C 253 32.68 31.95 -15.87
N GLY C 254 31.79 31.43 -15.00
CA GLY C 254 30.45 31.93 -14.97
C GLY C 254 30.35 33.18 -14.22
N GLU C 255 31.23 33.36 -13.21
CA GLU C 255 31.31 34.58 -12.48
C GLU C 255 31.77 35.66 -13.40
N TYR C 256 32.60 35.30 -14.38
CA TYR C 256 33.01 36.16 -15.40
C TYR C 256 31.84 36.72 -16.14
N PHE C 257 30.92 35.90 -16.59
CA PHE C 257 29.72 36.35 -17.23
C PHE C 257 28.86 37.16 -16.41
N ARG C 258 28.78 36.77 -15.17
CA ARG C 258 27.95 37.33 -14.17
C ARG C 258 28.38 38.72 -14.05
N ASP C 259 29.69 38.93 -13.97
CA ASP C 259 30.24 40.24 -13.90
C ASP C 259 30.23 40.89 -15.20
N ASN C 260 29.94 40.15 -16.26
CA ASN C 260 29.78 40.80 -17.49
C ASN C 260 28.33 40.82 -17.64
N GLY C 261 27.60 41.07 -16.55
CA GLY C 261 26.19 41.12 -16.58
C GLY C 261 25.69 39.76 -16.54
N LYS C 262 25.84 39.12 -17.69
CA LYS C 262 25.42 37.86 -18.15
C LYS C 262 25.03 36.88 -17.19
N HIS C 263 23.98 36.19 -17.61
CA HIS C 263 23.31 35.29 -16.81
C HIS C 263 23.57 34.16 -17.62
N ALA C 264 24.22 33.30 -16.90
CA ALA C 264 24.86 32.18 -17.39
C ALA C 264 24.20 31.15 -16.58
N LEU C 265 24.30 29.94 -17.06
CA LEU C 265 23.63 28.81 -16.63
C LEU C 265 24.77 27.94 -16.54
N ILE C 266 24.98 27.33 -15.39
CA ILE C 266 25.94 26.31 -15.28
C ILE C 266 25.17 25.17 -14.88
N ILE C 267 25.52 24.05 -15.47
CA ILE C 267 25.01 22.81 -15.09
C ILE C 267 26.29 22.22 -14.67
N TYR C 268 26.36 21.80 -13.40
CA TYR C 268 27.50 21.11 -12.83
C TYR C 268 27.15 19.68 -12.80
N ASP C 269 27.81 18.89 -13.64
CA ASP C 269 27.30 17.60 -13.99
C ASP C 269 28.34 16.55 -13.81
N ASP C 270 28.56 15.86 -12.68
CA ASP C 270 27.87 15.92 -11.44
C ASP C 270 28.90 16.03 -10.43
N LEU C 271 28.45 16.58 -9.32
CA LEU C 271 29.21 16.73 -8.13
C LEU C 271 29.38 15.41 -7.49
N SER C 272 28.59 14.43 -7.91
CA SER C 272 28.69 13.09 -7.43
C SER C 272 30.01 12.58 -7.78
N LYS C 273 30.34 12.83 -9.03
CA LYS C 273 31.53 12.32 -9.59
C LYS C 273 32.69 12.97 -9.01
N GLN C 274 32.48 14.25 -8.70
CA GLN C 274 33.51 15.02 -8.12
C GLN C 274 33.83 14.49 -6.81
N ALA C 275 32.77 14.23 -6.05
CA ALA C 275 32.84 13.89 -4.68
C ALA C 275 33.66 12.72 -4.47
N VAL C 276 33.45 11.75 -5.35
CA VAL C 276 34.18 10.56 -5.31
C VAL C 276 35.60 10.83 -5.49
N ALA C 277 35.88 11.65 -6.51
CA ALA C 277 37.24 11.90 -6.83
C ALA C 277 37.92 12.57 -5.76
N TYR C 278 37.25 13.57 -5.25
CA TYR C 278 37.74 14.39 -4.25
C TYR C 278 37.95 13.72 -2.98
N ARG C 279 37.06 12.84 -2.65
CA ARG C 279 37.14 12.11 -1.46
C ARG C 279 38.37 11.34 -1.44
N GLN C 280 38.57 10.69 -2.55
CA GLN C 280 39.69 9.94 -2.93
C GLN C 280 40.86 10.75 -2.79
N MET C 281 40.82 11.97 -3.28
CA MET C 281 41.89 12.87 -3.18
C MET C 281 42.28 13.06 -1.76
N SER C 282 41.36 13.37 -0.86
CA SER C 282 41.69 13.49 0.54
C SER C 282 42.36 12.35 1.09
N LEU C 283 41.84 11.19 0.76
CA LEU C 283 42.29 10.00 1.35
C LEU C 283 43.66 9.70 0.91
N LEU C 284 43.91 10.01 -0.34
CA LEU C 284 45.15 9.77 -0.96
C LEU C 284 46.12 10.68 -0.42
N LEU C 285 45.65 11.86 -0.09
CA LEU C 285 46.42 12.78 0.63
C LEU C 285 46.51 12.44 2.03
N ARG C 286 45.86 11.35 2.41
CA ARG C 286 45.87 10.74 3.68
C ARG C 286 45.00 11.45 4.52
N ARG C 287 44.73 12.69 4.15
CA ARG C 287 43.88 13.58 4.77
C ARG C 287 42.59 12.93 4.95
N PRO C 288 41.90 13.32 5.98
CA PRO C 288 40.63 12.76 6.30
C PRO C 288 39.68 12.98 5.18
N PRO C 289 38.63 12.22 5.17
CA PRO C 289 37.54 12.49 4.31
C PRO C 289 36.67 13.08 5.38
N GLY C 290 35.55 12.47 5.71
CA GLY C 290 34.83 12.96 6.81
C GLY C 290 33.72 12.02 6.87
N ARG C 291 32.61 12.53 7.40
CA ARG C 291 31.30 12.00 7.58
C ARG C 291 30.77 11.23 6.42
N GLU C 292 30.19 10.08 6.77
CA GLU C 292 29.88 9.05 5.84
C GLU C 292 31.07 8.65 5.10
N ALA C 293 32.24 8.72 5.74
CA ALA C 293 33.49 8.35 5.15
C ALA C 293 33.93 9.26 4.07
N TYR C 294 33.21 10.34 3.78
CA TYR C 294 33.62 11.17 2.69
C TYR C 294 33.83 12.50 3.26
N PRO C 295 34.73 13.32 2.76
CA PRO C 295 35.06 14.68 3.19
C PRO C 295 34.04 15.52 3.81
N GLY C 296 34.41 16.42 4.73
CA GLY C 296 33.43 17.29 5.33
C GLY C 296 33.20 18.50 4.48
N ASP C 297 34.29 19.22 4.20
CA ASP C 297 34.29 20.53 3.62
C ASP C 297 34.34 20.48 2.19
N VAL C 298 33.97 19.34 1.67
CA VAL C 298 33.60 19.20 0.31
C VAL C 298 32.26 19.81 0.23
N PHE C 299 31.61 19.97 1.36
CA PHE C 299 30.43 20.69 1.41
C PHE C 299 30.86 22.03 1.27
N TYR C 300 31.81 22.49 2.06
CA TYR C 300 32.28 23.79 1.93
C TYR C 300 32.70 24.09 0.56
N LEU C 301 33.33 23.12 -0.12
CA LEU C 301 33.74 23.13 -1.48
C LEU C 301 32.66 23.59 -2.25
N HIS C 302 31.57 22.95 -2.05
CA HIS C 302 30.50 23.23 -2.89
C HIS C 302 29.80 24.37 -2.46
N SER C 303 29.82 24.63 -1.17
CA SER C 303 28.99 25.62 -0.64
C SER C 303 29.41 26.91 -1.15
N ARG C 304 30.71 27.12 -1.13
CA ARG C 304 31.31 28.24 -1.70
C ARG C 304 31.18 28.22 -3.18
N LEU C 305 31.27 27.04 -3.82
CA LEU C 305 31.21 26.93 -5.24
C LEU C 305 29.92 27.47 -5.71
N LEU C 306 28.88 27.06 -5.04
CA LEU C 306 27.56 27.35 -5.43
C LEU C 306 27.14 28.69 -4.98
N GLU C 307 27.74 29.21 -3.90
CA GLU C 307 27.55 30.57 -3.48
C GLU C 307 28.12 31.51 -4.47
N ARG C 308 29.18 31.07 -5.17
CA ARG C 308 29.74 31.82 -6.24
C ARG C 308 28.78 31.93 -7.36
N ALA C 309 27.75 31.04 -7.42
CA ALA C 309 26.59 31.30 -8.23
C ALA C 309 25.65 32.17 -7.47
N ALA C 310 25.12 33.22 -8.11
CA ALA C 310 24.20 34.08 -7.47
C ALA C 310 23.52 34.87 -8.50
N LYS C 311 22.52 35.58 -8.00
CA LYS C 311 21.70 36.49 -8.71
C LYS C 311 22.13 37.69 -8.05
N MET C 312 22.71 38.54 -8.85
CA MET C 312 23.39 39.66 -8.40
C MET C 312 22.56 40.75 -8.71
N ASN C 313 22.83 41.82 -7.98
CA ASN C 313 22.24 43.04 -8.31
C ASN C 313 22.80 43.54 -9.58
N ASP C 314 22.27 44.69 -9.85
CA ASP C 314 22.32 45.51 -10.98
C ASP C 314 23.71 45.93 -11.28
N ALA C 315 24.51 46.19 -10.26
CA ALA C 315 25.90 46.52 -10.29
C ALA C 315 26.71 45.53 -11.03
N PHE C 316 26.19 44.30 -11.14
CA PHE C 316 26.93 43.22 -11.70
C PHE C 316 26.33 42.91 -12.99
N GLY C 317 25.56 43.88 -13.50
CA GLY C 317 24.86 43.84 -14.75
C GLY C 317 23.73 42.92 -14.53
N GLY C 318 23.16 42.97 -13.31
CA GLY C 318 22.12 42.10 -12.86
C GLY C 318 22.68 40.78 -12.53
N GLY C 319 24.00 40.62 -12.71
CA GLY C 319 24.81 39.44 -12.64
C GLY C 319 24.15 38.17 -12.35
N SER C 320 24.32 37.13 -13.18
CA SER C 320 23.81 35.90 -12.68
C SER C 320 24.54 34.78 -13.24
N LEU C 321 24.46 33.74 -12.43
CA LEU C 321 24.80 32.44 -12.80
C LEU C 321 23.72 31.67 -12.22
N THR C 322 22.93 30.99 -13.05
CA THR C 322 21.92 30.16 -12.55
C THR C 322 22.58 28.87 -12.62
N ALA C 323 22.47 28.14 -11.53
CA ALA C 323 23.23 26.97 -11.39
C ALA C 323 22.19 25.98 -11.26
N LEU C 324 22.32 24.96 -12.09
CA LEU C 324 21.55 23.79 -11.97
C LEU C 324 22.51 22.70 -11.68
N PRO C 325 22.91 22.47 -10.46
CA PRO C 325 23.78 21.37 -10.16
C PRO C 325 23.01 20.14 -10.27
N VAL C 326 23.74 19.09 -10.59
CA VAL C 326 23.23 17.80 -10.88
C VAL C 326 23.86 16.82 -9.95
N ILE C 327 23.06 15.84 -9.49
CA ILE C 327 23.53 14.64 -8.85
C ILE C 327 22.70 13.61 -9.55
N GLU C 328 23.32 12.49 -10.01
CA GLU C 328 22.58 11.39 -10.56
C GLU C 328 22.57 10.40 -9.43
N THR C 329 21.39 10.03 -8.91
CA THR C 329 21.33 9.26 -7.68
C THR C 329 21.49 7.81 -7.86
N GLN C 330 22.09 7.18 -6.84
CA GLN C 330 21.97 5.77 -6.64
C GLN C 330 20.90 5.76 -5.64
N ALA C 331 20.11 4.69 -5.72
CA ALA C 331 19.05 4.27 -4.85
C ALA C 331 18.41 5.29 -3.96
N GLY C 332 18.06 6.49 -4.47
CA GLY C 332 17.37 7.51 -3.74
C GLY C 332 18.06 7.78 -2.45
N ASP C 333 19.37 7.95 -2.58
CA ASP C 333 20.24 8.06 -1.47
C ASP C 333 20.43 9.48 -1.54
N VAL C 334 19.70 10.11 -0.64
CA VAL C 334 19.48 11.51 -0.57
C VAL C 334 19.82 11.86 0.83
N SER C 335 19.63 10.80 1.60
CA SER C 335 20.05 10.41 2.88
C SER C 335 21.52 10.54 2.81
N ALA C 336 22.01 10.08 1.63
CA ALA C 336 23.30 10.29 1.07
C ALA C 336 23.81 11.60 1.42
N TYR C 337 25.07 11.55 1.75
CA TYR C 337 25.75 12.47 2.53
C TYR C 337 25.69 13.76 1.90
N ILE C 338 26.16 13.79 0.68
CA ILE C 338 26.20 14.97 -0.08
C ILE C 338 24.82 15.32 -0.35
N PRO C 339 23.92 14.49 -0.72
CA PRO C 339 22.60 14.93 -0.89
C PRO C 339 22.03 15.53 0.28
N THR C 340 22.14 15.00 1.47
CA THR C 340 21.68 15.64 2.64
C THR C 340 22.23 16.99 2.77
N ASN C 341 23.49 17.10 2.48
CA ASN C 341 24.21 18.32 2.51
C ASN C 341 23.60 19.32 1.64
N VAL C 342 23.45 18.89 0.41
CA VAL C 342 23.04 19.61 -0.74
C VAL C 342 21.67 20.04 -0.54
N ILE C 343 20.91 19.19 0.11
CA ILE C 343 19.56 19.41 0.46
C ILE C 343 19.53 20.62 1.32
N SER C 344 20.47 20.75 2.23
CA SER C 344 20.49 21.97 2.98
C SER C 344 20.89 23.16 2.16
N ILE C 345 21.60 22.96 1.03
CA ILE C 345 22.07 24.06 0.20
C ILE C 345 21.19 24.64 -0.88
N THR C 346 20.59 23.83 -1.80
CA THR C 346 20.07 24.39 -3.05
C THR C 346 18.95 25.33 -2.87
N ASP C 347 18.20 25.60 -3.92
CA ASP C 347 17.13 26.52 -3.85
C ASP C 347 15.95 25.67 -4.16
N GLY C 348 16.17 24.34 -4.07
CA GLY C 348 15.21 23.31 -4.34
C GLY C 348 15.95 22.28 -5.15
N GLN C 349 15.28 21.18 -5.41
CA GLN C 349 15.87 20.04 -6.02
C GLN C 349 14.80 19.55 -6.84
N ILE C 350 15.19 18.95 -7.92
CA ILE C 350 14.34 18.46 -8.90
C ILE C 350 14.41 17.02 -8.82
N PHE C 351 13.38 16.42 -8.26
CA PHE C 351 13.32 15.03 -8.19
C PHE C 351 12.73 14.47 -9.44
N LEU C 352 13.45 13.53 -10.07
CA LEU C 352 13.03 12.85 -11.26
C LEU C 352 12.69 11.42 -10.96
N GLU C 353 11.58 10.89 -11.52
CA GLU C 353 11.07 9.58 -11.22
C GLU C 353 10.88 8.68 -12.41
N THR C 354 11.59 7.59 -12.32
CA THR C 354 11.83 6.59 -13.30
C THR C 354 10.64 5.91 -13.83
N GLU C 355 9.72 5.65 -12.95
CA GLU C 355 8.53 4.93 -13.12
C GLU C 355 7.81 5.52 -14.19
N LEU C 356 7.74 6.82 -14.16
CA LEU C 356 7.16 7.49 -15.24
C LEU C 356 7.90 7.24 -16.47
N PHE C 357 9.21 7.33 -16.46
CA PHE C 357 9.99 6.99 -17.62
C PHE C 357 9.68 5.65 -18.21
N TYR C 358 9.50 4.58 -17.42
CA TYR C 358 9.30 3.23 -17.93
C TYR C 358 7.96 3.10 -18.46
N LYS C 359 7.06 3.79 -17.77
CA LYS C 359 5.75 4.00 -18.21
C LYS C 359 5.76 4.71 -19.51
N GLY C 360 6.89 5.33 -19.87
CA GLY C 360 7.14 5.99 -21.11
C GLY C 360 7.00 7.43 -20.84
N ILE C 361 6.41 7.76 -19.70
CA ILE C 361 6.16 9.08 -19.27
C ILE C 361 7.44 9.77 -19.08
N ARG C 362 7.54 10.87 -19.80
CA ARG C 362 8.65 11.71 -19.82
C ARG C 362 7.98 13.01 -19.86
N PRO C 363 8.02 13.88 -18.88
CA PRO C 363 8.77 13.77 -17.63
C PRO C 363 8.67 12.54 -16.74
N ALA C 364 9.65 12.45 -15.82
CA ALA C 364 9.97 11.33 -14.98
C ALA C 364 9.39 11.66 -13.63
N ILE C 365 9.88 12.75 -13.03
CA ILE C 365 9.55 13.40 -11.81
C ILE C 365 8.69 12.79 -10.79
N ASN C 366 9.15 12.87 -9.53
CA ASN C 366 8.20 12.92 -8.48
C ASN C 366 8.32 14.31 -8.05
N VAL C 367 7.18 14.92 -8.18
CA VAL C 367 6.93 16.28 -8.00
C VAL C 367 7.06 16.75 -6.63
N GLY C 368 6.51 16.06 -5.62
CA GLY C 368 6.52 16.56 -4.28
C GLY C 368 7.91 16.64 -3.83
N LEU C 369 8.68 15.70 -4.36
CA LEU C 369 10.05 15.60 -4.09
C LEU C 369 10.75 16.68 -4.77
N SER C 370 10.35 16.95 -6.02
CA SER C 370 10.77 18.14 -6.69
C SER C 370 10.32 19.31 -5.90
N VAL C 371 11.12 20.37 -5.81
CA VAL C 371 10.72 21.51 -5.06
C VAL C 371 11.40 22.66 -5.73
N SER C 372 10.73 23.83 -5.68
CA SER C 372 11.33 25.11 -5.93
C SER C 372 10.93 25.80 -4.71
N ARG C 373 11.91 26.09 -3.84
CA ARG C 373 11.69 26.72 -2.56
C ARG C 373 11.25 28.10 -2.84
N VAL C 374 11.92 28.65 -3.84
CA VAL C 374 11.65 29.88 -4.51
C VAL C 374 10.27 29.93 -5.05
N GLY C 375 9.86 28.87 -5.76
CA GLY C 375 8.55 28.81 -6.31
C GLY C 375 8.49 29.82 -7.41
N SER C 376 7.44 30.63 -7.34
CA SER C 376 6.88 31.57 -8.27
C SER C 376 7.55 32.87 -8.65
N ALA C 377 8.43 33.50 -7.82
CA ALA C 377 8.78 34.90 -8.06
C ALA C 377 9.41 35.25 -9.39
N ALA C 378 10.05 34.26 -10.00
CA ALA C 378 10.60 34.39 -11.30
C ALA C 378 9.64 33.89 -12.33
N GLN C 379 8.36 33.69 -12.02
CA GLN C 379 7.45 33.01 -12.92
C GLN C 379 6.69 34.01 -13.70
N THR C 380 6.37 33.66 -14.96
CA THR C 380 5.45 34.41 -15.77
C THR C 380 4.13 34.38 -15.12
N ARG C 381 3.51 35.55 -15.08
CA ARG C 381 2.19 35.68 -14.61
C ARG C 381 1.28 34.83 -15.41
N ALA C 382 1.52 34.73 -16.74
CA ALA C 382 0.76 33.96 -17.70
C ALA C 382 0.60 32.60 -17.20
N MET C 383 1.75 31.99 -16.97
CA MET C 383 1.74 30.69 -16.47
C MET C 383 1.18 30.61 -15.13
N LYS C 384 1.57 31.49 -14.22
CA LYS C 384 1.18 31.51 -12.86
C LYS C 384 -0.29 31.49 -12.69
N GLN C 385 -0.93 32.18 -13.59
CA GLN C 385 -2.31 32.33 -13.69
C GLN C 385 -3.03 31.10 -14.09
N VAL C 386 -2.42 30.25 -14.92
CA VAL C 386 -3.11 29.05 -15.34
C VAL C 386 -2.63 27.92 -14.52
N ALA C 387 -1.35 27.95 -14.17
CA ALA C 387 -0.56 26.99 -13.45
C ALA C 387 -0.90 26.91 -12.03
N GLY C 388 -1.21 28.06 -11.42
CA GLY C 388 -1.62 28.21 -10.04
C GLY C 388 -2.68 27.22 -9.77
N THR C 389 -3.59 27.24 -10.75
CA THR C 389 -4.76 26.45 -10.75
C THR C 389 -4.43 25.00 -10.97
N MET C 390 -3.42 24.71 -11.78
CA MET C 390 -3.01 23.37 -12.10
C MET C 390 -2.39 22.64 -10.99
N LYS C 391 -1.51 23.33 -10.26
CA LYS C 391 -0.79 22.80 -9.14
C LYS C 391 -1.76 22.30 -8.16
N LEU C 392 -2.79 23.10 -7.95
CA LEU C 392 -3.82 22.72 -7.09
C LEU C 392 -4.57 21.55 -7.59
N GLU C 393 -4.86 21.49 -8.90
CA GLU C 393 -5.73 20.50 -9.49
C GLU C 393 -5.07 19.22 -9.37
N LEU C 394 -3.77 19.26 -9.41
CA LEU C 394 -3.07 18.11 -9.16
C LEU C 394 -3.02 17.81 -7.74
N ALA C 395 -2.95 18.82 -6.88
CA ALA C 395 -2.74 18.57 -5.50
C ALA C 395 -3.75 17.76 -4.88
N GLN C 396 -4.99 18.18 -5.05
CA GLN C 396 -6.07 17.40 -4.56
C GLN C 396 -6.14 16.11 -5.23
N TYR C 397 -5.90 16.15 -6.55
CA TYR C 397 -5.84 15.03 -7.38
C TYR C 397 -4.89 14.05 -6.83
N ARG C 398 -3.78 14.48 -6.26
CA ARG C 398 -2.75 13.60 -5.90
C ARG C 398 -3.10 12.70 -4.79
N GLU C 399 -3.86 13.19 -3.83
CA GLU C 399 -4.26 12.33 -2.74
C GLU C 399 -5.10 11.22 -3.21
N VAL C 400 -5.81 11.47 -4.30
CA VAL C 400 -6.78 10.55 -4.80
C VAL C 400 -6.19 9.82 -5.96
N ALA C 401 -5.04 10.34 -6.41
CA ALA C 401 -4.07 9.86 -7.34
C ALA C 401 -3.53 8.70 -6.65
N ALA C 402 -3.47 8.80 -5.33
CA ALA C 402 -3.02 7.71 -4.56
C ALA C 402 -4.22 6.82 -4.27
N PHE C 403 -5.36 7.37 -3.83
CA PHE C 403 -6.50 6.55 -3.48
C PHE C 403 -7.07 5.57 -4.51
N ALA C 404 -7.33 4.29 -4.03
CA ALA C 404 -8.02 3.14 -4.64
C ALA C 404 -8.02 3.22 -6.11
N GLN C 405 -6.78 3.14 -6.56
CA GLN C 405 -6.39 3.51 -7.85
C GLN C 405 -6.92 2.65 -8.89
N PHE C 406 -6.97 1.37 -8.57
CA PHE C 406 -7.61 0.32 -9.27
C PHE C 406 -8.99 0.62 -9.72
N GLY C 407 -9.60 -0.41 -10.35
CA GLY C 407 -10.96 -0.41 -10.79
C GLY C 407 -11.79 -0.51 -9.55
N SER C 408 -12.01 0.69 -8.96
CA SER C 408 -12.83 0.98 -7.84
C SER C 408 -13.27 2.34 -8.19
N ASP C 409 -14.58 2.61 -7.98
CA ASP C 409 -15.23 3.88 -8.12
C ASP C 409 -14.59 4.91 -7.24
N LEU C 410 -15.11 6.13 -7.39
CA LEU C 410 -14.87 7.23 -6.53
C LEU C 410 -16.15 7.96 -6.55
N ASP C 411 -16.24 9.05 -5.77
CA ASP C 411 -17.34 9.96 -5.88
C ASP C 411 -17.05 10.70 -7.14
N ALA C 412 -18.04 11.29 -7.74
CA ALA C 412 -17.89 11.88 -9.04
C ALA C 412 -16.90 12.99 -9.13
N ALA C 413 -16.88 13.89 -8.11
CA ALA C 413 -16.01 15.04 -8.01
C ALA C 413 -14.66 14.61 -8.34
N THR C 414 -14.29 13.61 -7.58
CA THR C 414 -13.04 13.01 -7.60
C THR C 414 -12.86 12.20 -8.82
N GLN C 415 -13.90 11.52 -9.38
CA GLN C 415 -13.72 10.84 -10.65
C GLN C 415 -13.20 11.77 -11.67
N GLN C 416 -13.73 12.99 -11.67
CA GLN C 416 -13.19 14.02 -12.46
C GLN C 416 -11.82 14.40 -12.14
N LEU C 417 -11.50 14.80 -10.92
CA LEU C 417 -10.18 15.27 -10.54
C LEU C 417 -9.10 14.39 -11.01
N LEU C 418 -9.44 13.10 -10.96
CA LEU C 418 -8.63 12.04 -11.38
C LEU C 418 -8.45 12.05 -12.82
N SER C 419 -9.54 12.21 -13.57
CA SER C 419 -9.52 12.40 -14.97
C SER C 419 -8.67 13.54 -15.31
N ARG C 420 -8.94 14.69 -14.69
CA ARG C 420 -8.24 15.92 -14.84
C ARG C 420 -6.81 15.76 -14.60
N GLY C 421 -6.50 15.13 -13.48
CA GLY C 421 -5.18 14.89 -13.05
C GLY C 421 -4.46 14.13 -14.07
N VAL C 422 -5.07 13.02 -14.51
CA VAL C 422 -4.57 12.14 -15.51
C VAL C 422 -4.30 12.86 -16.76
N ARG C 423 -5.14 13.79 -17.15
CA ARG C 423 -5.00 14.54 -18.35
C ARG C 423 -3.79 15.37 -18.26
N LEU C 424 -3.68 16.05 -17.12
CA LEU C 424 -2.62 16.94 -16.82
C LEU C 424 -1.38 16.16 -16.82
N THR C 425 -1.41 14.88 -16.44
CA THR C 425 -0.25 14.07 -16.50
C THR C 425 0.28 13.91 -17.86
N GLU C 426 -0.62 13.71 -18.81
CA GLU C 426 -0.22 13.57 -20.15
C GLU C 426 0.35 14.80 -20.63
N LEU C 427 -0.26 15.88 -20.14
CA LEU C 427 0.12 17.20 -20.46
C LEU C 427 1.47 17.46 -19.90
N LEU C 428 1.77 16.83 -18.77
CA LEU C 428 2.98 16.98 -18.07
C LEU C 428 4.02 16.15 -18.61
N LYS C 429 3.64 15.25 -19.53
CA LYS C 429 4.62 14.70 -20.37
C LYS C 429 5.06 15.75 -21.31
N GLN C 430 6.26 15.56 -21.84
CA GLN C 430 6.86 16.42 -22.75
C GLN C 430 7.74 15.51 -23.48
N GLY C 431 7.73 15.64 -24.82
CA GLY C 431 8.46 14.79 -25.71
C GLY C 431 9.93 14.89 -25.56
N GLN C 432 10.57 13.82 -26.05
CA GLN C 432 11.98 13.64 -26.14
C GLN C 432 12.51 14.60 -27.16
N TYR C 433 13.26 15.60 -26.66
CA TYR C 433 13.99 16.56 -27.45
C TYR C 433 13.03 17.44 -28.15
N SER C 434 12.13 17.98 -27.32
CA SER C 434 10.98 18.69 -27.78
C SER C 434 10.72 19.78 -26.79
N PRO C 435 11.55 20.79 -26.71
CA PRO C 435 11.41 21.87 -25.75
C PRO C 435 10.19 22.66 -26.10
N MET C 436 9.78 23.57 -25.21
CA MET C 436 8.61 24.34 -25.45
C MET C 436 9.01 25.76 -25.36
N ALA C 437 8.01 26.60 -25.09
CA ALA C 437 8.06 27.99 -24.83
C ALA C 437 6.84 28.17 -24.00
N ILE C 438 6.86 29.23 -23.15
CA ILE C 438 5.92 29.45 -22.09
C ILE C 438 4.55 29.53 -22.60
N GLU C 439 4.32 30.13 -23.75
CA GLU C 439 3.00 30.24 -24.28
C GLU C 439 2.48 28.91 -24.67
N GLU C 440 3.31 28.02 -25.23
CA GLU C 440 2.83 26.73 -25.65
C GLU C 440 2.32 25.99 -24.52
N GLN C 441 3.11 26.11 -23.45
CA GLN C 441 2.86 25.51 -22.22
C GLN C 441 1.62 26.07 -21.61
N VAL C 442 1.52 27.38 -21.51
CA VAL C 442 0.42 28.05 -20.88
C VAL C 442 -0.81 27.68 -21.56
N ALA C 443 -0.71 27.57 -22.89
CA ALA C 443 -1.76 27.24 -23.79
C ALA C 443 -2.34 25.95 -23.48
N VAL C 444 -1.47 24.99 -23.26
CA VAL C 444 -1.96 23.67 -23.15
C VAL C 444 -2.47 23.58 -21.77
N ILE C 445 -1.85 24.30 -20.81
CA ILE C 445 -2.25 24.32 -19.44
C ILE C 445 -3.58 24.89 -19.34
N TYR C 446 -3.80 26.01 -20.00
CA TYR C 446 -5.05 26.63 -20.13
C TYR C 446 -6.06 25.65 -20.58
N ALA C 447 -5.69 24.83 -21.57
CA ALA C 447 -6.56 23.87 -22.15
C ALA C 447 -7.10 22.91 -21.16
N GLY C 448 -6.20 22.42 -20.31
CA GLY C 448 -6.55 21.43 -19.35
C GLY C 448 -7.29 22.00 -18.22
N VAL C 449 -6.81 23.14 -17.68
CA VAL C 449 -7.38 23.86 -16.59
C VAL C 449 -8.79 24.17 -16.87
N ARG C 450 -9.05 24.68 -18.07
CA ARG C 450 -10.36 25.07 -18.45
C ARG C 450 -11.09 23.86 -18.96
N GLY C 451 -10.50 22.70 -18.71
CA GLY C 451 -11.11 21.42 -18.72
C GLY C 451 -11.27 20.82 -20.00
N TYR C 452 -10.91 21.52 -21.06
CA TYR C 452 -11.22 21.18 -22.41
C TYR C 452 -10.83 19.85 -22.94
N LEU C 453 -10.23 18.95 -22.16
CA LEU C 453 -9.69 17.79 -22.80
C LEU C 453 -9.79 16.63 -21.90
N ASP C 454 -10.54 16.80 -20.82
CA ASP C 454 -11.03 15.75 -19.98
C ASP C 454 -11.95 14.90 -20.75
N LYS C 455 -12.67 15.63 -21.59
CA LYS C 455 -13.36 15.29 -22.79
C LYS C 455 -12.68 14.17 -23.52
N LEU C 456 -11.45 14.40 -23.98
CA LEU C 456 -10.62 13.38 -24.55
C LEU C 456 -10.36 12.34 -23.54
N GLU C 457 -10.32 11.07 -23.98
CA GLU C 457 -9.82 10.08 -23.10
C GLU C 457 -8.32 10.26 -23.26
N PRO C 458 -7.55 9.96 -22.27
CA PRO C 458 -6.17 10.36 -22.15
C PRO C 458 -5.24 10.19 -23.30
N SER C 459 -5.35 9.15 -24.14
CA SER C 459 -4.32 8.90 -25.13
C SER C 459 -4.18 9.99 -26.13
N LYS C 460 -5.28 10.71 -26.30
CA LYS C 460 -5.48 11.55 -27.41
C LYS C 460 -5.02 12.90 -27.16
N ILE C 461 -4.60 13.13 -25.90
CA ILE C 461 -4.17 14.39 -25.39
C ILE C 461 -2.98 14.78 -26.17
N THR C 462 -2.06 13.83 -26.30
CA THR C 462 -0.81 14.07 -26.94
C THR C 462 -0.98 14.49 -28.35
N LYS C 463 -1.96 13.89 -29.00
CA LYS C 463 -2.34 14.21 -30.29
C LYS C 463 -2.90 15.56 -30.31
N PHE C 464 -3.74 15.90 -29.32
CA PHE C 464 -4.28 17.23 -29.23
C PHE C 464 -3.23 18.19 -29.19
N GLU C 465 -2.30 18.00 -28.29
CA GLU C 465 -1.38 19.01 -27.96
C GLU C 465 -0.58 19.42 -29.09
N ASN C 466 -0.09 18.42 -29.84
CA ASN C 466 0.67 18.66 -31.01
C ASN C 466 -0.07 19.37 -32.05
N ALA C 467 -1.30 18.94 -32.25
CA ALA C 467 -2.13 19.37 -33.32
C ALA C 467 -2.49 20.75 -33.08
N PHE C 468 -2.88 20.95 -31.83
CA PHE C 468 -3.25 22.18 -31.24
C PHE C 468 -2.12 23.09 -31.37
N LEU C 469 -0.92 22.59 -31.14
CA LEU C 469 0.20 23.43 -31.20
C LEU C 469 0.45 23.83 -32.58
N SER C 470 0.49 22.91 -33.53
CA SER C 470 0.71 23.23 -34.90
C SER C 470 -0.34 24.11 -35.46
N HIS C 471 -1.54 24.04 -34.90
CA HIS C 471 -2.59 24.90 -35.24
C HIS C 471 -2.34 26.30 -34.81
N VAL C 472 -2.06 26.58 -33.54
CA VAL C 472 -1.82 27.93 -33.04
C VAL C 472 -0.60 28.47 -33.64
N ILE C 473 0.32 27.56 -33.91
CA ILE C 473 1.53 27.82 -34.61
C ILE C 473 1.13 28.34 -35.91
N SER C 474 0.14 27.75 -36.58
CA SER C 474 -0.34 28.47 -37.72
C SER C 474 -1.01 29.77 -37.36
N GLN C 475 -2.13 29.80 -36.63
CA GLN C 475 -2.86 31.04 -36.49
C GLN C 475 -2.43 31.87 -35.38
N HIS C 476 -2.45 31.24 -34.24
CA HIS C 476 -2.48 31.94 -33.04
C HIS C 476 -1.20 32.02 -32.47
N GLN C 477 -0.16 32.15 -33.28
CA GLN C 477 1.02 32.88 -32.96
C GLN C 477 0.63 34.23 -32.73
N ALA C 478 -0.50 34.62 -33.34
CA ALA C 478 -1.19 35.83 -33.08
C ALA C 478 -1.27 35.95 -31.60
N LEU C 479 -1.90 34.94 -31.05
CA LEU C 479 -1.92 34.79 -29.68
C LEU C 479 -0.60 34.43 -29.06
N LEU C 480 0.24 33.57 -29.65
CA LEU C 480 1.40 33.09 -28.96
C LEU C 480 2.41 34.09 -28.75
N GLY C 481 2.69 34.80 -29.84
CA GLY C 481 3.41 35.99 -29.94
C GLY C 481 2.90 36.94 -28.98
N LYS C 482 1.57 37.10 -28.92
CA LYS C 482 0.97 38.02 -28.01
C LYS C 482 1.27 37.67 -26.64
N ILE C 483 1.14 36.41 -26.28
CA ILE C 483 1.25 35.96 -24.94
C ILE C 483 2.63 36.13 -24.52
N ARG C 484 3.56 35.93 -25.46
CA ARG C 484 4.95 36.15 -25.24
C ARG C 484 5.08 37.59 -24.94
N THR C 485 4.45 38.43 -25.73
CA THR C 485 4.48 39.84 -25.52
C THR C 485 3.98 40.28 -24.20
N ASP C 486 2.70 40.01 -23.88
CA ASP C 486 2.10 40.44 -22.66
C ASP C 486 2.72 39.74 -21.52
N GLY C 487 3.38 38.60 -21.80
CA GLY C 487 4.05 37.74 -20.87
C GLY C 487 3.02 37.01 -20.05
N LYS C 488 1.78 37.24 -20.47
CA LYS C 488 0.70 37.16 -19.60
C LYS C 488 -0.44 36.99 -20.51
N ILE C 489 -1.55 36.55 -19.92
CA ILE C 489 -2.82 36.34 -20.54
C ILE C 489 -3.65 37.52 -20.13
N SER C 490 -4.35 38.15 -21.09
CA SER C 490 -5.32 39.14 -20.74
C SER C 490 -6.58 38.39 -20.85
N GLU C 491 -7.66 38.93 -20.30
CA GLU C 491 -8.95 38.42 -20.55
C GLU C 491 -9.24 38.21 -22.01
N GLU C 492 -8.80 39.11 -22.88
CA GLU C 492 -8.95 38.84 -24.28
C GLU C 492 -8.19 37.67 -24.65
N SER C 493 -6.90 37.59 -24.35
CA SER C 493 -6.06 36.54 -24.82
C SER C 493 -6.67 35.25 -24.45
N ASP C 494 -7.20 35.20 -23.23
CA ASP C 494 -8.00 34.14 -22.72
C ASP C 494 -9.13 33.88 -23.60
N ALA C 495 -9.84 34.89 -24.04
CA ALA C 495 -11.01 34.75 -24.80
C ALA C 495 -10.61 34.23 -26.11
N LYS C 496 -9.52 34.71 -26.71
CA LYS C 496 -8.99 34.24 -27.94
C LYS C 496 -8.62 32.85 -27.78
N LEU C 497 -8.02 32.51 -26.68
CA LEU C 497 -7.71 31.15 -26.44
C LEU C 497 -8.92 30.36 -26.45
N LYS C 498 -9.90 30.82 -25.72
CA LYS C 498 -11.07 30.11 -25.42
C LYS C 498 -11.74 29.62 -26.55
N GLU C 499 -11.90 30.44 -27.57
CA GLU C 499 -12.51 29.91 -28.71
C GLU C 499 -11.60 29.03 -29.38
N ILE C 500 -10.33 29.43 -29.49
CA ILE C 500 -9.46 28.73 -30.39
C ILE C 500 -9.44 27.38 -30.00
N VAL C 501 -9.13 27.16 -28.74
CA VAL C 501 -9.10 25.87 -28.20
C VAL C 501 -10.40 25.27 -28.34
N THR C 502 -11.52 25.82 -27.95
CA THR C 502 -12.70 25.03 -27.90
C THR C 502 -13.07 24.47 -29.21
N ASN C 503 -12.97 25.32 -30.20
CA ASN C 503 -13.36 25.02 -31.52
C ASN C 503 -12.37 24.19 -32.14
N PHE C 504 -11.11 24.56 -31.94
CA PHE C 504 -10.01 23.89 -32.50
C PHE C 504 -9.97 22.53 -32.03
N LEU C 505 -10.19 22.38 -30.72
CA LEU C 505 -10.31 21.22 -29.93
C LEU C 505 -11.39 20.45 -30.52
N ALA C 506 -12.52 21.10 -30.80
CA ALA C 506 -13.61 20.43 -31.43
C ALA C 506 -13.20 19.86 -32.73
N GLY C 507 -12.40 20.60 -33.50
CA GLY C 507 -11.84 20.19 -34.74
C GLY C 507 -10.83 19.11 -34.61
N PHE C 508 -10.06 19.13 -33.53
CA PHE C 508 -9.00 18.24 -33.18
C PHE C 508 -9.59 16.89 -32.95
N GLU C 509 -10.79 16.88 -32.40
CA GLU C 509 -11.47 15.72 -31.94
C GLU C 509 -12.13 15.34 -33.15
N ALA C 510 -13.31 15.89 -33.36
CA ALA C 510 -14.03 15.57 -34.52
C ALA C 510 -13.28 16.43 -35.53
N THR D 13 54.98 38.01 19.40
CA THR D 13 55.40 36.64 19.04
C THR D 13 54.96 36.38 17.64
N THR D 14 55.74 35.60 16.88
CA THR D 14 55.42 35.29 15.53
C THR D 14 55.41 33.85 15.30
N GLY D 15 54.61 33.40 14.33
CA GLY D 15 54.58 32.08 13.95
C GLY D 15 54.68 32.12 12.54
N ARG D 16 54.91 30.95 12.06
CA ARG D 16 55.22 30.73 10.75
C ARG D 16 54.31 29.71 10.40
N ILE D 17 53.82 29.81 9.17
CA ILE D 17 53.09 28.77 8.57
C ILE D 17 54.05 27.69 8.41
N VAL D 18 53.83 26.52 8.97
CA VAL D 18 54.78 25.49 8.68
C VAL D 18 54.15 24.56 7.74
N ALA D 19 52.84 24.48 7.84
CA ALA D 19 52.09 23.57 7.10
C ALA D 19 50.78 24.18 7.01
N VAL D 20 50.10 24.00 5.89
CA VAL D 20 48.77 24.45 5.67
C VAL D 20 48.25 23.20 5.12
N ILE D 21 47.27 22.62 5.76
CA ILE D 21 46.66 21.52 5.13
C ILE D 21 45.31 21.92 5.41
N GLY D 22 44.71 22.39 4.30
CA GLY D 22 43.49 23.12 4.33
C GLY D 22 43.57 24.25 5.29
N ALA D 23 42.39 24.63 5.85
CA ALA D 23 42.22 25.71 6.76
C ALA D 23 42.63 25.30 8.12
N VAL D 24 43.45 24.23 8.24
CA VAL D 24 44.01 23.96 9.49
C VAL D 24 45.31 24.42 9.06
N VAL D 25 45.75 25.41 9.81
CA VAL D 25 46.93 26.03 9.43
C VAL D 25 47.62 25.68 10.64
N ASP D 26 48.76 25.13 10.30
CA ASP D 26 49.56 24.50 11.24
C ASP D 26 50.54 25.62 11.36
N VAL D 27 50.72 26.11 12.61
CA VAL D 27 51.55 27.26 12.81
C VAL D 27 52.48 26.84 13.83
N GLN D 28 53.72 27.24 13.63
CA GLN D 28 54.64 27.05 14.65
C GLN D 28 54.73 28.43 15.01
N PHE D 29 54.55 28.71 16.30
CA PHE D 29 54.75 30.02 16.68
C PHE D 29 56.01 29.81 17.30
N ASP D 30 56.83 30.69 16.83
CA ASP D 30 58.23 30.55 16.89
C ASP D 30 58.63 31.21 18.14
N GLU D 31 57.71 32.07 18.57
CA GLU D 31 57.82 32.82 19.73
C GLU D 31 56.61 32.38 20.43
N GLY D 32 56.49 32.87 21.68
CA GLY D 32 55.50 32.54 22.66
C GLY D 32 54.16 32.16 22.14
N LEU D 33 53.55 31.22 22.88
CA LEU D 33 52.30 30.65 22.54
C LEU D 33 51.34 31.23 23.54
N PRO D 34 50.19 31.71 23.12
CA PRO D 34 49.25 32.45 23.93
C PRO D 34 48.24 31.45 24.40
N PRO D 35 47.00 31.77 24.63
CA PRO D 35 46.02 30.78 24.99
C PRO D 35 45.78 29.78 23.92
N ILE D 36 44.87 28.88 24.26
CA ILE D 36 44.22 28.08 23.29
C ILE D 36 42.95 28.87 23.27
N LEU D 37 42.40 29.08 22.05
CA LEU D 37 41.29 29.94 21.75
C LEU D 37 41.82 31.23 21.38
N ASN D 38 43.12 31.38 21.38
CA ASN D 38 43.72 32.54 20.96
C ASN D 38 43.53 32.83 19.53
N ALA D 39 43.18 34.07 19.19
CA ALA D 39 43.13 34.53 17.85
C ALA D 39 44.53 34.90 17.55
N LEU D 40 45.04 34.48 16.40
CA LEU D 40 46.35 34.84 15.96
C LEU D 40 46.10 35.61 14.76
N GLU D 41 46.97 36.57 14.44
CA GLU D 41 46.79 37.31 13.25
C GLU D 41 47.85 36.87 12.37
N VAL D 42 47.51 36.45 11.18
CA VAL D 42 48.51 36.11 10.25
C VAL D 42 48.89 37.39 9.72
N GLN D 43 50.18 37.60 9.64
CA GLN D 43 50.62 38.83 9.13
C GLN D 43 50.86 38.50 7.74
N GLY D 44 50.38 39.43 6.91
CA GLY D 44 50.37 39.32 5.49
C GLY D 44 48.94 39.24 5.11
N ARG D 45 48.05 39.79 5.97
CA ARG D 45 46.65 39.56 5.79
C ARG D 45 45.87 40.72 5.45
N GLU D 46 45.60 40.74 4.15
CA GLU D 46 44.82 41.65 3.38
C GLU D 46 43.43 41.63 3.93
N THR D 47 42.93 40.46 4.31
CA THR D 47 41.79 40.39 5.14
C THR D 47 42.34 39.65 6.25
N ARG D 48 42.26 40.28 7.42
CA ARG D 48 42.67 39.88 8.74
C ARG D 48 42.45 38.42 8.84
N LEU D 49 43.47 37.58 8.97
CA LEU D 49 43.23 36.17 9.00
C LEU D 49 43.49 35.75 10.36
N VAL D 50 42.36 35.50 11.05
CA VAL D 50 42.43 35.07 12.39
C VAL D 50 42.53 33.62 12.24
N LEU D 51 43.46 33.12 13.02
CA LEU D 51 43.68 31.76 13.16
C LEU D 51 43.21 31.61 14.51
N GLU D 52 42.39 30.61 14.76
CA GLU D 52 42.01 30.38 16.08
C GLU D 52 42.75 29.23 16.53
N VAL D 53 43.44 29.38 17.67
CA VAL D 53 44.23 28.36 18.28
C VAL D 53 43.25 27.40 18.74
N ALA D 54 43.62 26.18 18.47
CA ALA D 54 42.87 25.03 18.71
C ALA D 54 43.68 24.16 19.60
N GLN D 55 44.99 24.03 19.36
CA GLN D 55 45.74 23.16 20.19
C GLN D 55 47.02 23.77 20.39
N HIS D 56 47.65 23.53 21.56
CA HIS D 56 49.03 23.86 21.62
C HIS D 56 49.60 22.54 21.38
N LEU D 57 50.04 22.37 20.14
CA LEU D 57 50.38 21.10 19.63
C LEU D 57 51.59 20.54 20.20
N GLY D 58 52.43 21.39 20.75
CA GLY D 58 53.70 21.03 21.26
C GLY D 58 54.59 21.63 20.27
N GLU D 59 55.88 21.55 20.58
CA GLU D 59 56.99 22.12 19.88
C GLU D 59 56.74 23.50 19.33
N SER D 60 56.12 24.34 20.18
CA SER D 60 55.79 25.73 19.97
C SER D 60 54.86 25.85 18.84
N THR D 61 54.14 24.79 18.59
CA THR D 61 53.34 24.77 17.44
C THR D 61 52.07 24.56 18.01
N VAL D 62 51.16 25.22 17.36
CA VAL D 62 49.83 25.31 17.69
C VAL D 62 49.14 24.89 16.49
N ARG D 63 47.92 24.44 16.72
CA ARG D 63 47.08 24.07 15.66
C ARG D 63 46.15 25.16 15.69
N THR D 64 45.84 25.65 14.51
CA THR D 64 44.95 26.73 14.40
C THR D 64 44.08 26.37 13.32
N ILE D 65 43.01 27.14 13.25
CA ILE D 65 42.16 27.04 12.15
C ILE D 65 42.13 28.40 11.60
N ALA D 66 42.38 28.45 10.30
CA ALA D 66 42.27 29.64 9.53
C ALA D 66 40.83 29.86 9.31
N MET D 67 40.42 31.13 9.40
CA MET D 67 39.05 31.47 9.21
C MET D 67 38.83 32.37 8.05
N ASP D 68 39.89 32.99 7.49
CA ASP D 68 39.85 33.73 6.24
C ASP D 68 40.46 32.85 5.19
N GLY D 69 41.47 33.40 4.45
CA GLY D 69 42.22 32.86 3.35
C GLY D 69 42.74 31.50 3.62
N THR D 70 42.81 30.70 2.56
CA THR D 70 43.18 29.33 2.65
C THR D 70 43.91 29.03 1.37
N GLU D 71 44.52 30.06 0.78
CA GLU D 71 45.13 29.90 -0.49
C GLU D 71 46.06 31.03 -0.64
N GLY D 72 47.08 30.81 -1.47
CA GLY D 72 48.09 31.76 -1.80
C GLY D 72 49.10 31.80 -0.72
N LEU D 73 48.81 31.12 0.39
CA LEU D 73 49.55 31.16 1.59
C LEU D 73 50.92 30.63 1.44
N VAL D 74 51.88 31.50 1.73
CA VAL D 74 53.24 31.15 1.64
C VAL D 74 53.63 30.52 2.87
N ARG D 75 54.22 29.33 2.78
CA ARG D 75 54.70 28.70 3.96
C ARG D 75 55.78 29.53 4.53
N GLY D 76 55.82 29.48 5.86
CA GLY D 76 56.66 30.18 6.75
C GLY D 76 56.00 31.43 7.16
N GLN D 77 54.92 31.81 6.48
CA GLN D 77 54.41 33.12 6.71
C GLN D 77 54.07 33.42 8.11
N LYS D 78 54.27 34.68 8.39
CA LYS D 78 54.49 35.23 9.64
C LYS D 78 53.16 35.49 10.13
N VAL D 79 53.00 35.18 11.38
CA VAL D 79 51.77 35.30 11.98
C VAL D 79 52.20 36.01 13.14
N LEU D 80 51.51 37.01 13.59
CA LEU D 80 51.79 37.65 14.80
C LEU D 80 50.54 37.43 15.53
N ASP D 81 50.70 36.77 16.66
CA ASP D 81 49.73 36.38 17.62
C ASP D 81 48.95 37.56 18.12
N SER D 82 47.59 37.49 18.07
CA SER D 82 46.76 38.58 18.53
C SER D 82 46.65 38.52 20.04
N GLY D 83 47.18 37.45 20.66
CA GLY D 83 47.47 37.37 22.07
C GLY D 83 46.29 37.16 22.92
N ALA D 84 45.15 36.95 22.28
CA ALA D 84 43.96 36.70 22.98
C ALA D 84 43.17 36.08 21.91
N PRO D 85 42.07 35.52 22.29
CA PRO D 85 41.04 35.11 21.38
C PRO D 85 40.50 36.27 20.62
N ILE D 86 39.59 35.98 19.67
CA ILE D 86 38.93 36.93 18.82
C ILE D 86 38.27 38.04 19.59
N ARG D 87 38.34 39.30 19.11
CA ARG D 87 37.62 40.38 19.72
C ARG D 87 36.70 40.82 18.67
N ILE D 88 35.51 41.23 19.05
CA ILE D 88 34.51 41.49 18.07
C ILE D 88 33.86 42.70 18.55
N PRO D 89 33.25 43.44 17.71
CA PRO D 89 32.51 44.62 18.10
C PRO D 89 31.37 44.27 18.99
N VAL D 90 31.09 45.01 20.08
CA VAL D 90 29.92 44.81 20.87
C VAL D 90 29.48 46.16 21.35
N GLY D 91 28.44 46.13 22.18
CA GLY D 91 27.72 47.28 22.65
C GLY D 91 26.51 47.29 21.78
N PRO D 92 25.63 48.28 21.88
CA PRO D 92 24.39 48.49 21.12
C PRO D 92 24.67 48.65 19.69
N GLU D 93 25.95 48.78 19.44
CA GLU D 93 26.57 49.27 18.31
C GLU D 93 26.60 48.28 17.25
N THR D 94 26.25 47.09 17.63
CA THR D 94 26.01 45.97 16.84
C THR D 94 24.65 45.96 16.22
N LEU D 95 23.71 46.64 16.87
CA LEU D 95 22.34 46.56 16.48
C LEU D 95 22.18 47.19 15.19
N GLY D 96 21.25 46.64 14.40
CA GLY D 96 21.02 47.01 13.03
C GLY D 96 22.29 47.08 12.27
N ARG D 97 23.07 46.00 12.29
CA ARG D 97 24.31 45.92 11.58
C ARG D 97 24.35 44.49 11.23
N ILE D 98 24.94 44.17 10.07
CA ILE D 98 25.06 42.82 9.65
C ILE D 98 26.50 42.71 9.77
N MET D 99 26.82 41.76 10.60
CA MET D 99 28.10 41.56 11.05
C MET D 99 28.26 40.24 10.49
N ASN D 100 29.48 39.89 10.27
CA ASN D 100 29.78 38.60 9.79
C ASN D 100 30.22 37.98 11.03
N VAL D 101 30.95 36.87 10.91
CA VAL D 101 31.46 36.17 12.05
C VAL D 101 32.45 37.03 12.76
N ILE D 102 33.33 37.75 12.02
CA ILE D 102 34.34 38.54 12.65
C ILE D 102 33.70 39.71 13.31
N GLY D 103 32.43 39.93 12.96
CA GLY D 103 31.55 40.78 13.65
C GLY D 103 31.65 42.02 12.90
N GLU D 104 31.79 41.91 11.58
CA GLU D 104 32.21 42.98 10.76
C GLU D 104 31.23 43.18 9.70
N PRO D 105 31.00 44.42 9.33
CA PRO D 105 30.00 44.80 8.38
C PRO D 105 29.95 44.03 7.12
N ILE D 106 28.97 43.14 7.07
CA ILE D 106 28.57 42.53 5.85
C ILE D 106 27.25 43.18 5.60
N ASP D 107 26.98 44.23 6.40
CA ASP D 107 25.98 45.20 6.14
C ASP D 107 26.52 45.91 4.98
N GLU D 108 27.86 46.13 5.01
CA GLU D 108 28.63 46.77 4.00
C GLU D 108 28.06 48.14 3.87
N ARG D 109 27.77 48.74 5.03
CA ARG D 109 27.18 50.04 5.16
C ARG D 109 28.12 50.75 6.04
N GLY D 110 29.40 50.36 5.96
CA GLY D 110 30.39 51.00 6.73
C GLY D 110 30.52 50.17 7.96
N PRO D 111 31.34 50.63 8.87
CA PRO D 111 31.81 49.86 9.98
C PRO D 111 30.72 49.77 10.94
N ILE D 112 30.92 48.88 11.91
CA ILE D 112 30.07 48.78 13.04
C ILE D 112 30.60 49.85 13.97
N LYS D 113 29.68 50.42 14.76
CA LYS D 113 29.82 51.67 15.44
C LYS D 113 30.21 51.41 16.86
N THR D 114 30.73 50.20 17.09
CA THR D 114 31.23 49.67 18.30
C THR D 114 32.19 50.50 19.05
N LYS D 115 32.41 50.07 20.27
CA LYS D 115 33.34 50.64 21.18
C LYS D 115 33.75 49.52 22.01
N GLN D 116 32.90 48.50 22.10
CA GLN D 116 33.14 47.47 23.02
C GLN D 116 33.59 46.39 22.24
N PHE D 117 34.51 45.65 22.82
CA PHE D 117 34.91 44.50 22.12
C PHE D 117 34.58 43.44 23.00
N ALA D 118 34.51 42.25 22.41
CA ALA D 118 34.24 41.11 23.18
C ALA D 118 34.96 39.96 22.62
N ALA D 119 35.41 39.06 23.52
CA ALA D 119 35.83 37.74 23.16
C ALA D 119 34.59 36.95 22.99
N ILE D 120 34.51 36.13 21.92
CA ILE D 120 33.25 35.48 21.66
C ILE D 120 33.12 34.24 22.42
N HIS D 121 34.15 33.97 23.24
CA HIS D 121 34.11 32.98 24.23
C HIS D 121 34.03 33.82 25.40
N ALA D 122 32.84 33.75 25.95
CA ALA D 122 32.50 34.28 27.20
C ALA D 122 32.13 32.99 27.80
N GLU D 123 32.01 32.98 29.13
CA GLU D 123 31.88 31.73 29.80
C GLU D 123 30.53 31.69 30.41
N ALA D 124 30.01 30.45 30.54
CA ALA D 124 28.69 30.19 30.99
C ALA D 124 28.47 30.73 32.38
N PRO D 125 27.40 31.46 32.65
CA PRO D 125 27.05 31.99 33.96
C PRO D 125 27.10 31.02 35.10
N GLU D 126 27.35 31.49 36.35
CA GLU D 126 27.51 30.66 37.51
C GLU D 126 26.15 30.28 37.91
N PHE D 127 26.11 29.31 38.79
CA PHE D 127 24.97 28.67 39.30
C PHE D 127 24.14 29.71 39.97
N VAL D 128 24.80 30.60 40.73
CA VAL D 128 24.14 31.68 41.34
C VAL D 128 23.62 32.67 40.39
N GLU D 129 24.17 32.81 39.18
CA GLU D 129 23.74 33.86 38.32
C GLU D 129 22.54 33.52 37.60
N MET D 130 22.11 32.27 37.77
CA MET D 130 20.98 31.83 37.06
C MET D 130 19.86 32.41 37.80
N SER D 131 18.85 32.86 37.06
CA SER D 131 17.56 33.06 37.62
C SER D 131 17.09 31.66 37.52
N VAL D 132 17.21 31.02 38.70
CA VAL D 132 17.18 29.60 38.96
C VAL D 132 15.94 29.01 38.43
N GLU D 133 14.91 29.86 38.48
CA GLU D 133 13.64 29.65 37.96
C GLU D 133 13.71 30.61 36.85
N GLN D 134 13.33 30.09 35.70
CA GLN D 134 13.12 30.81 34.51
C GLN D 134 11.64 30.66 34.48
N GLU D 135 11.02 31.75 34.08
CA GLU D 135 9.64 31.97 34.38
C GLU D 135 9.11 32.30 33.09
N ILE D 136 7.90 31.82 32.83
CA ILE D 136 7.34 31.86 31.53
C ILE D 136 7.42 33.22 30.91
N LEU D 137 7.95 33.24 29.70
CA LEU D 137 7.85 34.29 28.78
C LEU D 137 6.64 34.04 27.99
N VAL D 138 5.95 35.13 27.69
CA VAL D 138 4.75 35.17 26.93
C VAL D 138 5.13 36.02 25.76
N THR D 139 4.62 35.66 24.59
CA THR D 139 4.98 36.22 23.32
C THR D 139 3.93 37.12 22.79
N GLY D 140 2.70 36.97 23.30
CA GLY D 140 1.56 37.69 22.80
C GLY D 140 0.99 36.97 21.60
N ILE D 141 1.29 35.68 21.45
CA ILE D 141 0.68 34.92 20.41
C ILE D 141 0.16 33.79 21.15
N LYS D 142 -1.14 33.60 20.98
CA LYS D 142 -1.94 32.72 21.76
C LYS D 142 -1.42 31.37 21.66
N VAL D 143 -1.31 30.94 20.40
CA VAL D 143 -0.86 29.65 20.03
C VAL D 143 0.44 29.40 20.64
N VAL D 144 1.31 30.42 20.65
CA VAL D 144 2.57 30.18 21.22
C VAL D 144 2.47 30.08 22.66
N ASP D 145 2.01 31.11 23.34
CA ASP D 145 2.03 31.13 24.76
C ASP D 145 1.34 30.05 25.40
N LEU D 146 0.16 29.74 24.89
CA LEU D 146 -0.66 28.76 25.49
C LEU D 146 -0.02 27.45 25.35
N LEU D 147 0.37 27.08 24.13
CA LEU D 147 0.62 25.69 23.90
C LEU D 147 2.05 25.43 24.11
N ALA D 148 2.87 26.41 23.71
CA ALA D 148 4.26 26.36 23.99
C ALA D 148 4.55 27.57 24.81
N PRO D 149 4.36 27.62 26.10
CA PRO D 149 4.63 28.83 26.84
C PRO D 149 6.10 28.91 26.93
N TYR D 150 6.68 30.08 26.73
CA TYR D 150 8.12 30.16 26.68
C TYR D 150 8.53 30.36 28.06
N ALA D 151 9.81 30.15 28.34
CA ALA D 151 10.41 30.46 29.58
C ALA D 151 11.29 31.55 29.15
N LYS D 152 11.39 32.59 29.94
CA LYS D 152 12.31 33.67 29.80
C LYS D 152 13.72 33.16 29.84
N GLY D 153 14.51 33.30 28.75
CA GLY D 153 15.90 32.95 28.70
C GLY D 153 16.05 31.65 28.03
N GLY D 154 14.88 31.00 27.84
CA GLY D 154 14.66 29.70 27.31
C GLY D 154 15.23 29.52 25.97
N LYS D 155 15.51 28.26 25.64
CA LYS D 155 15.96 27.81 24.37
C LYS D 155 14.78 27.15 23.79
N ILE D 156 14.32 27.68 22.65
CA ILE D 156 13.19 27.13 21.99
C ILE D 156 13.63 26.59 20.72
N GLY D 157 13.15 25.41 20.32
CA GLY D 157 13.59 24.88 19.06
C GLY D 157 12.46 24.95 18.12
N LEU D 158 12.82 25.36 16.90
CA LEU D 158 11.92 25.45 15.79
C LEU D 158 12.08 24.51 14.68
N PHE D 159 11.26 23.47 14.63
CA PHE D 159 11.06 22.69 13.43
C PHE D 159 10.01 23.48 12.71
N GLY D 160 10.07 23.60 11.37
CA GLY D 160 9.11 24.44 10.66
C GLY D 160 9.36 24.62 9.16
N GLY D 161 8.28 24.67 8.32
CA GLY D 161 8.22 24.92 6.87
C GLY D 161 9.08 25.97 6.18
N ALA D 162 9.60 25.62 4.98
CA ALA D 162 10.37 26.48 4.12
C ALA D 162 9.55 27.54 3.48
N GLY D 163 9.92 28.81 3.70
CA GLY D 163 9.46 29.89 2.87
C GLY D 163 8.10 30.33 3.28
N VAL D 164 7.61 29.73 4.38
CA VAL D 164 6.30 29.97 4.89
C VAL D 164 6.23 31.38 5.31
N GLY D 165 7.35 31.76 5.91
CA GLY D 165 7.52 33.01 6.44
C GLY D 165 7.57 32.52 7.82
N LYS D 166 8.59 31.70 8.05
CA LYS D 166 9.01 31.26 9.34
C LYS D 166 9.39 32.49 9.95
N THR D 167 10.21 33.11 9.16
CA THR D 167 10.89 34.30 9.26
C THR D 167 9.89 35.33 9.33
N VAL D 168 8.80 35.21 8.59
CA VAL D 168 7.77 36.19 8.66
C VAL D 168 7.24 36.18 10.00
N LEU D 169 7.00 34.99 10.49
CA LEU D 169 6.55 34.84 11.78
C LEU D 169 7.51 35.37 12.72
N ILE D 170 8.77 35.05 12.53
CA ILE D 170 9.82 35.44 13.37
C ILE D 170 9.91 36.87 13.49
N MET D 171 9.77 37.56 12.39
CA MET D 171 9.80 38.96 12.30
C MET D 171 8.72 39.50 13.11
N GLU D 172 7.57 38.87 12.99
CA GLU D 172 6.46 39.19 13.78
C GLU D 172 6.73 38.94 15.22
N LEU D 173 7.51 37.93 15.56
CA LEU D 173 7.84 37.65 16.91
C LEU D 173 8.66 38.71 17.45
N ILE D 174 9.63 39.15 16.67
CA ILE D 174 10.53 40.21 16.96
C ILE D 174 9.70 41.38 17.23
N ASN D 175 8.71 41.60 16.38
CA ASN D 175 7.81 42.66 16.54
C ASN D 175 7.13 42.56 17.85
N ASN D 176 6.59 41.42 18.12
CA ASN D 176 5.76 41.33 19.26
C ASN D 176 6.51 41.41 20.49
N VAL D 177 7.67 40.82 20.46
CA VAL D 177 8.35 40.61 21.65
C VAL D 177 9.45 41.53 21.73
N ALA D 178 10.42 41.38 20.83
CA ALA D 178 11.58 42.21 20.91
C ALA D 178 11.21 43.63 20.91
N LYS D 179 10.19 43.99 20.13
CA LYS D 179 9.54 45.23 20.27
C LYS D 179 8.82 45.34 21.53
N ALA D 180 7.80 44.50 21.81
CA ALA D 180 7.02 44.77 23.00
C ALA D 180 7.69 44.36 24.28
N HIS D 181 9.00 44.30 24.31
CA HIS D 181 9.77 44.14 25.48
C HIS D 181 10.99 44.81 25.14
N GLY D 182 11.94 44.84 26.08
CA GLY D 182 13.20 45.50 25.91
C GLY D 182 14.11 44.64 25.12
N GLY D 183 13.62 43.45 24.74
CA GLY D 183 14.41 42.52 24.03
C GLY D 183 14.84 42.99 22.74
N TYR D 184 16.11 42.74 22.43
CA TYR D 184 16.63 42.98 21.13
C TYR D 184 16.79 41.62 20.63
N SER D 185 17.36 41.49 19.43
CA SER D 185 17.52 40.23 18.81
C SER D 185 18.88 40.17 18.26
N VAL D 186 19.36 38.94 18.13
CA VAL D 186 20.59 38.63 17.52
C VAL D 186 20.13 37.55 16.67
N PHE D 187 20.58 37.59 15.43
CA PHE D 187 20.28 36.57 14.55
C PHE D 187 21.58 36.09 14.12
N ALA D 188 21.81 34.79 14.26
CA ALA D 188 22.99 34.23 13.72
C ALA D 188 22.45 33.34 12.66
N GLY D 189 22.60 33.76 11.38
CA GLY D 189 22.32 32.99 10.21
C GLY D 189 23.52 32.17 9.97
N VAL D 190 23.49 30.95 10.49
CA VAL D 190 24.61 30.08 10.46
C VAL D 190 24.45 29.17 9.30
N GLY D 191 25.44 29.19 8.40
CA GLY D 191 25.54 28.29 7.29
C GLY D 191 24.45 28.52 6.35
N GLU D 192 23.82 29.68 6.48
CA GLU D 192 22.69 29.96 5.73
C GLU D 192 23.15 30.38 4.45
N ARG D 193 22.21 30.46 3.54
CA ARG D 193 22.50 30.96 2.27
C ARG D 193 22.59 32.38 2.46
N THR D 194 23.64 32.91 1.88
CA THR D 194 23.85 34.32 1.72
C THR D 194 22.63 34.87 1.03
N ARG D 195 22.16 34.18 -0.04
CA ARG D 195 20.97 34.54 -0.78
C ARG D 195 19.78 34.73 0.04
N GLU D 196 19.49 33.84 1.00
CA GLU D 196 18.24 34.03 1.69
C GLU D 196 18.36 35.12 2.64
N GLY D 197 19.59 35.34 3.12
CA GLY D 197 19.84 36.35 4.07
C GLY D 197 19.73 37.66 3.41
N ASN D 198 20.11 37.74 2.14
CA ASN D 198 19.92 38.86 1.29
C ASN D 198 18.49 39.12 1.11
N ASP D 199 17.70 38.13 0.70
CA ASP D 199 16.30 38.36 0.43
C ASP D 199 15.61 38.85 1.61
N LEU D 200 16.03 38.25 2.71
CA LEU D 200 15.49 38.46 3.99
C LEU D 200 15.84 39.77 4.43
N TYR D 201 17.06 40.18 4.22
CA TYR D 201 17.60 41.43 4.55
C TYR D 201 16.77 42.47 4.03
N HIS D 202 16.46 42.44 2.73
CA HIS D 202 15.74 43.50 2.13
C HIS D 202 14.42 43.48 2.66
N GLU D 203 13.99 42.27 2.95
CA GLU D 203 12.76 41.98 3.51
C GLU D 203 12.66 42.46 4.88
N MET D 204 13.75 42.50 5.61
CA MET D 204 13.77 42.82 6.97
C MET D 204 13.74 44.25 7.10
N ILE D 205 14.47 44.89 6.20
CA ILE D 205 14.57 46.29 6.05
C ILE D 205 13.20 46.76 5.85
N GLU D 206 12.62 46.17 4.82
CA GLU D 206 11.28 46.27 4.38
C GLU D 206 10.35 46.09 5.50
N SER D 207 10.54 45.03 6.31
CA SER D 207 9.63 44.73 7.37
C SER D 207 9.73 45.75 8.43
N GLY D 208 10.91 46.33 8.63
CA GLY D 208 11.05 47.34 9.63
C GLY D 208 11.51 46.63 10.83
N VAL D 209 11.75 45.31 10.78
CA VAL D 209 12.37 44.68 11.90
C VAL D 209 13.78 45.12 11.84
N ILE D 210 14.31 45.11 10.62
CA ILE D 210 15.42 45.90 10.27
C ILE D 210 14.84 47.10 9.73
N ASN D 211 15.42 48.16 10.23
CA ASN D 211 15.08 49.47 9.97
C ASN D 211 16.37 49.98 9.52
N LEU D 212 16.39 50.73 8.42
CA LEU D 212 17.60 51.37 7.93
C LEU D 212 17.62 52.74 8.55
N LYS D 213 16.80 52.94 9.59
CA LYS D 213 16.61 54.19 10.20
C LYS D 213 16.80 53.97 11.63
N ASP D 214 16.58 52.71 12.09
CA ASP D 214 16.97 52.37 13.42
C ASP D 214 18.27 51.79 13.06
N ALA D 215 19.34 52.54 13.33
CA ALA D 215 20.69 52.08 13.09
C ALA D 215 20.93 50.95 14.02
N THR D 216 20.27 51.06 15.18
CA THR D 216 20.15 50.05 16.15
C THR D 216 18.78 49.51 15.94
N SER D 217 18.62 48.60 14.96
CA SER D 217 17.36 47.94 14.78
C SER D 217 17.27 46.97 15.89
N LYS D 218 16.10 46.34 16.04
CA LYS D 218 15.91 45.44 17.14
C LYS D 218 16.59 44.14 16.83
N VAL D 219 17.44 44.11 15.78
CA VAL D 219 18.10 42.96 15.33
C VAL D 219 19.49 43.35 14.99
N ALA D 220 20.42 42.52 15.44
CA ALA D 220 21.76 42.53 14.96
C ALA D 220 21.76 41.29 14.14
N LEU D 221 22.36 41.35 12.95
CA LEU D 221 22.42 40.21 12.12
C LEU D 221 23.83 39.85 12.11
N VAL D 222 24.03 38.56 12.22
CA VAL D 222 25.28 37.92 12.29
C VAL D 222 25.14 36.83 11.33
N TYR D 223 26.12 36.66 10.45
CA TYR D 223 26.03 35.63 9.47
C TYR D 223 27.31 34.91 9.49
N GLY D 224 27.18 33.58 9.32
CA GLY D 224 28.31 32.70 9.35
C GLY D 224 27.96 31.64 8.39
N GLN D 225 27.88 32.01 7.10
CA GLN D 225 27.40 31.19 6.03
C GLN D 225 28.39 30.15 5.63
N MET D 226 27.87 29.22 4.86
CA MET D 226 28.40 27.93 4.48
C MET D 226 29.75 27.97 3.80
N ASN D 227 29.87 28.99 3.00
CA ASN D 227 30.97 29.43 2.21
C ASN D 227 32.06 29.98 3.05
N GLU D 228 32.16 29.59 4.31
CA GLU D 228 33.18 30.07 5.17
C GLU D 228 33.81 28.86 5.57
N PRO D 229 34.83 28.87 6.36
CA PRO D 229 35.32 27.67 6.95
C PRO D 229 34.35 27.39 8.02
N PRO D 230 34.13 26.15 8.37
CA PRO D 230 33.13 25.66 9.32
C PRO D 230 33.26 26.38 10.56
N GLY D 231 34.51 26.48 11.02
CA GLY D 231 34.91 27.08 12.25
C GLY D 231 34.32 28.42 12.36
N ALA D 232 34.35 29.18 11.26
CA ALA D 232 33.80 30.49 11.26
C ALA D 232 32.34 30.44 11.56
N ARG D 233 31.62 29.56 10.89
CA ARG D 233 30.21 29.37 11.09
C ARG D 233 29.90 28.87 12.48
N ALA D 234 30.76 27.98 12.96
CA ALA D 234 30.70 27.33 14.22
C ALA D 234 30.81 28.37 15.27
N ARG D 235 31.61 29.37 14.97
CA ARG D 235 32.06 30.27 15.94
C ARG D 235 31.13 31.37 15.83
N VAL D 236 30.38 31.52 14.72
CA VAL D 236 29.38 32.52 14.56
C VAL D 236 28.37 32.33 15.61
N ALA D 237 28.23 31.08 16.06
CA ALA D 237 27.40 30.79 17.17
C ALA D 237 27.86 31.46 18.43
N LEU D 238 29.15 31.42 18.68
CA LEU D 238 29.71 31.96 19.86
C LEU D 238 29.62 33.41 19.89
N THR D 239 29.86 33.97 18.71
CA THR D 239 29.78 35.34 18.39
C THR D 239 28.49 35.89 18.75
N GLY D 240 27.43 35.26 18.22
CA GLY D 240 26.07 35.66 18.39
C GLY D 240 25.76 35.68 19.82
N LEU D 241 26.29 34.68 20.53
CA LEU D 241 26.11 34.56 21.92
C LEU D 241 26.68 35.72 22.60
N THR D 242 27.89 36.06 22.21
CA THR D 242 28.60 37.15 22.74
C THR D 242 27.95 38.46 22.66
N VAL D 243 27.32 38.73 21.54
CA VAL D 243 26.55 39.91 21.36
C VAL D 243 25.40 39.93 22.31
N ALA D 244 24.72 38.79 22.43
CA ALA D 244 23.52 38.68 23.19
C ALA D 244 23.80 38.82 24.62
N GLU D 245 25.01 38.43 25.03
CA GLU D 245 25.45 38.61 26.38
C GLU D 245 25.52 40.04 26.68
N TYR D 246 25.96 40.84 25.71
CA TYR D 246 25.88 42.24 25.86
C TYR D 246 24.46 42.67 26.11
N PHE D 247 23.53 42.30 25.26
CA PHE D 247 22.18 42.73 25.46
C PHE D 247 21.50 42.21 26.62
N ARG D 248 21.97 41.11 27.14
CA ARG D 248 21.32 40.54 28.23
C ARG D 248 21.74 41.21 29.43
N ASP D 249 23.03 41.23 29.59
CA ASP D 249 23.58 41.57 30.83
C ASP D 249 23.63 43.01 30.98
N GLN D 250 24.09 43.62 29.88
CA GLN D 250 24.42 44.99 29.79
C GLN D 250 23.20 45.66 29.55
N GLU D 251 22.39 45.15 28.62
CA GLU D 251 21.18 45.83 28.37
C GLU D 251 20.10 45.25 29.18
N GLY D 252 20.43 44.32 30.10
CA GLY D 252 19.53 43.82 31.11
C GLY D 252 18.46 42.96 30.53
N GLN D 253 18.56 42.71 29.21
CA GLN D 253 17.50 42.14 28.49
C GLN D 253 17.42 40.70 28.46
N ASP D 254 16.25 40.40 27.95
CA ASP D 254 15.76 39.29 27.25
C ASP D 254 16.27 39.54 25.88
N VAL D 255 17.34 38.86 25.48
CA VAL D 255 17.81 39.00 24.14
C VAL D 255 17.18 37.85 23.49
N LEU D 256 16.82 38.03 22.22
CA LEU D 256 16.31 36.95 21.44
C LEU D 256 17.42 36.55 20.57
N LEU D 257 17.71 35.26 20.59
CA LEU D 257 18.85 34.78 19.91
C LEU D 257 18.38 33.82 18.95
N PHE D 258 18.54 34.13 17.68
CA PHE D 258 18.09 33.25 16.70
C PHE D 258 19.29 32.60 16.31
N ILE D 259 19.22 31.27 16.34
CA ILE D 259 20.38 30.52 15.92
C ILE D 259 19.80 29.61 14.97
N ASP D 260 20.35 29.71 13.75
CA ASP D 260 19.67 29.10 12.69
C ASP D 260 20.73 28.47 11.81
N ASN D 261 20.98 27.14 11.85
CA ASN D 261 20.35 26.16 12.68
C ASN D 261 21.46 25.60 13.40
N ILE D 262 21.13 25.05 14.56
CA ILE D 262 22.07 24.40 15.42
C ILE D 262 22.61 23.20 14.73
N PHE D 263 21.79 22.68 13.83
CA PHE D 263 22.12 21.59 13.03
C PHE D 263 23.28 21.95 12.22
N ARG D 264 23.29 23.18 11.73
CA ARG D 264 24.38 23.55 10.93
C ARG D 264 25.58 23.80 11.72
N PHE D 265 25.36 24.18 12.97
CA PHE D 265 26.44 24.43 13.86
C PHE D 265 27.22 23.24 14.14
N THR D 266 26.45 22.21 14.46
CA THR D 266 26.97 21.01 15.02
C THR D 266 27.75 20.35 14.00
N GLN D 267 27.15 20.36 12.85
CA GLN D 267 27.65 19.91 11.65
C GLN D 267 28.90 20.63 11.33
N ALA D 268 28.94 21.96 11.51
CA ALA D 268 30.14 22.67 11.21
C ALA D 268 31.31 22.25 12.01
N GLY D 269 31.11 22.09 13.32
CA GLY D 269 32.08 21.51 14.19
C GLY D 269 32.57 20.19 13.76
N SER D 270 31.61 19.36 13.39
CA SER D 270 31.85 18.03 13.02
C SER D 270 32.68 17.96 11.81
N GLU D 271 32.49 18.91 10.86
CA GLU D 271 33.25 18.95 9.63
C GLU D 271 34.68 19.07 9.94
N VAL D 272 34.97 19.80 11.01
CA VAL D 272 36.32 20.00 11.37
C VAL D 272 36.82 18.83 12.08
N SER D 273 36.00 18.13 12.87
CA SER D 273 36.40 17.02 13.69
C SER D 273 37.30 16.08 13.02
N ALA D 274 36.94 15.72 11.79
CA ALA D 274 37.66 14.84 10.94
C ALA D 274 39.03 15.27 10.73
N LEU D 275 39.10 16.52 10.33
CA LEU D 275 40.27 17.13 9.83
C LEU D 275 41.20 17.34 10.92
N LEU D 276 40.60 17.60 12.08
CA LEU D 276 41.29 17.72 13.29
C LEU D 276 41.76 16.45 13.79
N GLY D 277 41.40 15.37 13.10
CA GLY D 277 41.90 14.09 13.41
C GLY D 277 41.20 13.65 14.63
N ARG D 278 40.23 14.45 15.16
CA ARG D 278 39.47 14.15 16.32
C ARG D 278 38.72 12.96 15.96
N ILE D 279 38.50 12.10 16.94
CA ILE D 279 37.55 11.04 16.79
C ILE D 279 36.21 11.72 16.93
N PRO D 280 35.23 11.54 16.07
CA PRO D 280 34.01 12.27 16.16
C PRO D 280 33.18 11.45 17.07
N SER D 281 32.25 10.64 16.58
CA SER D 281 31.38 9.97 17.46
C SER D 281 30.68 9.12 16.54
N ALA D 282 29.75 8.41 17.18
CA ALA D 282 28.71 7.63 16.66
C ALA D 282 27.83 8.59 15.96
N VAL D 283 27.30 8.08 14.84
CA VAL D 283 26.59 8.85 13.87
C VAL D 283 27.53 9.85 13.27
N GLY D 284 28.84 9.73 13.50
CA GLY D 284 29.78 10.54 12.81
C GLY D 284 30.03 11.77 13.58
N TYR D 285 29.20 12.10 14.60
CA TYR D 285 29.25 13.42 15.17
C TYR D 285 30.53 13.68 15.72
N GLN D 286 31.09 14.86 15.62
CA GLN D 286 32.12 15.32 16.51
C GLN D 286 32.02 14.79 17.91
N PRO D 287 33.07 14.43 18.55
CA PRO D 287 32.96 13.94 19.91
C PRO D 287 32.46 14.95 20.83
N THR D 288 32.62 16.20 20.45
CA THR D 288 32.50 17.28 21.31
C THR D 288 31.17 17.78 21.21
N LEU D 289 30.27 17.02 20.63
CA LEU D 289 28.98 17.46 20.24
C LEU D 289 28.28 17.98 21.43
N ALA D 290 28.49 17.26 22.52
CA ALA D 290 27.83 17.52 23.74
C ALA D 290 28.33 18.75 24.35
N THR D 291 29.65 18.93 24.37
CA THR D 291 30.22 20.03 25.06
C THR D 291 29.93 21.26 24.30
N ASP D 292 30.03 21.12 23.00
CA ASP D 292 29.73 22.10 22.03
C ASP D 292 28.39 22.66 22.26
N MET D 293 27.44 21.77 22.48
CA MET D 293 26.14 22.24 22.69
C MET D 293 26.06 22.84 24.01
N GLY D 294 26.60 22.07 24.93
CA GLY D 294 26.31 22.27 26.29
C GLY D 294 26.70 23.54 26.83
N THR D 295 27.94 23.93 26.64
CA THR D 295 28.53 25.10 27.22
C THR D 295 27.92 26.38 26.80
N MET D 296 27.35 26.23 25.64
CA MET D 296 26.86 27.17 24.77
C MET D 296 25.52 27.30 25.27
N GLN D 297 24.79 26.20 25.43
CA GLN D 297 23.48 26.29 25.98
C GLN D 297 23.55 26.80 27.37
N GLU D 298 24.60 26.42 28.09
CA GLU D 298 24.83 26.79 29.44
C GLU D 298 25.20 28.21 29.50
N ARG D 299 25.75 28.72 28.40
CA ARG D 299 26.07 30.10 28.32
C ARG D 299 24.85 30.89 28.04
N ILE D 300 23.77 30.27 27.56
CA ILE D 300 22.50 30.91 27.44
C ILE D 300 21.75 30.62 28.69
N THR D 301 20.79 31.50 29.11
CA THR D 301 20.09 31.34 30.36
C THR D 301 19.20 32.55 30.51
N THR D 302 18.92 32.83 31.79
CA THR D 302 18.41 33.99 32.37
C THR D 302 19.45 34.25 33.39
N THR D 303 20.23 35.30 33.17
CA THR D 303 21.06 35.82 34.19
C THR D 303 20.18 36.64 35.02
N LYS D 304 20.74 37.25 36.03
CA LYS D 304 20.00 38.16 36.81
C LYS D 304 20.45 39.50 36.41
N LYS D 305 20.19 39.79 35.14
CA LYS D 305 20.47 41.04 34.53
C LYS D 305 19.46 40.95 33.48
N GLY D 306 19.53 39.90 32.66
CA GLY D 306 18.46 39.68 31.75
C GLY D 306 18.41 38.23 31.46
N SER D 307 17.99 37.90 30.25
CA SER D 307 17.70 36.64 29.68
C SER D 307 18.27 36.61 28.36
N ILE D 308 18.82 35.48 27.93
CA ILE D 308 19.07 35.40 26.54
C ILE D 308 18.22 34.25 26.39
N THR D 309 17.14 34.58 25.72
CA THR D 309 16.13 33.76 25.29
C THR D 309 16.46 33.50 23.92
N SER D 310 16.52 32.26 23.63
CA SER D 310 17.18 31.74 22.55
C SER D 310 16.08 31.07 21.92
N VAL D 311 15.92 31.42 20.68
CA VAL D 311 14.97 30.89 19.82
C VAL D 311 15.78 30.33 18.73
N GLN D 312 15.75 29.06 18.53
CA GLN D 312 16.72 28.46 17.71
C GLN D 312 15.90 27.89 16.68
N ALA D 313 16.15 28.34 15.46
CA ALA D 313 15.61 27.72 14.32
C ALA D 313 16.39 26.48 14.14
N ILE D 314 15.66 25.39 13.89
CA ILE D 314 16.27 24.11 13.91
C ILE D 314 15.86 23.42 12.69
N TYR D 315 16.88 23.22 11.83
CA TYR D 315 16.79 22.34 10.70
C TYR D 315 16.96 21.06 11.40
N VAL D 316 16.20 20.05 11.00
CA VAL D 316 16.26 18.81 11.69
C VAL D 316 17.18 17.89 10.99
N PRO D 317 18.31 17.53 11.57
CA PRO D 317 19.18 16.55 10.99
C PRO D 317 18.44 15.27 10.91
N ALA D 318 18.41 14.73 9.69
CA ALA D 318 17.97 13.44 9.28
C ALA D 318 16.57 13.26 9.66
N ASP D 319 15.93 14.40 9.89
CA ASP D 319 14.56 14.54 10.14
C ASP D 319 14.08 13.64 11.21
N ASP D 320 14.98 13.38 12.17
CA ASP D 320 14.69 12.58 13.32
C ASP D 320 15.44 13.36 14.29
N LEU D 321 15.39 12.90 15.53
CA LEU D 321 15.94 13.61 16.62
C LEU D 321 16.78 12.70 17.39
N THR D 322 16.67 11.44 17.00
CA THR D 322 17.35 10.30 17.49
C THR D 322 18.75 10.49 17.16
N ASP D 323 18.99 11.20 16.03
CA ASP D 323 20.25 11.75 15.62
C ASP D 323 20.63 12.52 16.82
N PRO D 324 21.63 12.03 17.48
CA PRO D 324 21.84 12.30 18.87
C PRO D 324 21.62 13.67 19.34
N ALA D 325 22.05 14.64 18.54
CA ALA D 325 22.06 16.01 18.87
C ALA D 325 20.71 16.40 19.20
N PRO D 326 19.69 16.36 18.44
CA PRO D 326 18.40 16.81 18.86
C PRO D 326 17.91 16.18 20.05
N ALA D 327 18.24 14.93 20.29
CA ALA D 327 17.82 14.32 21.50
C ALA D 327 18.41 15.10 22.64
N THR D 328 19.68 15.44 22.49
CA THR D 328 20.38 16.24 23.43
C THR D 328 19.82 17.58 23.55
N THR D 329 19.43 18.12 22.41
CA THR D 329 18.89 19.40 22.28
C THR D 329 17.71 19.48 23.09
N PHE D 330 16.96 18.37 23.10
CA PHE D 330 15.81 18.22 23.90
C PHE D 330 16.12 18.45 25.32
N ALA D 331 17.28 18.01 25.79
CA ALA D 331 17.70 18.28 27.14
C ALA D 331 17.65 19.74 27.43
N HIS D 332 17.95 20.53 26.41
CA HIS D 332 17.93 21.95 26.45
C HIS D 332 16.70 22.52 25.87
N LEU D 333 15.69 21.69 25.57
CA LEU D 333 14.48 22.18 24.98
C LEU D 333 13.42 21.81 25.92
N ASP D 334 12.52 22.80 25.95
CA ASP D 334 11.64 23.06 27.04
C ASP D 334 10.49 23.79 26.44
N ALA D 335 10.66 24.15 25.16
CA ALA D 335 9.59 24.65 24.42
C ALA D 335 10.11 24.32 23.10
N THR D 336 9.16 23.71 22.41
CA THR D 336 9.40 22.96 21.24
C THR D 336 8.46 23.49 20.26
N THR D 337 8.91 23.77 19.04
CA THR D 337 8.02 24.17 18.02
C THR D 337 8.08 23.34 16.82
N VAL D 338 6.98 22.65 16.55
CA VAL D 338 6.78 21.96 15.32
C VAL D 338 5.79 22.79 14.64
N LEU D 339 6.13 23.35 13.46
CA LEU D 339 5.14 24.11 12.73
C LEU D 339 4.38 23.23 11.81
N SER D 340 3.06 23.49 11.72
CA SER D 340 2.24 22.70 10.87
C SER D 340 2.09 23.48 9.62
N ARG D 341 2.72 22.94 8.58
CA ARG D 341 2.66 23.42 7.25
C ARG D 341 1.26 23.32 6.77
N ALA D 342 0.61 22.20 7.11
CA ALA D 342 -0.75 21.98 6.82
C ALA D 342 -1.72 22.98 7.31
N ILE D 343 -1.58 23.41 8.56
CA ILE D 343 -2.54 24.29 9.18
C ILE D 343 -2.44 25.58 8.52
N ALA D 344 -1.19 25.98 8.26
CA ALA D 344 -0.90 27.16 7.51
C ALA D 344 -1.60 27.09 6.20
N GLU D 345 -1.59 25.89 5.59
CA GLU D 345 -2.20 25.58 4.34
C GLU D 345 -3.67 25.66 4.44
N LEU D 346 -4.24 25.47 5.61
CA LEU D 346 -5.62 25.73 5.82
C LEU D 346 -5.92 27.17 5.84
N GLY D 347 -4.92 28.00 5.57
CA GLY D 347 -5.06 29.41 5.42
C GLY D 347 -4.99 30.02 6.75
N ILE D 348 -4.66 29.20 7.75
CA ILE D 348 -4.64 29.59 9.12
C ILE D 348 -3.34 30.28 9.25
N TYR D 349 -3.32 31.42 9.97
CA TYR D 349 -2.16 32.27 10.01
C TYR D 349 -2.18 32.99 11.31
N PRO D 350 -1.39 32.71 12.37
CA PRO D 350 -0.40 31.67 12.48
C PRO D 350 -1.07 30.36 12.68
N ALA D 351 -0.29 29.26 12.45
CA ALA D 351 -0.84 27.98 12.15
C ALA D 351 0.13 26.85 12.34
N VAL D 352 0.63 26.74 13.58
CA VAL D 352 1.64 25.85 14.07
C VAL D 352 1.05 24.49 14.11
N ASP D 353 1.86 23.47 14.47
CA ASP D 353 1.28 22.25 14.87
C ASP D 353 0.91 22.58 16.27
N PRO D 354 -0.31 22.50 16.65
CA PRO D 354 -0.73 23.03 17.90
C PRO D 354 -0.36 22.13 19.00
N LEU D 355 -0.55 20.83 18.80
CA LEU D 355 -0.28 19.91 19.83
C LEU D 355 1.17 19.68 19.92
N ASP D 356 1.92 20.25 18.97
CA ASP D 356 3.34 20.13 18.96
C ASP D 356 3.92 21.44 18.82
N SER D 357 3.11 22.35 19.36
CA SER D 357 3.51 23.62 19.82
C SER D 357 3.39 23.20 21.23
N THR D 358 4.52 22.93 21.88
CA THR D 358 4.45 22.33 23.16
C THR D 358 5.54 22.93 23.93
N SER D 359 5.47 22.69 25.23
CA SER D 359 6.48 23.11 26.09
C SER D 359 6.38 22.16 27.13
N ARG D 360 7.55 21.68 27.53
CA ARG D 360 7.73 20.97 28.74
C ARG D 360 7.34 21.87 29.89
N ILE D 361 7.47 23.21 29.72
CA ILE D 361 7.22 24.15 30.79
C ILE D 361 5.79 24.56 30.94
N MET D 362 4.82 24.01 30.17
CA MET D 362 3.45 24.28 30.55
C MET D 362 3.13 23.62 31.86
N ASP D 363 2.48 24.37 32.78
CA ASP D 363 2.32 23.97 34.14
C ASP D 363 1.10 24.58 34.73
N PRO D 364 0.50 23.91 35.69
CA PRO D 364 -0.62 24.45 36.38
C PRO D 364 -0.06 25.26 37.48
N ASN D 365 1.27 25.36 37.51
CA ASN D 365 2.01 26.00 38.52
C ASN D 365 2.46 27.27 37.95
N ILE D 366 3.55 27.21 37.17
CA ILE D 366 4.28 28.35 36.68
C ILE D 366 3.40 29.19 35.85
N VAL D 367 2.71 28.52 34.91
CA VAL D 367 1.83 29.20 34.03
C VAL D 367 0.46 29.04 34.58
N GLY D 368 0.38 28.31 35.69
CA GLY D 368 -0.79 28.21 36.44
C GLY D 368 -1.78 27.41 35.72
N SER D 369 -2.80 27.04 36.45
CA SER D 369 -3.70 26.01 36.09
C SER D 369 -4.67 26.57 35.19
N GLU D 370 -4.82 27.87 35.22
CA GLU D 370 -5.76 28.54 34.42
C GLU D 370 -5.38 28.31 33.04
N HIS D 371 -4.16 28.69 32.73
CA HIS D 371 -3.49 28.34 31.56
C HIS D 371 -3.51 26.90 31.31
N TYR D 372 -2.96 26.18 32.29
CA TYR D 372 -2.64 24.84 32.06
C TYR D 372 -3.77 24.03 31.69
N ASP D 373 -4.78 24.10 32.51
CA ASP D 373 -5.95 23.33 32.46
C ASP D 373 -6.76 23.65 31.33
N VAL D 374 -6.81 24.95 31.03
CA VAL D 374 -7.66 25.42 29.97
C VAL D 374 -7.10 24.88 28.76
N ALA D 375 -5.78 24.95 28.69
CA ALA D 375 -5.00 24.41 27.67
C ALA D 375 -5.22 22.98 27.67
N ARG D 376 -5.19 22.29 28.79
CA ARG D 376 -5.33 20.87 28.79
C ARG D 376 -6.61 20.49 28.25
N GLY D 377 -7.60 21.31 28.53
CA GLY D 377 -8.87 21.12 28.00
C GLY D 377 -8.85 21.33 26.57
N VAL D 378 -8.17 22.37 26.11
CA VAL D 378 -8.08 22.71 24.76
C VAL D 378 -7.38 21.72 23.97
N GLN D 379 -6.22 21.29 24.41
CA GLN D 379 -5.32 20.46 23.69
C GLN D 379 -5.90 19.18 23.42
N LYS D 380 -6.56 18.77 24.48
CA LYS D 380 -7.37 17.66 24.47
C LYS D 380 -8.44 17.90 23.52
N ILE D 381 -9.13 19.03 23.60
CA ILE D 381 -10.28 19.35 22.82
C ILE D 381 -10.01 19.35 21.40
N LEU D 382 -8.84 19.81 21.05
CA LEU D 382 -8.42 19.95 19.73
C LEU D 382 -8.27 18.62 19.23
N GLN D 383 -7.71 17.78 20.08
CA GLN D 383 -7.62 16.45 19.70
C GLN D 383 -8.91 15.82 19.58
N ASP D 384 -9.82 16.17 20.42
CA ASP D 384 -11.07 15.51 20.42
C ASP D 384 -11.80 15.81 19.23
N TYR D 385 -11.73 17.05 18.84
CA TYR D 385 -12.25 17.53 17.64
C TYR D 385 -11.59 16.79 16.55
N LYS D 386 -10.28 16.54 16.67
CA LYS D 386 -9.55 15.78 15.73
C LYS D 386 -10.02 14.43 15.65
N SER D 387 -10.47 13.90 16.76
CA SER D 387 -10.88 12.56 16.77
C SER D 387 -12.11 12.42 15.99
N LEU D 388 -12.97 13.42 16.15
CA LEU D 388 -14.22 13.36 15.53
C LEU D 388 -14.11 13.61 14.11
N GLN D 389 -13.06 14.34 13.75
CA GLN D 389 -12.78 14.63 12.40
C GLN D 389 -12.60 13.43 11.60
N ASP D 390 -12.10 12.42 12.26
CA ASP D 390 -11.76 11.22 11.58
C ASP D 390 -12.94 10.46 11.20
N ILE D 391 -13.95 10.54 12.02
CA ILE D 391 -15.13 9.79 11.84
C ILE D 391 -15.91 10.35 10.72
N ILE D 392 -16.20 11.61 10.92
CA ILE D 392 -17.10 12.38 10.15
C ILE D 392 -16.67 12.53 8.78
N ALA D 393 -15.33 12.54 8.64
CA ALA D 393 -14.62 12.80 7.46
C ALA D 393 -15.05 11.81 6.47
N ILE D 394 -15.32 10.61 6.95
CA ILE D 394 -15.45 9.52 6.08
C ILE D 394 -16.87 9.19 6.05
N LEU D 395 -17.63 9.68 7.02
CA LEU D 395 -18.92 9.13 7.08
C LEU D 395 -19.90 10.17 6.87
N GLY D 396 -19.50 11.37 6.46
CA GLY D 396 -20.49 12.39 6.18
C GLY D 396 -20.97 12.80 7.52
N MET D 397 -22.26 13.17 7.69
CA MET D 397 -22.66 13.72 8.97
C MET D 397 -23.96 13.35 9.60
N ASP D 398 -23.88 13.79 10.88
CA ASP D 398 -24.58 13.41 12.06
C ASP D 398 -24.15 12.03 12.28
N GLU D 399 -22.84 12.02 12.25
CA GLU D 399 -21.99 10.97 12.58
C GLU D 399 -21.57 11.38 13.94
N LEU D 400 -22.07 12.55 14.43
CA LEU D 400 -21.74 13.08 15.69
C LEU D 400 -23.01 13.45 16.27
N SER D 401 -22.89 13.79 17.54
CA SER D 401 -23.87 14.39 18.33
C SER D 401 -23.19 15.72 18.52
N GLU D 402 -24.03 16.72 18.63
CA GLU D 402 -23.61 18.03 18.21
C GLU D 402 -23.04 18.90 19.25
N GLU D 403 -22.56 18.22 20.25
CA GLU D 403 -21.95 18.68 21.45
C GLU D 403 -20.60 18.40 21.04
N ASP D 404 -20.43 17.30 20.28
CA ASP D 404 -19.21 17.02 19.65
C ASP D 404 -19.04 18.05 18.60
N LYS D 405 -20.07 18.29 17.77
CA LYS D 405 -20.13 19.41 16.89
C LYS D 405 -19.85 20.70 17.48
N LEU D 406 -20.34 20.90 18.69
CA LEU D 406 -20.16 22.11 19.40
C LEU D 406 -18.75 22.28 19.75
N THR D 407 -18.12 21.27 20.28
CA THR D 407 -16.75 21.31 20.65
C THR D 407 -15.86 21.45 19.50
N VAL D 408 -16.30 20.88 18.39
CA VAL D 408 -15.68 20.84 17.13
C VAL D 408 -15.59 22.23 16.64
N SER D 409 -16.72 22.91 16.73
CA SER D 409 -16.93 24.27 16.43
C SER D 409 -16.16 25.17 17.33
N ARG D 410 -16.10 24.84 18.62
CA ARG D 410 -15.48 25.63 19.64
C ARG D 410 -14.06 25.63 19.34
N ALA D 411 -13.59 24.44 19.05
CA ALA D 411 -12.29 24.14 18.61
C ALA D 411 -12.01 24.90 17.40
N ARG D 412 -12.94 25.00 16.46
CA ARG D 412 -12.71 25.76 15.30
C ARG D 412 -12.51 27.18 15.49
N LYS D 413 -13.24 27.72 16.42
CA LYS D 413 -13.11 29.06 16.81
C LYS D 413 -11.83 29.24 17.49
N ILE D 414 -11.46 28.29 18.33
CA ILE D 414 -10.25 28.35 19.06
C ILE D 414 -9.14 28.33 18.09
N GLN D 415 -9.25 27.44 17.11
CA GLN D 415 -8.39 27.25 15.99
C GLN D 415 -8.18 28.51 15.27
N ARG D 416 -9.26 29.22 15.08
CA ARG D 416 -9.24 30.35 14.26
C ARG D 416 -8.65 31.46 15.02
N PHE D 417 -8.86 31.48 16.34
CA PHE D 417 -8.40 32.51 17.22
C PHE D 417 -6.93 32.51 17.23
N LEU D 418 -6.32 31.34 17.00
CA LEU D 418 -4.90 31.27 16.83
C LEU D 418 -4.44 31.98 15.64
N SER D 419 -5.27 32.05 14.58
CA SER D 419 -5.00 32.91 13.48
C SER D 419 -5.15 34.27 13.96
N GLN D 420 -4.30 35.13 13.44
CA GLN D 420 -3.99 36.41 13.90
C GLN D 420 -3.74 37.14 12.65
N PRO D 421 -4.23 38.33 12.43
CA PRO D 421 -3.92 39.10 11.24
C PRO D 421 -2.47 39.49 11.29
N PHE D 422 -1.83 39.93 10.16
CA PHE D 422 -0.41 40.14 10.15
C PHE D 422 0.04 41.47 9.67
N GLN D 423 0.95 42.07 10.47
CA GLN D 423 1.61 43.33 10.37
C GLN D 423 2.76 43.33 9.43
N VAL D 424 3.68 42.36 9.56
CA VAL D 424 4.90 42.39 8.75
C VAL D 424 4.53 42.17 7.28
N ALA D 425 3.62 41.21 7.10
CA ALA D 425 3.12 40.76 5.84
C ALA D 425 1.77 41.34 5.77
N GLU D 426 1.58 42.55 6.31
CA GLU D 426 0.40 43.31 6.19
C GLU D 426 0.37 43.80 4.83
N VAL D 427 1.56 43.82 4.22
CA VAL D 427 1.77 44.30 2.91
C VAL D 427 1.03 43.32 2.06
N PHE D 428 1.14 42.03 2.37
CA PHE D 428 0.32 41.05 1.70
C PHE D 428 -1.07 40.88 2.24
N THR D 429 -1.18 40.72 3.57
CA THR D 429 -2.38 40.29 4.23
C THR D 429 -3.37 41.36 4.34
N GLY D 430 -2.87 42.56 4.62
CA GLY D 430 -3.67 43.72 4.81
C GLY D 430 -3.49 44.14 6.22
N HIS D 431 -4.23 43.47 7.10
CA HIS D 431 -4.34 43.69 8.51
C HIS D 431 -3.05 43.61 9.26
N LEU D 432 -3.10 43.44 10.58
CA LEU D 432 -1.93 43.65 11.38
C LEU D 432 -1.76 42.60 12.37
N GLY D 433 -0.53 42.49 12.88
CA GLY D 433 -0.08 41.50 13.81
C GLY D 433 -0.61 41.92 15.10
N LYS D 434 -1.44 41.05 15.70
CA LYS D 434 -2.13 41.44 16.88
C LYS D 434 -1.53 40.62 17.95
N LEU D 435 -1.57 41.18 19.16
CA LEU D 435 -0.83 40.71 20.30
C LEU D 435 -1.81 40.39 21.38
N VAL D 436 -1.59 39.25 22.07
CA VAL D 436 -2.56 38.67 22.95
C VAL D 436 -2.00 38.49 24.32
N PRO D 437 -2.33 39.38 25.24
CA PRO D 437 -2.06 39.23 26.63
C PRO D 437 -2.68 37.98 27.14
N LEU D 438 -1.91 37.29 27.98
CA LEU D 438 -2.10 35.93 28.35
C LEU D 438 -3.44 35.69 28.91
N LYS D 439 -3.95 36.57 29.74
CA LYS D 439 -5.20 36.32 30.35
C LYS D 439 -6.29 36.28 29.39
N GLU D 440 -6.26 37.16 28.40
CA GLU D 440 -7.26 37.17 27.39
C GLU D 440 -7.20 35.95 26.63
N THR D 441 -5.98 35.40 26.54
CA THR D 441 -5.81 34.18 25.87
C THR D 441 -6.49 33.05 26.58
N ILE D 442 -6.17 32.88 27.88
CA ILE D 442 -6.58 31.74 28.67
C ILE D 442 -8.03 31.71 28.77
N LYS D 443 -8.49 32.89 29.12
CA LYS D 443 -9.82 33.25 29.22
C LYS D 443 -10.45 33.01 27.93
N GLY D 444 -9.84 33.53 26.89
CA GLY D 444 -10.37 33.48 25.60
C GLY D 444 -10.84 32.20 25.11
N PHE D 445 -9.95 31.21 25.10
CA PHE D 445 -10.28 29.91 24.62
C PHE D 445 -11.22 29.27 25.51
N GLN D 446 -11.08 29.52 26.82
CA GLN D 446 -11.93 28.96 27.82
C GLN D 446 -13.33 29.32 27.59
N GLN D 447 -13.54 30.52 27.10
CA GLN D 447 -14.83 31.00 26.85
C GLN D 447 -15.42 30.35 25.69
N ILE D 448 -14.61 30.21 24.63
CA ILE D 448 -15.04 29.57 23.43
C ILE D 448 -15.40 28.18 23.74
N LEU D 449 -14.56 27.55 24.55
CA LEU D 449 -14.67 26.22 25.00
C LEU D 449 -15.91 26.10 25.78
N ALA D 450 -16.18 27.08 26.61
CA ALA D 450 -17.35 27.15 27.40
C ALA D 450 -18.57 27.37 26.56
N GLY D 451 -18.41 27.68 25.26
CA GLY D 451 -19.53 27.76 24.37
C GLY D 451 -20.26 29.01 24.56
N GLU D 452 -19.61 29.91 25.28
CA GLU D 452 -20.13 31.16 25.71
C GLU D 452 -20.18 32.07 24.58
N TYR D 453 -19.48 31.68 23.53
CA TYR D 453 -19.32 32.44 22.37
C TYR D 453 -19.93 31.66 21.27
N ASP D 454 -20.25 30.39 21.56
CA ASP D 454 -20.73 29.49 20.56
C ASP D 454 -22.18 29.74 20.42
N HIS D 455 -22.46 30.51 19.36
CA HIS D 455 -23.71 31.04 18.87
C HIS D 455 -23.25 32.17 17.99
N LEU D 456 -21.99 32.08 17.52
CA LEU D 456 -21.34 33.07 16.71
C LEU D 456 -20.52 32.29 15.72
N PRO D 457 -20.00 32.84 14.62
CA PRO D 457 -19.24 32.11 13.61
C PRO D 457 -17.81 31.96 14.01
N GLU D 458 -16.97 31.39 13.12
CA GLU D 458 -15.68 30.91 13.52
C GLU D 458 -14.57 31.67 12.93
N GLN D 459 -14.83 32.38 11.81
CA GLN D 459 -13.80 33.10 11.07
C GLN D 459 -13.48 34.34 11.82
N ALA D 460 -14.25 34.54 12.88
CA ALA D 460 -14.25 35.52 13.87
C ALA D 460 -12.98 35.48 14.56
N PHE D 461 -12.63 34.27 14.87
CA PHE D 461 -11.47 34.01 15.57
C PHE D 461 -10.37 34.08 14.57
N TYR D 462 -10.66 33.73 13.30
CA TYR D 462 -9.73 33.78 12.21
C TYR D 462 -9.24 35.16 12.12
N MET D 463 -7.92 35.26 12.02
CA MET D 463 -7.18 36.47 12.03
C MET D 463 -7.52 37.28 13.18
N VAL D 464 -7.28 36.77 14.39
CA VAL D 464 -7.38 37.58 15.54
C VAL D 464 -6.30 37.28 16.49
N GLY D 465 -5.89 38.34 17.18
CA GLY D 465 -5.01 38.28 18.28
C GLY D 465 -5.96 38.18 19.43
N PRO D 466 -6.08 39.13 20.38
CA PRO D 466 -6.97 39.14 21.54
C PRO D 466 -8.24 38.40 21.47
N ILE D 467 -8.71 37.81 22.60
CA ILE D 467 -9.98 37.13 22.54
C ILE D 467 -11.04 38.11 22.23
N GLU D 468 -10.97 39.36 22.71
CA GLU D 468 -11.85 40.38 22.25
C GLU D 468 -11.85 40.58 20.81
N GLU D 469 -10.70 40.56 20.15
CA GLU D 469 -10.68 40.83 18.76
C GLU D 469 -11.36 39.69 18.05
N ALA D 470 -11.31 38.51 18.66
CA ALA D 470 -12.11 37.43 18.18
C ALA D 470 -13.58 37.60 18.41
N VAL D 471 -13.97 38.12 19.59
CA VAL D 471 -15.32 38.31 20.00
C VAL D 471 -15.94 39.30 19.16
N ALA D 472 -15.25 40.42 18.94
CA ALA D 472 -15.63 41.51 18.13
C ALA D 472 -15.90 41.06 16.74
N LYS D 473 -14.98 40.24 16.18
CA LYS D 473 -15.12 39.65 14.88
C LYS D 473 -16.22 38.65 14.83
N ALA D 474 -16.54 38.01 15.97
CA ALA D 474 -17.58 37.02 16.12
C ALA D 474 -18.88 37.63 15.88
N ASP D 475 -19.05 38.81 16.49
CA ASP D 475 -20.20 39.63 16.44
C ASP D 475 -20.36 40.07 15.03
N LYS D 476 -19.27 40.61 14.48
CA LYS D 476 -19.13 41.05 13.14
C LYS D 476 -19.42 40.01 12.11
N LEU D 477 -19.11 38.74 12.36
CA LEU D 477 -19.46 37.71 11.43
C LEU D 477 -20.85 37.30 11.54
N ALA D 478 -21.44 37.45 12.75
CA ALA D 478 -22.87 37.46 12.94
C ALA D 478 -23.41 38.79 12.45
N GLU D 479 -22.73 39.40 11.47
CA GLU D 479 -22.91 40.68 10.91
C GLU D 479 -23.17 41.77 11.89
N THR E 13 63.07 -12.78 37.67
CA THR E 13 63.74 -11.54 37.20
C THR E 13 63.02 -10.37 37.83
N THR E 14 63.58 -9.15 37.80
CA THR E 14 62.91 -8.01 38.38
C THR E 14 62.82 -7.13 37.22
N GLY E 15 61.77 -6.35 37.16
CA GLY E 15 61.48 -5.55 36.06
C GLY E 15 61.15 -4.27 36.61
N ARG E 16 61.01 -3.25 35.77
CA ARG E 16 60.61 -2.02 36.27
C ARG E 16 59.47 -1.69 35.51
N ILE E 17 58.53 -1.10 36.21
CA ILE E 17 57.38 -0.61 35.60
C ILE E 17 57.86 0.53 34.84
N VAL E 18 57.67 0.44 33.55
CA VAL E 18 58.11 1.47 32.72
C VAL E 18 56.93 2.20 32.25
N ALA E 19 55.80 1.52 32.18
CA ALA E 19 54.61 2.19 31.81
C ALA E 19 53.55 1.45 32.46
N VAL E 20 52.57 2.20 32.93
CA VAL E 20 51.37 1.66 33.43
C VAL E 20 50.61 2.53 32.59
N ILE E 21 49.87 2.02 31.67
CA ILE E 21 49.07 2.89 30.92
C ILE E 21 47.96 2.04 31.06
N GLY E 22 47.08 2.52 31.96
CA GLY E 22 46.07 1.73 32.57
C GLY E 22 46.73 0.52 33.14
N ALA E 23 46.02 -0.58 33.18
CA ALA E 23 46.53 -1.81 33.68
C ALA E 23 47.32 -2.53 32.64
N VAL E 24 47.93 -1.82 31.68
CA VAL E 24 48.79 -2.52 30.80
C VAL E 24 49.98 -2.01 31.37
N VAL E 25 50.73 -2.99 31.85
CA VAL E 25 51.79 -2.59 32.63
C VAL E 25 52.80 -3.20 31.82
N ASP E 26 53.72 -2.32 31.50
CA ASP E 26 54.80 -2.65 30.68
C ASP E 26 55.84 -2.68 31.63
N VAL E 27 56.55 -3.78 31.67
CA VAL E 27 57.55 -3.89 32.64
C VAL E 27 58.66 -4.28 31.83
N GLN E 28 59.82 -3.73 32.12
CA GLN E 28 60.95 -4.12 31.36
C GLN E 28 61.64 -4.88 32.39
N PHE E 29 61.97 -6.13 32.10
CA PHE E 29 62.46 -7.09 33.02
C PHE E 29 63.84 -7.27 32.65
N ASP E 30 64.56 -7.32 33.76
CA ASP E 30 65.89 -6.83 33.76
C ASP E 30 66.85 -7.78 34.26
N GLU E 31 66.39 -8.95 34.70
CA GLU E 31 67.35 -9.95 35.08
C GLU E 31 67.07 -11.02 34.13
N GLY E 32 66.59 -10.58 32.96
CA GLY E 32 66.17 -11.39 31.88
C GLY E 32 64.72 -11.34 32.11
N LEU E 33 64.03 -12.36 31.61
CA LEU E 33 62.64 -12.50 31.77
C LEU E 33 62.49 -13.97 31.70
N PRO E 34 61.34 -14.47 32.07
CA PRO E 34 61.02 -15.87 31.89
C PRO E 34 60.18 -15.83 30.64
N PRO E 35 59.41 -16.80 30.26
CA PRO E 35 58.58 -16.66 29.10
C PRO E 35 57.36 -15.93 29.44
N ILE E 36 56.46 -15.87 28.45
CA ILE E 36 55.18 -15.27 28.65
C ILE E 36 54.43 -16.10 29.59
N LEU E 37 53.38 -15.48 30.12
CA LEU E 37 52.46 -16.04 31.04
C LEU E 37 52.98 -16.03 32.38
N ASN E 38 54.30 -15.99 32.54
CA ASN E 38 54.86 -16.05 33.83
C ASN E 38 54.40 -14.89 34.57
N ALA E 39 53.93 -15.19 35.75
CA ALA E 39 53.33 -14.35 36.69
C ALA E 39 54.40 -13.73 37.41
N LEU E 40 54.21 -12.44 37.59
CA LEU E 40 55.08 -11.53 38.19
C LEU E 40 54.39 -11.05 39.37
N GLU E 41 55.09 -10.74 40.43
CA GLU E 41 54.56 -10.07 41.55
C GLU E 41 55.19 -8.76 41.58
N VAL E 42 54.44 -7.70 41.70
CA VAL E 42 54.99 -6.40 41.67
C VAL E 42 55.59 -6.11 42.97
N GLN E 43 56.81 -5.61 42.98
CA GLN E 43 57.47 -5.37 44.21
C GLN E 43 57.08 -4.01 44.54
N GLY E 44 56.86 -3.86 45.84
CA GLY E 44 56.35 -2.67 46.43
C GLY E 44 54.86 -2.76 46.39
N ARG E 45 54.30 -3.87 45.86
CA ARG E 45 52.90 -3.93 45.75
C ARG E 45 52.33 -4.50 46.94
N GLU E 46 51.49 -3.63 47.50
CA GLU E 46 50.74 -3.65 48.69
C GLU E 46 50.30 -5.02 48.95
N THR E 47 49.30 -5.48 48.20
CA THR E 47 49.09 -6.88 48.16
C THR E 47 49.91 -7.31 47.04
N ARG E 48 49.86 -8.62 46.94
CA ARG E 48 50.40 -9.39 45.90
C ARG E 48 49.64 -8.98 44.69
N LEU E 49 50.32 -8.23 43.84
CA LEU E 49 49.77 -7.74 42.65
C LEU E 49 50.51 -8.50 41.71
N VAL E 50 49.81 -9.49 41.20
CA VAL E 50 50.39 -10.29 40.23
C VAL E 50 50.06 -9.64 38.95
N LEU E 51 51.07 -9.59 38.11
CA LEU E 51 50.98 -9.17 36.77
C LEU E 51 51.25 -10.41 36.06
N GLU E 52 50.52 -10.72 35.02
CA GLU E 52 50.79 -11.89 34.29
C GLU E 52 51.44 -11.37 33.08
N VAL E 53 52.62 -11.93 32.71
CA VAL E 53 53.31 -11.50 31.52
C VAL E 53 52.43 -12.00 30.50
N ALA E 54 52.15 -11.18 29.54
CA ALA E 54 51.20 -11.57 28.61
C ALA E 54 51.94 -11.66 27.38
N GLN E 55 52.82 -10.70 27.10
CA GLN E 55 53.52 -10.65 25.87
C GLN E 55 54.84 -10.30 26.25
N HIS E 56 55.79 -10.76 25.43
CA HIS E 56 57.07 -10.23 25.51
C HIS E 56 56.94 -9.26 24.47
N LEU E 57 56.86 -8.08 25.03
CA LEU E 57 56.61 -6.86 24.40
C LEU E 57 57.86 -6.57 23.67
N GLY E 58 58.93 -7.25 24.07
CA GLY E 58 60.15 -7.27 23.41
C GLY E 58 60.94 -6.48 24.28
N GLU E 59 62.20 -6.48 23.96
CA GLU E 59 63.26 -5.69 24.52
C GLU E 59 63.27 -5.84 25.98
N SER E 60 63.05 -7.10 26.38
CA SER E 60 62.88 -7.59 27.70
C SER E 60 61.86 -6.81 28.38
N THR E 61 60.82 -6.53 27.65
CA THR E 61 59.74 -5.80 28.14
C THR E 61 58.73 -6.73 27.83
N VAL E 62 57.79 -6.73 28.71
CA VAL E 62 56.67 -7.52 28.61
C VAL E 62 55.56 -6.57 28.70
N ARG E 63 54.43 -7.00 28.14
CA ARG E 63 53.21 -6.30 28.34
C ARG E 63 52.67 -7.31 29.25
N THR E 64 52.11 -6.81 30.31
CA THR E 64 51.72 -7.66 31.35
C THR E 64 50.41 -7.15 31.65
N ILE E 65 49.69 -7.95 32.42
CA ILE E 65 48.43 -7.51 32.89
C ILE E 65 48.46 -7.59 34.35
N ALA E 66 48.10 -6.43 34.93
CA ALA E 66 47.73 -6.26 36.30
C ALA E 66 46.35 -6.77 36.43
N MET E 67 46.04 -7.43 37.54
CA MET E 67 44.68 -7.84 37.76
C MET E 67 44.16 -7.14 38.96
N ASP E 68 45.06 -6.49 39.74
CA ASP E 68 44.71 -5.66 40.89
C ASP E 68 44.53 -4.25 40.43
N GLY E 69 44.15 -3.37 41.39
CA GLY E 69 44.07 -1.96 41.25
C GLY E 69 45.48 -1.41 41.21
N THR E 70 45.70 -0.33 40.44
CA THR E 70 47.02 0.19 40.22
C THR E 70 47.17 1.56 40.78
N GLU E 71 46.09 2.11 41.32
CA GLU E 71 46.02 3.37 41.97
C GLU E 71 47.04 3.60 42.96
N GLY E 72 47.58 4.80 42.86
CA GLY E 72 48.57 5.27 43.73
C GLY E 72 49.91 4.74 43.41
N LEU E 73 50.12 4.04 42.28
CA LEU E 73 51.40 3.43 42.06
C LEU E 73 52.44 4.29 41.40
N VAL E 74 53.55 4.48 42.14
CA VAL E 74 54.77 5.11 41.69
C VAL E 74 55.25 4.39 40.51
N ARG E 75 55.42 5.10 39.40
CA ARG E 75 55.88 4.37 38.27
C ARG E 75 57.33 4.33 38.33
N GLY E 76 57.91 3.46 37.51
CA GLY E 76 59.30 3.20 37.59
C GLY E 76 59.50 2.05 38.49
N GLN E 77 58.45 1.62 39.24
CA GLN E 77 58.50 0.56 40.20
C GLN E 77 59.16 -0.70 39.77
N LYS E 78 59.39 -1.62 40.69
CA LYS E 78 60.13 -2.82 40.54
C LYS E 78 59.24 -3.95 40.72
N VAL E 79 59.27 -4.92 39.83
CA VAL E 79 58.34 -5.99 39.83
C VAL E 79 59.21 -7.15 39.92
N LEU E 80 58.90 -8.17 40.68
CA LEU E 80 59.70 -9.32 40.72
C LEU E 80 58.80 -10.35 40.25
N ASP E 81 59.24 -10.96 39.17
CA ASP E 81 58.67 -12.09 38.54
C ASP E 81 58.56 -13.18 39.54
N SER E 82 57.34 -13.71 39.65
CA SER E 82 56.96 -14.74 40.57
C SER E 82 57.43 -16.03 39.92
N GLY E 83 57.95 -15.90 38.70
CA GLY E 83 58.77 -16.83 38.00
C GLY E 83 58.01 -17.89 37.37
N ALA E 84 56.70 -17.80 37.44
CA ALA E 84 55.93 -18.79 36.81
C ALA E 84 54.67 -18.10 36.73
N PRO E 85 53.73 -18.62 35.99
CA PRO E 85 52.38 -18.13 36.06
C PRO E 85 51.78 -18.35 37.42
N ILE E 86 50.56 -17.84 37.59
CA ILE E 86 49.84 -17.86 38.83
C ILE E 86 49.40 -19.22 39.15
N ARG E 87 49.60 -19.64 40.41
CA ARG E 87 49.13 -20.88 40.91
C ARG E 87 48.19 -20.65 42.01
N ILE E 88 47.18 -21.51 42.14
CA ILE E 88 46.09 -21.21 43.00
C ILE E 88 45.75 -22.48 43.69
N PRO E 89 45.17 -22.52 44.84
CA PRO E 89 44.87 -23.74 45.57
C PRO E 89 43.98 -24.72 44.86
N VAL E 90 44.28 -26.03 44.94
CA VAL E 90 43.50 -27.09 44.38
C VAL E 90 43.45 -28.15 45.42
N GLY E 91 42.38 -28.95 45.37
CA GLY E 91 42.11 -30.01 46.30
C GLY E 91 40.72 -29.78 46.73
N PRO E 92 40.04 -30.70 47.37
CA PRO E 92 38.60 -30.63 47.66
C PRO E 92 38.14 -29.53 48.56
N GLU E 93 39.08 -28.84 49.24
CA GLU E 93 38.85 -27.97 50.36
C GLU E 93 38.37 -26.66 49.85
N THR E 94 38.40 -26.55 48.53
CA THR E 94 37.93 -25.52 47.70
C THR E 94 36.46 -25.60 47.49
N LEU E 95 35.84 -26.80 47.59
CA LEU E 95 34.41 -26.86 47.50
C LEU E 95 33.97 -26.16 48.71
N GLY E 96 32.85 -25.46 48.65
CA GLY E 96 32.42 -24.55 49.64
C GLY E 96 33.42 -23.51 49.93
N ARG E 97 33.93 -22.86 48.88
CA ARG E 97 34.83 -21.78 49.03
C ARG E 97 34.51 -20.94 47.89
N ILE E 98 34.66 -19.62 48.08
CA ILE E 98 34.50 -18.66 47.06
C ILE E 98 35.88 -18.27 46.93
N MET E 99 36.39 -18.44 45.73
CA MET E 99 37.75 -18.21 45.53
C MET E 99 37.65 -17.12 44.57
N ASN E 100 38.67 -16.29 44.61
CA ASN E 100 38.85 -15.30 43.64
C ASN E 100 39.78 -15.95 42.73
N VAL E 101 40.02 -15.31 41.59
CA VAL E 101 40.95 -15.69 40.56
C VAL E 101 42.24 -16.22 41.14
N ILE E 102 42.79 -15.55 42.15
CA ILE E 102 44.07 -15.87 42.69
C ILE E 102 43.94 -16.74 43.87
N GLY E 103 42.96 -17.65 43.82
CA GLY E 103 42.77 -18.60 44.86
C GLY E 103 41.98 -17.86 45.84
N GLU E 104 42.71 -17.21 46.76
CA GLU E 104 42.31 -16.34 47.80
C GLU E 104 40.84 -16.32 48.17
N PRO E 105 40.51 -16.93 49.31
CA PRO E 105 39.16 -17.04 49.76
C PRO E 105 38.54 -15.72 49.87
N ILE E 106 37.53 -15.55 49.04
CA ILE E 106 36.68 -14.45 49.08
C ILE E 106 35.44 -15.02 49.67
N ASP E 107 35.56 -16.28 50.15
CA ASP E 107 34.66 -16.87 51.09
C ASP E 107 35.00 -16.19 52.36
N GLU E 108 36.31 -15.90 52.54
CA GLU E 108 36.83 -15.17 53.64
C GLU E 108 36.51 -15.88 54.89
N ARG E 109 36.65 -17.20 54.82
CA ARG E 109 36.42 -18.04 55.95
C ARG E 109 37.76 -18.43 56.36
N GLY E 110 38.74 -17.56 56.08
CA GLY E 110 40.09 -17.91 56.32
C GLY E 110 40.46 -18.76 55.14
N PRO E 111 41.68 -19.26 55.19
CA PRO E 111 42.39 -19.88 54.10
C PRO E 111 41.70 -21.07 53.56
N ILE E 112 42.17 -21.52 52.40
CA ILE E 112 41.77 -22.75 51.79
C ILE E 112 43.11 -23.33 51.67
N LYS E 113 43.37 -24.33 52.50
CA LYS E 113 44.69 -24.80 52.70
C LYS E 113 44.52 -25.96 51.93
N THR E 114 45.26 -25.93 50.86
CA THR E 114 45.12 -26.97 49.95
C THR E 114 46.49 -27.34 49.84
N LYS E 115 46.61 -28.50 49.24
CA LYS E 115 47.83 -29.16 49.13
C LYS E 115 48.39 -28.91 47.78
N GLN E 116 47.56 -28.50 46.82
CA GLN E 116 47.96 -28.43 45.46
C GLN E 116 47.82 -27.04 45.14
N PHE E 117 48.66 -26.46 44.30
CA PHE E 117 48.35 -25.17 43.81
C PHE E 117 48.34 -25.45 42.35
N ALA E 118 47.79 -24.65 41.46
CA ALA E 118 47.88 -25.03 40.10
C ALA E 118 47.97 -23.80 39.37
N ALA E 119 48.75 -23.79 38.28
CA ALA E 119 48.75 -22.67 37.40
C ALA E 119 47.57 -22.80 36.51
N ILE E 120 46.85 -21.68 36.34
CA ILE E 120 45.50 -21.73 35.86
C ILE E 120 45.28 -22.10 34.45
N HIS E 121 46.36 -22.26 33.73
CA HIS E 121 46.39 -22.74 32.40
C HIS E 121 46.41 -24.20 32.60
N ALA E 122 45.29 -24.82 32.29
CA ALA E 122 45.12 -26.25 32.31
C ALA E 122 44.97 -26.51 30.86
N GLU E 123 45.05 -27.80 30.47
CA GLU E 123 45.17 -28.16 29.08
C GLU E 123 44.05 -29.06 28.63
N ALA E 124 44.04 -29.35 27.31
CA ALA E 124 43.02 -30.13 26.68
C ALA E 124 43.54 -31.52 26.39
N PRO E 125 42.74 -32.56 26.52
CA PRO E 125 43.14 -33.92 26.28
C PRO E 125 43.22 -34.14 24.81
N GLU E 126 44.24 -34.87 24.32
CA GLU E 126 44.34 -35.23 22.95
C GLU E 126 43.32 -36.22 22.71
N PHE E 127 43.10 -36.47 21.43
CA PHE E 127 41.87 -37.05 21.03
C PHE E 127 41.64 -38.37 21.67
N VAL E 128 42.73 -39.07 21.70
CA VAL E 128 42.82 -40.33 22.26
C VAL E 128 42.59 -40.31 23.73
N GLU E 129 42.85 -39.18 24.38
CA GLU E 129 42.83 -39.00 25.81
C GLU E 129 41.55 -38.65 26.43
N MET E 130 40.56 -38.42 25.61
CA MET E 130 39.31 -37.93 26.08
C MET E 130 38.45 -38.98 25.62
N SER E 131 37.48 -39.34 26.50
CA SER E 131 36.34 -40.14 26.17
C SER E 131 35.69 -39.46 25.03
N VAL E 132 35.50 -40.24 23.94
CA VAL E 132 35.12 -39.77 22.65
C VAL E 132 33.63 -39.90 22.47
N GLU E 133 32.94 -40.24 23.61
CA GLU E 133 31.55 -40.54 23.61
C GLU E 133 30.84 -39.76 24.65
N GLN E 134 29.54 -39.66 24.36
CA GLN E 134 28.56 -38.87 24.99
C GLN E 134 27.63 -39.77 25.67
N GLU E 135 26.67 -39.14 26.32
CA GLU E 135 25.86 -39.70 27.32
C GLU E 135 24.53 -39.16 26.97
N ILE E 136 23.54 -39.46 27.80
CA ILE E 136 22.40 -38.63 27.82
C ILE E 136 22.04 -38.54 29.24
N LEU E 137 22.16 -37.34 29.79
CA LEU E 137 21.66 -36.90 31.02
C LEU E 137 20.38 -36.28 30.64
N VAL E 138 19.61 -35.77 31.59
CA VAL E 138 18.32 -35.21 31.35
C VAL E 138 18.30 -34.10 32.36
N THR E 139 17.22 -33.28 32.46
CA THR E 139 17.18 -32.13 33.33
C THR E 139 15.91 -31.97 34.14
N GLY E 140 14.78 -32.56 33.67
CA GLY E 140 13.48 -32.41 34.28
C GLY E 140 12.75 -31.16 33.88
N ILE E 141 13.19 -30.44 32.84
CA ILE E 141 12.47 -29.29 32.38
C ILE E 141 12.07 -29.67 31.03
N LYS E 142 10.77 -29.49 30.81
CA LYS E 142 10.02 -30.13 29.79
C LYS E 142 10.60 -29.80 28.51
N VAL E 143 10.69 -28.50 28.45
CA VAL E 143 11.16 -27.72 27.43
C VAL E 143 12.51 -28.17 27.14
N VAL E 144 13.30 -28.43 28.20
CA VAL E 144 14.63 -28.77 27.95
C VAL E 144 14.73 -30.07 27.41
N ASP E 145 14.30 -31.05 28.14
CA ASP E 145 14.49 -32.41 27.77
C ASP E 145 13.97 -32.72 26.49
N LEU E 146 12.81 -32.16 26.23
CA LEU E 146 12.17 -32.40 25.01
C LEU E 146 13.03 -31.83 23.97
N LEU E 147 13.48 -30.58 24.06
CA LEU E 147 14.06 -30.03 22.85
C LEU E 147 15.54 -30.18 22.86
N ALA E 148 16.15 -30.01 24.01
CA ALA E 148 17.54 -30.19 24.18
C ALA E 148 17.67 -31.13 25.32
N PRO E 149 17.90 -32.39 25.07
CA PRO E 149 18.06 -33.37 26.13
C PRO E 149 19.43 -33.15 26.66
N TYR E 150 19.85 -33.91 27.68
CA TYR E 150 21.12 -33.64 28.27
C TYR E 150 22.03 -34.80 28.07
N ALA E 151 23.25 -34.66 28.57
CA ALA E 151 24.37 -35.54 28.41
C ALA E 151 25.34 -35.01 29.38
N LYS E 152 26.58 -35.53 29.41
CA LYS E 152 27.52 -35.15 30.44
C LYS E 152 28.79 -34.72 29.82
N GLY E 153 29.36 -33.63 30.33
CA GLY E 153 30.57 -33.08 29.80
C GLY E 153 30.15 -31.92 28.95
N GLY E 154 28.85 -31.96 28.55
CA GLY E 154 28.26 -31.13 27.56
C GLY E 154 28.23 -29.76 28.04
N LYS E 155 28.49 -28.83 27.14
CA LYS E 155 28.56 -27.49 27.48
C LYS E 155 27.29 -27.04 26.86
N ILE E 156 26.48 -26.39 27.64
CA ILE E 156 25.26 -25.91 27.15
C ILE E 156 25.35 -24.50 27.12
N GLY E 157 24.91 -23.84 26.04
CA GLY E 157 24.94 -22.42 26.07
C GLY E 157 23.60 -21.86 26.29
N LEU E 158 23.50 -21.04 27.35
CA LEU E 158 22.29 -20.53 27.84
C LEU E 158 22.26 -19.09 27.61
N PHE E 159 21.23 -18.63 26.90
CA PHE E 159 21.14 -17.28 26.49
C PHE E 159 20.05 -16.70 27.27
N GLY E 160 19.95 -15.35 27.34
CA GLY E 160 18.75 -14.69 27.78
C GLY E 160 19.11 -13.80 28.91
N GLY E 161 18.19 -13.60 29.88
CA GLY E 161 18.34 -12.51 30.80
C GLY E 161 18.41 -13.05 32.13
N ALA E 162 19.51 -12.80 32.83
CA ALA E 162 19.67 -13.14 34.18
C ALA E 162 18.53 -12.63 34.93
N GLY E 163 17.90 -13.43 35.78
CA GLY E 163 16.92 -12.86 36.65
C GLY E 163 15.64 -12.55 35.98
N VAL E 164 15.55 -12.82 34.66
CA VAL E 164 14.26 -13.10 34.05
C VAL E 164 13.83 -14.33 34.72
N GLY E 165 14.88 -15.11 34.78
CA GLY E 165 15.10 -16.12 35.66
C GLY E 165 16.11 -16.81 34.88
N LYS E 166 16.88 -16.17 33.96
CA LYS E 166 17.89 -16.91 33.25
C LYS E 166 18.79 -17.43 34.23
N THR E 167 19.25 -16.49 35.03
CA THR E 167 20.16 -16.80 36.05
C THR E 167 19.53 -17.74 37.02
N VAL E 168 18.23 -17.53 37.33
CA VAL E 168 17.53 -18.33 38.28
C VAL E 168 17.46 -19.74 37.87
N LEU E 169 17.22 -19.93 36.59
CA LEU E 169 17.05 -21.20 35.98
C LEU E 169 18.26 -21.97 36.18
N ILE E 170 19.42 -21.32 35.93
CA ILE E 170 20.66 -21.98 36.17
C ILE E 170 20.68 -22.54 37.53
N MET E 171 20.35 -21.70 38.50
CA MET E 171 20.34 -22.13 39.86
C MET E 171 19.48 -23.25 40.12
N GLU E 172 18.29 -23.24 39.57
CA GLU E 172 17.35 -24.26 39.81
C GLU E 172 17.87 -25.55 39.34
N LEU E 173 18.54 -25.50 38.22
CA LEU E 173 19.12 -26.67 37.69
C LEU E 173 20.15 -27.21 38.55
N ILE E 174 21.02 -26.32 39.06
CA ILE E 174 22.01 -26.65 40.05
C ILE E 174 21.31 -27.27 41.20
N ASN E 175 20.19 -26.65 41.56
CA ASN E 175 19.47 -26.91 42.73
C ASN E 175 19.13 -28.35 42.71
N ASN E 176 18.54 -28.86 41.64
CA ASN E 176 18.34 -30.29 41.69
C ASN E 176 19.62 -31.04 41.53
N VAL E 177 20.43 -30.58 40.59
CA VAL E 177 21.46 -31.44 40.14
C VAL E 177 22.65 -31.72 40.98
N ALA E 178 23.36 -30.75 41.53
CA ALA E 178 24.64 -30.98 42.19
C ALA E 178 24.57 -31.95 43.32
N LYS E 179 23.41 -31.82 43.96
CA LYS E 179 22.93 -32.54 45.08
C LYS E 179 22.78 -33.90 44.59
N ALA E 180 21.99 -34.02 43.53
CA ALA E 180 21.57 -35.25 43.01
C ALA E 180 22.67 -35.96 42.29
N HIS E 181 23.76 -35.29 41.90
CA HIS E 181 24.59 -35.89 40.90
C HIS E 181 25.93 -36.15 41.42
N GLY E 182 26.23 -35.76 42.68
CA GLY E 182 27.52 -36.07 43.27
C GLY E 182 28.58 -35.25 42.65
N GLY E 183 28.97 -35.66 41.40
CA GLY E 183 30.01 -35.19 40.52
C GLY E 183 29.95 -33.74 40.63
N TYR E 184 31.05 -33.21 41.18
CA TYR E 184 31.16 -31.87 41.67
C TYR E 184 30.74 -30.78 40.76
N SER E 185 30.94 -29.55 41.22
CA SER E 185 30.58 -28.41 40.47
C SER E 185 31.58 -27.35 40.61
N VAL E 186 31.58 -26.46 39.62
CA VAL E 186 32.28 -25.25 39.67
C VAL E 186 31.23 -24.33 39.28
N PHE E 187 31.25 -23.22 39.99
CA PHE E 187 30.46 -22.12 39.67
C PHE E 187 31.46 -21.08 39.46
N ALA E 188 31.40 -20.47 38.28
CA ALA E 188 32.22 -19.36 37.93
C ALA E 188 31.34 -18.17 37.76
N GLY E 189 31.34 -17.22 38.72
CA GLY E 189 30.76 -15.92 38.55
C GLY E 189 31.81 -15.03 37.96
N VAL E 190 31.89 -14.89 36.63
CA VAL E 190 32.82 -14.06 35.94
C VAL E 190 32.15 -12.79 35.74
N GLY E 191 32.75 -11.70 36.24
CA GLY E 191 32.15 -10.42 36.52
C GLY E 191 30.93 -10.61 37.31
N GLU E 192 30.99 -11.40 38.37
CA GLU E 192 29.85 -11.71 39.15
C GLU E 192 29.35 -10.53 39.86
N ARG E 193 28.02 -10.50 40.05
CA ARG E 193 27.37 -9.52 40.80
C ARG E 193 27.52 -10.03 42.15
N THR E 194 28.33 -9.30 42.90
CA THR E 194 28.82 -9.61 44.20
C THR E 194 27.73 -9.91 45.14
N ARG E 195 26.74 -9.01 45.10
CA ARG E 195 25.51 -9.06 45.80
C ARG E 195 24.83 -10.35 45.56
N GLU E 196 24.82 -10.77 44.28
CA GLU E 196 24.13 -11.95 43.91
C GLU E 196 24.84 -13.09 44.43
N GLY E 197 26.14 -12.95 44.65
CA GLY E 197 26.85 -13.97 45.28
C GLY E 197 26.61 -14.04 46.74
N ASN E 198 26.39 -12.90 47.36
CA ASN E 198 26.15 -12.84 48.76
C ASN E 198 24.94 -13.53 49.20
N ASP E 199 23.83 -13.18 48.59
CA ASP E 199 22.54 -13.68 48.98
C ASP E 199 22.47 -15.13 48.95
N LEU E 200 23.10 -15.53 47.86
CA LEU E 200 23.19 -16.79 47.30
C LEU E 200 24.00 -17.51 48.22
N TYR E 201 25.03 -16.87 48.72
CA TYR E 201 25.80 -17.43 49.74
C TYR E 201 25.03 -17.84 50.90
N HIS E 202 24.19 -16.96 51.45
CA HIS E 202 23.54 -17.28 52.67
C HIS E 202 22.68 -18.42 52.42
N GLU E 203 22.17 -18.44 51.20
CA GLU E 203 21.45 -19.52 50.73
C GLU E 203 22.21 -20.75 50.54
N MET E 204 23.47 -20.74 50.17
CA MET E 204 24.08 -21.97 49.84
C MET E 204 24.47 -22.72 51.00
N ILE E 205 24.93 -21.93 51.94
CA ILE E 205 25.39 -22.32 53.21
C ILE E 205 24.32 -23.04 53.86
N GLU E 206 23.22 -22.29 53.94
CA GLU E 206 21.93 -22.73 54.30
C GLU E 206 21.59 -23.96 53.59
N SER E 207 21.74 -23.96 52.28
CA SER E 207 21.25 -24.99 51.44
C SER E 207 21.98 -26.23 51.68
N GLY E 208 23.25 -26.15 52.09
CA GLY E 208 23.92 -27.36 52.44
C GLY E 208 24.44 -27.94 51.19
N VAL E 209 24.33 -27.18 50.09
CA VAL E 209 25.05 -27.55 48.93
C VAL E 209 26.39 -27.14 49.28
N ILE E 210 26.42 -25.90 49.82
CA ILE E 210 27.50 -25.45 50.55
C ILE E 210 27.31 -25.78 51.93
N ASN E 211 28.38 -26.44 52.34
CA ASN E 211 28.62 -26.98 53.61
C ASN E 211 29.81 -26.20 53.99
N LEU E 212 29.89 -25.82 55.27
CA LEU E 212 30.92 -24.97 55.84
C LEU E 212 31.35 -25.61 57.11
N LYS E 213 30.67 -26.71 57.41
CA LYS E 213 30.79 -27.52 58.57
C LYS E 213 31.88 -28.46 58.21
N ASP E 214 32.11 -28.49 56.90
CA ASP E 214 32.98 -29.28 56.14
C ASP E 214 33.25 -28.19 55.16
N ALA E 215 34.53 -27.82 54.91
CA ALA E 215 34.94 -26.71 54.04
C ALA E 215 34.42 -26.90 52.66
N THR E 216 34.52 -28.17 52.20
CA THR E 216 33.96 -28.69 51.01
C THR E 216 32.51 -28.40 50.92
N SER E 217 31.98 -28.80 49.81
CA SER E 217 30.62 -28.76 49.59
C SER E 217 30.64 -29.87 48.68
N LYS E 218 29.89 -29.66 47.64
CA LYS E 218 29.82 -30.54 46.56
C LYS E 218 30.32 -29.66 45.46
N VAL E 219 30.39 -28.33 45.75
CA VAL E 219 30.54 -27.30 44.79
C VAL E 219 31.50 -26.28 45.30
N ALA E 220 32.38 -25.83 44.39
CA ALA E 220 33.26 -24.72 44.60
C ALA E 220 32.69 -23.54 43.87
N LEU E 221 32.84 -22.38 44.52
CA LEU E 221 32.35 -21.11 44.09
C LEU E 221 33.58 -20.39 43.74
N VAL E 222 33.45 -19.73 42.61
CA VAL E 222 34.45 -18.92 42.10
C VAL E 222 33.62 -17.76 41.82
N TYR E 223 34.06 -16.60 42.29
CA TYR E 223 33.39 -15.39 41.98
C TYR E 223 34.57 -14.59 41.59
N GLY E 224 34.42 -13.80 40.52
CA GLY E 224 35.40 -12.94 39.94
C GLY E 224 34.62 -11.75 39.56
N GLN E 225 34.26 -10.90 40.51
CA GLN E 225 33.21 -9.96 40.37
C GLN E 225 33.49 -8.87 39.44
N MET E 226 32.46 -8.09 39.11
CA MET E 226 32.55 -7.09 38.10
C MET E 226 33.53 -6.01 38.38
N ASN E 227 33.56 -5.63 39.65
CA ASN E 227 34.46 -4.63 40.11
C ASN E 227 35.90 -5.04 40.03
N GLU E 228 36.24 -6.29 39.64
CA GLU E 228 37.63 -6.63 39.55
C GLU E 228 38.15 -6.06 38.31
N PRO E 229 39.44 -5.91 38.17
CA PRO E 229 39.98 -5.53 36.92
C PRO E 229 39.69 -6.58 35.96
N PRO E 230 39.49 -6.27 34.71
CA PRO E 230 39.09 -7.15 33.67
C PRO E 230 40.01 -8.26 33.62
N GLY E 231 41.33 -8.04 33.69
CA GLY E 231 42.31 -9.08 33.65
C GLY E 231 41.95 -10.13 34.63
N ALA E 232 41.60 -9.70 35.84
CA ALA E 232 41.14 -10.59 36.83
C ALA E 232 39.89 -11.31 36.44
N ARG E 233 38.90 -10.58 35.92
CA ARG E 233 37.65 -11.16 35.49
C ARG E 233 37.81 -12.10 34.34
N ALA E 234 38.70 -11.79 33.42
CA ALA E 234 39.01 -12.57 32.30
C ALA E 234 39.67 -13.82 32.77
N ARG E 235 40.47 -13.72 33.83
CA ARG E 235 41.37 -14.77 34.15
C ARG E 235 40.80 -15.68 35.13
N VAL E 236 39.80 -15.22 35.88
CA VAL E 236 39.12 -16.02 36.86
C VAL E 236 38.54 -17.23 36.20
N ALA E 237 38.21 -17.07 34.91
CA ALA E 237 37.72 -18.12 34.08
C ALA E 237 38.66 -19.26 33.89
N LEU E 238 39.95 -19.00 33.66
CA LEU E 238 40.88 -20.08 33.48
C LEU E 238 41.03 -20.78 34.72
N THR E 239 41.06 -20.02 35.81
CA THR E 239 41.21 -20.51 37.13
C THR E 239 40.25 -21.57 37.46
N GLY E 240 38.96 -21.27 37.27
CA GLY E 240 37.92 -22.21 37.48
C GLY E 240 38.09 -23.40 36.62
N LEU E 241 38.51 -23.14 35.36
CA LEU E 241 38.69 -24.14 34.36
C LEU E 241 39.67 -25.13 34.79
N THR E 242 40.78 -24.64 35.35
CA THR E 242 41.82 -25.44 35.89
C THR E 242 41.30 -26.39 36.94
N VAL E 243 40.43 -25.89 37.81
CA VAL E 243 39.84 -26.64 38.89
C VAL E 243 39.06 -27.83 38.44
N ALA E 244 38.24 -27.66 37.41
CA ALA E 244 37.34 -28.72 37.06
C ALA E 244 38.02 -29.93 36.50
N GLU E 245 39.12 -29.68 35.79
CA GLU E 245 40.00 -30.68 35.28
C GLU E 245 40.66 -31.40 36.40
N TYR E 246 41.00 -30.65 37.46
CA TYR E 246 41.45 -31.20 38.68
C TYR E 246 40.40 -32.12 39.20
N PHE E 247 39.15 -31.68 39.33
CA PHE E 247 38.12 -32.53 39.80
C PHE E 247 37.79 -33.68 38.98
N ARG E 248 38.07 -33.59 37.69
CA ARG E 248 37.64 -34.60 36.83
C ARG E 248 38.58 -35.67 36.88
N ASP E 249 39.79 -35.27 36.59
CA ASP E 249 40.76 -36.25 36.34
C ASP E 249 41.22 -36.72 37.62
N GLN E 250 41.45 -35.75 38.52
CA GLN E 250 42.04 -36.06 39.76
C GLN E 250 40.98 -36.49 40.62
N GLU E 251 39.85 -35.77 40.67
CA GLU E 251 38.91 -36.14 41.69
C GLU E 251 37.86 -36.97 41.15
N GLY E 252 37.94 -37.33 39.85
CA GLY E 252 36.91 -38.14 39.25
C GLY E 252 35.83 -37.19 38.82
N GLN E 253 35.15 -36.65 39.85
CA GLN E 253 34.12 -35.67 39.97
C GLN E 253 33.88 -34.79 38.80
N ASP E 254 32.63 -34.99 38.37
CA ASP E 254 32.04 -34.57 37.16
C ASP E 254 31.37 -33.29 37.28
N VAL E 255 32.15 -32.27 36.93
CA VAL E 255 31.84 -30.96 37.35
C VAL E 255 30.70 -30.49 36.56
N LEU E 256 29.81 -29.68 37.15
CA LEU E 256 28.93 -28.90 36.38
C LEU E 256 29.48 -27.58 36.57
N LEU E 257 29.66 -26.93 35.47
CA LEU E 257 30.44 -25.80 35.40
C LEU E 257 29.51 -24.80 35.03
N PHE E 258 29.30 -23.86 35.92
CA PHE E 258 28.40 -22.80 35.70
C PHE E 258 29.24 -21.72 35.33
N ILE E 259 28.91 -21.07 34.22
CA ILE E 259 29.68 -19.97 33.80
C ILE E 259 28.66 -18.96 33.72
N ASP E 260 28.87 -17.88 34.45
CA ASP E 260 28.09 -16.72 34.31
C ASP E 260 29.19 -15.76 34.45
N ASN E 261 29.68 -15.13 33.38
CA ASN E 261 29.10 -15.27 32.12
C ASN E 261 30.25 -15.33 31.31
N ILE E 262 30.20 -16.25 30.38
CA ILE E 262 31.34 -16.40 29.58
C ILE E 262 31.51 -15.22 28.72
N PHE E 263 30.42 -14.55 28.34
CA PHE E 263 30.47 -13.32 27.70
C PHE E 263 31.10 -12.31 28.55
N ARG E 264 30.92 -12.37 29.87
CA ARG E 264 31.53 -11.38 30.70
C ARG E 264 32.97 -11.62 30.87
N PHE E 265 33.36 -12.88 30.72
CA PHE E 265 34.73 -13.25 30.60
C PHE E 265 35.33 -12.58 29.43
N THR E 266 34.55 -12.64 28.36
CA THR E 266 34.95 -12.36 27.05
C THR E 266 35.17 -10.96 26.97
N GLN E 267 34.25 -10.21 27.56
CA GLN E 267 34.25 -8.79 27.60
C GLN E 267 35.48 -8.38 28.25
N ALA E 268 35.81 -9.06 29.35
CA ALA E 268 37.05 -8.74 29.97
C ALA E 268 38.20 -9.01 29.07
N GLY E 269 38.21 -10.13 28.34
CA GLY E 269 39.15 -10.35 27.30
C GLY E 269 39.25 -9.33 26.21
N SER E 270 38.15 -8.84 25.65
CA SER E 270 38.16 -7.96 24.51
C SER E 270 38.72 -6.64 24.81
N GLU E 271 38.39 -6.21 26.01
CA GLU E 271 38.63 -4.93 26.60
C GLU E 271 40.08 -4.87 26.75
N VAL E 272 40.58 -6.04 27.15
CA VAL E 272 41.92 -6.30 27.39
C VAL E 272 42.61 -6.21 26.07
N SER E 273 42.25 -7.01 25.08
CA SER E 273 42.81 -6.99 23.76
C SER E 273 43.08 -5.67 23.16
N ALA E 274 42.12 -4.79 23.37
CA ALA E 274 42.14 -3.42 22.96
C ALA E 274 43.31 -2.72 23.53
N LEU E 275 43.44 -2.88 24.84
CA LEU E 275 44.42 -2.26 25.65
C LEU E 275 45.75 -2.82 25.37
N LEU E 276 45.75 -4.08 24.97
CA LEU E 276 46.85 -4.81 24.48
C LEU E 276 47.27 -4.35 23.16
N GLY E 277 46.62 -3.29 22.66
CA GLY E 277 47.06 -2.46 21.58
C GLY E 277 47.29 -3.33 20.46
N ARG E 278 46.37 -4.28 20.37
CA ARG E 278 46.37 -5.30 19.42
C ARG E 278 45.37 -4.77 18.50
N ILE E 279 44.85 -5.67 17.65
CA ILE E 279 43.73 -5.38 16.80
C ILE E 279 42.60 -6.24 17.33
N PRO E 280 41.67 -5.76 18.15
CA PRO E 280 40.57 -6.59 18.57
C PRO E 280 39.48 -6.29 17.60
N SER E 281 39.28 -7.27 16.72
CA SER E 281 38.51 -7.38 15.51
C SER E 281 37.26 -6.60 15.43
N ALA E 282 36.36 -7.08 14.59
CA ALA E 282 35.17 -6.38 14.28
C ALA E 282 34.41 -6.26 15.53
N VAL E 283 33.76 -5.10 15.68
CA VAL E 283 33.08 -4.63 16.83
C VAL E 283 33.99 -4.43 18.00
N GLY E 284 35.29 -4.39 17.75
CA GLY E 284 36.18 -4.20 18.83
C GLY E 284 36.55 -5.54 19.30
N TYR E 285 35.86 -6.58 18.84
CA TYR E 285 35.99 -7.89 19.36
C TYR E 285 37.31 -8.45 19.16
N GLN E 286 38.12 -8.62 20.22
CA GLN E 286 39.38 -9.30 20.28
C GLN E 286 39.77 -10.20 19.17
N PRO E 287 40.99 -10.11 18.69
CA PRO E 287 41.41 -10.92 17.57
C PRO E 287 41.33 -12.34 17.88
N THR E 288 41.57 -12.66 19.14
CA THR E 288 41.86 -13.94 19.64
C THR E 288 40.65 -14.54 20.15
N LEU E 289 39.51 -14.01 19.79
CA LEU E 289 38.28 -14.25 20.47
C LEU E 289 38.03 -15.72 20.53
N ALA E 290 38.33 -16.32 19.38
CA ALA E 290 38.16 -17.68 19.16
C ALA E 290 39.17 -18.47 19.87
N THR E 291 40.42 -18.04 19.89
CA THR E 291 41.43 -18.88 20.40
C THR E 291 41.30 -19.00 21.83
N ASP E 292 40.94 -17.89 22.49
CA ASP E 292 40.66 -17.91 23.89
C ASP E 292 39.69 -18.95 24.19
N MET E 293 38.66 -19.00 23.37
CA MET E 293 37.67 -19.96 23.57
C MET E 293 38.07 -21.32 23.25
N GLY E 294 38.75 -21.55 22.13
CA GLY E 294 38.99 -22.87 21.66
C GLY E 294 39.75 -23.60 22.67
N THR E 295 40.80 -22.91 23.11
CA THR E 295 41.74 -23.43 24.04
C THR E 295 41.17 -23.75 25.36
N MET E 296 40.08 -23.11 25.62
CA MET E 296 39.41 -23.14 26.84
C MET E 296 38.45 -24.21 26.78
N GLN E 297 37.66 -24.21 25.73
CA GLN E 297 36.57 -25.10 25.57
C GLN E 297 37.04 -26.47 25.49
N GLU E 298 38.19 -26.65 24.85
CA GLU E 298 38.74 -27.94 24.78
C GLU E 298 39.27 -28.42 26.09
N ARG E 299 39.59 -27.51 27.03
CA ARG E 299 39.89 -27.89 28.39
C ARG E 299 38.66 -28.34 29.15
N ILE E 300 37.52 -28.54 28.46
CA ILE E 300 36.28 -29.02 28.99
C ILE E 300 35.89 -30.21 28.18
N THR E 301 35.27 -31.27 28.82
CA THR E 301 34.70 -32.46 28.19
C THR E 301 34.50 -33.61 29.19
N THR E 302 33.93 -34.73 28.67
CA THR E 302 33.95 -36.05 29.24
C THR E 302 35.24 -36.60 28.77
N THR E 303 36.26 -36.55 29.63
CA THR E 303 37.39 -37.39 29.43
C THR E 303 36.95 -38.67 29.99
N LYS E 304 37.86 -39.58 29.91
CA LYS E 304 37.76 -40.87 30.43
C LYS E 304 37.60 -40.80 31.92
N LYS E 305 38.23 -39.80 32.57
CA LYS E 305 38.23 -39.69 34.00
C LYS E 305 37.11 -38.84 34.46
N GLY E 306 36.13 -38.54 33.61
CA GLY E 306 34.99 -37.84 34.10
C GLY E 306 34.62 -36.85 33.10
N SER E 307 33.74 -35.93 33.49
CA SER E 307 33.08 -35.03 32.60
C SER E 307 33.02 -33.73 33.25
N ILE E 308 33.23 -32.67 32.48
CA ILE E 308 33.04 -31.37 33.03
C ILE E 308 32.03 -30.92 32.09
N THR E 309 30.85 -30.78 32.64
CA THR E 309 29.66 -30.46 31.99
C THR E 309 29.49 -29.05 32.20
N SER E 310 29.25 -28.33 31.14
CA SER E 310 29.22 -26.94 31.25
C SER E 310 27.88 -26.51 30.97
N VAL E 311 27.54 -25.59 31.78
CA VAL E 311 26.36 -24.88 31.80
C VAL E 311 26.99 -23.57 31.57
N GLN E 312 26.74 -22.99 30.42
CA GLN E 312 27.48 -21.84 30.07
C GLN E 312 26.45 -20.86 29.88
N ALA E 313 26.46 -19.83 30.70
CA ALA E 313 25.73 -18.63 30.50
C ALA E 313 26.44 -17.76 29.56
N ILE E 314 25.66 -17.21 28.63
CA ILE E 314 26.10 -16.32 27.65
C ILE E 314 25.02 -15.33 27.65
N TYR E 315 25.32 -14.11 28.08
CA TYR E 315 24.35 -13.07 28.07
C TYR E 315 24.87 -12.37 26.89
N VAL E 316 23.91 -11.80 26.21
CA VAL E 316 24.10 -11.56 24.84
C VAL E 316 24.49 -10.15 24.64
N PRO E 317 25.67 -9.85 24.11
CA PRO E 317 26.10 -8.47 24.01
C PRO E 317 25.24 -7.76 23.04
N ALA E 318 24.63 -6.63 23.48
CA ALA E 318 23.72 -5.80 22.74
C ALA E 318 22.65 -6.65 22.25
N ASP E 319 22.46 -7.73 22.96
CA ASP E 319 21.57 -8.79 22.71
C ASP E 319 21.55 -9.40 21.35
N ASP E 320 22.69 -9.49 20.64
CA ASP E 320 22.67 -10.01 19.30
C ASP E 320 23.56 -11.17 19.31
N LEU E 321 23.21 -12.14 18.46
CA LEU E 321 23.78 -13.45 18.51
C LEU E 321 24.49 -13.79 17.26
N THR E 322 24.12 -13.03 16.21
CA THR E 322 24.79 -12.98 14.96
C THR E 322 26.11 -12.40 15.21
N ASP E 323 26.21 -11.70 16.37
CA ASP E 323 27.39 -11.31 17.02
C ASP E 323 28.35 -12.48 17.01
N PRO E 324 29.53 -12.25 16.52
CA PRO E 324 30.60 -13.21 16.43
C PRO E 324 30.85 -14.01 17.62
N ALA E 325 30.74 -13.41 18.82
CA ALA E 325 31.06 -14.03 20.09
C ALA E 325 30.15 -15.19 20.16
N PRO E 326 28.85 -15.03 20.09
CA PRO E 326 27.97 -16.13 20.12
C PRO E 326 28.24 -16.97 18.94
N ALA E 327 28.67 -16.42 17.81
CA ALA E 327 29.00 -17.24 16.68
C ALA E 327 30.02 -18.26 17.07
N THR E 328 31.01 -17.84 17.82
CA THR E 328 32.09 -18.66 18.27
C THR E 328 31.61 -19.68 19.15
N THR E 329 30.71 -19.24 20.03
CA THR E 329 30.22 -20.00 21.10
C THR E 329 29.64 -21.23 20.63
N PHE E 330 28.92 -21.06 19.54
CA PHE E 330 28.19 -22.08 18.92
C PHE E 330 29.01 -23.21 18.56
N ALA E 331 30.24 -22.93 18.11
CA ALA E 331 31.14 -23.96 17.71
C ALA E 331 31.39 -24.99 18.76
N HIS E 332 31.39 -24.58 20.02
CA HIS E 332 31.60 -25.50 21.09
C HIS E 332 30.40 -26.06 21.73
N LEU E 333 29.19 -25.79 21.23
CA LEU E 333 28.00 -26.17 21.96
C LEU E 333 27.67 -27.61 21.83
N ASP E 334 26.80 -28.08 22.74
CA ASP E 334 26.50 -29.48 22.92
C ASP E 334 25.03 -29.53 23.09
N ALA E 335 24.54 -28.38 23.51
CA ALA E 335 23.18 -28.13 23.68
C ALA E 335 23.31 -26.68 23.88
N THR E 336 22.22 -26.01 23.56
CA THR E 336 22.16 -24.60 23.61
C THR E 336 20.79 -24.45 24.07
N THR E 337 20.55 -23.49 24.95
CA THR E 337 19.23 -23.09 25.28
C THR E 337 19.25 -21.67 24.98
N VAL E 338 18.47 -21.27 23.99
CA VAL E 338 18.43 -19.91 23.69
C VAL E 338 17.13 -19.58 24.24
N LEU E 339 17.11 -18.72 25.26
CA LEU E 339 15.86 -18.27 25.82
C LEU E 339 15.35 -17.29 24.87
N SER E 340 14.03 -17.21 24.70
CA SER E 340 13.51 -16.19 23.87
C SER E 340 13.01 -15.18 24.78
N ARG E 341 13.46 -13.98 24.54
CA ARG E 341 12.97 -12.83 25.19
C ARG E 341 11.55 -12.62 24.86
N ALA E 342 11.16 -12.85 23.60
CA ALA E 342 9.79 -12.74 23.19
C ALA E 342 8.91 -13.57 24.00
N ILE E 343 9.35 -14.79 24.22
CA ILE E 343 8.67 -15.74 24.99
C ILE E 343 8.67 -15.36 26.41
N ALA E 344 9.82 -14.91 26.90
CA ALA E 344 9.95 -14.50 28.26
C ALA E 344 8.96 -13.44 28.58
N GLU E 345 8.85 -12.48 27.64
CA GLU E 345 8.00 -11.34 27.57
C GLU E 345 6.61 -11.69 27.45
N LEU E 346 6.36 -12.83 26.82
CA LEU E 346 5.05 -13.35 26.70
C LEU E 346 4.60 -13.91 28.00
N GLY E 347 5.46 -13.79 29.04
CA GLY E 347 5.13 -14.11 30.37
C GLY E 347 5.23 -15.55 30.45
N ILE E 348 6.40 -16.06 30.07
CA ILE E 348 6.59 -17.46 30.01
C ILE E 348 7.84 -17.61 30.74
N TYR E 349 7.79 -18.53 31.71
CA TYR E 349 8.95 -18.91 32.43
C TYR E 349 8.82 -20.37 32.43
N PRO E 350 9.70 -21.17 31.89
CA PRO E 350 10.93 -20.85 31.13
C PRO E 350 10.78 -19.86 29.97
N ALA E 351 11.87 -19.19 29.48
CA ALA E 351 11.79 -18.09 28.54
C ALA E 351 12.13 -18.51 27.15
N VAL E 352 12.52 -19.79 26.94
CA VAL E 352 12.87 -20.54 25.74
C VAL E 352 12.67 -19.94 24.40
N ASP E 353 13.53 -20.31 23.46
CA ASP E 353 13.28 -20.09 22.10
C ASP E 353 13.03 -21.46 21.64
N PRO E 354 12.11 -21.76 20.85
CA PRO E 354 11.85 -23.13 20.54
C PRO E 354 12.38 -23.31 19.20
N LEU E 355 13.60 -22.86 18.96
CA LEU E 355 14.11 -23.07 17.67
C LEU E 355 15.56 -23.19 17.79
N ASP E 356 16.10 -22.90 18.96
CA ASP E 356 17.48 -23.11 19.18
C ASP E 356 17.61 -23.17 20.62
N SER E 357 16.70 -23.93 21.17
CA SER E 357 16.91 -24.41 22.46
C SER E 357 16.97 -25.81 21.98
N THR E 358 18.22 -26.26 21.82
CA THR E 358 18.57 -27.40 21.02
C THR E 358 19.66 -28.24 21.61
N SER E 359 19.79 -29.41 20.99
CA SER E 359 20.84 -30.34 21.15
C SER E 359 20.85 -30.91 19.78
N ARG E 360 22.02 -31.06 19.11
CA ARG E 360 22.12 -31.85 17.89
C ARG E 360 21.91 -33.25 18.32
N ILE E 361 22.38 -33.45 19.57
CA ILE E 361 22.39 -34.60 20.37
C ILE E 361 21.06 -34.91 20.91
N MET E 362 20.01 -34.52 20.19
CA MET E 362 18.76 -35.15 20.37
C MET E 362 18.65 -35.87 19.10
N ASP E 363 18.39 -37.17 19.20
CA ASP E 363 18.35 -38.03 18.08
C ASP E 363 17.42 -39.08 18.54
N PRO E 364 16.85 -39.89 17.67
CA PRO E 364 15.85 -40.86 18.02
C PRO E 364 16.47 -41.89 18.85
N ASN E 365 17.76 -41.87 18.77
CA ASN E 365 18.64 -42.75 19.37
C ASN E 365 18.87 -42.22 20.72
N ILE E 366 19.33 -40.96 20.82
CA ILE E 366 19.78 -40.42 22.07
C ILE E 366 18.67 -40.32 23.03
N VAL E 367 17.54 -39.76 22.59
CA VAL E 367 16.35 -39.86 23.34
C VAL E 367 15.63 -40.93 22.67
N GLY E 368 14.41 -41.26 23.15
CA GLY E 368 13.50 -42.17 22.53
C GLY E 368 13.36 -41.82 21.11
N SER E 369 13.12 -42.80 20.24
CA SER E 369 12.93 -42.42 18.88
C SER E 369 11.69 -41.75 18.74
N GLU E 370 10.75 -42.14 19.58
CA GLU E 370 9.53 -41.50 19.83
C GLU E 370 9.82 -40.20 20.33
N HIS E 371 10.65 -40.09 21.37
CA HIS E 371 10.88 -38.88 22.09
C HIS E 371 11.17 -37.86 21.13
N TYR E 372 12.15 -38.21 20.35
CA TYR E 372 12.61 -37.52 19.25
C TYR E 372 11.54 -37.23 18.27
N ASP E 373 10.72 -38.20 17.85
CA ASP E 373 9.79 -37.99 16.78
C ASP E 373 8.75 -37.02 17.13
N VAL E 374 8.35 -37.15 18.38
CA VAL E 374 7.32 -36.44 19.03
C VAL E 374 7.78 -35.09 19.08
N ALA E 375 9.05 -34.97 19.43
CA ALA E 375 9.72 -33.76 19.42
C ALA E 375 9.76 -33.23 18.04
N ARG E 376 10.09 -34.00 17.00
CA ARG E 376 10.17 -33.49 15.67
C ARG E 376 8.89 -32.98 15.18
N GLY E 377 7.83 -33.63 15.64
CA GLY E 377 6.51 -33.27 15.31
C GLY E 377 6.22 -32.01 15.96
N VAL E 378 6.61 -31.88 17.21
CA VAL E 378 6.42 -30.71 17.98
C VAL E 378 7.16 -29.60 17.40
N GLN E 379 8.40 -29.86 17.05
CA GLN E 379 9.34 -28.93 16.57
C GLN E 379 8.82 -28.43 15.32
N LYS E 380 8.21 -29.33 14.58
CA LYS E 380 7.51 -28.98 13.44
C LYS E 380 6.44 -28.09 13.78
N ILE E 381 5.57 -28.40 14.75
CA ILE E 381 4.36 -27.65 14.93
C ILE E 381 4.65 -26.26 15.20
N LEU E 382 5.67 -26.06 16.01
CA LEU E 382 6.10 -24.78 16.34
C LEU E 382 6.68 -24.10 15.20
N GLN E 383 7.47 -24.82 14.42
CA GLN E 383 8.12 -24.24 13.32
C GLN E 383 7.20 -23.73 12.29
N ASP E 384 6.13 -24.46 12.04
CA ASP E 384 5.12 -24.05 11.11
C ASP E 384 4.37 -22.92 11.65
N TYR E 385 4.09 -23.04 12.93
CA TYR E 385 3.26 -22.13 13.60
C TYR E 385 3.81 -20.76 13.53
N LYS E 386 5.12 -20.61 13.65
CA LYS E 386 5.82 -19.37 13.60
C LYS E 386 5.64 -18.72 12.34
N SER E 387 5.52 -19.55 11.33
CA SER E 387 5.40 -19.12 9.98
C SER E 387 4.13 -18.43 9.91
N LEU E 388 3.15 -18.95 10.59
CA LEU E 388 1.92 -18.28 10.52
C LEU E 388 1.95 -16.98 11.21
N GLN E 389 2.80 -16.83 12.22
CA GLN E 389 2.75 -15.66 13.02
C GLN E 389 2.83 -14.39 12.30
N ASP E 390 3.49 -14.40 11.17
CA ASP E 390 3.79 -13.20 10.48
C ASP E 390 2.64 -12.66 9.77
N ILE E 391 1.89 -13.60 9.30
CA ILE E 391 0.76 -13.46 8.52
C ILE E 391 -0.29 -12.98 9.39
N ILE E 392 -0.45 -13.68 10.49
CA ILE E 392 -1.39 -13.36 11.49
C ILE E 392 -1.15 -11.98 11.97
N ALA E 393 0.13 -11.69 12.09
CA ALA E 393 0.50 -10.42 12.58
C ALA E 393 0.04 -9.34 11.71
N ILE E 394 0.15 -9.56 10.41
CA ILE E 394 -0.24 -8.54 9.53
C ILE E 394 -1.71 -8.50 9.53
N LEU E 395 -2.18 -9.55 8.96
CA LEU E 395 -3.49 -9.92 8.79
C LEU E 395 -3.83 -10.57 10.01
N GLY E 396 -4.71 -9.91 10.78
CA GLY E 396 -5.64 -10.47 11.74
C GLY E 396 -5.46 -11.92 11.93
N MET E 397 -6.33 -12.74 11.25
CA MET E 397 -6.23 -14.19 11.15
C MET E 397 -7.55 -14.82 11.40
N ASP E 398 -7.86 -15.86 10.59
CA ASP E 398 -8.82 -16.85 10.98
C ASP E 398 -9.16 -17.77 9.85
N GLU E 399 -8.63 -17.48 8.66
CA GLU E 399 -9.09 -18.17 7.48
C GLU E 399 -8.04 -18.99 6.88
N LEU E 400 -7.08 -19.39 7.72
CA LEU E 400 -5.92 -20.08 7.27
C LEU E 400 -6.28 -21.50 7.05
N SER E 401 -6.84 -22.06 8.11
CA SER E 401 -7.55 -23.26 8.23
C SER E 401 -7.18 -23.69 9.59
N GLU E 402 -8.24 -24.18 10.15
CA GLU E 402 -8.50 -24.47 11.48
C GLU E 402 -7.69 -25.43 12.20
N GLU E 403 -7.12 -26.35 11.46
CA GLU E 403 -6.30 -27.40 11.89
C GLU E 403 -5.08 -26.72 12.28
N ASP E 404 -4.67 -25.79 11.46
CA ASP E 404 -3.56 -24.98 11.73
C ASP E 404 -3.86 -24.19 12.92
N LYS E 405 -5.03 -23.57 12.98
CA LYS E 405 -5.53 -22.89 14.13
C LYS E 405 -5.46 -23.64 15.37
N LEU E 406 -5.68 -24.93 15.22
CA LEU E 406 -5.54 -25.88 16.23
C LEU E 406 -4.12 -25.98 16.62
N THR E 407 -3.20 -26.08 15.67
CA THR E 407 -1.80 -26.24 15.93
C THR E 407 -1.27 -25.07 16.64
N VAL E 408 -1.88 -23.97 16.32
CA VAL E 408 -1.54 -22.69 16.71
C VAL E 408 -1.77 -22.56 18.12
N SER E 409 -2.95 -22.98 18.50
CA SER E 409 -3.40 -23.03 19.82
C SER E 409 -2.61 -23.95 20.53
N ARG E 410 -2.32 -25.07 19.90
CA ARG E 410 -1.65 -26.14 20.50
C ARG E 410 -0.34 -25.67 20.80
N ALA E 411 0.27 -25.00 19.86
CA ALA E 411 1.51 -24.43 20.03
C ALA E 411 1.47 -23.48 21.13
N ARG E 412 0.50 -22.61 21.21
CA ARG E 412 0.43 -21.73 22.31
C ARG E 412 0.28 -22.36 23.62
N LYS E 413 -0.45 -23.43 23.63
CA LYS E 413 -0.75 -24.19 24.77
C LYS E 413 0.44 -24.82 25.20
N ILE E 414 1.21 -25.28 24.22
CA ILE E 414 2.42 -25.95 24.37
C ILE E 414 3.29 -24.98 24.96
N GLN E 415 3.28 -23.76 24.46
CA GLN E 415 3.98 -22.67 25.01
C GLN E 415 3.70 -22.49 26.43
N ARG E 416 2.43 -22.61 26.76
CA ARG E 416 2.03 -22.30 28.06
C ARG E 416 2.42 -23.42 28.92
N PHE E 417 2.38 -24.62 28.37
CA PHE E 417 2.76 -25.81 29.02
C PHE E 417 4.21 -25.89 29.24
N LEU E 418 5.01 -25.29 28.37
CA LEU E 418 6.41 -25.22 28.55
C LEU E 418 6.73 -24.36 29.67
N SER E 419 5.85 -23.37 29.88
CA SER E 419 5.86 -22.57 31.04
C SER E 419 5.54 -23.46 32.14
N GLN E 420 6.49 -23.47 33.03
CA GLN E 420 6.64 -24.49 33.95
C GLN E 420 7.02 -23.66 35.11
N PRO E 421 6.29 -23.75 36.17
CA PRO E 421 6.43 -22.91 37.33
C PRO E 421 7.70 -23.20 37.99
N PHE E 422 8.17 -22.32 38.88
CA PHE E 422 9.36 -22.60 39.60
C PHE E 422 9.25 -22.06 40.97
N GLN E 423 9.60 -22.97 41.88
CA GLN E 423 9.53 -22.94 43.30
C GLN E 423 10.43 -21.91 43.85
N VAL E 424 11.65 -21.86 43.28
CA VAL E 424 12.63 -20.91 43.70
C VAL E 424 12.20 -19.53 43.37
N ALA E 425 11.18 -19.43 42.53
CA ALA E 425 10.73 -18.18 42.17
C ALA E 425 9.30 -18.27 42.28
N GLU E 426 8.84 -19.10 43.21
CA GLU E 426 7.52 -19.21 43.71
C GLU E 426 7.30 -18.08 44.54
N VAL E 427 8.41 -17.57 45.04
CA VAL E 427 8.43 -16.50 45.94
C VAL E 427 7.85 -15.37 45.19
N PHE E 428 8.27 -15.26 43.94
CA PHE E 428 7.73 -14.27 43.09
C PHE E 428 6.45 -14.70 42.46
N THR E 429 6.45 -15.92 41.93
CA THR E 429 5.43 -16.38 41.03
C THR E 429 4.20 -16.73 41.73
N GLY E 430 4.42 -17.31 42.91
CA GLY E 430 3.37 -17.94 43.64
C GLY E 430 3.19 -19.27 43.01
N HIS E 431 4.10 -19.64 42.09
CA HIS E 431 3.98 -20.85 41.38
C HIS E 431 4.97 -21.77 41.87
N LEU E 432 4.40 -22.92 42.15
CA LEU E 432 5.07 -24.01 42.71
C LEU E 432 5.67 -24.66 41.61
N GLY E 433 6.98 -24.73 41.70
CA GLY E 433 7.74 -25.19 40.63
C GLY E 433 7.63 -26.60 40.41
N LYS E 434 8.00 -26.95 39.19
CA LYS E 434 7.79 -28.26 38.77
C LYS E 434 8.94 -28.57 37.99
N LEU E 435 9.46 -29.73 38.36
CA LEU E 435 10.47 -30.42 37.69
C LEU E 435 9.67 -31.63 37.41
N VAL E 436 9.81 -32.09 36.16
CA VAL E 436 8.83 -32.90 35.54
C VAL E 436 9.48 -34.17 35.14
N PRO E 437 8.88 -35.32 35.35
CA PRO E 437 9.43 -36.57 34.92
C PRO E 437 9.27 -36.63 33.47
N LEU E 438 10.19 -37.34 32.82
CA LEU E 438 10.35 -37.35 31.41
C LEU E 438 9.11 -37.75 30.74
N LYS E 439 8.42 -38.73 31.30
CA LYS E 439 7.28 -39.27 30.67
C LYS E 439 6.21 -38.30 30.57
N GLU E 440 6.05 -37.47 31.58
CA GLU E 440 4.94 -36.58 31.66
C GLU E 440 5.00 -35.57 30.64
N THR E 441 6.25 -35.27 30.32
CA THR E 441 6.62 -34.36 29.31
C THR E 441 6.23 -34.91 27.97
N ILE E 442 6.68 -36.14 27.70
CA ILE E 442 6.59 -36.75 26.41
C ILE E 442 5.19 -36.93 26.04
N LYS E 443 4.49 -37.46 27.03
CA LYS E 443 3.12 -37.68 27.12
C LYS E 443 2.45 -36.43 26.94
N GLY E 444 2.88 -35.41 27.68
CA GLY E 444 2.32 -34.12 27.75
C GLY E 444 2.05 -33.63 26.43
N PHE E 445 3.10 -33.62 25.63
CA PHE E 445 3.03 -33.20 24.30
C PHE E 445 2.29 -34.12 23.46
N GLN E 446 2.40 -35.42 23.66
CA GLN E 446 1.69 -36.38 22.89
C GLN E 446 0.25 -36.25 22.96
N GLN E 447 -0.21 -35.87 24.13
CA GLN E 447 -1.56 -35.68 24.42
C GLN E 447 -2.04 -34.51 23.72
N ILE E 448 -1.23 -33.48 23.79
CA ILE E 448 -1.48 -32.26 23.11
C ILE E 448 -1.52 -32.50 21.64
N LEU E 449 -0.64 -33.37 21.14
CA LEU E 449 -0.53 -33.81 19.79
C LEU E 449 -1.79 -34.50 19.46
N ALA E 450 -2.30 -35.29 20.38
CA ALA E 450 -3.60 -35.85 20.23
C ALA E 450 -4.70 -34.82 20.34
N GLY E 451 -4.40 -33.58 20.80
CA GLY E 451 -5.29 -32.43 20.84
C GLY E 451 -6.50 -32.75 21.60
N GLU E 452 -6.35 -32.83 22.91
CA GLU E 452 -7.39 -33.38 23.72
C GLU E 452 -8.02 -32.34 24.54
N TYR E 453 -7.40 -31.19 24.45
CA TYR E 453 -7.62 -30.16 25.40
C TYR E 453 -8.47 -29.18 24.76
N ASP E 454 -9.48 -29.81 24.17
CA ASP E 454 -10.48 -29.27 23.36
C ASP E 454 -11.40 -28.89 24.39
N HIS E 455 -11.74 -27.62 24.25
CA HIS E 455 -12.40 -26.81 25.19
C HIS E 455 -11.30 -26.11 25.87
N LEU E 456 -10.38 -26.89 26.48
CA LEU E 456 -9.44 -26.37 27.39
C LEU E 456 -8.66 -25.25 26.80
N PRO E 457 -8.38 -24.18 27.51
CA PRO E 457 -7.83 -22.99 26.92
C PRO E 457 -6.36 -22.93 27.19
N GLU E 458 -5.73 -21.86 26.71
CA GLU E 458 -4.30 -21.65 26.64
C GLU E 458 -3.67 -21.60 27.94
N GLN E 459 -4.36 -20.91 28.84
CA GLN E 459 -3.79 -20.50 30.07
C GLN E 459 -3.91 -21.56 31.01
N ALA E 460 -4.70 -22.58 30.67
CA ALA E 460 -4.77 -23.79 31.42
C ALA E 460 -3.47 -24.50 31.36
N PHE E 461 -2.54 -24.09 30.45
CA PHE E 461 -1.28 -24.76 30.31
C PHE E 461 -0.20 -23.97 30.94
N TYR E 462 -0.45 -22.70 31.26
CA TYR E 462 0.56 -21.89 31.86
C TYR E 462 1.12 -22.40 33.16
N MET E 463 2.46 -22.50 33.30
CA MET E 463 3.12 -22.74 34.56
C MET E 463 2.68 -23.90 35.30
N VAL E 464 2.68 -25.06 34.65
CA VAL E 464 2.36 -26.29 35.34
C VAL E 464 3.54 -27.19 35.21
N GLY E 465 3.43 -28.35 35.85
CA GLY E 465 4.34 -29.43 35.80
C GLY E 465 3.63 -30.40 34.94
N PRO E 466 3.73 -31.70 35.17
CA PRO E 466 3.03 -32.74 34.44
C PRO E 466 1.65 -32.37 33.88
N ILE E 467 1.37 -32.80 32.63
CA ILE E 467 0.35 -32.33 31.74
C ILE E 467 -1.04 -32.42 32.22
N GLU E 468 -1.34 -33.42 33.03
CA GLU E 468 -2.54 -33.66 33.78
C GLU E 468 -2.89 -32.49 34.56
N GLU E 469 -1.90 -31.85 35.16
CA GLU E 469 -2.12 -30.76 36.03
C GLU E 469 -2.60 -29.63 35.25
N ALA E 470 -2.24 -29.58 33.96
CA ALA E 470 -2.76 -28.58 33.07
C ALA E 470 -4.19 -28.85 32.76
N VAL E 471 -4.51 -30.14 32.60
CA VAL E 471 -5.84 -30.57 32.27
C VAL E 471 -6.70 -30.22 33.40
N ALA E 472 -6.18 -30.55 34.58
CA ALA E 472 -6.63 -30.27 35.88
C ALA E 472 -6.80 -28.84 35.98
N LYS E 473 -5.84 -28.06 35.50
CA LYS E 473 -5.86 -26.66 35.63
C LYS E 473 -6.92 -26.02 34.90
N ALA E 474 -7.35 -26.60 33.78
CA ALA E 474 -8.43 -26.08 33.00
C ALA E 474 -9.65 -26.16 33.82
N ASP E 475 -9.70 -27.24 34.57
CA ASP E 475 -10.72 -27.56 35.48
C ASP E 475 -10.68 -26.59 36.59
N LYS E 476 -9.50 -26.28 37.13
CA LYS E 476 -9.36 -25.26 38.12
C LYS E 476 -9.81 -23.94 37.63
N LEU E 477 -9.68 -23.70 36.31
CA LEU E 477 -10.16 -22.50 35.68
C LEU E 477 -11.62 -22.48 35.81
N ALA E 478 -12.22 -23.64 35.55
CA ALA E 478 -13.59 -23.86 35.84
C ALA E 478 -13.67 -24.15 37.34
N THR F 13 68.77 -2.59 -14.04
CA THR F 13 69.08 -2.33 -12.62
C THR F 13 68.55 -3.45 -11.84
N THR F 14 69.05 -3.59 -10.61
CA THR F 14 68.65 -4.62 -9.73
C THR F 14 68.17 -3.99 -8.48
N GLY F 15 67.29 -4.70 -7.78
CA GLY F 15 66.69 -4.19 -6.63
C GLY F 15 66.88 -5.29 -5.72
N ARG F 16 66.63 -5.05 -4.47
CA ARG F 16 66.85 -6.01 -3.50
C ARG F 16 65.60 -6.03 -2.86
N ILE F 17 65.20 -7.24 -2.49
CA ILE F 17 64.02 -7.43 -1.75
C ILE F 17 64.34 -6.84 -0.48
N VAL F 18 63.57 -5.87 -0.08
CA VAL F 18 63.86 -5.37 1.22
C VAL F 18 62.77 -5.83 2.11
N ALA F 19 61.58 -6.01 1.55
CA ALA F 19 60.49 -6.47 2.31
C ALA F 19 59.65 -7.15 1.33
N VAL F 20 59.09 -8.26 1.79
CA VAL F 20 58.20 -9.06 1.04
C VAL F 20 57.15 -9.14 2.04
N ILE F 21 56.03 -8.64 1.58
CA ILE F 21 54.87 -8.81 2.34
C ILE F 21 54.05 -9.20 1.22
N GLY F 22 53.71 -10.51 1.22
CA GLY F 22 53.07 -11.18 0.13
C GLY F 22 53.64 -10.79 -1.20
N ALA F 23 52.75 -10.69 -2.21
CA ALA F 23 53.06 -10.34 -3.56
C ALA F 23 53.25 -8.87 -3.71
N VAL F 24 53.52 -8.12 -2.62
CA VAL F 24 53.84 -6.75 -2.77
C VAL F 24 55.23 -6.88 -2.40
N VAL F 25 56.08 -6.48 -3.32
CA VAL F 25 57.42 -6.75 -3.04
C VAL F 25 57.84 -5.39 -3.06
N ASP F 26 58.50 -5.06 -1.99
CA ASP F 26 58.96 -3.75 -1.86
C ASP F 26 60.37 -3.99 -2.10
N VAL F 27 60.86 -3.26 -3.08
CA VAL F 27 62.12 -3.56 -3.63
C VAL F 27 62.81 -2.32 -3.52
N GLN F 28 64.07 -2.42 -3.14
CA GLN F 28 64.77 -1.23 -3.10
C GLN F 28 65.65 -1.43 -4.25
N PHE F 29 65.57 -0.51 -5.20
CA PHE F 29 66.46 -0.43 -6.30
C PHE F 29 67.10 0.78 -5.93
N ASP F 30 68.40 0.81 -6.00
CA ASP F 30 69.08 2.00 -5.60
C ASP F 30 69.80 2.43 -6.78
N GLU F 31 69.63 1.63 -7.81
CA GLU F 31 70.44 1.61 -8.96
C GLU F 31 69.73 2.33 -9.99
N GLY F 32 68.57 2.88 -9.62
CA GLY F 32 67.80 3.64 -10.51
C GLY F 32 66.61 2.79 -10.43
N LEU F 33 65.51 3.50 -10.34
CA LEU F 33 64.25 2.96 -10.05
C LEU F 33 63.58 3.27 -11.34
N PRO F 34 62.96 2.41 -12.08
CA PRO F 34 62.44 2.71 -13.39
C PRO F 34 61.11 3.35 -13.22
N PRO F 35 60.52 3.96 -14.21
CA PRO F 35 59.23 4.58 -14.09
C PRO F 35 58.23 3.59 -13.68
N ILE F 36 57.14 4.11 -13.12
CA ILE F 36 56.12 3.30 -12.57
C ILE F 36 55.51 2.56 -13.71
N LEU F 37 54.98 1.39 -13.36
CA LEU F 37 54.45 0.42 -14.24
C LEU F 37 55.51 -0.35 -14.88
N ASN F 38 56.78 0.01 -14.67
CA ASN F 38 57.81 -0.76 -15.25
C ASN F 38 57.79 -2.07 -14.65
N ALA F 39 57.86 -3.02 -15.51
CA ALA F 39 57.85 -4.39 -15.24
C ALA F 39 59.25 -4.70 -14.86
N LEU F 40 59.37 -5.47 -13.77
CA LEU F 40 60.58 -5.93 -13.20
C LEU F 40 60.53 -7.41 -13.27
N GLU F 41 61.67 -8.07 -13.41
CA GLU F 41 61.81 -9.49 -13.33
C GLU F 41 62.59 -9.76 -12.15
N VAL F 42 62.14 -10.63 -11.26
CA VAL F 42 62.91 -10.95 -10.11
C VAL F 42 63.98 -11.90 -10.48
N GLN F 43 65.19 -11.61 -9.99
CA GLN F 43 66.34 -12.39 -10.30
C GLN F 43 66.37 -13.35 -9.21
N GLY F 44 66.74 -14.57 -9.58
CA GLY F 44 66.68 -15.68 -8.68
C GLY F 44 65.35 -16.27 -8.94
N ARG F 45 64.60 -15.68 -9.88
CA ARG F 45 63.33 -16.17 -10.20
C ARG F 45 63.35 -16.45 -11.60
N GLU F 46 63.29 -17.77 -11.71
CA GLU F 46 63.16 -18.69 -12.77
C GLU F 46 61.72 -18.58 -13.19
N THR F 47 60.86 -18.09 -12.27
CA THR F 47 59.54 -17.72 -12.58
C THR F 47 59.65 -16.39 -13.14
N ARG F 48 58.59 -16.07 -13.89
CA ARG F 48 58.45 -14.83 -14.52
C ARG F 48 57.63 -14.19 -13.49
N LEU F 49 58.36 -13.65 -12.52
CA LEU F 49 57.79 -13.15 -11.36
C LEU F 49 58.01 -11.75 -11.71
N VAL F 50 56.92 -11.18 -12.24
CA VAL F 50 56.95 -9.86 -12.68
C VAL F 50 56.54 -9.06 -11.53
N LEU F 51 57.25 -7.97 -11.28
CA LEU F 51 56.82 -7.00 -10.36
C LEU F 51 56.56 -5.81 -11.14
N GLU F 52 55.47 -5.15 -10.87
CA GLU F 52 55.15 -3.96 -11.54
C GLU F 52 55.43 -2.90 -10.57
N VAL F 53 56.17 -1.85 -10.99
CA VAL F 53 56.52 -0.75 -10.12
C VAL F 53 55.23 -0.08 -9.86
N ALA F 54 55.00 0.25 -8.61
CA ALA F 54 53.79 0.83 -8.13
C ALA F 54 54.05 2.17 -7.55
N GLN F 55 55.14 2.36 -6.79
CA GLN F 55 55.35 3.64 -6.20
C GLN F 55 56.77 3.81 -6.35
N HIS F 56 57.23 5.07 -6.52
CA HIS F 56 58.59 5.33 -6.24
C HIS F 56 58.37 5.88 -4.91
N LEU F 57 58.65 5.04 -3.93
CA LEU F 57 58.22 5.25 -2.60
C LEU F 57 58.92 6.33 -1.96
N GLY F 58 60.07 6.67 -2.51
CA GLY F 58 61.03 7.45 -1.84
C GLY F 58 62.05 6.42 -1.61
N GLU F 59 63.14 6.88 -1.00
CA GLU F 59 64.27 6.18 -0.47
C GLU F 59 64.70 4.93 -1.19
N SER F 60 64.92 5.03 -2.51
CA SER F 60 65.41 3.96 -3.35
C SER F 60 64.46 2.84 -3.40
N THR F 61 63.24 3.02 -2.93
CA THR F 61 62.40 1.91 -2.84
C THR F 61 61.26 2.26 -3.61
N VAL F 62 60.80 1.22 -4.23
CA VAL F 62 59.69 1.25 -5.04
C VAL F 62 58.86 0.25 -4.41
N ARG F 63 57.58 0.42 -4.67
CA ARG F 63 56.67 -0.52 -4.19
C ARG F 63 56.38 -1.15 -5.40
N THR F 64 56.33 -2.45 -5.36
CA THR F 64 56.10 -3.12 -6.55
C THR F 64 55.14 -4.05 -6.12
N ILE F 65 54.56 -4.62 -7.13
CA ILE F 65 53.71 -5.67 -6.94
C ILE F 65 54.18 -6.75 -7.78
N ALA F 66 54.35 -7.90 -7.15
CA ALA F 66 54.38 -9.10 -7.89
C ALA F 66 52.95 -9.35 -8.23
N MET F 67 52.73 -9.84 -9.43
CA MET F 67 51.45 -10.22 -9.93
C MET F 67 51.02 -11.50 -9.34
N ASP F 68 52.11 -12.27 -9.23
CA ASP F 68 52.36 -13.62 -8.94
C ASP F 68 52.66 -13.78 -7.46
N GLY F 69 53.13 -15.00 -7.04
CA GLY F 69 53.32 -15.45 -5.66
C GLY F 69 54.77 -15.53 -5.25
N THR F 70 55.04 -15.10 -3.99
CA THR F 70 56.35 -14.81 -3.44
C THR F 70 57.03 -15.82 -2.58
N GLU F 71 56.62 -17.08 -2.62
CA GLU F 71 57.33 -18.16 -1.99
C GLU F 71 58.77 -18.14 -2.30
N GLY F 72 59.56 -18.82 -1.48
CA GLY F 72 60.94 -19.04 -1.70
C GLY F 72 61.71 -17.81 -2.04
N LEU F 73 61.63 -16.74 -1.27
CA LEU F 73 62.35 -15.56 -1.64
C LEU F 73 63.15 -15.04 -0.53
N VAL F 74 64.47 -15.17 -0.62
CA VAL F 74 65.35 -14.60 0.34
C VAL F 74 65.32 -13.12 0.30
N ARG F 75 65.41 -12.49 1.48
CA ARG F 75 65.49 -11.06 1.54
C ARG F 75 66.75 -10.63 0.89
N GLY F 76 66.64 -9.48 0.26
CA GLY F 76 67.67 -8.85 -0.45
C GLY F 76 67.63 -9.31 -1.82
N GLN F 77 66.89 -10.38 -2.15
CA GLN F 77 67.03 -10.95 -3.45
C GLN F 77 66.81 -10.00 -4.54
N LYS F 78 67.54 -10.27 -5.60
CA LYS F 78 67.91 -9.32 -6.55
C LYS F 78 66.85 -9.34 -7.53
N VAL F 79 66.45 -8.19 -8.02
CA VAL F 79 65.35 -8.18 -8.91
C VAL F 79 65.89 -7.41 -10.01
N LEU F 80 65.73 -7.77 -11.27
CA LEU F 80 66.24 -6.99 -12.33
C LEU F 80 65.10 -6.53 -13.12
N ASP F 81 64.99 -5.22 -13.15
CA ASP F 81 64.06 -4.43 -13.88
C ASP F 81 64.12 -4.65 -15.34
N SER F 82 62.93 -4.88 -15.94
CA SER F 82 62.76 -5.06 -17.36
C SER F 82 62.76 -3.72 -18.04
N GLY F 83 62.76 -2.62 -17.27
CA GLY F 83 63.02 -1.31 -17.80
C GLY F 83 61.90 -0.75 -18.51
N ALA F 84 60.76 -1.39 -18.48
CA ALA F 84 59.69 -0.85 -19.20
C ALA F 84 58.64 -1.51 -18.53
N PRO F 85 57.44 -1.10 -18.79
CA PRO F 85 56.29 -1.87 -18.52
C PRO F 85 56.32 -3.11 -19.31
N ILE F 86 55.32 -3.93 -19.05
CA ILE F 86 55.18 -5.26 -19.56
C ILE F 86 55.20 -5.27 -21.00
N ARG F 87 56.06 -6.07 -21.59
CA ARG F 87 56.12 -6.02 -22.98
C ARG F 87 55.64 -7.35 -23.18
N ILE F 88 54.75 -7.51 -24.13
CA ILE F 88 54.13 -8.78 -24.27
C ILE F 88 53.93 -8.97 -25.66
N PRO F 89 53.80 -10.14 -26.15
CA PRO F 89 53.39 -10.37 -27.53
C PRO F 89 52.00 -9.76 -27.82
N VAL F 90 51.74 -9.10 -28.99
CA VAL F 90 50.43 -8.52 -29.40
C VAL F 90 50.17 -8.60 -30.91
N GLY F 91 48.90 -8.88 -31.34
CA GLY F 91 48.51 -8.96 -32.73
C GLY F 91 47.86 -10.26 -33.11
N PRO F 92 47.58 -10.51 -34.36
CA PRO F 92 46.64 -11.52 -34.82
C PRO F 92 46.92 -12.95 -34.51
N GLU F 93 48.13 -13.28 -34.06
CA GLU F 93 48.58 -14.63 -33.98
C GLU F 93 48.08 -15.25 -32.70
N THR F 94 47.43 -14.43 -31.87
CA THR F 94 46.88 -14.81 -30.60
C THR F 94 45.58 -15.55 -30.58
N LEU F 95 44.68 -15.43 -31.58
CA LEU F 95 43.38 -16.00 -31.37
C LEU F 95 43.40 -17.46 -31.17
N GLY F 96 42.49 -17.98 -30.36
CA GLY F 96 42.48 -19.36 -30.01
C GLY F 96 43.54 -19.71 -29.03
N ARG F 97 44.32 -18.73 -28.57
CA ARG F 97 45.42 -19.01 -27.71
C ARG F 97 44.92 -18.47 -26.41
N ILE F 98 45.27 -19.13 -25.29
CA ILE F 98 44.86 -18.70 -24.01
C ILE F 98 46.10 -18.27 -23.43
N MET F 99 46.15 -17.03 -23.04
CA MET F 99 47.35 -16.54 -22.49
C MET F 99 46.89 -16.17 -21.22
N ASN F 100 47.80 -16.10 -20.29
CA ASN F 100 47.45 -15.41 -19.12
C ASN F 100 48.13 -14.14 -19.35
N VAL F 101 48.10 -13.36 -18.28
CA VAL F 101 48.58 -12.04 -18.10
C VAL F 101 49.90 -11.74 -18.77
N ILE F 102 50.84 -12.69 -18.75
CA ILE F 102 52.18 -12.39 -19.16
C ILE F 102 52.39 -12.81 -20.60
N GLY F 103 51.27 -12.93 -21.35
CA GLY F 103 51.28 -13.17 -22.78
C GLY F 103 51.78 -14.54 -22.92
N GLU F 104 51.30 -15.34 -21.97
CA GLU F 104 51.92 -16.55 -21.65
C GLU F 104 51.04 -17.64 -22.05
N PRO F 105 51.37 -18.39 -23.08
CA PRO F 105 50.62 -19.53 -23.49
C PRO F 105 50.29 -20.47 -22.42
N ILE F 106 49.02 -20.43 -22.10
CA ILE F 106 48.40 -21.36 -21.26
C ILE F 106 47.36 -21.95 -22.14
N ASP F 107 47.52 -21.66 -23.46
CA ASP F 107 46.90 -22.35 -24.54
C ASP F 107 47.58 -23.65 -24.52
N GLU F 108 48.90 -23.61 -24.25
CA GLU F 108 49.77 -24.74 -24.22
C GLU F 108 49.96 -25.17 -25.65
N ARG F 109 49.71 -24.20 -26.57
CA ARG F 109 49.96 -24.25 -27.96
C ARG F 109 51.25 -23.52 -28.11
N GLY F 110 51.90 -23.20 -26.96
CA GLY F 110 53.21 -22.65 -26.92
C GLY F 110 53.18 -21.29 -27.49
N PRO F 111 54.26 -20.77 -28.01
CA PRO F 111 54.51 -19.39 -28.36
C PRO F 111 53.38 -18.68 -28.96
N ILE F 112 53.25 -17.39 -28.63
CA ILE F 112 52.28 -16.58 -29.25
C ILE F 112 53.07 -15.73 -30.16
N LYS F 113 52.62 -15.70 -31.42
CA LYS F 113 53.53 -15.48 -32.50
C LYS F 113 53.38 -14.14 -33.08
N THR F 114 52.96 -13.25 -32.20
CA THR F 114 52.85 -11.87 -32.35
C THR F 114 54.15 -11.29 -32.00
N LYS F 115 54.90 -10.99 -33.04
CA LYS F 115 56.19 -10.41 -33.02
C LYS F 115 56.10 -9.10 -32.40
N GLN F 116 55.03 -8.42 -32.83
CA GLN F 116 54.59 -7.16 -32.40
C GLN F 116 54.33 -7.34 -30.95
N PHE F 117 54.95 -6.47 -30.14
CA PHE F 117 54.96 -6.58 -28.73
C PHE F 117 54.34 -5.40 -28.14
N ALA F 118 53.93 -5.42 -26.85
CA ALA F 118 53.40 -4.23 -26.28
C ALA F 118 53.76 -4.08 -24.88
N ALA F 119 53.99 -2.80 -24.53
CA ALA F 119 54.01 -2.27 -23.21
C ALA F 119 52.55 -2.26 -22.91
N ILE F 120 52.08 -2.70 -21.74
CA ILE F 120 50.65 -2.99 -21.69
C ILE F 120 49.76 -1.94 -21.20
N HIS F 121 50.31 -0.77 -20.93
CA HIS F 121 49.44 0.32 -20.66
C HIS F 121 49.13 0.86 -21.95
N ALA F 122 47.86 0.73 -22.30
CA ALA F 122 47.33 1.26 -23.51
C ALA F 122 46.24 2.06 -22.91
N GLU F 123 45.87 3.15 -23.61
CA GLU F 123 45.16 4.23 -22.98
C GLU F 123 43.90 4.56 -23.67
N ALA F 124 43.29 5.66 -23.19
CA ALA F 124 42.06 6.17 -23.68
C ALA F 124 42.34 7.07 -24.86
N PRO F 125 41.66 6.88 -25.99
CA PRO F 125 41.69 7.77 -27.15
C PRO F 125 41.28 9.17 -26.90
N GLU F 126 41.38 10.00 -27.95
CA GLU F 126 41.18 11.39 -27.83
C GLU F 126 39.97 11.70 -28.52
N PHE F 127 39.43 12.82 -28.07
CA PHE F 127 38.10 13.23 -28.20
C PHE F 127 37.73 13.29 -29.62
N VAL F 128 38.67 13.81 -30.38
CA VAL F 128 38.56 13.93 -31.77
C VAL F 128 38.50 12.60 -32.47
N GLU F 129 39.04 11.54 -31.87
CA GLU F 129 38.95 10.23 -32.43
C GLU F 129 37.70 9.59 -32.07
N MET F 130 36.90 10.24 -31.22
CA MET F 130 35.68 9.65 -30.80
C MET F 130 34.83 9.55 -31.99
N SER F 131 34.39 8.32 -32.28
CA SER F 131 33.27 8.09 -33.13
C SER F 131 32.13 8.38 -32.16
N VAL F 132 31.64 9.66 -32.25
CA VAL F 132 30.82 10.39 -31.28
C VAL F 132 29.52 9.73 -30.87
N GLU F 133 28.87 9.03 -31.83
CA GLU F 133 27.60 8.35 -31.70
C GLU F 133 27.80 7.02 -32.43
N GLN F 134 26.94 5.98 -32.15
CA GLN F 134 27.15 4.58 -32.55
C GLN F 134 25.97 3.96 -33.30
N GLU F 135 25.81 2.61 -33.16
CA GLU F 135 24.83 1.78 -33.81
C GLU F 135 24.23 0.82 -32.86
N ILE F 136 22.87 0.65 -32.89
CA ILE F 136 22.24 -0.50 -32.26
C ILE F 136 22.81 -1.72 -32.92
N LEU F 137 23.39 -2.64 -32.18
CA LEU F 137 23.73 -3.92 -32.60
C LEU F 137 22.69 -4.80 -32.10
N VAL F 138 22.40 -5.78 -32.93
CA VAL F 138 21.41 -6.77 -32.73
C VAL F 138 22.16 -7.97 -32.34
N THR F 139 21.51 -8.82 -31.54
CA THR F 139 22.07 -10.01 -31.01
C THR F 139 21.20 -11.18 -31.36
N GLY F 140 19.95 -10.92 -31.82
CA GLY F 140 18.98 -11.94 -32.10
C GLY F 140 18.31 -12.40 -30.84
N ILE F 141 18.58 -11.71 -29.71
CA ILE F 141 18.01 -11.98 -28.43
C ILE F 141 17.03 -10.93 -28.18
N LYS F 142 15.83 -11.42 -27.87
CA LYS F 142 14.62 -10.69 -27.89
C LYS F 142 14.74 -9.54 -26.99
N VAL F 143 15.06 -9.96 -25.79
CA VAL F 143 15.25 -9.22 -24.63
C VAL F 143 16.27 -8.19 -24.83
N VAL F 144 17.35 -8.55 -25.52
CA VAL F 144 18.47 -7.67 -25.52
C VAL F 144 18.20 -6.55 -26.36
N ASP F 145 17.96 -6.92 -27.59
CA ASP F 145 17.79 -6.00 -28.63
C ASP F 145 16.70 -5.12 -28.30
N LEU F 146 15.63 -5.73 -27.76
CA LEU F 146 14.50 -4.99 -27.44
C LEU F 146 14.81 -4.06 -26.34
N LEU F 147 15.38 -4.54 -25.25
CA LEU F 147 15.36 -3.73 -24.08
C LEU F 147 16.59 -2.97 -23.85
N ALA F 148 17.72 -3.55 -24.15
CA ALA F 148 18.96 -2.88 -23.96
C ALA F 148 19.58 -2.99 -25.28
N PRO F 149 19.11 -2.35 -26.33
CA PRO F 149 19.57 -2.57 -27.69
C PRO F 149 21.04 -2.35 -27.71
N TYR F 150 21.81 -3.39 -28.13
CA TYR F 150 23.25 -3.43 -27.95
C TYR F 150 23.91 -2.38 -28.77
N ALA F 151 25.16 -1.97 -28.48
CA ALA F 151 25.85 -1.00 -29.29
C ALA F 151 26.98 -1.70 -29.95
N LYS F 152 27.24 -1.47 -31.25
CA LYS F 152 28.53 -1.85 -31.82
C LYS F 152 29.64 -1.12 -31.16
N GLY F 153 30.55 -1.83 -30.49
CA GLY F 153 31.74 -1.22 -29.99
C GLY F 153 31.53 -0.61 -28.69
N GLY F 154 30.30 -0.76 -28.13
CA GLY F 154 29.95 -0.13 -26.90
C GLY F 154 30.56 -0.86 -25.79
N LYS F 155 30.42 -0.31 -24.58
CA LYS F 155 30.76 -1.07 -23.44
C LYS F 155 29.48 -1.40 -22.84
N ILE F 156 29.19 -2.69 -22.83
CA ILE F 156 27.98 -3.11 -22.28
C ILE F 156 28.39 -3.90 -21.15
N GLY F 157 27.73 -3.65 -20.01
CA GLY F 157 28.07 -4.31 -18.81
C GLY F 157 26.96 -5.08 -18.31
N LEU F 158 27.24 -6.36 -18.11
CA LEU F 158 26.34 -7.37 -17.71
C LEU F 158 26.46 -7.50 -16.26
N PHE F 159 25.56 -6.82 -15.56
CA PHE F 159 25.41 -6.99 -14.17
C PHE F 159 24.68 -8.22 -14.09
N GLY F 160 25.05 -9.00 -13.11
CA GLY F 160 24.47 -10.27 -13.06
C GLY F 160 25.23 -10.84 -11.96
N GLY F 161 24.52 -11.63 -11.16
CA GLY F 161 25.19 -12.50 -10.29
C GLY F 161 25.59 -13.71 -11.01
N ALA F 162 26.48 -14.44 -10.33
CA ALA F 162 27.08 -15.69 -10.67
C ALA F 162 26.11 -16.70 -11.21
N GLY F 163 26.66 -17.78 -11.80
CA GLY F 163 26.04 -19.07 -11.77
C GLY F 163 24.71 -19.21 -12.39
N VAL F 164 24.27 -18.25 -13.17
CA VAL F 164 22.93 -18.31 -13.67
C VAL F 164 23.01 -18.67 -15.07
N GLY F 165 24.22 -18.80 -15.55
CA GLY F 165 24.44 -19.08 -16.89
C GLY F 165 24.48 -17.73 -17.46
N LYS F 166 25.13 -16.80 -16.74
CA LYS F 166 25.49 -15.49 -17.21
C LYS F 166 26.43 -15.87 -18.26
N THR F 167 27.33 -16.70 -17.80
CA THR F 167 28.45 -17.14 -18.51
C THR F 167 27.94 -17.90 -19.66
N VAL F 168 26.88 -18.66 -19.44
CA VAL F 168 26.24 -19.41 -20.48
C VAL F 168 25.74 -18.49 -21.49
N LEU F 169 25.09 -17.41 -21.07
CA LEU F 169 24.54 -16.47 -21.94
C LEU F 169 25.58 -15.86 -22.74
N ILE F 170 26.64 -15.47 -22.10
CA ILE F 170 27.72 -14.79 -22.71
C ILE F 170 28.26 -15.61 -23.76
N MET F 171 28.39 -16.87 -23.42
CA MET F 171 28.79 -17.89 -24.27
C MET F 171 27.85 -17.98 -25.37
N GLU F 172 26.59 -17.91 -25.09
CA GLU F 172 25.57 -17.99 -26.05
C GLU F 172 25.69 -16.93 -27.03
N LEU F 173 26.06 -15.76 -26.58
CA LEU F 173 26.25 -14.65 -27.42
C LEU F 173 27.36 -14.88 -28.31
N ILE F 174 28.42 -15.41 -27.75
CA ILE F 174 29.58 -15.83 -28.46
C ILE F 174 29.17 -16.77 -29.54
N ASN F 175 28.31 -17.71 -29.22
CA ASN F 175 27.85 -18.64 -30.18
C ASN F 175 27.18 -17.96 -31.28
N ASN F 176 26.23 -17.11 -30.97
CA ASN F 176 25.45 -16.58 -32.04
C ASN F 176 26.21 -15.65 -32.88
N VAL F 177 27.08 -14.92 -32.20
CA VAL F 177 27.70 -13.79 -32.78
C VAL F 177 29.05 -14.11 -33.18
N ALA F 178 29.95 -14.45 -32.24
CA ALA F 178 31.35 -14.67 -32.53
C ALA F 178 31.57 -15.63 -33.65
N LYS F 179 30.60 -16.56 -33.83
CA LYS F 179 30.54 -17.39 -34.99
C LYS F 179 30.34 -16.50 -36.17
N ALA F 180 29.16 -15.89 -36.30
CA ALA F 180 28.88 -14.97 -37.38
C ALA F 180 29.41 -13.60 -37.06
N HIS F 181 30.74 -13.46 -36.94
CA HIS F 181 31.34 -12.22 -36.62
C HIS F 181 32.33 -11.93 -37.67
N GLY F 182 32.44 -10.65 -38.04
CA GLY F 182 33.40 -10.26 -39.02
C GLY F 182 34.69 -10.01 -38.35
N GLY F 183 34.61 -9.51 -37.12
CA GLY F 183 35.78 -9.13 -36.42
C GLY F 183 36.45 -10.26 -35.82
N TYR F 184 37.18 -9.93 -34.78
CA TYR F 184 37.77 -10.93 -33.96
C TYR F 184 37.32 -10.55 -32.65
N SER F 185 37.60 -11.42 -31.69
CA SER F 185 37.07 -11.28 -30.40
C SER F 185 38.17 -11.58 -29.46
N VAL F 186 38.06 -11.05 -28.25
CA VAL F 186 38.98 -11.27 -27.21
C VAL F 186 38.12 -11.63 -26.10
N PHE F 187 38.62 -12.59 -25.37
CA PHE F 187 38.03 -13.07 -24.23
C PHE F 187 39.07 -12.80 -23.27
N ALA F 188 38.71 -12.08 -22.23
CA ALA F 188 39.51 -11.86 -21.09
C ALA F 188 38.72 -12.52 -20.02
N GLY F 189 39.13 -13.69 -19.52
CA GLY F 189 38.58 -14.31 -18.34
C GLY F 189 39.29 -13.69 -17.20
N VAL F 190 38.75 -12.65 -16.55
CA VAL F 190 39.47 -12.06 -15.45
C VAL F 190 38.94 -12.71 -14.21
N GLY F 191 39.83 -13.42 -13.47
CA GLY F 191 39.46 -14.12 -12.28
C GLY F 191 38.34 -15.05 -12.58
N GLU F 192 38.50 -15.93 -13.58
CA GLU F 192 37.44 -16.81 -13.96
C GLU F 192 37.83 -18.10 -13.36
N ARG F 193 36.89 -19.06 -13.28
CA ARG F 193 37.16 -20.31 -12.67
C ARG F 193 37.89 -21.03 -13.70
N THR F 194 39.12 -21.48 -13.36
CA THR F 194 40.03 -22.14 -14.25
C THR F 194 39.33 -23.25 -14.89
N ARG F 195 38.60 -24.02 -14.08
CA ARG F 195 37.74 -25.08 -14.47
C ARG F 195 36.74 -24.65 -15.47
N GLU F 196 36.14 -23.50 -15.28
CA GLU F 196 35.06 -23.12 -16.12
C GLU F 196 35.60 -22.70 -17.40
N GLY F 197 36.83 -22.21 -17.36
CA GLY F 197 37.58 -21.88 -18.49
C GLY F 197 38.02 -23.10 -19.17
N ASN F 198 38.31 -24.16 -18.42
CA ASN F 198 38.78 -25.39 -18.94
C ASN F 198 37.78 -25.93 -19.81
N ASP F 199 36.61 -26.01 -19.24
CA ASP F 199 35.45 -26.47 -19.88
C ASP F 199 35.16 -25.64 -21.02
N LEU F 200 35.38 -24.35 -20.82
CA LEU F 200 34.89 -23.39 -21.70
C LEU F 200 35.63 -23.52 -22.92
N TYR F 201 36.91 -23.66 -22.71
CA TYR F 201 37.90 -23.98 -23.65
C TYR F 201 37.48 -25.14 -24.40
N HIS F 202 37.12 -26.19 -23.69
CA HIS F 202 36.95 -27.44 -24.29
C HIS F 202 35.78 -27.32 -25.19
N GLU F 203 34.80 -26.51 -24.86
CA GLU F 203 33.73 -26.23 -25.75
C GLU F 203 34.12 -25.57 -26.97
N MET F 204 35.13 -24.74 -26.88
CA MET F 204 35.45 -23.91 -27.95
C MET F 204 36.16 -24.67 -28.94
N ILE F 205 36.99 -25.59 -28.43
CA ILE F 205 37.66 -26.54 -29.23
C ILE F 205 36.64 -27.26 -29.99
N GLU F 206 35.71 -27.83 -29.21
CA GLU F 206 34.61 -28.60 -29.63
C GLU F 206 33.89 -27.96 -30.69
N SER F 207 33.57 -26.70 -30.44
CA SER F 207 32.79 -25.89 -31.28
C SER F 207 33.57 -25.60 -32.48
N GLY F 208 34.89 -25.56 -32.35
CA GLY F 208 35.71 -25.38 -33.49
C GLY F 208 35.79 -23.93 -33.70
N VAL F 209 35.23 -23.12 -32.78
CA VAL F 209 35.39 -21.70 -32.85
C VAL F 209 36.79 -21.47 -32.48
N ILE F 210 37.21 -22.32 -31.53
CA ILE F 210 38.54 -22.67 -31.35
C ILE F 210 38.60 -23.91 -32.11
N ASN F 211 39.17 -23.64 -33.25
CA ASN F 211 39.48 -24.39 -34.40
C ASN F 211 40.92 -24.25 -34.19
N LEU F 212 41.59 -25.39 -34.16
CA LEU F 212 42.95 -25.42 -33.72
C LEU F 212 43.86 -25.38 -34.87
N LYS F 213 43.31 -25.11 -36.06
CA LYS F 213 44.08 -24.98 -37.26
C LYS F 213 44.11 -23.51 -37.50
N ASP F 214 43.76 -22.74 -36.45
CA ASP F 214 43.56 -21.35 -36.52
C ASP F 214 43.92 -20.80 -35.19
N ALA F 215 44.99 -19.96 -35.17
CA ALA F 215 45.36 -19.12 -34.04
C ALA F 215 44.83 -17.74 -34.38
N THR F 216 43.79 -17.82 -35.20
CA THR F 216 43.05 -16.86 -35.89
C THR F 216 41.66 -17.33 -35.72
N SER F 217 41.42 -18.01 -34.57
CA SER F 217 40.13 -18.37 -34.08
C SER F 217 39.41 -17.11 -33.94
N LYS F 218 38.11 -17.15 -33.73
CA LYS F 218 37.45 -15.90 -33.73
C LYS F 218 37.68 -15.16 -32.47
N VAL F 219 38.28 -15.82 -31.45
CA VAL F 219 38.43 -15.28 -30.15
C VAL F 219 39.76 -15.64 -29.66
N ALA F 220 40.45 -14.68 -29.04
CA ALA F 220 41.70 -14.89 -28.42
C ALA F 220 41.35 -14.88 -27.00
N LEU F 221 41.94 -15.79 -26.25
CA LEU F 221 41.59 -15.95 -24.90
C LEU F 221 42.71 -15.52 -24.10
N VAL F 222 42.36 -14.82 -23.06
CA VAL F 222 43.27 -14.37 -22.10
C VAL F 222 42.48 -14.83 -20.99
N TYR F 223 43.10 -15.54 -20.07
CA TYR F 223 42.43 -16.08 -18.97
C TYR F 223 43.39 -15.66 -17.95
N GLY F 224 42.90 -15.18 -16.82
CA GLY F 224 43.73 -14.71 -15.76
C GLY F 224 43.00 -15.01 -14.51
N GLN F 225 42.94 -16.32 -14.18
CA GLN F 225 42.05 -16.92 -13.24
C GLN F 225 42.28 -16.53 -11.84
N MET F 226 41.32 -16.93 -11.03
CA MET F 226 41.13 -16.50 -9.68
C MET F 226 42.28 -16.82 -8.81
N ASN F 227 42.76 -18.05 -8.97
CA ASN F 227 43.97 -18.58 -8.43
C ASN F 227 45.15 -17.74 -8.63
N GLU F 228 45.19 -16.83 -9.61
CA GLU F 228 46.37 -16.04 -9.79
C GLU F 228 46.42 -15.07 -8.68
N PRO F 229 47.53 -14.51 -8.32
CA PRO F 229 47.52 -13.50 -7.35
C PRO F 229 47.01 -12.30 -8.05
N PRO F 230 46.34 -11.46 -7.34
CA PRO F 230 45.47 -10.42 -7.79
C PRO F 230 46.15 -9.59 -8.77
N GLY F 231 47.41 -9.20 -8.53
CA GLY F 231 48.12 -8.28 -9.37
C GLY F 231 48.05 -8.76 -10.77
N ALA F 232 48.23 -10.07 -10.95
CA ALA F 232 48.13 -10.66 -12.24
C ALA F 232 46.77 -10.49 -12.80
N ARG F 233 45.75 -10.79 -12.01
CA ARG F 233 44.37 -10.71 -12.43
C ARG F 233 43.95 -9.34 -12.78
N ALA F 234 44.44 -8.39 -12.02
CA ALA F 234 44.17 -7.02 -12.16
C ALA F 234 44.68 -6.60 -13.50
N ARG F 235 45.81 -7.18 -13.88
CA ARG F 235 46.58 -6.70 -14.96
C ARG F 235 46.22 -7.43 -16.13
N VAL F 236 45.59 -8.60 -16.03
CA VAL F 236 45.18 -9.37 -17.18
C VAL F 236 44.30 -8.53 -18.00
N ALA F 237 43.60 -7.61 -17.31
CA ALA F 237 42.77 -6.65 -17.92
C ALA F 237 43.48 -5.73 -18.84
N LEU F 238 44.65 -5.24 -18.43
CA LEU F 238 45.35 -4.32 -19.26
C LEU F 238 45.85 -5.00 -20.44
N THR F 239 46.37 -6.19 -20.20
CA THR F 239 46.96 -7.04 -21.17
C THR F 239 46.07 -7.30 -22.30
N GLY F 240 44.87 -7.81 -21.96
CA GLY F 240 43.88 -8.17 -22.92
C GLY F 240 43.53 -7.00 -23.72
N LEU F 241 43.43 -5.84 -23.05
CA LEU F 241 43.16 -4.62 -23.72
C LEU F 241 44.17 -4.30 -24.72
N THR F 242 45.44 -4.37 -24.33
CA THR F 242 46.52 -4.11 -25.20
C THR F 242 46.50 -4.92 -26.46
N VAL F 243 46.17 -6.21 -26.37
CA VAL F 243 46.02 -7.05 -27.51
C VAL F 243 44.93 -6.58 -28.41
N ALA F 244 43.80 -6.26 -27.79
CA ALA F 244 42.60 -5.98 -28.51
C ALA F 244 42.68 -4.71 -29.26
N GLU F 245 43.44 -3.74 -28.71
CA GLU F 245 43.71 -2.50 -29.32
C GLU F 245 44.49 -2.74 -30.57
N TYR F 246 45.39 -3.76 -30.56
CA TYR F 246 46.05 -4.16 -31.75
C TYR F 246 45.04 -4.48 -32.77
N PHE F 247 44.14 -5.40 -32.46
CA PHE F 247 43.23 -5.80 -33.46
C PHE F 247 42.31 -4.79 -33.92
N ARG F 248 42.09 -3.79 -33.08
CA ARG F 248 41.01 -2.91 -33.30
C ARG F 248 41.49 -1.98 -34.26
N ASP F 249 42.62 -1.41 -33.95
CA ASP F 249 43.08 -0.37 -34.77
C ASP F 249 43.75 -0.98 -35.93
N GLN F 250 44.57 -1.99 -35.64
CA GLN F 250 45.51 -2.54 -36.59
C GLN F 250 44.85 -3.51 -37.40
N GLU F 251 44.11 -4.41 -36.76
CA GLU F 251 43.48 -5.41 -37.55
C GLU F 251 42.12 -4.93 -37.84
N GLY F 252 41.79 -3.68 -37.44
CA GLY F 252 40.52 -3.08 -37.75
C GLY F 252 39.44 -3.55 -36.83
N GLN F 253 39.44 -4.85 -36.51
CA GLN F 253 38.46 -5.62 -35.85
C GLN F 253 37.54 -4.94 -34.92
N ASP F 254 36.30 -5.40 -35.14
CA ASP F 254 35.15 -5.23 -34.37
C ASP F 254 35.39 -6.29 -33.40
N VAL F 255 35.81 -5.88 -32.21
CA VAL F 255 36.24 -6.83 -31.27
C VAL F 255 35.07 -7.09 -30.46
N LEU F 256 34.88 -8.34 -30.06
CA LEU F 256 33.94 -8.60 -29.03
C LEU F 256 34.83 -8.88 -27.89
N LEU F 257 34.63 -8.22 -26.78
CA LEU F 257 35.53 -8.31 -25.71
C LEU F 257 34.82 -8.82 -24.59
N PHE F 258 35.18 -9.99 -24.14
CA PHE F 258 34.50 -10.62 -23.08
C PHE F 258 35.36 -10.39 -21.96
N ILE F 259 34.77 -9.92 -20.88
CA ILE F 259 35.53 -9.65 -19.71
C ILE F 259 34.80 -10.40 -18.72
N ASP F 260 35.41 -11.32 -17.97
CA ASP F 260 34.67 -11.88 -16.90
C ASP F 260 35.61 -12.00 -15.78
N ASN F 261 35.56 -11.12 -14.75
CA ASN F 261 34.73 -9.98 -14.63
C ASN F 261 35.70 -8.97 -14.33
N ILE F 262 35.33 -7.76 -14.72
CA ILE F 262 36.09 -6.59 -14.43
C ILE F 262 36.08 -6.36 -12.97
N PHE F 263 35.03 -6.93 -12.40
CA PHE F 263 34.71 -6.93 -11.07
C PHE F 263 35.82 -7.53 -10.36
N ARG F 264 36.42 -8.55 -10.93
CA ARG F 264 37.49 -9.16 -10.25
C ARG F 264 38.73 -8.39 -10.31
N PHE F 265 38.88 -7.58 -11.34
CA PHE F 265 39.97 -6.70 -11.42
C PHE F 265 39.92 -5.68 -10.37
N THR F 266 38.72 -5.12 -10.22
CA THR F 266 38.52 -3.94 -9.45
C THR F 266 38.73 -4.29 -8.06
N GLN F 267 38.18 -5.42 -7.75
CA GLN F 267 38.29 -6.11 -6.56
C GLN F 267 39.72 -6.35 -6.29
N ALA F 268 40.47 -6.80 -7.29
CA ALA F 268 41.86 -7.08 -7.10
C ALA F 268 42.60 -5.86 -6.69
N GLY F 269 42.31 -4.75 -7.35
CA GLY F 269 42.75 -3.45 -6.99
C GLY F 269 42.44 -3.08 -5.58
N SER F 270 41.22 -3.38 -5.17
CA SER F 270 40.78 -3.01 -3.90
C SER F 270 41.53 -3.76 -2.86
N GLU F 271 41.84 -5.02 -3.16
CA GLU F 271 42.54 -5.91 -2.27
C GLU F 271 43.86 -5.45 -1.92
N VAL F 272 44.49 -4.86 -2.91
CA VAL F 272 45.82 -4.42 -2.79
C VAL F 272 45.80 -3.15 -2.11
N SER F 273 44.77 -2.32 -2.30
CA SER F 273 44.76 -0.98 -1.85
C SER F 273 45.30 -0.72 -0.50
N ALA F 274 44.89 -1.53 0.46
CA ALA F 274 45.35 -1.54 1.82
C ALA F 274 46.80 -1.70 1.92
N LEU F 275 47.24 -2.69 1.18
CA LEU F 275 48.51 -3.32 1.21
C LEU F 275 49.44 -2.55 0.38
N LEU F 276 48.89 -1.60 -0.36
CA LEU F 276 49.66 -0.63 -1.02
C LEU F 276 49.85 0.46 -0.07
N GLY F 277 49.35 0.25 1.13
CA GLY F 277 49.50 1.10 2.25
C GLY F 277 48.27 1.90 2.20
N ARG F 278 47.77 2.18 0.96
CA ARG F 278 46.66 3.04 0.72
C ARG F 278 45.51 2.70 1.52
N ILE F 279 44.66 3.72 1.64
CA ILE F 279 43.33 3.58 2.11
C ILE F 279 42.64 2.78 1.04
N PRO F 280 41.68 1.97 1.38
CA PRO F 280 40.88 1.27 0.42
C PRO F 280 39.79 2.24 0.13
N SER F 281 38.55 1.91 0.42
CA SER F 281 37.57 2.90 0.28
C SER F 281 36.52 2.41 1.10
N ALA F 282 35.44 3.16 1.01
CA ALA F 282 34.15 2.84 1.46
C ALA F 282 33.72 1.70 0.63
N VAL F 283 33.00 0.80 1.28
CA VAL F 283 32.62 -0.45 0.72
C VAL F 283 33.83 -1.25 0.48
N GLY F 284 34.93 -0.84 1.09
CA GLY F 284 36.13 -1.54 1.08
C GLY F 284 36.99 -1.12 -0.02
N TYR F 285 36.49 -0.40 -1.02
CA TYR F 285 37.13 -0.28 -2.29
C TYR F 285 38.57 0.16 -2.40
N GLN F 286 39.00 0.69 -3.52
CA GLN F 286 40.30 1.22 -3.67
C GLN F 286 39.91 2.60 -4.04
N PRO F 287 40.46 3.60 -3.45
CA PRO F 287 40.01 4.96 -3.57
C PRO F 287 40.04 5.47 -4.95
N THR F 288 40.81 4.87 -5.83
CA THR F 288 41.06 5.41 -7.12
C THR F 288 40.16 4.85 -8.10
N LEU F 289 39.10 4.20 -7.65
CA LEU F 289 38.38 3.23 -8.40
C LEU F 289 37.94 3.77 -9.69
N ALA F 290 37.51 5.02 -9.63
CA ALA F 290 36.86 5.65 -10.70
C ALA F 290 37.81 5.84 -11.80
N THR F 291 39.02 6.26 -11.50
CA THR F 291 39.93 6.46 -12.56
C THR F 291 40.32 5.18 -13.06
N ASP F 292 40.52 4.22 -12.19
CA ASP F 292 40.92 2.90 -12.58
C ASP F 292 40.06 2.38 -13.63
N MET F 293 38.80 2.59 -13.37
CA MET F 293 37.83 2.21 -14.26
C MET F 293 37.89 3.05 -15.43
N GLY F 294 37.97 4.34 -15.19
CA GLY F 294 37.75 5.34 -16.17
C GLY F 294 38.67 5.17 -17.26
N THR F 295 39.92 5.06 -16.91
CA THR F 295 41.01 4.94 -17.79
C THR F 295 40.98 3.72 -18.61
N MET F 296 40.28 2.76 -18.07
CA MET F 296 40.19 1.49 -18.60
C MET F 296 39.09 1.55 -19.53
N GLN F 297 37.94 2.04 -19.07
CA GLN F 297 36.77 1.99 -19.86
C GLN F 297 36.92 2.83 -21.03
N GLU F 298 37.55 3.96 -20.78
CA GLU F 298 37.94 4.88 -21.76
C GLU F 298 39.08 4.35 -22.54
N ARG F 299 39.88 3.41 -21.98
CA ARG F 299 40.93 2.74 -22.70
C ARG F 299 40.41 2.11 -23.93
N ILE F 300 39.23 1.49 -23.80
CA ILE F 300 38.56 0.86 -24.89
C ILE F 300 37.51 1.77 -25.44
N THR F 301 37.07 1.56 -26.73
CA THR F 301 36.07 2.37 -27.43
C THR F 301 35.90 1.91 -28.90
N THR F 302 35.21 2.73 -29.72
CA THR F 302 35.16 2.66 -31.13
C THR F 302 35.71 3.93 -31.59
N THR F 303 36.91 3.78 -32.08
CA THR F 303 37.55 4.77 -32.84
C THR F 303 37.01 4.58 -34.17
N LYS F 304 37.50 5.41 -35.05
CA LYS F 304 37.39 5.20 -36.44
C LYS F 304 38.56 4.34 -36.83
N LYS F 305 38.91 3.37 -35.95
CA LYS F 305 39.99 2.47 -36.08
C LYS F 305 39.49 1.31 -35.35
N GLY F 306 38.31 0.88 -35.78
CA GLY F 306 37.64 -0.23 -35.22
C GLY F 306 36.98 0.08 -33.95
N SER F 307 36.33 -0.97 -33.45
CA SER F 307 35.41 -0.96 -32.38
C SER F 307 35.78 -2.07 -31.48
N ILE F 308 35.71 -1.84 -30.15
CA ILE F 308 35.84 -2.92 -29.22
C ILE F 308 34.54 -2.83 -28.55
N THR F 309 33.79 -3.88 -28.80
CA THR F 309 32.48 -4.10 -28.36
C THR F 309 32.65 -4.94 -27.21
N SER F 310 32.14 -4.46 -26.11
CA SER F 310 32.68 -4.87 -24.90
C SER F 310 31.53 -5.41 -24.25
N VAL F 311 31.74 -6.65 -23.91
CA VAL F 311 30.81 -7.49 -23.30
C VAL F 311 31.55 -7.67 -22.08
N GLN F 312 31.01 -7.07 -21.05
CA GLN F 312 31.78 -6.99 -19.88
C GLN F 312 30.94 -7.62 -18.89
N ALA F 313 31.37 -8.74 -18.32
CA ALA F 313 30.73 -9.28 -17.16
C ALA F 313 31.12 -8.52 -15.93
N ILE F 314 30.06 -8.23 -15.17
CA ILE F 314 30.11 -7.46 -13.99
C ILE F 314 29.41 -8.33 -13.04
N TYR F 315 30.18 -8.81 -12.06
CA TYR F 315 29.56 -9.53 -11.02
C TYR F 315 29.02 -8.46 -10.16
N VAL F 316 27.83 -8.67 -9.63
CA VAL F 316 27.29 -7.64 -8.84
C VAL F 316 26.99 -8.25 -7.55
N PRO F 317 27.76 -8.00 -6.52
CA PRO F 317 27.56 -8.58 -5.21
C PRO F 317 26.26 -8.18 -4.63
N ALA F 318 25.47 -9.20 -4.25
CA ALA F 318 24.18 -9.20 -3.60
C ALA F 318 23.24 -8.52 -4.51
N ASP F 319 23.64 -8.50 -5.80
CA ASP F 319 23.13 -7.75 -6.89
C ASP F 319 22.93 -6.35 -6.46
N ASP F 320 23.78 -5.90 -5.54
CA ASP F 320 23.73 -4.64 -4.95
C ASP F 320 24.64 -3.94 -5.83
N LEU F 321 24.15 -2.78 -6.29
CA LEU F 321 24.68 -2.05 -7.37
C LEU F 321 25.00 -0.66 -6.95
N THR F 322 24.45 -0.28 -5.80
CA THR F 322 24.77 0.95 -5.12
C THR F 322 26.11 0.75 -4.55
N ASP F 323 26.44 -0.57 -4.44
CA ASP F 323 27.71 -1.22 -4.41
C ASP F 323 28.50 -0.45 -5.41
N PRO F 324 29.40 0.33 -4.91
CA PRO F 324 29.95 1.44 -5.64
C PRO F 324 30.35 1.13 -7.01
N ALA F 325 30.93 -0.06 -7.19
CA ALA F 325 31.52 -0.47 -8.42
C ALA F 325 30.45 -0.42 -9.46
N PRO F 326 29.38 -1.17 -9.46
CA PRO F 326 28.36 -1.05 -10.44
C PRO F 326 27.83 0.31 -10.51
N ALA F 327 27.79 1.02 -9.37
CA ALA F 327 27.26 2.33 -9.35
C ALA F 327 28.02 3.19 -10.30
N THR F 328 29.33 3.06 -10.29
CA THR F 328 30.15 3.72 -11.23
C THR F 328 29.98 3.31 -12.63
N THR F 329 29.87 2.00 -12.77
CA THR F 329 30.02 1.30 -14.00
C THR F 329 29.17 1.79 -15.05
N PHE F 330 27.99 2.15 -14.60
CA PHE F 330 26.94 2.59 -15.42
C PHE F 330 27.32 3.70 -16.30
N ALA F 331 28.14 4.63 -15.78
CA ALA F 331 28.62 5.72 -16.56
C ALA F 331 29.35 5.27 -17.77
N HIS F 332 30.08 4.17 -17.60
CA HIS F 332 30.85 3.60 -18.65
C HIS F 332 30.10 2.68 -19.46
N LEU F 333 28.82 2.57 -19.19
CA LEU F 333 28.03 1.64 -19.88
C LEU F 333 27.27 2.44 -20.76
N ASP F 334 26.78 1.67 -21.71
CA ASP F 334 26.26 2.15 -22.93
C ASP F 334 25.00 1.40 -23.05
N ALA F 335 25.03 0.23 -22.44
CA ALA F 335 23.94 -0.61 -22.36
C ALA F 335 24.43 -1.33 -21.19
N THR F 336 23.47 -1.59 -20.34
CA THR F 336 23.62 -2.02 -19.03
C THR F 336 22.80 -3.22 -19.23
N THR F 337 23.25 -4.36 -18.77
CA THR F 337 22.42 -5.49 -18.80
C THR F 337 22.36 -5.88 -17.42
N VAL F 338 21.22 -5.76 -16.83
CA VAL F 338 21.10 -6.17 -15.50
C VAL F 338 20.33 -7.36 -15.65
N LEU F 339 20.92 -8.46 -15.20
CA LEU F 339 20.28 -9.72 -15.22
C LEU F 339 19.60 -9.83 -13.91
N SER F 340 18.34 -10.33 -13.85
CA SER F 340 17.56 -10.35 -12.66
C SER F 340 17.54 -11.75 -12.22
N ARG F 341 18.11 -11.95 -11.03
CA ARG F 341 18.05 -13.21 -10.38
C ARG F 341 16.63 -13.54 -10.08
N ALA F 342 15.78 -12.56 -9.71
CA ALA F 342 14.40 -12.82 -9.48
C ALA F 342 13.71 -13.46 -10.58
N ILE F 343 13.99 -12.99 -11.77
CA ILE F 343 13.49 -13.43 -13.02
C ILE F 343 14.04 -14.74 -13.33
N ALA F 344 15.32 -14.92 -13.07
CA ALA F 344 15.92 -16.21 -13.19
C ALA F 344 15.17 -17.17 -12.37
N GLU F 345 14.83 -16.77 -11.14
CA GLU F 345 14.06 -17.47 -10.19
C GLU F 345 12.70 -17.65 -10.63
N LEU F 346 12.20 -16.72 -11.44
CA LEU F 346 10.93 -16.87 -12.02
C LEU F 346 10.97 -17.89 -13.09
N GLY F 347 12.16 -18.49 -13.25
CA GLY F 347 12.44 -19.64 -14.04
C GLY F 347 12.85 -19.22 -15.36
N ILE F 348 12.95 -17.90 -15.56
CA ILE F 348 13.09 -17.40 -16.87
C ILE F 348 14.51 -17.51 -17.23
N TYR F 349 14.73 -17.82 -18.51
CA TYR F 349 16.00 -18.00 -19.12
C TYR F 349 15.63 -17.68 -20.51
N PRO F 350 15.96 -16.53 -21.04
CA PRO F 350 16.70 -15.45 -20.44
C PRO F 350 16.11 -14.96 -19.16
N ALA F 351 16.95 -14.88 -18.14
CA ALA F 351 16.63 -14.71 -16.75
C ALA F 351 16.68 -13.27 -16.39
N VAL F 352 16.97 -12.41 -17.35
CA VAL F 352 17.30 -11.00 -17.31
C VAL F 352 16.50 -10.14 -16.38
N ASP F 353 17.01 -8.93 -16.01
CA ASP F 353 16.23 -7.94 -15.38
C ASP F 353 15.94 -7.08 -16.53
N PRO F 354 14.75 -7.06 -16.97
CA PRO F 354 14.40 -6.40 -18.19
C PRO F 354 14.50 -4.92 -18.12
N LEU F 355 13.95 -4.34 -17.06
CA LEU F 355 13.89 -2.92 -16.96
C LEU F 355 15.19 -2.37 -16.62
N ASP F 356 16.14 -3.21 -16.23
CA ASP F 356 17.40 -2.72 -15.79
C ASP F 356 18.45 -3.18 -16.68
N SER F 357 18.05 -4.00 -17.65
CA SER F 357 18.85 -4.21 -18.78
C SER F 357 18.32 -3.12 -19.66
N THR F 358 19.15 -2.08 -19.86
CA THR F 358 18.72 -0.89 -20.51
C THR F 358 19.85 -0.43 -21.33
N SER F 359 19.54 0.57 -22.11
CA SER F 359 20.53 1.23 -22.84
C SER F 359 19.83 2.51 -22.75
N ARG F 360 20.56 3.57 -22.38
CA ARG F 360 19.99 4.89 -22.24
C ARG F 360 19.63 5.43 -23.58
N ILE F 361 20.19 4.73 -24.57
CA ILE F 361 20.24 4.97 -25.98
C ILE F 361 18.97 4.81 -26.72
N MET F 362 18.19 3.74 -26.46
CA MET F 362 16.97 3.39 -27.15
C MET F 362 16.09 4.54 -27.58
N ASP F 363 15.48 4.49 -28.79
CA ASP F 363 14.70 5.61 -29.23
C ASP F 363 13.72 5.21 -30.27
N PRO F 364 12.62 5.89 -30.40
CA PRO F 364 11.66 5.62 -31.40
C PRO F 364 12.17 6.04 -32.70
N ASN F 365 13.35 6.60 -32.71
CA ASN F 365 14.01 7.05 -33.85
C ASN F 365 14.95 5.98 -34.08
N ILE F 366 15.87 5.83 -33.12
CA ILE F 366 17.01 4.99 -33.28
C ILE F 366 16.61 3.61 -33.52
N VAL F 367 15.75 3.11 -32.66
CA VAL F 367 15.29 1.78 -32.82
C VAL F 367 14.00 1.81 -33.51
N GLY F 368 13.51 3.01 -33.80
CA GLY F 368 12.27 3.09 -34.47
C GLY F 368 11.30 2.95 -33.39
N SER F 369 10.13 3.48 -33.63
CA SER F 369 9.23 3.67 -32.58
C SER F 369 8.55 2.40 -32.37
N GLU F 370 8.53 1.55 -33.36
CA GLU F 370 7.83 0.33 -33.24
C GLU F 370 8.45 -0.42 -32.15
N HIS F 371 9.76 -0.56 -32.27
CA HIS F 371 10.57 -0.99 -31.23
C HIS F 371 10.40 -0.26 -29.96
N TYR F 372 10.62 1.06 -30.03
CA TYR F 372 10.68 1.86 -28.87
C TYR F 372 9.49 1.80 -28.03
N ASP F 373 8.40 2.03 -28.70
CA ASP F 373 7.11 2.21 -28.16
C ASP F 373 6.65 0.96 -27.60
N VAL F 374 6.97 -0.15 -28.28
CA VAL F 374 6.53 -1.45 -27.87
C VAL F 374 7.16 -1.69 -26.59
N ALA F 375 8.43 -1.35 -26.51
CA ALA F 375 9.13 -1.43 -25.30
C ALA F 375 8.54 -0.54 -24.28
N ARG F 376 8.26 0.75 -24.52
CA ARG F 376 7.77 1.60 -23.48
C ARG F 376 6.48 1.17 -22.94
N GLY F 377 5.66 0.58 -23.81
CA GLY F 377 4.41 0.05 -23.44
C GLY F 377 4.60 -1.11 -22.58
N VAL F 378 5.54 -1.97 -22.96
CA VAL F 378 5.87 -3.14 -22.23
C VAL F 378 6.39 -2.82 -20.90
N GLN F 379 7.31 -1.87 -20.86
CA GLN F 379 7.97 -1.48 -19.66
C GLN F 379 6.99 -0.90 -18.74
N LYS F 380 6.07 -0.16 -19.33
CA LYS F 380 5.07 0.43 -18.59
C LYS F 380 4.22 -0.56 -17.91
N ILE F 381 3.64 -1.46 -18.70
CA ILE F 381 2.64 -2.34 -18.20
C ILE F 381 3.14 -3.22 -17.16
N LEU F 382 4.36 -3.69 -17.36
CA LEU F 382 4.93 -4.55 -16.43
C LEU F 382 5.20 -3.87 -15.15
N GLN F 383 5.66 -2.63 -15.17
CA GLN F 383 5.85 -1.98 -13.90
C GLN F 383 4.57 -1.76 -13.16
N ASP F 384 3.54 -1.54 -13.93
CA ASP F 384 2.24 -1.36 -13.43
C ASP F 384 1.76 -2.64 -12.85
N TYR F 385 2.09 -3.77 -13.48
CA TYR F 385 1.81 -5.11 -13.11
C TYR F 385 2.38 -5.37 -11.77
N LYS F 386 3.54 -4.78 -11.48
CA LYS F 386 4.09 -4.88 -10.17
C LYS F 386 3.26 -4.23 -9.16
N SER F 387 2.62 -3.17 -9.58
CA SER F 387 1.72 -2.48 -8.75
C SER F 387 0.59 -3.38 -8.50
N LEU F 388 0.22 -4.14 -9.50
CA LEU F 388 -0.85 -5.05 -9.39
C LEU F 388 -0.55 -6.18 -8.55
N GLN F 389 0.72 -6.53 -8.32
CA GLN F 389 0.97 -7.71 -7.52
C GLN F 389 0.39 -7.59 -6.16
N ASP F 390 0.32 -6.32 -5.80
CA ASP F 390 0.00 -5.81 -4.53
C ASP F 390 -1.46 -6.04 -4.29
N ILE F 391 -2.21 -5.97 -5.38
CA ILE F 391 -3.61 -6.20 -5.43
C ILE F 391 -3.89 -7.61 -5.23
N ILE F 392 -3.19 -8.43 -6.02
CA ILE F 392 -3.32 -9.85 -6.19
C ILE F 392 -3.15 -10.50 -4.88
N ALA F 393 -2.30 -9.91 -4.05
CA ALA F 393 -2.00 -10.34 -2.73
C ALA F 393 -3.26 -10.41 -1.95
N ILE F 394 -4.22 -9.53 -2.26
CA ILE F 394 -5.52 -9.56 -1.67
C ILE F 394 -6.30 -10.47 -2.54
N LEU F 395 -6.34 -10.24 -3.85
CA LEU F 395 -7.35 -10.78 -4.70
C LEU F 395 -7.20 -12.16 -5.33
N GLY F 396 -6.01 -12.77 -5.55
CA GLY F 396 -5.94 -14.21 -5.86
C GLY F 396 -5.85 -14.69 -7.29
N MET F 397 -5.41 -15.98 -7.48
CA MET F 397 -4.85 -16.64 -8.67
C MET F 397 -5.71 -16.62 -9.88
N ASP F 398 -6.99 -16.28 -9.69
CA ASP F 398 -7.87 -16.14 -10.77
C ASP F 398 -8.98 -15.21 -10.30
N GLU F 399 -8.70 -14.11 -9.53
CA GLU F 399 -9.72 -13.14 -9.12
C GLU F 399 -9.14 -11.76 -9.00
N LEU F 400 -9.66 -10.73 -9.75
CA LEU F 400 -9.22 -9.32 -9.69
C LEU F 400 -10.29 -8.30 -10.15
N SER F 401 -9.87 -7.33 -11.03
CA SER F 401 -10.60 -6.33 -11.79
C SER F 401 -10.01 -6.62 -13.14
N GLU F 402 -10.93 -6.99 -13.98
CA GLU F 402 -10.74 -7.66 -15.22
C GLU F 402 -10.00 -7.24 -16.41
N GLU F 403 -9.90 -5.94 -16.70
CA GLU F 403 -9.18 -5.48 -17.85
C GLU F 403 -7.79 -5.73 -17.51
N ASP F 404 -7.59 -5.36 -16.29
CA ASP F 404 -6.45 -5.33 -15.53
C ASP F 404 -6.07 -6.77 -15.48
N LYS F 405 -7.00 -7.69 -15.22
CA LYS F 405 -6.76 -9.09 -15.40
C LYS F 405 -6.22 -9.51 -16.72
N LEU F 406 -6.70 -8.89 -17.79
CA LEU F 406 -6.25 -9.20 -19.11
C LEU F 406 -4.82 -8.89 -19.26
N THR F 407 -4.46 -7.72 -18.81
CA THR F 407 -3.15 -7.23 -18.93
C THR F 407 -2.20 -8.02 -18.10
N VAL F 408 -2.69 -8.54 -16.98
CA VAL F 408 -1.96 -9.35 -16.06
C VAL F 408 -1.56 -10.61 -16.71
N SER F 409 -2.55 -11.21 -17.36
CA SER F 409 -2.44 -12.42 -18.05
C SER F 409 -1.49 -12.24 -19.16
N ARG F 410 -1.55 -11.08 -19.82
CA ARG F 410 -0.71 -10.79 -20.91
C ARG F 410 0.67 -10.67 -20.43
N ALA F 411 0.87 -10.02 -19.29
CA ALA F 411 2.15 -9.90 -18.68
C ALA F 411 2.66 -11.28 -18.44
N ARG F 412 1.80 -12.20 -17.96
CA ARG F 412 2.19 -13.55 -17.76
C ARG F 412 2.62 -14.20 -19.06
N LYS F 413 2.00 -13.90 -20.20
CA LYS F 413 2.46 -14.41 -21.46
C LYS F 413 3.75 -13.88 -21.87
N ILE F 414 3.92 -12.59 -21.63
CA ILE F 414 4.97 -11.79 -22.12
C ILE F 414 6.21 -12.28 -21.55
N GLN F 415 6.12 -12.54 -20.25
CA GLN F 415 7.15 -13.11 -19.49
C GLN F 415 7.67 -14.32 -20.12
N ARG F 416 6.72 -15.12 -20.53
CA ARG F 416 7.04 -16.39 -21.00
C ARG F 416 7.59 -16.24 -22.33
N PHE F 417 7.10 -15.25 -23.06
CA PHE F 417 7.52 -15.11 -24.38
C PHE F 417 8.93 -14.76 -24.51
N LEU F 418 9.48 -14.07 -23.54
CA LEU F 418 10.88 -13.85 -23.53
C LEU F 418 11.74 -15.04 -23.31
N SER F 419 11.21 -16.02 -22.57
CA SER F 419 11.91 -17.24 -22.27
C SER F 419 12.26 -17.96 -23.53
N GLN F 420 13.51 -18.41 -23.65
CA GLN F 420 14.12 -18.76 -24.89
C GLN F 420 15.07 -19.88 -24.67
N PRO F 421 15.03 -20.99 -25.38
CA PRO F 421 15.88 -22.15 -25.22
C PRO F 421 17.33 -21.94 -25.37
N PHE F 422 18.12 -22.96 -24.97
CA PHE F 422 19.55 -22.91 -25.09
C PHE F 422 20.06 -24.21 -25.55
N GLN F 423 20.75 -24.06 -26.64
CA GLN F 423 21.51 -24.99 -27.38
C GLN F 423 22.61 -25.53 -26.58
N VAL F 424 23.26 -24.66 -25.79
CA VAL F 424 24.34 -25.04 -24.95
C VAL F 424 23.78 -25.84 -23.86
N ALA F 425 22.75 -25.25 -23.28
CA ALA F 425 22.39 -25.65 -21.99
C ALA F 425 21.32 -26.60 -22.19
N GLU F 426 21.73 -27.84 -22.39
CA GLU F 426 20.85 -28.94 -22.23
C GLU F 426 20.77 -29.08 -20.77
N VAL F 427 21.85 -28.61 -20.13
CA VAL F 427 21.97 -28.63 -18.74
C VAL F 427 21.04 -27.69 -18.06
N PHE F 428 20.90 -26.40 -18.49
CA PHE F 428 19.85 -25.60 -17.89
C PHE F 428 18.54 -25.85 -18.60
N THR F 429 18.49 -25.69 -19.97
CA THR F 429 17.24 -25.79 -20.72
C THR F 429 16.70 -27.13 -21.04
N GLY F 430 17.61 -28.07 -21.40
CA GLY F 430 17.19 -29.31 -21.99
C GLY F 430 17.03 -29.05 -23.46
N HIS F 431 16.19 -28.04 -23.79
CA HIS F 431 15.92 -27.46 -25.08
C HIS F 431 17.15 -27.19 -25.83
N LEU F 432 16.92 -26.71 -27.03
CA LEU F 432 17.94 -26.26 -27.84
C LEU F 432 17.52 -24.94 -28.26
N GLY F 433 18.49 -24.03 -28.37
CA GLY F 433 18.34 -22.65 -28.65
C GLY F 433 17.44 -22.39 -29.79
N LYS F 434 16.71 -21.29 -29.70
CA LYS F 434 15.78 -20.95 -30.71
C LYS F 434 16.08 -19.51 -30.82
N LEU F 435 16.54 -19.05 -31.99
CA LEU F 435 16.89 -17.67 -32.16
C LEU F 435 15.80 -16.99 -32.88
N VAL F 436 15.62 -15.72 -32.50
CA VAL F 436 14.56 -14.89 -32.92
C VAL F 436 15.25 -13.84 -33.68
N PRO F 437 14.93 -13.68 -34.93
CA PRO F 437 15.48 -12.57 -35.67
C PRO F 437 14.64 -11.41 -35.28
N LEU F 438 15.22 -10.20 -35.28
CA LEU F 438 14.70 -9.10 -34.51
C LEU F 438 13.30 -8.67 -34.74
N LYS F 439 12.85 -8.58 -35.98
CA LYS F 439 11.59 -7.99 -36.28
C LYS F 439 10.49 -8.75 -35.69
N GLU F 440 10.70 -10.05 -35.71
CA GLU F 440 9.88 -11.13 -35.31
C GLU F 440 9.70 -11.00 -33.87
N THR F 441 10.72 -10.48 -33.19
CA THR F 441 10.58 -10.08 -31.84
C THR F 441 9.67 -8.92 -31.63
N ILE F 442 9.90 -7.80 -32.38
CA ILE F 442 9.25 -6.55 -32.04
C ILE F 442 7.83 -6.66 -32.19
N LYS F 443 7.53 -7.26 -33.33
CA LYS F 443 6.30 -7.73 -33.79
C LYS F 443 5.78 -8.67 -32.81
N GLY F 444 6.59 -9.62 -32.35
CA GLY F 444 6.23 -10.66 -31.44
C GLY F 444 5.45 -10.11 -30.30
N PHE F 445 6.04 -9.16 -29.59
CA PHE F 445 5.39 -8.43 -28.54
C PHE F 445 4.32 -7.53 -29.01
N GLN F 446 4.49 -6.88 -30.14
CA GLN F 446 3.59 -5.91 -30.69
C GLN F 446 2.27 -6.50 -30.93
N GLN F 447 2.32 -7.75 -31.31
CA GLN F 447 1.27 -8.63 -31.56
C GLN F 447 0.62 -9.02 -30.31
N ILE F 448 1.42 -9.34 -29.30
CA ILE F 448 0.93 -9.76 -28.02
C ILE F 448 0.17 -8.62 -27.42
N LEU F 449 0.71 -7.42 -27.66
CA LEU F 449 0.17 -6.15 -27.33
C LEU F 449 -1.08 -6.03 -28.09
N ALA F 450 -1.08 -6.46 -29.34
CA ALA F 450 -2.29 -6.56 -30.07
C ALA F 450 -3.20 -7.65 -29.57
N GLY F 451 -2.75 -8.53 -28.67
CA GLY F 451 -3.61 -9.44 -27.96
C GLY F 451 -4.16 -10.47 -28.81
N GLU F 452 -3.33 -10.98 -29.69
CA GLU F 452 -3.82 -11.82 -30.72
C GLU F 452 -3.87 -13.21 -30.26
N TYR F 453 -3.55 -13.31 -28.99
CA TYR F 453 -3.31 -14.47 -28.28
C TYR F 453 -3.79 -13.82 -27.10
N ASP F 454 -5.00 -14.14 -26.78
CA ASP F 454 -5.76 -13.54 -25.75
C ASP F 454 -6.81 -14.57 -25.69
N HIS F 455 -6.36 -15.81 -25.86
CA HIS F 455 -7.16 -16.95 -26.01
C HIS F 455 -6.14 -18.00 -26.24
N LEU F 456 -4.84 -17.64 -26.31
CA LEU F 456 -3.83 -18.63 -26.42
C LEU F 456 -3.32 -18.83 -25.05
N PRO F 457 -2.71 -19.96 -24.73
CA PRO F 457 -2.19 -20.25 -23.42
C PRO F 457 -0.99 -19.43 -23.17
N GLU F 458 -0.68 -19.29 -21.90
CA GLU F 458 0.06 -18.22 -21.36
C GLU F 458 1.51 -18.48 -21.32
N GLN F 459 1.81 -19.75 -21.11
CA GLN F 459 3.10 -20.32 -20.99
C GLN F 459 3.27 -21.05 -22.25
N ALA F 460 2.36 -20.79 -23.22
CA ALA F 460 2.55 -21.17 -24.59
C ALA F 460 3.31 -20.03 -25.19
N PHE F 461 4.36 -19.60 -24.48
CA PHE F 461 5.16 -18.46 -24.75
C PHE F 461 6.50 -18.76 -24.19
N TYR F 462 6.57 -19.58 -23.14
CA TYR F 462 7.76 -20.01 -22.45
C TYR F 462 8.74 -20.69 -23.38
N MET F 463 10.04 -20.38 -23.29
CA MET F 463 11.13 -21.06 -23.94
C MET F 463 10.92 -21.30 -25.35
N VAL F 464 10.73 -20.20 -26.06
CA VAL F 464 10.49 -20.18 -27.45
C VAL F 464 11.58 -19.46 -28.16
N GLY F 465 11.41 -19.42 -29.50
CA GLY F 465 12.12 -18.63 -30.44
C GLY F 465 11.09 -17.59 -30.87
N PRO F 466 10.80 -17.37 -32.15
CA PRO F 466 9.79 -16.39 -32.58
C PRO F 466 8.36 -16.86 -32.31
N ILE F 467 7.41 -15.88 -32.27
CA ILE F 467 6.10 -15.95 -31.66
C ILE F 467 5.14 -16.99 -32.17
N GLU F 468 5.19 -17.29 -33.45
CA GLU F 468 4.50 -18.29 -34.19
C GLU F 468 4.65 -19.62 -33.63
N GLU F 469 5.89 -19.90 -33.22
CA GLU F 469 6.28 -21.17 -32.73
C GLU F 469 5.65 -21.35 -31.39
N ALA F 470 5.37 -20.23 -30.71
CA ALA F 470 4.68 -20.20 -29.47
C ALA F 470 3.24 -20.51 -29.68
N VAL F 471 2.68 -20.03 -30.80
CA VAL F 471 1.33 -20.33 -31.15
C VAL F 471 1.22 -21.79 -31.43
N ALA F 472 2.20 -22.29 -32.19
CA ALA F 472 2.37 -23.64 -32.58
C ALA F 472 2.39 -24.49 -31.38
N LYS F 473 3.13 -24.03 -30.38
CA LYS F 473 3.37 -24.72 -29.16
C LYS F 473 2.15 -24.95 -28.39
N ALA F 474 1.15 -24.06 -28.52
CA ALA F 474 -0.09 -24.20 -27.83
C ALA F 474 -0.83 -25.41 -28.31
N ASP F 475 -0.74 -25.64 -29.60
CA ASP F 475 -1.36 -26.74 -30.26
C ASP F 475 -0.80 -28.03 -29.80
N LYS F 476 0.53 -28.06 -29.71
CA LYS F 476 1.28 -29.20 -29.31
C LYS F 476 0.86 -29.73 -27.99
N LEU F 477 0.33 -28.86 -27.13
CA LEU F 477 -0.24 -29.27 -25.88
C LEU F 477 -1.53 -29.97 -26.14
N ALA F 478 -2.50 -29.19 -26.58
CA ALA F 478 -3.81 -29.61 -26.90
C ALA F 478 -4.13 -28.71 -28.08
N ALA G 1 16.33 -6.52 9.97
CA ALA G 1 17.07 -6.95 8.78
C ALA G 1 17.66 -5.78 8.13
N THR G 2 18.38 -6.06 7.05
CA THR G 2 19.05 -5.03 6.40
C THR G 2 18.00 -4.21 5.83
N LEU G 3 18.30 -2.96 5.83
CA LEU G 3 17.40 -1.91 5.63
C LEU G 3 16.44 -2.14 4.57
N LYS G 4 16.87 -2.83 3.52
CA LYS G 4 16.11 -3.25 2.39
C LYS G 4 14.98 -3.95 2.85
N ASP G 5 15.23 -5.01 3.51
CA ASP G 5 14.34 -5.97 4.00
C ASP G 5 13.29 -5.34 4.71
N ILE G 6 13.72 -4.42 5.57
CA ILE G 6 12.84 -3.62 6.33
C ILE G 6 11.96 -2.88 5.40
N THR G 7 12.54 -2.16 4.46
CA THR G 7 11.81 -1.40 3.50
C THR G 7 10.88 -2.14 2.73
N ARG G 8 11.27 -3.34 2.39
CA ARG G 8 10.64 -4.20 1.50
C ARG G 8 9.35 -4.46 2.04
N ARG G 9 9.46 -4.90 3.26
CA ARG G 9 8.45 -5.09 4.20
C ARG G 9 7.65 -3.89 4.29
N LEU G 10 8.11 -2.89 5.02
CA LEU G 10 7.58 -1.57 5.13
C LEU G 10 6.80 -1.09 4.01
N LYS G 11 7.39 -1.24 2.83
CA LYS G 11 6.97 -0.84 1.55
C LYS G 11 5.66 -1.31 1.41
N SER G 12 5.53 -2.57 1.60
CA SER G 12 4.32 -3.22 1.41
C SER G 12 3.38 -2.88 2.45
N ILE G 13 3.86 -2.53 3.62
CA ILE G 13 2.98 -2.45 4.73
C ILE G 13 2.27 -1.22 4.69
N LYS G 14 2.96 -0.27 4.20
CA LYS G 14 2.54 1.01 3.94
C LYS G 14 1.56 0.90 2.88
N ASN G 15 1.81 -0.04 1.99
CA ASN G 15 0.97 -0.13 0.86
C ASN G 15 -0.27 -0.57 1.25
N ILE G 16 -0.22 -1.61 2.00
CA ILE G 16 -1.28 -2.24 2.61
C ILE G 16 -2.05 -1.30 3.33
N GLN G 17 -1.38 -0.55 4.15
CA GLN G 17 -1.97 0.41 4.97
C GLN G 17 -2.79 1.27 4.13
N LYS G 18 -2.28 1.66 2.99
CA LYS G 18 -3.09 2.38 2.11
C LYS G 18 -4.14 1.59 1.57
N ILE G 19 -3.82 0.43 1.08
CA ILE G 19 -4.70 -0.32 0.28
C ILE G 19 -5.90 -0.66 1.03
N THR G 20 -5.68 -0.94 2.29
CA THR G 20 -6.67 -1.34 3.17
C THR G 20 -7.41 -0.18 3.53
N LYS G 21 -6.69 0.93 3.69
CA LYS G 21 -7.31 2.09 4.11
C LYS G 21 -8.18 2.54 3.06
N SER G 22 -7.74 2.39 1.82
CA SER G 22 -8.37 2.75 0.62
C SER G 22 -9.60 2.00 0.55
N MET G 23 -9.45 0.69 0.68
CA MET G 23 -10.51 -0.23 0.69
C MET G 23 -11.44 0.08 1.78
N LYS G 24 -10.93 0.67 2.85
CA LYS G 24 -11.76 1.01 3.94
C LYS G 24 -12.75 2.03 3.54
N MET G 25 -12.33 3.16 2.95
CA MET G 25 -13.29 4.15 2.58
C MET G 25 -14.12 3.74 1.46
N VAL G 26 -13.50 3.06 0.50
CA VAL G 26 -14.12 2.58 -0.70
C VAL G 26 -15.32 1.80 -0.29
N ALA G 27 -15.07 0.85 0.60
CA ALA G 27 -16.07 0.03 1.22
C ALA G 27 -17.01 0.86 1.94
N ALA G 28 -16.53 1.82 2.73
CA ALA G 28 -17.35 2.69 3.52
C ALA G 28 -18.27 3.48 2.75
N ALA G 29 -17.90 3.73 1.51
CA ALA G 29 -18.66 4.49 0.63
C ALA G 29 -19.69 3.61 0.15
N LYS G 30 -19.32 2.39 -0.27
CA LYS G 30 -20.28 1.44 -0.76
C LYS G 30 -21.30 1.20 0.22
N TYR G 31 -20.76 1.02 1.39
CA TYR G 31 -21.42 0.72 2.54
C TYR G 31 -22.36 1.80 2.83
N ALA G 32 -21.85 3.02 2.74
CA ALA G 32 -22.62 4.19 2.93
C ALA G 32 -23.74 4.12 2.00
N ARG G 33 -23.54 3.75 0.75
CA ARG G 33 -24.59 3.74 -0.20
C ARG G 33 -25.61 2.86 0.18
N ALA G 34 -25.20 1.70 0.63
CA ALA G 34 -26.04 0.65 1.05
C ALA G 34 -26.84 1.10 2.20
N GLU G 35 -26.20 1.87 3.07
CA GLU G 35 -26.83 2.41 4.21
C GLU G 35 -28.02 3.20 3.82
N ARG G 36 -27.92 3.94 2.73
CA ARG G 36 -28.92 4.85 2.28
C ARG G 36 -30.05 4.08 1.89
N GLU G 37 -29.72 3.14 1.02
CA GLU G 37 -30.62 2.28 0.37
C GLU G 37 -31.51 1.58 1.33
N LEU G 38 -31.14 1.50 2.60
CA LEU G 38 -31.96 0.82 3.51
C LEU G 38 -33.24 1.47 3.83
N LYS G 39 -33.44 2.77 3.75
CA LYS G 39 -34.71 3.19 4.29
C LYS G 39 -36.07 2.63 3.87
N PRO G 40 -36.58 2.76 2.66
CA PRO G 40 -37.83 2.20 2.18
C PRO G 40 -37.71 0.76 2.25
N ALA G 41 -36.53 0.30 1.86
CA ALA G 41 -36.07 -1.03 1.80
C ALA G 41 -36.34 -1.74 3.05
N ARG G 42 -36.06 -1.06 4.15
CA ARG G 42 -36.06 -1.61 5.44
C ARG G 42 -37.36 -2.20 5.70
N VAL G 43 -38.30 -1.28 5.59
CA VAL G 43 -39.69 -1.51 5.52
C VAL G 43 -40.00 -2.59 4.59
N TYR G 44 -39.43 -2.51 3.39
CA TYR G 44 -39.77 -3.31 2.29
C TYR G 44 -39.53 -4.73 2.55
N GLY G 45 -38.34 -5.08 3.01
CA GLY G 45 -38.11 -6.43 3.40
C GLY G 45 -38.87 -6.79 4.61
N VAL G 46 -39.00 -5.84 5.54
CA VAL G 46 -39.63 -6.13 6.79
C VAL G 46 -41.05 -6.52 6.59
N GLY G 47 -41.61 -5.80 5.67
CA GLY G 47 -42.85 -5.90 5.03
C GLY G 47 -42.94 -7.24 4.45
N SER G 48 -41.90 -7.60 3.68
CA SER G 48 -41.95 -8.76 2.84
C SER G 48 -42.36 -9.97 3.56
N LEU G 49 -41.78 -10.20 4.74
CA LEU G 49 -42.25 -11.32 5.51
C LEU G 49 -43.45 -11.07 6.34
N ALA G 50 -43.79 -9.77 6.49
CA ALA G 50 -44.72 -9.24 7.42
C ALA G 50 -46.10 -9.79 7.47
N LEU G 51 -46.35 -11.09 7.29
CA LEU G 51 -47.69 -11.49 7.28
C LEU G 51 -47.82 -12.94 7.46
N TYR G 52 -46.73 -13.73 7.31
CA TYR G 52 -46.79 -15.14 7.60
C TYR G 52 -46.71 -15.38 9.06
N GLU G 53 -46.89 -14.26 9.72
CA GLU G 53 -46.72 -13.87 11.03
C GLU G 53 -48.00 -13.72 11.69
N LYS G 54 -48.84 -12.82 11.18
CA LYS G 54 -50.10 -12.58 11.83
C LYS G 54 -50.90 -13.79 11.65
N ALA G 55 -51.04 -14.10 10.36
CA ALA G 55 -51.69 -15.26 9.90
C ALA G 55 -50.51 -16.12 9.80
N ASP G 56 -50.58 -17.29 10.44
CA ASP G 56 -49.39 -18.00 10.65
C ASP G 56 -49.50 -19.35 10.10
N ILE G 57 -48.33 -20.00 10.07
CA ILE G 57 -48.08 -21.18 9.32
C ILE G 57 -46.94 -21.95 9.94
N LYS G 58 -46.80 -23.24 9.51
CA LYS G 58 -45.69 -24.15 9.78
C LYS G 58 -45.91 -25.35 8.90
N THR G 59 -44.82 -25.95 8.36
CA THR G 59 -44.89 -27.06 7.43
C THR G 59 -44.79 -28.37 8.18
N PRO G 60 -45.06 -29.42 7.41
CA PRO G 60 -44.79 -30.74 7.91
C PRO G 60 -44.39 -31.51 6.69
N GLU G 61 -44.08 -30.80 5.59
CA GLU G 61 -43.64 -31.32 4.34
C GLU G 61 -42.38 -32.14 4.58
N LEU G 67 -36.97 -23.31 -0.06
CA LEU G 67 -35.61 -23.54 -0.58
C LEU G 67 -34.64 -22.99 0.38
N ILE G 68 -33.75 -23.83 0.89
CA ILE G 68 -32.72 -23.31 1.70
C ILE G 68 -31.85 -22.50 0.85
N ILE G 69 -31.31 -21.47 1.43
CA ILE G 69 -30.61 -20.60 0.63
C ILE G 69 -29.91 -19.78 1.60
N GLY G 70 -28.73 -19.34 1.21
CA GLY G 70 -27.95 -18.44 1.96
C GLY G 70 -27.87 -17.37 0.97
N VAL G 71 -28.02 -16.14 1.46
CA VAL G 71 -28.04 -14.95 0.71
C VAL G 71 -27.06 -14.05 1.34
N SER G 72 -25.86 -13.99 0.75
CA SER G 72 -24.83 -13.08 1.16
C SER G 72 -23.94 -12.89 -0.01
N SER G 73 -22.66 -12.59 0.30
CA SER G 73 -21.69 -12.13 -0.61
C SER G 73 -20.77 -13.15 -1.14
N ASP G 74 -20.23 -12.67 -2.23
CA ASP G 74 -19.14 -13.17 -2.93
C ASP G 74 -17.97 -12.38 -2.49
N ARG G 75 -17.68 -12.29 -1.17
CA ARG G 75 -16.71 -11.31 -0.76
C ARG G 75 -15.98 -11.85 0.39
N GLY G 76 -14.67 -11.53 0.41
CA GLY G 76 -13.73 -11.91 1.40
C GLY G 76 -12.64 -10.96 1.17
N LEU G 77 -12.05 -10.50 2.28
CA LEU G 77 -11.13 -9.41 2.44
C LEU G 77 -11.98 -8.47 3.18
N CYS G 78 -13.29 -8.55 2.96
CA CYS G 78 -14.27 -7.91 3.74
C CYS G 78 -14.29 -8.47 5.11
N GLY G 79 -13.97 -9.77 5.17
CA GLY G 79 -14.10 -10.59 6.34
C GLY G 79 -14.62 -11.92 5.89
N ALA G 80 -15.04 -12.76 6.88
CA ALA G 80 -15.43 -14.16 6.87
C ALA G 80 -16.90 -14.29 7.16
N ILE G 81 -17.65 -13.23 6.81
CA ILE G 81 -19.07 -12.98 6.96
C ILE G 81 -19.84 -14.13 6.41
N HIS G 82 -19.41 -14.45 5.20
CA HIS G 82 -20.01 -15.27 4.23
C HIS G 82 -19.87 -16.61 4.81
N SER G 83 -18.68 -16.95 5.28
CA SER G 83 -18.36 -18.11 6.01
C SER G 83 -19.29 -18.24 7.16
N SER G 84 -19.62 -17.09 7.81
CA SER G 84 -20.50 -17.09 8.93
C SER G 84 -21.81 -17.65 8.50
N VAL G 85 -22.45 -17.10 7.48
CA VAL G 85 -23.71 -17.66 7.03
C VAL G 85 -23.59 -19.08 6.55
N ALA G 86 -22.54 -19.34 5.77
CA ALA G 86 -22.14 -20.52 5.06
C ALA G 86 -22.22 -21.69 5.94
N LYS G 87 -21.55 -21.49 7.08
CA LYS G 87 -21.30 -22.34 8.19
C LYS G 87 -22.60 -22.87 8.49
N GLN G 88 -23.30 -22.03 9.22
CA GLN G 88 -24.59 -22.04 9.71
C GLN G 88 -25.61 -22.38 8.70
N MET G 89 -25.23 -22.46 7.42
CA MET G 89 -26.11 -22.98 6.44
C MET G 89 -25.83 -24.40 6.34
N LYS G 90 -24.88 -24.81 5.48
CA LYS G 90 -24.76 -26.20 5.18
C LYS G 90 -24.56 -27.09 6.33
N SER G 91 -24.14 -26.52 7.45
CA SER G 91 -24.18 -27.19 8.71
C SER G 91 -25.46 -27.92 9.00
N GLU G 92 -26.61 -27.27 8.88
CA GLU G 92 -27.92 -27.85 8.98
C GLU G 92 -28.27 -29.10 8.26
N ALA G 93 -28.33 -28.95 6.92
CA ALA G 93 -29.03 -29.57 5.80
C ALA G 93 -29.55 -30.97 5.91
N ALA G 94 -29.00 -31.75 6.83
CA ALA G 94 -29.35 -33.11 7.07
C ALA G 94 -30.80 -33.30 7.37
N ASN G 95 -31.41 -32.53 8.29
CA ASN G 95 -32.82 -32.69 8.58
C ASN G 95 -33.68 -32.73 7.35
N LEU G 96 -33.59 -31.70 6.49
CA LEU G 96 -34.42 -31.64 5.32
C LEU G 96 -33.86 -32.54 4.19
N LYS G 101 -39.20 -34.03 3.18
CA LYS G 101 -38.44 -32.89 2.63
C LYS G 101 -37.59 -33.23 1.47
N GLU G 102 -36.84 -32.22 1.04
CA GLU G 102 -36.11 -32.25 -0.18
C GLU G 102 -35.04 -31.28 0.13
N VAL G 103 -33.88 -31.42 -0.55
CA VAL G 103 -32.72 -30.60 -0.28
C VAL G 103 -32.45 -29.80 -1.51
N LYS G 104 -32.70 -28.48 -1.44
CA LYS G 104 -32.43 -27.57 -2.50
C LYS G 104 -32.07 -26.29 -1.85
N ILE G 105 -30.86 -25.88 -2.20
CA ILE G 105 -30.13 -24.92 -1.48
C ILE G 105 -29.67 -23.99 -2.49
N ILE G 106 -29.49 -22.75 -2.09
CA ILE G 106 -29.00 -21.78 -2.99
C ILE G 106 -27.99 -21.09 -2.22
N GLY G 107 -26.83 -20.76 -2.80
CA GLY G 107 -26.04 -19.82 -2.07
C GLY G 107 -25.92 -18.79 -3.10
N VAL G 108 -26.44 -17.60 -2.81
CA VAL G 108 -26.23 -16.43 -3.58
C VAL G 108 -25.30 -15.68 -2.73
N GLY G 109 -24.11 -15.42 -3.26
CA GLY G 109 -23.01 -15.14 -2.41
C GLY G 109 -22.22 -16.34 -2.65
N ASP G 110 -20.91 -16.21 -2.48
CA ASP G 110 -20.05 -17.18 -3.06
C ASP G 110 -18.95 -17.49 -2.18
N LYS G 111 -18.70 -16.59 -1.23
CA LYS G 111 -17.74 -16.87 -0.22
C LYS G 111 -18.48 -17.56 0.86
N ILE G 112 -19.81 -17.63 0.69
CA ILE G 112 -20.65 -18.44 1.49
C ILE G 112 -20.55 -19.83 0.94
N ARG G 113 -20.30 -19.90 -0.38
CA ARG G 113 -20.26 -21.11 -1.12
C ARG G 113 -18.94 -21.66 -0.97
N SER G 114 -18.85 -22.33 0.16
CA SER G 114 -17.64 -22.76 0.65
C SER G 114 -18.17 -23.79 1.57
N ILE G 115 -18.85 -23.34 2.65
CA ILE G 115 -19.59 -24.18 3.54
C ILE G 115 -20.91 -24.47 2.99
N LEU G 116 -20.83 -25.31 1.96
CA LEU G 116 -21.86 -25.78 1.13
C LEU G 116 -21.15 -26.16 -0.11
N HIS G 117 -20.13 -25.37 -0.52
CA HIS G 117 -19.53 -25.68 -1.77
C HIS G 117 -18.41 -26.59 -1.53
N ARG G 118 -18.75 -27.88 -1.53
CA ARG G 118 -17.87 -28.98 -1.31
C ARG G 118 -18.75 -30.12 -0.91
N THR G 119 -20.05 -30.02 -1.12
CA THR G 119 -20.90 -31.12 -0.77
C THR G 119 -21.84 -31.15 -1.90
N HIS G 120 -21.98 -30.00 -2.55
CA HIS G 120 -22.78 -29.95 -3.69
C HIS G 120 -22.18 -28.84 -4.42
N SER G 121 -22.75 -28.77 -5.61
CA SER G 121 -22.42 -27.95 -6.72
C SER G 121 -23.67 -28.08 -7.56
N ASP G 122 -24.68 -28.82 -7.02
CA ASP G 122 -25.72 -29.43 -7.78
C ASP G 122 -27.00 -29.16 -7.12
N GLN G 123 -26.95 -29.20 -5.76
CA GLN G 123 -28.09 -28.90 -4.94
C GLN G 123 -28.01 -27.45 -4.66
N PHE G 124 -27.20 -26.72 -5.48
CA PHE G 124 -27.22 -25.31 -5.46
C PHE G 124 -28.21 -25.13 -6.51
N LEU G 125 -28.84 -23.97 -6.47
CA LEU G 125 -29.78 -23.70 -7.48
C LEU G 125 -29.23 -22.51 -8.11
N VAL G 126 -28.82 -21.50 -7.31
CA VAL G 126 -28.27 -20.33 -7.89
C VAL G 126 -27.37 -19.72 -6.90
N THR G 127 -26.70 -18.72 -7.45
CA THR G 127 -25.70 -17.96 -6.88
C THR G 127 -25.84 -16.68 -7.55
N PHE G 128 -25.40 -15.64 -6.89
CA PHE G 128 -25.49 -14.34 -7.41
C PHE G 128 -24.09 -14.02 -7.29
N LYS G 129 -23.73 -13.24 -8.26
CA LYS G 129 -22.44 -12.85 -8.50
C LYS G 129 -22.68 -11.46 -8.69
N GLU G 130 -21.60 -10.70 -8.51
CA GLU G 130 -21.63 -9.30 -8.55
C GLU G 130 -22.43 -8.88 -7.35
N VAL G 131 -22.24 -9.64 -6.25
CA VAL G 131 -22.90 -9.46 -5.01
C VAL G 131 -22.38 -8.21 -4.45
N GLY G 132 -23.28 -7.23 -4.38
CA GLY G 132 -22.94 -5.90 -4.01
C GLY G 132 -22.62 -5.28 -5.30
N ARG G 133 -21.42 -4.68 -5.28
CA ARG G 133 -20.68 -4.17 -6.40
C ARG G 133 -21.26 -2.89 -6.73
N ARG G 134 -22.14 -2.85 -7.75
CA ARG G 134 -23.01 -1.72 -7.82
C ARG G 134 -24.03 -2.28 -6.90
N PRO G 135 -24.30 -1.67 -5.76
CA PRO G 135 -25.07 -2.23 -4.67
C PRO G 135 -26.25 -3.03 -5.13
N PRO G 136 -26.45 -4.22 -4.64
CA PRO G 136 -27.43 -5.12 -5.20
C PRO G 136 -28.85 -4.67 -4.89
N THR G 137 -29.89 -5.01 -5.73
CA THR G 137 -31.18 -4.37 -5.55
C THR G 137 -32.37 -5.23 -5.89
N PHE G 138 -33.49 -4.56 -5.76
CA PHE G 138 -34.77 -5.12 -5.84
C PHE G 138 -35.13 -5.92 -7.03
N GLY G 139 -34.91 -5.36 -8.20
CA GLY G 139 -35.10 -5.94 -9.47
C GLY G 139 -34.59 -7.26 -9.56
N ASP G 140 -33.38 -7.34 -9.07
CA ASP G 140 -32.51 -8.43 -9.05
C ASP G 140 -33.13 -9.39 -8.20
N ALA G 141 -33.67 -8.90 -7.09
CA ALA G 141 -34.31 -9.68 -6.14
C ALA G 141 -35.44 -10.40 -6.68
N SER G 142 -36.16 -9.71 -7.57
CA SER G 142 -37.20 -10.28 -8.35
C SER G 142 -36.65 -11.19 -9.37
N VAL G 143 -35.49 -10.80 -9.94
CA VAL G 143 -34.92 -11.42 -11.09
C VAL G 143 -34.63 -12.76 -10.64
N ILE G 144 -33.67 -12.85 -9.75
CA ILE G 144 -33.32 -13.96 -8.94
C ILE G 144 -34.52 -14.58 -8.31
N ALA G 145 -35.53 -13.82 -7.88
CA ALA G 145 -36.74 -14.42 -7.37
C ALA G 145 -37.37 -15.31 -8.40
N LEU G 146 -37.72 -14.77 -9.59
CA LEU G 146 -38.58 -15.50 -10.50
C LEU G 146 -38.31 -16.95 -10.87
N GLU G 147 -37.27 -17.26 -11.63
CA GLU G 147 -36.89 -18.57 -12.07
C GLU G 147 -36.72 -19.54 -10.97
N LEU G 148 -36.33 -19.01 -9.82
CA LEU G 148 -36.07 -19.70 -8.61
C LEU G 148 -37.18 -20.57 -8.21
N LEU G 149 -38.37 -20.10 -8.58
CA LEU G 149 -39.66 -20.58 -8.23
C LEU G 149 -39.67 -21.90 -8.86
N ASN G 150 -39.49 -21.95 -10.19
CA ASN G 150 -39.25 -23.16 -10.91
C ASN G 150 -38.11 -23.88 -10.22
N SER G 151 -38.44 -25.07 -9.66
CA SER G 151 -37.66 -25.88 -8.76
C SER G 151 -38.66 -26.81 -8.16
N GLY G 152 -38.19 -27.90 -7.53
CA GLY G 152 -39.05 -28.97 -7.12
C GLY G 152 -39.19 -28.95 -5.66
N TYR G 153 -38.34 -28.20 -4.98
CA TYR G 153 -38.46 -28.02 -3.59
C TYR G 153 -39.04 -26.71 -3.59
N GLU G 154 -40.19 -26.68 -2.94
CA GLU G 154 -40.86 -25.51 -2.54
C GLU G 154 -41.22 -25.98 -1.19
N PHE G 155 -40.87 -25.19 -0.16
CA PHE G 155 -41.05 -25.46 1.24
C PHE G 155 -41.01 -26.88 1.64
N ASP G 156 -39.76 -27.30 1.46
CA ASP G 156 -39.14 -28.32 2.21
C ASP G 156 -38.35 -27.47 3.15
N GLU G 157 -39.09 -26.43 3.57
CA GLU G 157 -38.92 -25.16 4.15
C GLU G 157 -37.59 -24.64 3.93
N GLY G 158 -37.52 -23.60 3.12
CA GLY G 158 -36.27 -22.99 2.94
C GLY G 158 -35.86 -22.25 4.11
N SER G 159 -34.63 -21.84 4.10
CA SER G 159 -34.16 -20.96 5.08
C SER G 159 -33.47 -19.97 4.29
N ILE G 160 -33.40 -18.73 4.75
CA ILE G 160 -32.64 -17.77 4.04
C ILE G 160 -31.65 -17.26 4.96
N ILE G 161 -30.39 -17.41 4.63
CA ILE G 161 -29.37 -17.16 5.60
C ILE G 161 -28.59 -16.00 5.17
N PHE G 162 -28.49 -14.94 5.96
CA PHE G 162 -27.84 -13.74 5.48
C PHE G 162 -27.32 -13.11 6.71
N ASN G 163 -26.53 -12.02 6.70
CA ASN G 163 -26.10 -11.45 7.95
C ASN G 163 -26.94 -10.26 8.09
N ARG G 164 -27.84 -10.31 9.04
CA ARG G 164 -28.64 -9.23 9.40
C ARG G 164 -27.87 -8.46 10.34
N PHE G 165 -27.62 -7.28 9.82
CA PHE G 165 -26.99 -6.18 10.38
C PHE G 165 -27.61 -5.77 11.64
N ARG G 166 -26.77 -5.22 12.48
CA ARG G 166 -27.04 -4.79 13.79
C ARG G 166 -26.42 -3.46 13.81
N SER G 167 -25.35 -3.34 13.07
CA SER G 167 -24.50 -2.25 13.11
C SER G 167 -23.63 -2.57 11.99
N VAL G 168 -22.84 -1.58 11.55
CA VAL G 168 -21.94 -1.57 10.42
C VAL G 168 -20.80 -2.48 10.57
N ILE G 169 -20.91 -3.31 11.59
CA ILE G 169 -19.82 -4.02 12.09
C ILE G 169 -20.40 -5.22 12.68
N SER G 170 -21.74 -5.37 12.78
CA SER G 170 -22.08 -6.62 13.32
C SER G 170 -23.42 -6.76 12.91
N TYR G 171 -23.56 -7.97 12.60
CA TYR G 171 -24.67 -8.40 11.94
C TYR G 171 -24.55 -9.68 12.48
N LYS G 172 -25.58 -10.35 12.31
CA LYS G 172 -25.69 -11.53 12.93
C LYS G 172 -26.13 -12.26 11.82
N THR G 173 -25.38 -13.30 11.66
CA THR G 173 -25.48 -14.26 10.66
C THR G 173 -26.82 -14.90 10.95
N GLU G 174 -27.78 -14.76 10.03
CA GLU G 174 -29.20 -15.07 10.10
C GLU G 174 -29.61 -16.18 9.29
N GLU G 175 -30.85 -16.62 9.54
CA GLU G 175 -31.62 -17.53 8.78
C GLU G 175 -32.97 -16.97 8.86
N LYS G 176 -33.86 -17.11 7.86
CA LYS G 176 -35.24 -16.96 8.20
C LYS G 176 -35.87 -18.07 7.49
N PRO G 177 -37.10 -18.39 7.75
CA PRO G 177 -37.66 -19.60 7.19
C PRO G 177 -38.52 -19.22 6.08
N ILE G 178 -38.53 -20.10 5.07
CA ILE G 178 -39.16 -19.86 3.82
C ILE G 178 -40.39 -20.65 3.65
N PHE G 179 -41.47 -19.94 4.00
CA PHE G 179 -42.88 -20.21 3.89
C PHE G 179 -43.14 -20.36 2.45
N SER G 180 -43.22 -21.58 1.93
CA SER G 180 -43.51 -21.75 0.52
C SER G 180 -44.72 -22.57 0.50
N LEU G 181 -45.29 -22.70 1.68
CA LEU G 181 -46.55 -23.22 1.91
C LEU G 181 -47.46 -22.27 1.31
N ASP G 182 -48.46 -22.81 0.69
CA ASP G 182 -49.50 -22.12 0.02
C ASP G 182 -50.55 -23.14 0.19
N THR G 183 -50.47 -23.77 1.38
CA THR G 183 -50.97 -25.08 1.51
C THR G 183 -51.56 -25.26 2.85
N ILE G 184 -50.71 -25.19 3.86
CA ILE G 184 -51.09 -25.15 5.22
C ILE G 184 -51.41 -23.75 5.46
N SER G 185 -50.73 -22.86 4.74
CA SER G 185 -51.17 -21.50 4.64
C SER G 185 -52.46 -21.50 3.93
N SER G 186 -52.80 -22.53 3.14
CA SER G 186 -54.15 -22.57 2.66
C SER G 186 -55.03 -22.85 3.82
N ALA G 187 -54.68 -23.86 4.60
CA ALA G 187 -55.38 -24.13 5.82
C ALA G 187 -55.25 -22.96 6.75
N GLU G 188 -55.97 -23.01 7.88
CA GLU G 188 -55.89 -22.08 8.98
C GLU G 188 -56.58 -20.79 8.72
N SER G 189 -56.31 -19.87 9.66
CA SER G 189 -56.60 -18.48 9.88
C SER G 189 -56.20 -17.59 8.78
N MET G 190 -56.49 -18.00 7.57
CA MET G 190 -56.01 -17.38 6.41
C MET G 190 -57.23 -17.15 5.60
N SER G 191 -58.29 -17.85 6.00
CA SER G 191 -59.64 -17.78 5.54
C SER G 191 -60.11 -16.41 5.78
N ILE G 192 -59.63 -15.87 6.89
CA ILE G 192 -59.83 -14.61 7.47
C ILE G 192 -59.45 -13.60 6.48
N TYR G 193 -58.44 -13.92 5.67
CA TYR G 193 -58.15 -13.25 4.47
C TYR G 193 -59.16 -13.75 3.58
N ASP G 194 -60.32 -13.09 3.66
CA ASP G 194 -61.56 -13.58 3.18
C ASP G 194 -61.45 -13.29 1.79
N ASP G 195 -61.15 -14.40 1.14
CA ASP G 195 -60.58 -14.51 -0.14
C ASP G 195 -59.27 -13.79 -0.26
N ILE G 196 -58.59 -14.44 -1.20
CA ILE G 196 -57.19 -14.66 -1.29
C ILE G 196 -57.27 -15.84 -2.21
N ASP G 197 -56.26 -16.12 -3.07
CA ASP G 197 -56.35 -17.31 -3.89
C ASP G 197 -55.01 -17.83 -4.02
N ALA G 198 -54.85 -19.15 -4.22
CA ALA G 198 -53.57 -19.79 -4.33
C ALA G 198 -52.74 -19.34 -5.44
N ASP G 199 -53.38 -18.51 -6.24
CA ASP G 199 -52.90 -17.50 -7.03
C ASP G 199 -52.39 -16.53 -6.07
N VAL G 200 -53.08 -15.41 -5.93
CA VAL G 200 -52.77 -14.21 -5.21
C VAL G 200 -51.95 -14.32 -3.98
N LEU G 201 -52.06 -15.47 -3.34
CA LEU G 201 -51.32 -16.04 -2.29
C LEU G 201 -49.94 -16.16 -2.61
N ARG G 202 -49.67 -17.18 -3.42
CA ARG G 202 -48.53 -17.45 -4.15
C ARG G 202 -48.00 -16.29 -4.81
N ASN G 203 -48.90 -15.41 -5.23
CA ASN G 203 -48.56 -14.27 -5.95
C ASN G 203 -48.36 -13.16 -5.05
N TYR G 204 -47.84 -13.48 -3.93
CA TYR G 204 -47.53 -12.55 -2.95
C TYR G 204 -46.35 -13.24 -2.45
N GLN G 205 -46.40 -14.55 -2.23
CA GLN G 205 -45.35 -15.38 -1.79
C GLN G 205 -44.14 -15.18 -2.66
N GLU G 206 -44.50 -15.03 -3.93
CA GLU G 206 -43.77 -14.75 -5.12
C GLU G 206 -43.30 -13.43 -4.85
N TYR G 207 -44.19 -12.47 -4.92
CA TYR G 207 -43.84 -11.12 -4.67
C TYR G 207 -42.93 -10.82 -3.46
N SER G 208 -43.02 -11.63 -2.41
CA SER G 208 -42.33 -11.45 -1.18
C SER G 208 -41.06 -12.09 -1.27
N LEU G 209 -40.93 -13.01 -2.19
CA LEU G 209 -39.70 -13.63 -2.42
C LEU G 209 -38.83 -12.62 -2.95
N ALA G 210 -39.26 -11.79 -3.85
CA ALA G 210 -38.32 -10.78 -4.22
C ALA G 210 -38.06 -9.83 -3.13
N ASN G 211 -39.09 -9.52 -2.35
CA ASN G 211 -38.99 -8.42 -1.45
C ASN G 211 -38.02 -8.66 -0.42
N ILE G 212 -38.11 -9.87 0.06
CA ILE G 212 -37.21 -10.37 0.97
C ILE G 212 -35.96 -10.53 0.30
N ILE G 213 -35.97 -10.97 -0.94
CA ILE G 213 -34.75 -11.38 -1.53
C ILE G 213 -33.87 -10.28 -1.63
N TYR G 214 -34.44 -9.17 -2.00
CA TYR G 214 -33.76 -7.98 -2.05
C TYR G 214 -33.25 -7.71 -0.70
N TYR G 215 -34.17 -7.80 0.22
CA TYR G 215 -33.81 -7.46 1.51
C TYR G 215 -32.68 -8.18 2.14
N SER G 216 -32.71 -9.50 2.20
CA SER G 216 -31.76 -10.42 2.74
C SER G 216 -30.45 -10.19 2.20
N LEU G 217 -30.49 -9.96 0.89
CA LEU G 217 -29.40 -9.67 0.06
C LEU G 217 -28.81 -8.51 0.56
N LYS G 218 -29.62 -7.54 0.86
CA LYS G 218 -29.07 -6.40 1.39
C LYS G 218 -28.63 -6.58 2.73
N GLU G 219 -29.21 -7.45 3.52
CA GLU G 219 -28.83 -7.45 4.88
C GLU G 219 -27.52 -7.95 5.02
N SER G 220 -27.31 -9.05 4.36
CA SER G 220 -26.03 -9.59 4.20
C SER G 220 -25.03 -8.68 3.61
N THR G 221 -25.32 -8.15 2.44
CA THR G 221 -24.34 -7.43 1.69
C THR G 221 -23.93 -6.18 2.34
N THR G 222 -24.88 -5.60 3.07
CA THR G 222 -24.69 -4.39 3.82
C THR G 222 -23.77 -4.68 4.91
N SER G 223 -24.04 -5.80 5.54
CA SER G 223 -23.26 -6.27 6.60
C SER G 223 -21.88 -6.52 6.17
N GLU G 224 -21.75 -7.14 5.02
CA GLU G 224 -20.49 -7.49 4.51
C GLU G 224 -19.70 -6.31 4.19
N GLN G 225 -20.33 -5.34 3.55
CA GLN G 225 -19.60 -4.22 3.11
C GLN G 225 -19.15 -3.40 4.19
N SER G 226 -19.91 -3.42 5.26
CA SER G 226 -19.63 -2.66 6.40
C SER G 226 -18.60 -3.36 7.17
N ALA G 227 -18.50 -4.66 6.93
CA ALA G 227 -17.57 -5.52 7.53
C ALA G 227 -16.32 -5.34 6.84
N ARG G 228 -16.38 -5.03 5.54
CA ARG G 228 -15.20 -4.86 4.79
C ARG G 228 -14.45 -3.73 5.26
N MET G 229 -15.11 -2.65 5.61
CA MET G 229 -14.43 -1.56 6.26
C MET G 229 -13.77 -2.03 7.47
N THR G 230 -14.51 -2.82 8.23
CA THR G 230 -14.02 -3.29 9.46
C THR G 230 -12.79 -4.07 9.24
N ALA G 231 -12.78 -5.06 8.35
CA ALA G 231 -11.62 -5.82 8.07
C ALA G 231 -10.46 -4.99 7.68
N MET G 232 -10.79 -3.96 6.93
CA MET G 232 -9.82 -3.14 6.35
C MET G 232 -9.27 -2.23 7.35
N ASP G 233 -10.04 -1.98 8.39
CA ASP G 233 -9.52 -1.29 9.48
C ASP G 233 -8.46 -2.05 10.12
N ASN G 234 -8.81 -3.26 10.38
CA ASN G 234 -8.15 -4.12 11.31
C ASN G 234 -6.76 -4.20 10.96
N ALA G 235 -6.64 -4.55 9.68
CA ALA G 235 -5.45 -4.62 8.97
C ALA G 235 -4.56 -3.44 9.25
N SER G 236 -5.13 -2.25 9.15
CA SER G 236 -4.39 -1.04 9.32
C SER G 236 -3.98 -0.79 10.72
N LYS G 237 -4.70 -1.31 11.69
CA LYS G 237 -4.25 -1.17 13.05
C LYS G 237 -3.01 -1.89 13.22
N ASN G 238 -2.98 -3.06 12.60
CA ASN G 238 -1.80 -3.85 12.66
C ASN G 238 -0.67 -3.13 12.04
N ALA G 239 -0.96 -2.67 10.82
CA ALA G 239 -0.06 -1.96 9.99
C ALA G 239 0.56 -0.89 10.74
N SER G 240 -0.29 -0.05 11.30
CA SER G 240 0.11 1.15 11.89
C SER G 240 1.16 0.91 12.85
N GLU G 241 0.97 -0.09 13.69
CA GLU G 241 2.02 -0.35 14.57
C GLU G 241 3.28 -0.68 13.91
N MET G 242 3.18 -1.66 13.02
CA MET G 242 4.38 -2.17 12.48
C MET G 242 5.22 -1.23 11.85
N ILE G 243 4.52 -0.38 11.14
CA ILE G 243 5.11 0.63 10.39
C ILE G 243 5.96 1.38 11.34
N ASP G 244 5.40 1.71 12.48
CA ASP G 244 6.18 2.34 13.51
C ASP G 244 7.39 1.65 13.90
N LYS G 245 7.26 0.37 14.12
CA LYS G 245 8.31 -0.35 14.64
C LYS G 245 9.42 -0.47 13.71
N LEU G 246 9.12 -0.82 12.49
CA LEU G 246 10.07 -0.98 11.44
C LEU G 246 10.97 0.16 11.31
N THR G 247 10.40 1.32 11.58
CA THR G 247 11.10 2.54 11.54
C THR G 247 12.18 2.66 12.52
N LEU G 248 12.43 1.66 13.27
CA LEU G 248 13.34 1.76 14.32
C LEU G 248 14.43 1.00 13.81
N THR G 249 14.01 -0.16 13.41
CA THR G 249 14.71 -1.25 12.87
C THR G 249 15.56 -0.80 11.83
N PHE G 250 14.94 0.13 11.12
CA PHE G 250 15.48 1.03 10.23
C PHE G 250 16.62 1.61 10.95
N ASN G 251 16.46 2.66 11.78
CA ASN G 251 17.51 3.49 12.26
C ASN G 251 18.70 2.85 12.55
N ARG G 252 18.43 1.72 13.08
CA ARG G 252 19.33 0.89 13.62
C ARG G 252 20.09 0.27 12.69
N THR G 253 19.50 -0.38 11.72
CA THR G 253 20.27 -0.99 10.73
C THR G 253 21.06 0.02 10.02
N ARG G 254 20.48 1.19 9.88
CA ARG G 254 21.18 2.26 9.38
C ARG G 254 22.34 2.59 10.20
N GLN G 255 22.12 2.74 11.48
CA GLN G 255 23.09 3.32 12.30
C GLN G 255 24.14 2.42 12.44
N ALA G 256 23.76 1.19 12.63
CA ALA G 256 24.58 0.05 12.74
C ALA G 256 25.54 0.09 11.71
N VAL G 257 24.98 0.29 10.53
CA VAL G 257 25.71 0.58 9.40
C VAL G 257 26.51 1.76 9.67
N ILE G 258 26.02 2.99 9.54
CA ILE G 258 26.80 4.19 9.62
C ILE G 258 28.03 4.15 10.41
N THR G 259 27.76 3.70 11.61
CA THR G 259 28.61 3.57 12.68
C THR G 259 29.66 2.66 12.34
N LYS G 260 29.33 1.43 12.02
CA LYS G 260 30.24 0.43 11.60
C LYS G 260 31.25 0.86 10.61
N GLU G 261 30.91 1.84 9.81
CA GLU G 261 31.74 2.26 8.76
C GLU G 261 32.53 3.23 9.23
N LEU G 262 31.93 4.12 10.00
CA LEU G 262 32.58 5.15 10.68
C LEU G 262 33.69 4.50 11.42
N ILE G 263 33.51 3.29 11.92
CA ILE G 263 34.59 2.53 12.44
C ILE G 263 35.65 2.32 11.48
N GLU G 264 35.35 1.62 10.41
CA GLU G 264 36.24 1.34 9.34
C GLU G 264 36.97 2.54 8.88
N ILE G 265 36.26 3.63 8.96
CA ILE G 265 36.65 4.89 8.56
C ILE G 265 37.61 5.36 9.55
N ILE G 266 37.26 5.29 10.82
CA ILE G 266 38.05 5.58 11.96
C ILE G 266 38.97 4.50 12.12
N SER G 267 39.93 4.58 11.22
CA SER G 267 41.04 3.81 11.01
C SER G 267 40.74 2.41 11.25
N GLY G 268 39.57 1.98 10.80
CA GLY G 268 39.25 0.62 10.88
C GLY G 268 39.55 0.16 9.50
N ALA G 269 40.27 0.99 8.74
CA ALA G 269 40.65 0.74 7.41
C ALA G 269 41.68 1.75 7.11
N ALA G 270 41.88 2.73 8.01
CA ALA G 270 42.87 3.72 7.79
C ALA G 270 44.17 3.36 8.38
N ALA G 271 44.64 4.11 9.42
CA ALA G 271 45.93 3.99 10.03
C ALA G 271 46.16 2.62 10.42
N LEU G 272 45.09 2.12 11.00
CA LEU G 272 44.94 0.76 11.25
C LEU G 272 44.16 0.49 10.07
N ASP G 273 44.85 -0.14 9.15
CA ASP G 273 44.26 -0.57 7.94
C ASP G 273 43.53 -1.79 8.48
N GLN H 15 -59.17 4.16 11.00
CA GLN H 15 -57.77 4.25 10.53
C GLN H 15 -57.23 2.95 10.14
N MET H 16 -56.28 3.00 9.22
CA MET H 16 -55.48 1.87 8.98
C MET H 16 -54.20 2.48 8.84
N SER H 17 -53.23 1.83 9.45
CA SER H 17 -51.87 2.13 9.44
C SER H 17 -51.50 1.43 8.19
N PHE H 18 -51.32 2.26 7.19
CA PHE H 18 -51.21 1.85 5.88
C PHE H 18 -49.86 2.04 5.50
N THR H 19 -49.36 0.97 5.01
CA THR H 19 -48.03 0.87 4.72
C THR H 19 -48.16 0.73 3.34
N PHE H 20 -47.55 1.63 2.69
CA PHE H 20 -47.70 1.90 1.35
C PHE H 20 -46.30 1.93 1.03
N ALA H 21 -45.87 1.09 0.09
CA ALA H 21 -44.49 0.90 -0.13
C ALA H 21 -44.23 0.37 -1.48
N SER H 22 -42.95 0.44 -1.80
CA SER H 22 -42.28 0.07 -2.98
C SER H 22 -40.89 0.09 -2.50
N PRO H 23 -39.88 -0.42 -3.19
CA PRO H 23 -38.53 -0.40 -2.68
C PRO H 23 -38.11 1.00 -2.81
N THR H 24 -38.83 1.71 -3.67
CA THR H 24 -38.72 3.06 -4.00
C THR H 24 -38.94 3.80 -2.77
N GLN H 25 -40.00 3.41 -2.07
CA GLN H 25 -40.51 4.37 -1.20
C GLN H 25 -41.40 3.66 -0.34
N VAL H 26 -41.52 4.15 0.89
CA VAL H 26 -42.60 3.83 1.75
C VAL H 26 -43.22 5.17 1.91
N PHE H 27 -44.51 5.25 1.62
CA PHE H 27 -45.21 6.46 1.42
C PHE H 27 -45.92 6.64 2.67
N PHE H 28 -46.58 5.57 3.06
CA PHE H 28 -47.32 5.62 4.23
C PHE H 28 -46.82 4.46 4.78
N ASN H 29 -46.61 4.67 6.04
CA ASN H 29 -45.67 3.82 6.60
C ASN H 29 -46.56 3.73 7.69
N SER H 30 -47.39 2.71 7.62
CA SER H 30 -48.39 2.45 8.57
C SER H 30 -49.12 3.70 8.94
N ALA H 31 -49.47 4.55 7.97
CA ALA H 31 -49.98 5.83 8.28
C ALA H 31 -51.44 5.65 8.40
N ASN H 32 -52.09 6.30 9.38
CA ASN H 32 -53.49 6.19 9.72
C ASN H 32 -54.32 6.94 8.75
N VAL H 33 -54.53 6.20 7.65
CA VAL H 33 -55.13 6.42 6.39
C VAL H 33 -56.51 5.93 6.43
N ARG H 34 -57.39 6.61 5.71
CA ARG H 34 -58.72 6.12 5.62
C ARG H 34 -58.85 5.17 4.49
N GLN H 35 -58.21 5.39 3.35
CA GLN H 35 -58.48 4.52 2.29
C GLN H 35 -57.42 4.60 1.30
N VAL H 36 -57.27 3.53 0.54
CA VAL H 36 -56.36 3.42 -0.53
C VAL H 36 -57.18 2.76 -1.54
N ASP H 37 -57.11 3.19 -2.79
CA ASP H 37 -57.85 2.53 -3.80
C ASP H 37 -56.88 1.89 -4.63
N VAL H 38 -57.09 0.57 -4.76
CA VAL H 38 -56.10 -0.37 -5.13
C VAL H 38 -56.54 -1.22 -6.28
N PRO H 39 -55.86 -1.24 -7.39
CA PRO H 39 -56.09 -2.18 -8.46
C PRO H 39 -55.64 -3.51 -8.05
N THR H 40 -56.56 -4.33 -7.57
CA THR H 40 -56.29 -5.68 -7.32
C THR H 40 -56.43 -6.27 -8.64
N GLN H 41 -56.31 -7.57 -8.79
CA GLN H 41 -56.31 -8.05 -10.10
C GLN H 41 -57.60 -7.98 -10.80
N THR H 42 -58.77 -8.28 -10.19
CA THR H 42 -59.97 -8.17 -10.99
C THR H 42 -60.33 -6.78 -11.15
N GLY H 43 -60.58 -6.13 -10.03
CA GLY H 43 -60.93 -4.78 -10.09
C GLY H 43 -60.08 -4.34 -9.04
N ALA H 44 -60.71 -3.66 -8.11
CA ALA H 44 -59.99 -2.99 -7.10
C ALA H 44 -60.83 -3.15 -5.90
N PHE H 45 -61.00 -2.01 -5.21
CA PHE H 45 -61.65 -1.76 -3.98
C PHE H 45 -60.84 -0.64 -3.46
N GLY H 46 -61.48 0.12 -2.58
CA GLY H 46 -60.91 1.21 -1.97
C GLY H 46 -60.94 0.74 -0.65
N ILE H 47 -59.78 0.28 -0.20
CA ILE H 47 -59.61 -0.43 1.01
C ILE H 47 -59.75 0.61 2.00
N LEU H 48 -60.70 0.41 2.89
CA LEU H 48 -61.10 1.38 3.82
C LEU H 48 -60.52 1.00 5.13
N ALA H 49 -60.41 2.04 5.97
CA ALA H 49 -59.65 2.21 7.18
C ALA H 49 -59.65 1.14 8.26
N ALA H 50 -58.95 0.00 8.01
CA ALA H 50 -58.51 -1.05 8.92
C ALA H 50 -58.88 -2.41 8.43
N HIS H 51 -59.58 -2.47 7.28
CA HIS H 51 -60.19 -3.59 6.61
C HIS H 51 -59.73 -4.94 6.96
N VAL H 52 -60.71 -5.87 6.93
CA VAL H 52 -60.64 -7.27 7.10
C VAL H 52 -59.43 -7.84 6.47
N PRO H 53 -59.03 -8.98 6.87
CA PRO H 53 -57.98 -9.59 6.21
C PRO H 53 -58.55 -10.01 4.93
N THR H 54 -57.75 -9.87 3.94
CA THR H 54 -58.00 -10.38 2.69
C THR H 54 -56.69 -10.04 2.16
N LEU H 55 -56.25 -10.80 1.19
CA LEU H 55 -54.98 -10.57 0.63
C LEU H 55 -55.23 -10.43 -0.76
N GLN H 56 -54.65 -9.40 -1.32
CA GLN H 56 -54.90 -9.28 -2.69
C GLN H 56 -53.62 -8.90 -3.20
N VAL H 57 -53.41 -9.38 -4.39
CA VAL H 57 -52.29 -9.09 -5.14
C VAL H 57 -52.82 -8.06 -6.07
N LEU H 58 -51.97 -7.10 -6.39
CA LEU H 58 -52.35 -5.86 -6.95
C LEU H 58 -52.73 -6.03 -8.34
N ARG H 59 -52.03 -5.32 -9.21
CA ARG H 59 -52.32 -5.20 -10.56
C ARG H 59 -52.07 -3.80 -10.74
N PRO H 60 -51.62 -3.34 -11.87
CA PRO H 60 -51.37 -1.94 -12.03
C PRO H 60 -52.66 -1.26 -12.15
N GLY H 61 -52.67 -0.05 -11.65
CA GLY H 61 -53.79 0.81 -11.64
C GLY H 61 -53.14 1.96 -11.08
N LEU H 62 -53.90 2.71 -10.31
CA LEU H 62 -53.39 3.83 -9.66
C LEU H 62 -53.74 3.54 -8.31
N VAL H 63 -52.93 4.06 -7.44
CA VAL H 63 -53.15 3.83 -6.09
C VAL H 63 -53.40 5.18 -5.72
N VAL H 64 -54.43 5.29 -4.94
CA VAL H 64 -54.92 6.55 -4.70
C VAL H 64 -54.95 6.41 -3.28
N VAL H 65 -54.27 7.22 -2.50
CA VAL H 65 -54.24 7.00 -1.10
C VAL H 65 -54.93 8.11 -0.53
N HIS H 66 -56.19 7.82 -0.28
CA HIS H 66 -57.11 8.62 0.44
C HIS H 66 -56.64 8.56 1.76
N ALA H 67 -55.81 9.50 2.11
CA ALA H 67 -55.22 9.51 3.37
C ALA H 67 -56.32 9.97 4.23
N GLU H 68 -56.31 9.59 5.49
CA GLU H 68 -57.41 9.84 6.37
C GLU H 68 -57.79 11.26 6.39
N ASP H 69 -56.74 12.06 6.44
CA ASP H 69 -56.61 13.47 6.40
C ASP H 69 -57.53 14.34 5.59
N GLY H 70 -58.25 13.83 4.60
CA GLY H 70 -59.00 14.68 3.75
C GLY H 70 -58.38 14.44 2.45
N THR H 71 -57.05 14.53 2.38
CA THR H 71 -56.34 14.24 1.19
C THR H 71 -56.48 12.87 0.76
N THR H 72 -56.19 12.79 -0.51
CA THR H 72 -55.91 11.63 -1.17
C THR H 72 -54.78 12.10 -1.90
N SER H 73 -53.79 11.28 -1.94
CA SER H 73 -52.61 11.44 -2.68
C SER H 73 -52.76 10.51 -3.84
N LYS H 74 -52.19 10.78 -5.01
CA LYS H 74 -52.36 9.90 -6.14
C LYS H 74 -51.12 9.22 -6.43
N TYR H 75 -51.27 8.04 -7.00
CA TYR H 75 -50.21 7.13 -7.23
C TYR H 75 -50.59 6.31 -8.35
N PHE H 76 -49.58 5.67 -8.88
CA PHE H 76 -49.67 4.67 -9.84
C PHE H 76 -49.03 3.58 -9.12
N VAL H 77 -49.52 2.39 -9.34
CA VAL H 77 -49.04 1.17 -8.78
C VAL H 77 -48.89 0.29 -9.96
N SER H 78 -47.91 -0.65 -9.94
CA SER H 78 -47.76 -1.60 -11.01
C SER H 78 -47.99 -2.97 -10.48
N SER H 79 -47.39 -3.31 -9.35
CA SER H 79 -47.51 -4.67 -8.95
C SER H 79 -47.14 -4.63 -7.56
N GLY H 80 -47.28 -5.79 -6.93
CA GLY H 80 -46.97 -6.16 -5.61
C GLY H 80 -48.18 -6.78 -5.05
N SER H 81 -48.36 -6.69 -3.73
CA SER H 81 -49.48 -7.21 -3.03
C SER H 81 -49.81 -6.16 -2.06
N VAL H 82 -51.08 -6.02 -1.80
CA VAL H 82 -51.52 -5.23 -0.71
C VAL H 82 -52.13 -6.28 0.05
N THR H 83 -52.07 -6.04 1.32
CA THR H 83 -52.19 -7.06 2.24
C THR H 83 -52.99 -6.28 3.14
N VAL H 84 -54.07 -6.91 3.47
CA VAL H 84 -55.08 -6.23 4.15
C VAL H 84 -55.11 -7.11 5.22
N ASN H 85 -54.77 -6.59 6.37
CA ASN H 85 -54.52 -7.48 7.42
C ASN H 85 -55.83 -7.52 7.99
N ALA H 86 -56.02 -8.21 9.09
CA ALA H 86 -57.29 -8.08 9.72
C ALA H 86 -57.45 -6.68 10.16
N ASP H 87 -56.45 -6.31 10.93
CA ASP H 87 -56.25 -5.04 11.46
C ASP H 87 -55.95 -4.02 10.46
N SER H 88 -55.74 -2.88 11.14
CA SER H 88 -55.31 -1.61 10.77
C SER H 88 -54.08 -1.66 10.02
N SER H 89 -53.39 -2.78 9.89
CA SER H 89 -52.22 -2.64 9.13
C SER H 89 -52.67 -3.12 7.85
N VAL H 90 -52.34 -2.30 6.88
CA VAL H 90 -52.63 -2.66 5.57
C VAL H 90 -51.31 -2.35 5.04
N GLN H 91 -50.83 -3.18 4.15
CA GLN H 91 -49.56 -2.95 3.65
C GLN H 91 -49.76 -3.23 2.30
N LEU H 92 -49.55 -2.22 1.58
CA LEU H 92 -49.43 -2.25 0.24
C LEU H 92 -48.03 -2.18 0.20
N LEU H 93 -47.59 -3.17 -0.50
CA LEU H 93 -46.28 -3.41 -0.76
C LEU H 93 -46.60 -3.49 -2.17
N ALA H 94 -46.33 -2.46 -2.91
CA ALA H 94 -46.54 -2.57 -4.28
C ALA H 94 -45.16 -2.65 -4.64
N GLU H 95 -44.87 -3.64 -5.49
CA GLU H 95 -43.64 -3.96 -6.11
C GLU H 95 -43.12 -2.70 -6.61
N GLU H 96 -43.96 -2.13 -7.43
CA GLU H 96 -43.74 -0.84 -7.86
C GLU H 96 -44.89 -0.11 -7.33
N ALA H 97 -44.56 0.98 -6.65
CA ALA H 97 -45.47 1.96 -6.15
C ALA H 97 -44.80 3.21 -6.51
N VAL H 98 -45.49 4.09 -7.23
CA VAL H 98 -44.94 5.36 -7.56
C VAL H 98 -46.04 6.32 -7.34
N THR H 99 -45.64 7.55 -7.03
CA THR H 99 -46.34 8.76 -7.13
C THR H 99 -46.42 9.17 -8.59
N LEU H 100 -47.54 9.70 -9.05
CA LEU H 100 -47.69 10.04 -10.45
C LEU H 100 -46.74 11.05 -11.08
N ASP H 101 -46.22 11.99 -10.28
CA ASP H 101 -45.12 12.94 -10.42
C ASP H 101 -43.93 12.59 -11.23
N MET H 102 -43.69 11.28 -11.26
CA MET H 102 -42.44 10.72 -11.66
C MET H 102 -42.73 9.97 -12.88
N LEU H 103 -43.98 10.04 -13.30
CA LEU H 103 -44.52 9.21 -14.27
C LEU H 103 -45.04 10.10 -15.25
N ASP H 104 -44.68 9.81 -16.50
CA ASP H 104 -44.97 10.75 -17.50
C ASP H 104 -46.11 10.25 -18.26
N LEU H 105 -47.19 11.06 -18.31
CA LEU H 105 -48.31 10.77 -19.15
C LEU H 105 -47.89 10.68 -20.56
N GLY H 106 -47.19 11.70 -21.07
CA GLY H 106 -46.71 11.74 -22.41
C GLY H 106 -46.02 10.49 -22.81
N ALA H 107 -45.10 10.00 -21.94
CA ALA H 107 -44.34 8.82 -22.20
C ALA H 107 -45.27 7.72 -22.25
N ALA H 108 -46.10 7.55 -21.23
CA ALA H 108 -47.12 6.56 -21.10
C ALA H 108 -47.86 6.42 -22.34
N LYS H 109 -48.38 7.51 -22.89
CA LYS H 109 -49.04 7.48 -24.11
C LYS H 109 -48.24 7.02 -25.19
N ALA H 110 -47.12 7.63 -25.46
CA ALA H 110 -46.26 7.21 -26.49
C ALA H 110 -45.88 5.80 -26.38
N ASN H 111 -45.70 5.35 -25.16
CA ASN H 111 -45.29 4.05 -24.79
C ASN H 111 -46.39 3.19 -25.09
N LEU H 112 -47.58 3.65 -24.87
CA LEU H 112 -48.78 3.02 -25.22
C LEU H 112 -48.84 2.92 -26.67
N GLU H 113 -48.39 3.92 -27.43
CA GLU H 113 -48.50 3.91 -28.85
C GLU H 113 -47.82 2.76 -29.35
N LYS H 114 -46.58 2.68 -28.95
CA LYS H 114 -45.68 1.63 -29.12
C LYS H 114 -46.26 0.36 -28.69
N ALA H 115 -46.83 0.32 -27.49
CA ALA H 115 -47.29 -0.85 -26.81
C ALA H 115 -48.22 -1.57 -27.63
N GLN H 116 -49.24 -0.84 -28.06
CA GLN H 116 -50.25 -1.26 -28.97
C GLN H 116 -49.71 -1.72 -30.26
N SER H 117 -48.60 -1.14 -30.69
CA SER H 117 -47.97 -1.47 -31.93
C SER H 117 -47.35 -2.81 -31.82
N GLU H 118 -46.62 -2.95 -30.72
CA GLU H 118 -45.90 -4.10 -30.33
C GLU H 118 -46.76 -5.30 -30.13
N LEU H 119 -47.94 -5.13 -29.53
CA LEU H 119 -48.89 -6.14 -29.14
C LEU H 119 -49.21 -7.02 -30.30
N LEU H 120 -49.37 -6.37 -31.46
CA LEU H 120 -49.69 -6.98 -32.71
C LEU H 120 -48.69 -7.98 -33.16
N GLY H 121 -47.41 -7.78 -32.80
CA GLY H 121 -46.43 -8.75 -33.10
C GLY H 121 -46.03 -9.43 -31.85
N ALA H 122 -46.66 -9.14 -30.70
CA ALA H 122 -46.35 -9.78 -29.44
C ALA H 122 -46.59 -11.20 -29.63
N ALA H 123 -45.70 -12.04 -29.09
CA ALA H 123 -45.69 -13.44 -29.31
C ALA H 123 -46.27 -14.06 -28.14
N ASP H 124 -47.30 -14.85 -28.32
CA ASP H 124 -47.95 -15.57 -27.29
C ASP H 124 -48.57 -14.65 -26.29
N GLU H 125 -49.51 -15.23 -25.51
CA GLU H 125 -50.07 -14.58 -24.37
C GLU H 125 -49.00 -14.03 -23.54
N ALA H 126 -47.91 -14.72 -23.27
CA ALA H 126 -46.91 -14.06 -22.50
C ALA H 126 -46.42 -12.81 -23.12
N THR H 127 -46.01 -12.69 -24.38
CA THR H 127 -45.65 -11.37 -24.81
C THR H 127 -46.72 -10.42 -24.80
N ARG H 128 -47.84 -10.83 -25.29
CA ARG H 128 -49.01 -10.08 -25.40
C ARG H 128 -49.38 -9.56 -24.15
N ALA H 129 -49.37 -10.43 -23.17
CA ALA H 129 -49.56 -10.24 -21.79
C ALA H 129 -48.74 -9.16 -21.42
N GLU H 130 -47.45 -9.22 -21.76
CA GLU H 130 -46.44 -8.29 -21.41
C GLU H 130 -46.67 -7.00 -21.94
N ILE H 131 -47.20 -7.03 -23.13
CA ILE H 131 -47.40 -5.89 -23.88
C ILE H 131 -48.47 -5.26 -23.26
N GLN H 132 -49.46 -6.07 -23.08
CA GLN H 132 -50.65 -5.79 -22.50
C GLN H 132 -50.50 -5.32 -21.16
N ILE H 133 -49.70 -5.92 -20.33
CA ILE H 133 -49.33 -5.54 -19.01
C ILE H 133 -48.88 -4.18 -19.13
N ARG H 134 -48.00 -3.99 -20.08
CA ARG H 134 -47.57 -2.71 -20.37
C ARG H 134 -48.67 -1.84 -20.85
N ILE H 135 -49.53 -2.24 -21.78
CA ILE H 135 -50.60 -1.47 -22.27
C ILE H 135 -51.46 -1.08 -21.20
N GLU H 136 -51.96 -2.03 -20.45
CA GLU H 136 -52.79 -1.97 -19.33
C GLU H 136 -52.21 -1.07 -18.42
N ALA H 137 -50.91 -1.16 -18.23
CA ALA H 137 -50.13 -0.35 -17.38
C ALA H 137 -50.28 1.01 -17.87
N ASN H 138 -49.98 1.25 -19.15
CA ASN H 138 -49.94 2.53 -19.77
C ASN H 138 -51.22 3.18 -19.64
N GLU H 139 -52.27 2.40 -19.79
CA GLU H 139 -53.55 2.84 -19.47
C GLU H 139 -53.60 3.14 -18.07
N ALA H 140 -53.16 2.24 -17.23
CA ALA H 140 -53.26 2.34 -15.83
C ALA H 140 -52.55 3.46 -15.23
N LEU H 141 -51.53 4.03 -15.86
CA LEU H 141 -51.10 5.30 -15.46
C LEU H 141 -52.02 6.34 -15.94
N VAL H 142 -52.49 6.10 -17.15
CA VAL H 142 -53.20 6.97 -18.01
C VAL H 142 -54.48 7.25 -17.46
N LYS H 143 -55.13 6.35 -16.77
CA LYS H 143 -56.34 6.62 -16.07
C LYS H 143 -56.30 7.95 -15.39
N ALA H 144 -55.39 7.99 -14.40
CA ALA H 144 -55.14 9.16 -13.64
C ALA H 144 -54.51 10.13 -14.53
N LEU H 145 -53.47 9.69 -15.22
CA LEU H 145 -52.30 10.46 -15.41
C LEU H 145 -52.62 11.50 -16.47
N VAL I 1 -53.53 -12.24 -15.18
CA VAL I 1 -53.37 -13.47 -14.38
C VAL I 1 -54.01 -14.59 -15.17
N ALA I 2 -54.25 -14.32 -16.42
CA ALA I 2 -54.84 -15.15 -17.38
C ALA I 2 -54.35 -14.46 -18.58
N TYR I 3 -54.10 -13.14 -18.42
CA TYR I 3 -53.37 -12.36 -19.33
C TYR I 3 -52.00 -12.32 -18.73
N TRP I 4 -51.67 -13.28 -17.89
CA TRP I 4 -50.32 -13.47 -17.62
C TRP I 4 -50.25 -14.74 -16.99
N ARG I 5 -51.02 -15.02 -15.93
CA ARG I 5 -50.95 -16.32 -15.39
C ARG I 5 -51.26 -17.39 -16.35
N GLN I 6 -52.03 -17.08 -17.45
CA GLN I 6 -52.39 -17.95 -18.56
C GLN I 6 -51.92 -19.34 -18.35
N ALA I 7 -50.74 -19.61 -18.90
CA ALA I 7 -49.85 -20.62 -18.49
C ALA I 7 -48.73 -19.77 -18.06
N GLY I 8 -48.17 -20.12 -16.90
CA GLY I 8 -47.05 -19.44 -16.33
C GLY I 8 -47.20 -17.97 -16.16
N LEU I 9 -46.05 -17.31 -15.99
CA LEU I 9 -45.79 -15.93 -15.69
C LEU I 9 -46.04 -15.86 -14.25
N SER I 10 -44.95 -15.62 -13.50
CA SER I 10 -44.94 -15.53 -12.08
C SER I 10 -45.60 -14.29 -11.75
N TYR I 11 -45.93 -14.12 -10.46
CA TYR I 11 -46.39 -12.87 -10.05
C TYR I 11 -45.29 -11.95 -10.25
N ILE I 12 -44.06 -12.37 -9.97
CA ILE I 12 -42.89 -11.72 -10.45
C ILE I 12 -42.84 -11.47 -11.91
N ARG I 13 -43.11 -12.46 -12.75
CA ARG I 13 -42.97 -12.22 -14.14
C ARG I 13 -43.85 -11.20 -14.55
N TYR I 14 -45.07 -11.33 -14.12
CA TYR I 14 -45.99 -10.32 -14.30
C TYR I 14 -45.53 -9.04 -13.79
N SER I 15 -45.20 -9.02 -12.54
CA SER I 15 -44.96 -7.87 -11.78
C SER I 15 -43.91 -7.12 -12.30
N GLN I 16 -42.89 -7.84 -12.68
CA GLN I 16 -41.72 -7.31 -13.18
C GLN I 16 -42.00 -6.74 -14.45
N ILE I 17 -42.97 -7.23 -15.20
CA ILE I 17 -43.19 -6.61 -16.44
C ILE I 17 -43.93 -5.39 -16.16
N CYS I 18 -44.74 -5.39 -15.11
CA CYS I 18 -45.50 -4.26 -14.75
C CYS I 18 -44.63 -3.15 -14.41
N ALA I 19 -43.80 -3.51 -13.49
CA ALA I 19 -42.82 -2.73 -12.90
C ALA I 19 -41.92 -2.33 -13.91
N LYS I 20 -41.67 -3.23 -14.86
CA LYS I 20 -40.81 -2.99 -15.95
C LYS I 20 -41.42 -2.05 -16.75
N ALA I 21 -42.70 -2.14 -16.90
CA ALA I 21 -43.45 -1.23 -17.66
C ALA I 21 -43.41 0.06 -17.01
N VAL I 22 -43.25 0.13 -15.70
CA VAL I 22 -43.06 1.38 -15.05
C VAL I 22 -41.78 1.92 -15.42
N ARG I 23 -40.79 1.03 -15.46
CA ARG I 23 -39.46 1.39 -15.76
C ARG I 23 -39.47 1.89 -17.13
N ASP I 24 -40.26 1.28 -17.98
CA ASP I 24 -40.53 1.69 -19.31
C ASP I 24 -41.13 3.04 -19.34
N ALA I 25 -42.11 3.27 -18.46
CA ALA I 25 -42.74 4.56 -18.29
C ALA I 25 -41.84 5.46 -17.51
N LEU I 26 -42.44 6.42 -16.77
CA LEU I 26 -41.82 7.39 -15.92
C LEU I 26 -41.57 8.67 -16.65
N LYS I 27 -41.58 9.83 -15.93
CA LYS I 27 -41.04 11.04 -16.44
C LYS I 27 -39.64 10.98 -16.10
N THR I 28 -38.96 11.83 -16.84
CA THR I 28 -37.60 12.07 -17.14
C THR I 28 -36.52 12.30 -16.16
N GLU I 29 -36.64 13.36 -15.35
CA GLU I 29 -35.67 13.65 -14.35
C GLU I 29 -35.52 12.45 -13.52
N PHE I 30 -36.72 12.06 -13.18
CA PHE I 30 -37.19 10.94 -12.51
C PHE I 30 -36.74 9.69 -13.21
N LYS I 31 -36.70 9.72 -14.54
CA LYS I 31 -36.46 8.56 -15.36
C LYS I 31 -35.12 7.93 -15.23
N ALA I 32 -34.09 8.67 -14.80
CA ALA I 32 -32.80 8.07 -14.62
C ALA I 32 -32.83 6.92 -13.69
N ASN I 33 -33.31 7.25 -12.54
CA ASN I 33 -33.39 6.50 -11.35
C ASN I 33 -33.91 5.10 -11.34
N ALA I 34 -34.70 4.73 -12.35
CA ALA I 34 -35.35 3.44 -12.42
C ALA I 34 -34.56 2.19 -12.23
N MET I 35 -33.58 2.03 -13.12
CA MET I 35 -32.76 0.87 -13.31
C MET I 35 -31.93 0.59 -12.14
N LYS I 36 -31.74 1.63 -11.34
CA LYS I 36 -31.04 1.54 -10.12
C LYS I 36 -31.55 0.41 -9.28
N THR I 37 -32.88 0.21 -9.14
CA THR I 37 -33.26 -0.85 -8.24
C THR I 37 -33.41 -2.12 -9.01
N SER I 38 -33.31 -2.10 -10.34
CA SER I 38 -33.50 -3.27 -11.15
C SER I 38 -32.49 -4.35 -10.94
N GLY I 39 -32.71 -5.55 -11.58
CA GLY I 39 -31.76 -6.60 -11.90
C GLY I 39 -30.68 -5.87 -12.58
N SER I 40 -29.52 -5.67 -11.94
CA SER I 40 -28.46 -4.96 -12.62
C SER I 40 -27.16 -5.61 -12.33
N THR I 41 -26.73 -5.72 -11.03
CA THR I 41 -25.52 -6.49 -10.71
C THR I 41 -25.93 -7.92 -10.56
N ILE I 42 -27.10 -8.19 -11.20
CA ILE I 42 -27.71 -9.39 -11.60
C ILE I 42 -26.71 -10.05 -12.47
N LYS I 43 -26.27 -11.19 -11.95
CA LYS I 43 -25.28 -11.91 -12.61
C LYS I 43 -25.44 -13.11 -11.85
N ILE I 44 -26.18 -14.02 -12.48
CA ILE I 44 -26.69 -15.12 -11.79
C ILE I 44 -25.88 -16.22 -12.26
N VAL I 45 -25.53 -16.99 -11.28
CA VAL I 45 -24.71 -18.11 -11.39
C VAL I 45 -25.49 -19.03 -10.55
N LYS I 46 -24.87 -20.13 -10.24
CA LYS I 46 -25.32 -21.17 -9.38
C LYS I 46 -24.06 -21.65 -8.80
N VAL I 47 -23.07 -20.73 -8.89
CA VAL I 47 -21.69 -20.84 -8.63
C VAL I 47 -21.27 -19.57 -7.91
N ILE J 1 -122.41 -21.21 -6.41
CA ILE J 1 -121.88 -19.90 -5.94
C ILE J 1 -121.14 -20.03 -4.61
N ASP J 2 -121.84 -20.50 -3.58
CA ASP J 2 -121.25 -20.70 -2.25
C ASP J 2 -120.42 -21.98 -2.17
N THR J 3 -120.87 -23.02 -2.88
CA THR J 3 -120.13 -24.28 -3.00
C THR J 3 -119.24 -24.28 -4.25
N ALA J 4 -119.17 -23.13 -4.90
CA ALA J 4 -118.36 -22.94 -6.11
C ALA J 4 -117.12 -22.09 -5.84
N ALA J 5 -117.32 -20.89 -5.28
CA ALA J 5 -116.23 -19.93 -5.03
C ALA J 5 -115.20 -20.39 -3.98
N LYS J 6 -115.52 -21.48 -3.27
CA LYS J 6 -114.60 -22.08 -2.31
C LYS J 6 -113.49 -22.87 -3.02
N PHE J 7 -113.76 -23.28 -4.26
CA PHE J 7 -112.78 -23.98 -5.09
C PHE J 7 -111.96 -23.03 -5.97
N ILE J 8 -112.51 -21.85 -6.24
CA ILE J 8 -111.81 -20.80 -6.98
C ILE J 8 -111.20 -19.75 -6.03
N GLY J 9 -110.98 -20.16 -4.78
CA GLY J 9 -110.36 -19.33 -3.76
C GLY J 9 -109.29 -20.09 -3.00
N ALA J 10 -109.53 -21.39 -2.79
CA ALA J 10 -108.55 -22.29 -2.15
C ALA J 10 -107.37 -22.59 -3.07
N GLY J 11 -107.57 -22.40 -4.38
CA GLY J 11 -106.53 -22.58 -5.37
C GLY J 11 -105.62 -21.36 -5.52
N ALA J 12 -106.21 -20.18 -5.37
CA ALA J 12 -105.46 -18.92 -5.44
C ALA J 12 -104.53 -18.71 -4.25
N ALA J 13 -104.83 -19.39 -3.14
CA ALA J 13 -104.01 -19.34 -1.93
C ALA J 13 -102.77 -20.24 -2.03
N THR J 14 -102.82 -21.21 -2.93
CA THR J 14 -101.67 -22.09 -3.21
C THR J 14 -100.59 -21.35 -4.03
N VAL J 15 -100.97 -20.19 -4.58
CA VAL J 15 -100.03 -19.30 -5.26
C VAL J 15 -99.23 -18.46 -4.25
N GLY J 16 -99.54 -18.63 -2.97
CA GLY J 16 -98.78 -18.02 -1.87
C GLY J 16 -97.59 -18.87 -1.47
N VAL J 17 -97.55 -20.11 -1.98
CA VAL J 17 -96.43 -21.03 -1.76
C VAL J 17 -95.31 -20.80 -2.77
N ALA J 18 -95.42 -19.73 -3.57
CA ALA J 18 -94.39 -19.34 -4.52
C ALA J 18 -93.22 -18.63 -3.83
N GLY J 19 -93.51 -18.01 -2.68
CA GLY J 19 -92.49 -17.37 -1.85
C GLY J 19 -91.79 -18.33 -0.92
N SER J 20 -92.52 -19.37 -0.49
CA SER J 20 -91.97 -20.43 0.34
C SER J 20 -91.04 -21.35 -0.46
N GLY J 21 -91.33 -21.51 -1.75
CA GLY J 21 -90.53 -22.33 -2.65
C GLY J 21 -89.27 -21.64 -3.16
N ALA J 22 -89.39 -20.36 -3.48
CA ALA J 22 -88.26 -19.55 -3.96
C ALA J 22 -87.46 -18.93 -2.80
N GLY J 23 -88.03 -19.02 -1.59
CA GLY J 23 -87.33 -18.59 -0.37
C GLY J 23 -86.45 -19.69 0.18
N ILE J 24 -86.84 -20.94 -0.06
CA ILE J 24 -86.06 -22.11 0.34
C ILE J 24 -84.81 -22.28 -0.52
N GLY J 25 -84.90 -21.89 -1.79
CA GLY J 25 -83.77 -21.94 -2.72
C GLY J 25 -82.76 -20.85 -2.48
N THR J 26 -83.24 -19.65 -2.15
CA THR J 26 -82.38 -18.50 -1.89
C THR J 26 -81.65 -18.58 -0.54
N VAL J 27 -82.34 -19.10 0.47
CA VAL J 27 -81.74 -19.28 1.80
C VAL J 27 -80.72 -20.42 1.84
N PHE J 28 -80.92 -21.41 0.96
CA PHE J 28 -80.01 -22.55 0.84
C PHE J 28 -78.89 -22.27 -0.17
N GLY J 29 -79.19 -21.49 -1.20
CA GLY J 29 -78.20 -21.10 -2.21
C GLY J 29 -77.08 -20.25 -1.63
N SER J 30 -77.45 -19.29 -0.81
CA SER J 30 -76.48 -18.43 -0.12
C SER J 30 -75.81 -19.16 1.06
N LEU J 31 -76.39 -20.29 1.46
CA LEU J 31 -75.76 -21.20 2.41
C LEU J 31 -74.75 -22.09 1.69
N ILE J 32 -75.01 -22.35 0.41
CA ILE J 32 -74.09 -23.09 -0.45
C ILE J 32 -72.95 -22.21 -0.95
N ILE J 33 -73.17 -20.89 -0.91
CA ILE J 33 -72.15 -19.90 -1.23
C ILE J 33 -71.37 -19.50 0.03
N GLY J 34 -72.03 -19.61 1.18
CA GLY J 34 -71.41 -19.30 2.48
C GLY J 34 -70.52 -20.42 3.00
N TYR J 35 -70.86 -21.66 2.65
CA TYR J 35 -70.04 -22.82 2.99
C TYR J 35 -68.98 -23.09 1.91
N ALA J 36 -69.09 -22.38 0.79
CA ALA J 36 -68.04 -22.37 -0.25
C ALA J 36 -66.93 -21.38 0.12
N ARG J 37 -67.26 -20.46 1.01
CA ARG J 37 -66.30 -19.52 1.56
C ARG J 37 -65.58 -20.12 2.77
N ASN J 38 -66.13 -21.22 3.28
CA ASN J 38 -65.54 -22.00 4.40
C ASN J 38 -65.56 -21.29 5.76
N PRO J 39 -65.40 -22.06 6.86
CA PRO J 39 -65.19 -23.49 7.07
C PRO J 39 -66.18 -24.09 8.07
N SER J 40 -66.93 -23.23 8.76
CA SER J 40 -67.89 -23.66 9.79
C SER J 40 -69.16 -24.26 9.18
N LEU J 41 -69.00 -25.40 8.51
CA LEU J 41 -70.14 -26.15 7.95
C LEU J 41 -70.94 -26.82 9.05
N LYS J 42 -70.25 -27.54 9.93
CA LYS J 42 -70.86 -28.18 11.10
C LYS J 42 -71.18 -27.13 12.17
N GLN J 43 -72.42 -26.65 12.17
CA GLN J 43 -72.92 -25.59 13.05
C GLN J 43 -72.37 -24.19 12.70
N GLN J 44 -73.11 -23.17 13.14
CA GLN J 44 -72.77 -21.74 12.94
C GLN J 44 -73.38 -21.13 11.68
N LEU J 45 -73.16 -21.77 10.53
CA LEU J 45 -73.62 -21.25 9.23
C LEU J 45 -74.71 -22.13 8.58
N PHE J 46 -74.50 -23.44 8.59
CA PHE J 46 -75.51 -24.40 8.11
C PHE J 46 -76.53 -24.72 9.21
N SER J 47 -76.17 -24.40 10.45
CA SER J 47 -77.09 -24.43 11.58
C SER J 47 -78.10 -23.29 11.48
N TYR J 48 -77.59 -22.14 11.02
CA TYR J 48 -78.44 -20.96 10.76
C TYR J 48 -79.29 -21.14 9.49
N ALA J 49 -78.88 -22.07 8.63
CA ALA J 49 -79.65 -22.42 7.43
C ALA J 49 -80.94 -23.17 7.77
N ILE J 50 -80.96 -23.81 8.93
CA ILE J 50 -82.16 -24.41 9.48
C ILE J 50 -83.06 -23.33 10.09
N LEU J 51 -82.44 -22.29 10.64
CA LEU J 51 -83.16 -21.12 11.18
C LEU J 51 -83.58 -20.15 10.09
N GLY J 52 -83.26 -20.51 8.84
CA GLY J 52 -83.67 -19.74 7.65
C GLY J 52 -84.68 -20.48 6.79
N PHE J 53 -84.71 -21.81 6.93
CA PHE J 53 -85.72 -22.64 6.25
C PHE J 53 -87.02 -22.67 7.05
N ALA J 54 -86.93 -22.39 8.35
CA ALA J 54 -88.08 -22.35 9.25
C ALA J 54 -88.83 -21.03 9.16
N LEU J 55 -88.09 -19.92 9.14
CA LEU J 55 -88.68 -18.58 8.99
C LEU J 55 -89.05 -18.28 7.52
N SER J 56 -88.99 -19.30 6.67
CA SER J 56 -89.37 -19.18 5.26
C SER J 56 -90.47 -20.18 4.88
N GLU J 57 -90.58 -21.26 5.65
CA GLU J 57 -91.67 -22.22 5.50
C GLU J 57 -92.86 -21.85 6.38
N ALA J 58 -92.66 -20.88 7.26
CA ALA J 58 -93.72 -20.35 8.13
C ALA J 58 -94.70 -19.47 7.34
N MET J 59 -94.17 -18.79 6.32
CA MET J 59 -94.99 -18.04 5.38
C MET J 59 -95.51 -18.95 4.26
N GLY J 60 -95.29 -20.25 4.41
CA GLY J 60 -95.80 -21.27 3.49
C GLY J 60 -96.75 -22.25 4.15
N LEU J 61 -96.71 -22.31 5.48
CA LEU J 61 -97.63 -23.12 6.26
C LEU J 61 -98.88 -22.29 6.64
N PHE J 62 -98.68 -20.99 6.81
CA PHE J 62 -99.79 -20.06 7.08
C PHE J 62 -100.61 -19.79 5.81
N CYS J 63 -99.98 -19.97 4.65
CA CYS J 63 -100.65 -19.84 3.36
C CYS J 63 -101.34 -21.14 2.94
N LEU J 64 -100.81 -22.27 3.38
CA LEU J 64 -101.40 -23.59 3.13
C LEU J 64 -102.54 -23.88 4.12
N MET J 65 -102.56 -23.13 5.22
CA MET J 65 -103.64 -23.22 6.22
C MET J 65 -104.92 -22.56 5.71
N VAL J 66 -104.76 -21.44 5.01
CA VAL J 66 -105.89 -20.69 4.43
C VAL J 66 -106.49 -21.40 3.21
N ALA J 67 -105.66 -22.17 2.51
CA ALA J 67 -106.10 -22.98 1.38
C ALA J 67 -106.85 -24.23 1.83
N PHE J 68 -106.41 -24.79 2.96
CA PHE J 68 -107.06 -25.96 3.55
C PHE J 68 -108.38 -25.61 4.26
N LEU J 69 -108.49 -24.36 4.71
CA LEU J 69 -109.70 -23.86 5.38
C LEU J 69 -110.83 -23.56 4.39
N ILE J 70 -110.47 -23.29 3.13
CA ILE J 70 -111.46 -23.02 2.08
C ILE J 70 -111.77 -24.27 1.25
N LEU J 71 -111.21 -25.40 1.66
CA LEU J 71 -111.47 -26.69 1.02
C LEU J 71 -112.10 -27.69 1.99
N PHE J 72 -111.82 -27.52 3.28
CA PHE J 72 -112.37 -28.37 4.34
C PHE J 72 -112.51 -27.61 5.65
N ILE K 1 -120.77 -24.26 -12.19
CA ILE K 1 -120.38 -23.74 -10.84
C ILE K 1 -119.74 -24.83 -9.97
N ASP K 2 -120.49 -25.92 -9.74
CA ASP K 2 -120.00 -27.06 -8.96
C ASP K 2 -118.98 -27.88 -9.76
N THR K 3 -119.18 -27.92 -11.08
CA THR K 3 -118.26 -28.60 -12.00
C THR K 3 -117.27 -27.62 -12.64
N ALA K 4 -117.63 -26.34 -12.66
CA ALA K 4 -116.81 -25.30 -13.27
C ALA K 4 -115.58 -24.90 -12.44
N ALA K 5 -115.79 -24.75 -11.14
CA ALA K 5 -114.79 -24.20 -10.22
C ALA K 5 -113.59 -25.13 -9.94
N LYS K 6 -113.78 -26.42 -10.12
CA LYS K 6 -112.71 -27.41 -9.94
C LYS K 6 -111.64 -27.25 -11.03
N PHE K 7 -112.07 -26.93 -12.25
CA PHE K 7 -111.17 -26.70 -13.39
C PHE K 7 -110.41 -25.39 -13.24
N ILE K 8 -111.09 -24.35 -12.76
CA ILE K 8 -110.48 -23.05 -12.51
C ILE K 8 -109.59 -23.06 -11.26
N GLY K 9 -109.82 -24.04 -10.38
CA GLY K 9 -109.07 -24.19 -9.14
C GLY K 9 -107.82 -25.04 -9.24
N ALA K 10 -107.79 -25.90 -10.27
CA ALA K 10 -106.62 -26.75 -10.53
C ALA K 10 -105.50 -25.97 -11.20
N GLY K 11 -105.86 -25.01 -12.05
CA GLY K 11 -104.89 -24.14 -12.71
C GLY K 11 -104.27 -23.13 -11.76
N ALA K 12 -105.05 -22.70 -10.77
CA ALA K 12 -104.62 -21.68 -9.80
C ALA K 12 -103.55 -22.19 -8.82
N ALA K 13 -103.56 -23.50 -8.57
CA ALA K 13 -102.54 -24.15 -7.75
C ALA K 13 -101.32 -24.57 -8.60
N THR K 14 -101.49 -24.56 -9.91
CA THR K 14 -100.41 -24.83 -10.86
C THR K 14 -99.53 -23.60 -11.09
N VAL K 15 -99.98 -22.44 -10.59
CA VAL K 15 -99.20 -21.21 -10.60
C VAL K 15 -98.23 -21.17 -9.41
N GLY K 16 -98.40 -22.11 -8.48
CA GLY K 16 -97.50 -22.28 -7.34
C GLY K 16 -96.28 -23.14 -7.66
N VAL K 17 -96.13 -23.49 -8.93
CA VAL K 17 -94.95 -24.20 -9.44
C VAL K 17 -93.95 -23.22 -10.08
N ALA K 18 -94.23 -21.93 -9.94
CA ALA K 18 -93.34 -20.88 -10.39
C ALA K 18 -92.30 -20.52 -9.33
N GLY K 19 -92.59 -20.90 -8.09
CA GLY K 19 -91.68 -20.67 -6.97
C GLY K 19 -90.66 -21.78 -6.78
N SER K 20 -91.06 -23.00 -7.12
CA SER K 20 -90.20 -24.18 -7.03
C SER K 20 -89.21 -24.26 -8.21
N GLY K 21 -89.63 -23.75 -9.36
CA GLY K 21 -88.81 -23.78 -10.58
C GLY K 21 -87.75 -22.70 -10.66
N ALA K 22 -87.90 -21.65 -9.85
CA ALA K 22 -86.93 -20.58 -9.73
C ALA K 22 -86.04 -20.78 -8.51
N GLY K 23 -86.58 -21.47 -7.51
CA GLY K 23 -85.83 -21.87 -6.32
C GLY K 23 -84.83 -22.98 -6.62
N ILE K 24 -85.07 -23.70 -7.72
CA ILE K 24 -84.11 -24.68 -8.25
C ILE K 24 -83.08 -23.97 -9.13
N GLY K 25 -83.45 -22.80 -9.65
CA GLY K 25 -82.55 -21.97 -10.46
C GLY K 25 -81.59 -21.15 -9.62
N THR K 26 -81.96 -20.93 -8.35
CA THR K 26 -81.11 -20.20 -7.40
C THR K 26 -80.15 -21.15 -6.67
N VAL K 27 -80.62 -22.35 -6.35
CA VAL K 27 -79.82 -23.35 -5.63
C VAL K 27 -78.74 -23.98 -6.53
N PHE K 28 -79.09 -24.20 -7.80
CA PHE K 28 -78.15 -24.75 -8.79
C PHE K 28 -77.27 -23.65 -9.40
N GLY K 29 -77.73 -22.41 -9.28
CA GLY K 29 -76.95 -21.25 -9.71
C GLY K 29 -75.84 -20.95 -8.72
N SER K 30 -76.19 -20.90 -7.44
CA SER K 30 -75.24 -20.65 -6.36
C SER K 30 -74.35 -21.86 -6.05
N LEU K 31 -74.58 -22.96 -6.76
CA LEU K 31 -73.69 -24.13 -6.75
C LEU K 31 -72.76 -24.07 -7.98
N ILE K 32 -73.24 -23.44 -9.05
CA ILE K 32 -72.43 -23.19 -10.25
C ILE K 32 -71.46 -22.03 -10.00
N ILE K 33 -71.86 -21.10 -9.14
CA ILE K 33 -70.99 -20.02 -8.67
C ILE K 33 -70.39 -20.38 -7.30
N GLY K 34 -70.63 -21.62 -6.87
CA GLY K 34 -70.06 -22.16 -5.63
C GLY K 34 -69.04 -23.25 -5.90
N TYR K 35 -68.92 -23.64 -7.17
CA TYR K 35 -67.90 -24.60 -7.63
C TYR K 35 -66.74 -23.88 -8.30
N ALA K 36 -66.99 -22.66 -8.76
CA ALA K 36 -65.95 -21.81 -9.36
C ALA K 36 -64.95 -21.32 -8.30
N ARG K 37 -65.41 -21.25 -7.06
CA ARG K 37 -64.56 -20.92 -5.91
C ARG K 37 -63.62 -22.08 -5.57
N ASN K 38 -64.01 -23.29 -5.98
CA ASN K 38 -63.20 -24.52 -5.83
C ASN K 38 -62.97 -24.98 -4.39
N PRO K 39 -62.51 -26.22 -4.19
CA PRO K 39 -62.18 -27.32 -5.12
C PRO K 39 -63.01 -28.57 -4.83
N SER K 40 -63.68 -28.59 -3.68
CA SER K 40 -64.53 -29.72 -3.29
C SER K 40 -65.82 -29.78 -4.12
N LEU K 41 -65.67 -30.07 -5.41
CA LEU K 41 -66.80 -30.20 -6.34
C LEU K 41 -67.68 -31.40 -5.98
N LYS K 42 -67.07 -32.59 -5.93
CA LYS K 42 -67.73 -33.78 -5.38
C LYS K 42 -67.78 -33.65 -3.86
N GLN K 43 -68.93 -34.00 -3.27
CA GLN K 43 -69.21 -33.82 -1.84
C GLN K 43 -69.29 -32.34 -1.44
N GLN K 44 -69.76 -32.10 -0.21
CA GLN K 44 -69.89 -30.75 0.38
C GLN K 44 -70.91 -29.85 -0.33
N LEU K 45 -70.56 -29.36 -1.52
CA LEU K 45 -71.37 -28.38 -2.26
C LEU K 45 -72.42 -29.02 -3.18
N PHE K 46 -71.96 -29.81 -4.15
CA PHE K 46 -72.86 -30.47 -5.11
C PHE K 46 -73.58 -31.68 -4.52
N SER K 47 -73.14 -32.11 -3.34
CA SER K 47 -73.84 -33.13 -2.55
C SER K 47 -74.99 -32.48 -1.77
N TYR K 48 -74.83 -31.20 -1.45
CA TYR K 48 -75.89 -30.41 -0.81
C TYR K 48 -76.72 -29.67 -1.85
N ALA K 49 -76.42 -29.89 -3.13
CA ALA K 49 -77.19 -29.33 -4.25
C ALA K 49 -78.52 -30.07 -4.41
N ILE K 50 -78.50 -31.38 -4.19
CA ILE K 50 -79.71 -32.20 -4.18
C ILE K 50 -80.45 -32.07 -2.84
N LEU K 51 -79.71 -31.68 -1.80
CA LEU K 51 -80.28 -31.44 -0.47
C LEU K 51 -80.91 -30.04 -0.35
N GLY K 52 -80.57 -29.17 -1.30
CA GLY K 52 -81.19 -27.84 -1.40
C GLY K 52 -82.28 -27.80 -2.45
N PHE K 53 -82.23 -28.77 -3.38
CA PHE K 53 -83.25 -28.92 -4.42
C PHE K 53 -84.34 -29.91 -4.01
N ALA K 54 -84.25 -30.40 -2.77
CA ALA K 54 -85.26 -31.31 -2.21
C ALA K 54 -86.29 -30.54 -1.38
N LEU K 55 -85.82 -29.55 -0.64
CA LEU K 55 -86.70 -28.70 0.17
C LEU K 55 -87.37 -27.60 -0.67
N SER K 56 -86.84 -27.37 -1.87
CA SER K 56 -87.37 -26.36 -2.80
C SER K 56 -88.34 -26.95 -3.83
N GLU K 57 -88.22 -28.25 -4.08
CA GLU K 57 -89.18 -28.99 -4.90
C GLU K 57 -90.26 -29.62 -4.02
N ALA K 58 -90.09 -29.49 -2.71
CA ALA K 58 -91.07 -29.95 -1.71
C ALA K 58 -92.29 -29.02 -1.67
N MET K 59 -92.09 -27.77 -2.07
CA MET K 59 -93.18 -26.81 -2.19
C MET K 59 -93.94 -26.97 -3.50
N GLY K 60 -93.30 -27.60 -4.49
CA GLY K 60 -93.93 -27.88 -5.78
C GLY K 60 -94.76 -29.15 -5.80
N LEU K 61 -94.24 -30.19 -5.15
CA LEU K 61 -94.92 -31.49 -5.05
C LEU K 61 -96.10 -31.47 -4.08
N PHE K 62 -96.12 -30.48 -3.19
CA PHE K 62 -97.26 -30.25 -2.30
C PHE K 62 -98.31 -29.37 -3.00
N CYS K 63 -97.83 -28.46 -3.85
CA CYS K 63 -98.71 -27.57 -4.62
C CYS K 63 -99.38 -28.31 -5.79
N LEU K 64 -98.63 -29.20 -6.44
CA LEU K 64 -99.17 -30.04 -7.52
C LEU K 64 -99.99 -31.20 -6.96
N MET K 65 -100.01 -31.32 -5.63
CA MET K 65 -100.88 -32.27 -4.93
C MET K 65 -102.25 -31.64 -4.64
N VAL K 66 -102.26 -30.31 -4.45
CA VAL K 66 -103.48 -29.54 -4.26
C VAL K 66 -104.15 -29.20 -5.60
N ALA K 67 -103.38 -29.29 -6.68
CA ALA K 67 -103.87 -29.07 -8.03
C ALA K 67 -104.48 -30.36 -8.61
N PHE K 68 -103.95 -31.50 -8.19
CA PHE K 68 -104.45 -32.81 -8.63
C PHE K 68 -105.68 -33.26 -7.83
N LEU K 69 -105.78 -32.78 -6.58
CA LEU K 69 -106.91 -33.09 -5.70
C LEU K 69 -108.21 -32.42 -6.14
N ILE K 70 -108.09 -31.28 -6.81
CA ILE K 70 -109.24 -30.59 -7.40
C ILE K 70 -109.56 -31.11 -8.81
N LEU K 71 -108.79 -32.09 -9.26
CA LEU K 71 -108.99 -32.73 -10.56
C LEU K 71 -109.46 -34.18 -10.44
N PHE K 72 -109.17 -34.80 -9.30
CA PHE K 72 -109.57 -36.18 -9.02
C PHE K 72 -110.11 -36.34 -7.62
N ILE L 1 -119.80 -22.95 -18.23
CA ILE L 1 -119.23 -23.42 -16.94
C ILE L 1 -118.29 -24.61 -17.12
N ASP L 2 -118.82 -25.68 -17.72
CA ASP L 2 -118.01 -26.86 -18.05
C ASP L 2 -117.13 -26.59 -19.27
N THR L 3 -117.74 -26.11 -20.35
CA THR L 3 -117.01 -25.77 -21.58
C THR L 3 -116.56 -24.29 -21.58
N ALA L 4 -116.22 -23.77 -20.40
CA ALA L 4 -115.81 -22.38 -20.22
C ALA L 4 -114.62 -22.22 -19.26
N ALA L 5 -114.78 -22.68 -18.03
CA ALA L 5 -113.78 -22.50 -16.97
C ALA L 5 -112.50 -23.35 -17.15
N LYS L 6 -112.55 -24.32 -18.05
CA LYS L 6 -111.37 -25.09 -18.44
C LYS L 6 -110.50 -24.31 -19.42
N PHE L 7 -111.09 -23.34 -20.11
CA PHE L 7 -110.37 -22.43 -21.01
C PHE L 7 -109.71 -21.29 -20.22
N ILE L 8 -110.26 -20.97 -19.06
CA ILE L 8 -109.67 -20.02 -18.12
C ILE L 8 -108.90 -20.73 -17.01
N GLY L 9 -108.85 -22.06 -17.08
CA GLY L 9 -108.07 -22.89 -16.15
C GLY L 9 -106.73 -23.30 -16.75
N ALA L 10 -106.65 -23.24 -18.08
CA ALA L 10 -105.41 -23.49 -18.81
C ALA L 10 -104.58 -22.21 -18.91
N GLY L 11 -105.22 -21.07 -18.66
CA GLY L 11 -104.55 -19.79 -18.58
C GLY L 11 -103.81 -19.62 -17.27
N ALA L 12 -104.41 -20.13 -16.19
CA ALA L 12 -103.82 -20.07 -14.85
C ALA L 12 -102.73 -21.13 -14.65
N ALA L 13 -102.82 -22.21 -15.43
CA ALA L 13 -101.79 -23.27 -15.41
C ALA L 13 -100.54 -22.88 -16.21
N THR L 14 -100.69 -21.89 -17.10
CA THR L 14 -99.59 -21.35 -17.90
C THR L 14 -98.83 -20.22 -17.17
N VAL L 15 -99.27 -19.90 -15.95
CA VAL L 15 -98.58 -18.96 -15.08
C VAL L 15 -97.45 -19.66 -14.32
N GLY L 16 -97.46 -21.00 -14.35
CA GLY L 16 -96.40 -21.81 -13.77
C GLY L 16 -95.12 -21.83 -14.59
N VAL L 17 -95.21 -21.25 -15.80
CA VAL L 17 -94.06 -21.08 -16.68
C VAL L 17 -93.35 -19.73 -16.46
N ALA L 18 -93.59 -19.15 -15.28
CA ALA L 18 -92.88 -17.96 -14.84
C ALA L 18 -91.73 -18.35 -13.90
N GLY L 19 -91.68 -19.63 -13.56
CA GLY L 19 -90.60 -20.19 -12.73
C GLY L 19 -89.57 -20.96 -13.54
N SER L 20 -90.03 -21.54 -14.66
CA SER L 20 -89.13 -22.22 -15.59
C SER L 20 -88.43 -21.22 -16.52
N GLY L 21 -88.97 -20.01 -16.60
CA GLY L 21 -88.39 -18.93 -17.40
C GLY L 21 -87.47 -18.02 -16.61
N ALA L 22 -87.79 -17.82 -15.33
CA ALA L 22 -86.96 -17.00 -14.42
C ALA L 22 -85.97 -17.85 -13.63
N GLY L 23 -86.10 -19.18 -13.76
CA GLY L 23 -85.14 -20.12 -13.17
C GLY L 23 -83.97 -20.38 -14.11
N ILE L 24 -84.23 -20.25 -15.42
CA ILE L 24 -83.20 -20.37 -16.44
C ILE L 24 -82.29 -19.14 -16.46
N GLY L 25 -82.86 -17.97 -16.12
CA GLY L 25 -82.11 -16.72 -16.03
C GLY L 25 -81.19 -16.68 -14.83
N THR L 26 -81.61 -17.33 -13.75
CA THR L 26 -80.81 -17.45 -12.54
C THR L 26 -79.72 -18.51 -12.71
N VAL L 27 -80.02 -19.57 -13.45
CA VAL L 27 -79.07 -20.64 -13.72
C VAL L 27 -78.02 -20.25 -14.76
N PHE L 28 -78.48 -19.86 -15.95
CA PHE L 28 -77.60 -19.41 -17.03
C PHE L 28 -77.16 -17.96 -16.83
N GLY L 29 -76.92 -17.59 -15.58
CA GLY L 29 -76.37 -16.29 -15.22
C GLY L 29 -75.21 -16.49 -14.25
N SER L 30 -75.39 -17.42 -13.32
CA SER L 30 -74.35 -17.79 -12.37
C SER L 30 -73.28 -18.69 -13.01
N LEU L 31 -73.62 -19.27 -14.15
CA LEU L 31 -72.67 -20.01 -14.97
C LEU L 31 -72.02 -19.09 -16.03
N ILE L 32 -72.32 -17.79 -15.92
CA ILE L 32 -71.69 -16.75 -16.72
C ILE L 32 -70.85 -15.83 -15.84
N ILE L 33 -71.28 -15.71 -14.57
CA ILE L 33 -70.52 -14.98 -13.56
C ILE L 33 -69.52 -15.88 -12.86
N GLY L 34 -69.69 -17.20 -13.01
CA GLY L 34 -68.77 -18.20 -12.47
C GLY L 34 -67.65 -18.58 -13.41
N TYR L 35 -67.93 -18.54 -14.72
CA TYR L 35 -66.92 -18.76 -15.77
C TYR L 35 -66.03 -17.53 -15.94
N ALA L 36 -66.48 -16.40 -15.39
CA ALA L 36 -65.69 -15.17 -15.33
C ALA L 36 -64.52 -15.31 -14.35
N ARG L 37 -64.68 -16.19 -13.36
CA ARG L 37 -63.60 -16.58 -12.47
C ARG L 37 -62.62 -17.51 -13.19
N ASN L 38 -63.15 -18.33 -14.11
CA ASN L 38 -62.36 -19.21 -14.99
C ASN L 38 -61.58 -20.32 -14.28
N PRO L 39 -61.07 -21.31 -15.03
CA PRO L 39 -61.12 -21.64 -16.46
C PRO L 39 -61.75 -23.01 -16.67
N SER L 40 -62.87 -23.25 -16.00
CA SER L 40 -63.60 -24.51 -16.12
C SER L 40 -64.84 -24.33 -17.01
N LEU L 41 -64.59 -23.94 -18.26
CA LEU L 41 -65.66 -23.76 -19.25
C LEU L 41 -66.31 -25.10 -19.61
N LYS L 42 -65.54 -25.98 -20.25
CA LYS L 42 -66.04 -27.30 -20.62
C LYS L 42 -65.89 -28.32 -19.47
N GLN L 43 -66.66 -29.41 -19.57
CA GLN L 43 -66.55 -30.59 -18.68
C GLN L 43 -67.02 -30.41 -17.23
N GLN L 44 -66.93 -29.19 -16.69
CA GLN L 44 -67.26 -28.94 -15.28
C GLN L 44 -68.47 -28.01 -15.07
N LEU L 45 -68.27 -26.72 -15.29
CA LEU L 45 -69.28 -25.70 -14.96
C LEU L 45 -70.45 -25.62 -15.94
N PHE L 46 -70.16 -25.70 -17.24
CA PHE L 46 -71.20 -25.69 -18.28
C PHE L 46 -71.85 -27.07 -18.41
N SER L 47 -71.14 -28.10 -17.97
CA SER L 47 -71.68 -29.46 -17.91
C SER L 47 -72.71 -29.57 -16.80
N TYR L 48 -72.44 -28.88 -15.68
CA TYR L 48 -73.39 -28.79 -14.58
C TYR L 48 -74.54 -27.81 -14.91
N ALA L 49 -74.33 -26.99 -15.93
CA ALA L 49 -75.37 -26.07 -16.42
C ALA L 49 -76.42 -26.80 -17.28
N ILE L 50 -76.02 -27.94 -17.85
CA ILE L 50 -76.94 -28.83 -18.54
C ILE L 50 -77.83 -29.57 -17.52
N LEU L 51 -77.27 -29.83 -16.34
CA LEU L 51 -77.99 -30.44 -15.23
C LEU L 51 -78.62 -29.39 -14.31
N GLY L 52 -78.42 -28.11 -14.67
CA GLY L 52 -79.05 -26.99 -13.99
C GLY L 52 -80.29 -26.53 -14.75
N PHE L 53 -80.22 -26.60 -16.07
CA PHE L 53 -81.37 -26.29 -16.94
C PHE L 53 -82.21 -27.53 -17.24
N ALA L 54 -81.92 -28.61 -16.51
CA ALA L 54 -82.68 -29.86 -16.59
C ALA L 54 -83.69 -29.95 -15.44
N LEU L 55 -83.34 -29.37 -14.30
CA LEU L 55 -84.24 -29.28 -13.15
C LEU L 55 -84.85 -27.88 -13.02
N SER L 56 -84.78 -27.10 -14.10
CA SER L 56 -85.36 -25.76 -14.15
C SER L 56 -86.62 -25.76 -15.03
N GLU L 57 -86.51 -26.35 -16.22
CA GLU L 57 -87.65 -26.49 -17.14
C GLU L 57 -88.39 -27.81 -16.91
N ALA L 58 -88.03 -28.51 -15.85
CA ALA L 58 -88.73 -29.72 -15.41
C ALA L 58 -90.00 -29.35 -14.65
N MET L 59 -89.98 -28.18 -14.02
CA MET L 59 -91.16 -27.59 -13.40
C MET L 59 -92.03 -26.88 -14.44
N GLY L 60 -91.47 -26.69 -15.64
CA GLY L 60 -92.15 -26.04 -16.76
C GLY L 60 -92.82 -26.99 -17.73
N LEU L 61 -92.21 -28.16 -17.91
CA LEU L 61 -92.83 -29.25 -18.66
C LEU L 61 -93.96 -29.88 -17.85
N PHE L 62 -93.83 -29.84 -16.53
CA PHE L 62 -94.89 -30.25 -15.61
C PHE L 62 -95.99 -29.19 -15.51
N CYS L 63 -95.68 -27.98 -15.96
CA CYS L 63 -96.65 -26.87 -16.02
C CYS L 63 -97.21 -26.68 -17.44
N LEU L 64 -96.53 -27.25 -18.42
CA LEU L 64 -97.00 -27.25 -19.82
C LEU L 64 -97.86 -28.48 -20.11
N MET L 65 -97.76 -29.50 -19.25
CA MET L 65 -98.61 -30.70 -19.35
C MET L 65 -99.88 -30.55 -18.50
N VAL L 66 -99.85 -29.61 -17.56
CA VAL L 66 -101.03 -29.29 -16.74
C VAL L 66 -102.02 -28.43 -17.53
N ALA L 67 -101.49 -27.58 -18.40
CA ALA L 67 -102.31 -26.77 -19.28
C ALA L 67 -102.78 -27.59 -20.50
N PHE L 68 -101.97 -28.56 -20.89
CA PHE L 68 -102.30 -29.48 -21.98
C PHE L 68 -103.39 -30.46 -21.58
N LEU L 69 -103.52 -30.71 -20.28
CA LEU L 69 -104.58 -31.54 -19.71
C LEU L 69 -105.90 -30.77 -19.59
N ILE L 70 -105.81 -29.43 -19.60
CA ILE L 70 -106.99 -28.56 -19.57
C ILE L 70 -107.28 -27.97 -20.96
N LEU L 71 -107.03 -28.77 -21.99
CA LEU L 71 -107.28 -28.38 -23.38
C LEU L 71 -107.63 -29.60 -24.25
N PHE L 72 -106.76 -30.60 -24.24
CA PHE L 72 -106.97 -31.83 -25.01
C PHE L 72 -107.44 -32.98 -24.13
N ILE M 1 -120.06 -17.99 -22.49
CA ILE M 1 -119.28 -19.12 -21.91
C ILE M 1 -118.14 -19.57 -22.84
N ASP M 2 -118.49 -19.89 -24.09
CA ASP M 2 -117.50 -20.31 -25.08
C ASP M 2 -116.65 -19.13 -25.57
N THR M 3 -117.28 -17.96 -25.72
CA THR M 3 -116.60 -16.75 -26.19
C THR M 3 -116.09 -15.88 -25.04
N ALA M 4 -116.61 -16.12 -23.84
CA ALA M 4 -116.27 -15.32 -22.66
C ALA M 4 -114.96 -15.73 -22.00
N ALA M 5 -114.90 -16.96 -21.50
CA ALA M 5 -113.76 -17.45 -20.71
C ALA M 5 -112.53 -17.82 -21.55
N LYS M 6 -112.60 -17.57 -22.86
CA LYS M 6 -111.45 -17.66 -23.75
C LYS M 6 -110.68 -16.34 -23.75
N PHE M 7 -111.36 -15.26 -23.42
CA PHE M 7 -110.75 -13.93 -23.31
C PHE M 7 -110.04 -13.75 -21.97
N ILE M 8 -110.59 -14.37 -20.93
CA ILE M 8 -109.97 -14.36 -19.59
C ILE M 8 -109.00 -15.53 -19.42
N GLY M 9 -108.82 -16.31 -20.48
CA GLY M 9 -107.88 -17.43 -20.50
C GLY M 9 -106.58 -17.07 -21.20
N ALA M 10 -106.64 -16.07 -22.08
CA ALA M 10 -105.46 -15.58 -22.79
C ALA M 10 -104.70 -14.55 -21.94
N GLY M 11 -105.42 -13.85 -21.07
CA GLY M 11 -104.85 -12.83 -20.18
C GLY M 11 -103.95 -13.39 -19.11
N ALA M 12 -104.39 -14.49 -18.48
CA ALA M 12 -103.60 -15.18 -17.45
C ALA M 12 -102.44 -15.97 -18.06
N ALA M 13 -102.54 -16.26 -19.36
CA ALA M 13 -101.47 -16.89 -20.12
C ALA M 13 -100.36 -15.88 -20.47
N THR M 14 -100.73 -14.60 -20.46
CA THR M 14 -99.77 -13.50 -20.69
C THR M 14 -98.99 -13.13 -19.42
N VAL M 15 -99.45 -13.65 -18.28
CA VAL M 15 -98.75 -13.47 -17.00
C VAL M 15 -97.61 -14.47 -16.84
N GLY M 16 -97.58 -15.48 -17.70
CA GLY M 16 -96.49 -16.44 -17.76
C GLY M 16 -95.27 -15.89 -18.50
N VAL M 17 -95.43 -14.69 -19.05
CA VAL M 17 -94.34 -13.96 -19.71
C VAL M 17 -93.66 -12.97 -18.76
N ALA M 18 -93.91 -13.15 -17.45
CA ALA M 18 -93.28 -12.35 -16.40
C ALA M 18 -92.00 -13.01 -15.89
N GLY M 19 -91.80 -14.27 -16.28
CA GLY M 19 -90.58 -15.01 -15.93
C GLY M 19 -89.46 -14.77 -16.92
N SER M 20 -89.82 -14.58 -18.19
CA SER M 20 -88.87 -14.31 -19.27
C SER M 20 -88.30 -12.90 -19.17
N GLY M 21 -89.13 -11.95 -18.76
CA GLY M 21 -88.72 -10.55 -18.60
C GLY M 21 -87.76 -10.30 -17.46
N ALA M 22 -88.00 -10.99 -16.34
CA ALA M 22 -87.10 -10.94 -15.19
C ALA M 22 -85.97 -11.97 -15.31
N GLY M 23 -86.16 -12.93 -16.20
CA GLY M 23 -85.10 -13.88 -16.55
C GLY M 23 -84.10 -13.26 -17.50
N ILE M 24 -84.57 -12.34 -18.34
CA ILE M 24 -83.71 -11.64 -19.31
C ILE M 24 -82.73 -10.69 -18.63
N GLY M 25 -83.15 -10.10 -17.51
CA GLY M 25 -82.32 -9.18 -16.74
C GLY M 25 -81.31 -9.87 -15.85
N THR M 26 -81.70 -11.02 -15.30
CA THR M 26 -80.84 -11.81 -14.41
C THR M 26 -79.84 -12.69 -15.17
N VAL M 27 -79.97 -12.73 -16.50
CA VAL M 27 -79.05 -13.45 -17.37
C VAL M 27 -78.11 -12.52 -18.14
N PHE M 28 -78.63 -11.32 -18.48
CA PHE M 28 -77.83 -10.28 -19.11
C PHE M 28 -77.33 -9.25 -18.09
N GLY M 29 -77.55 -9.56 -16.82
CA GLY M 29 -77.05 -8.72 -15.71
C GLY M 29 -75.89 -9.38 -15.01
N SER M 30 -75.84 -10.71 -15.07
CA SER M 30 -74.72 -11.48 -14.54
C SER M 30 -73.53 -11.44 -15.51
N LEU M 31 -73.83 -11.17 -16.78
CA LEU M 31 -72.81 -10.94 -17.80
C LEU M 31 -72.38 -9.48 -17.82
N ILE M 32 -73.19 -8.62 -17.20
CA ILE M 32 -72.84 -7.22 -16.99
C ILE M 32 -71.95 -7.08 -15.76
N ILE M 33 -71.84 -8.15 -14.99
CA ILE M 33 -70.94 -8.23 -13.84
C ILE M 33 -69.79 -9.22 -14.11
N GLY M 34 -69.92 -9.99 -15.18
CA GLY M 34 -68.88 -10.92 -15.61
C GLY M 34 -67.72 -10.22 -16.30
N TYR M 35 -68.05 -9.31 -17.23
CA TYR M 35 -67.05 -8.48 -17.91
C TYR M 35 -66.48 -7.40 -16.98
N ALA M 36 -67.09 -7.27 -15.81
CA ALA M 36 -66.59 -6.39 -14.74
C ALA M 36 -65.41 -7.06 -14.04
N ARG M 37 -65.37 -8.39 -14.09
CA ARG M 37 -64.20 -9.17 -13.71
C ARG M 37 -63.25 -9.25 -14.90
N ASN M 38 -63.80 -9.05 -16.11
CA ASN M 38 -63.06 -8.98 -17.38
C ASN M 38 -62.34 -10.29 -17.78
N PRO M 39 -61.92 -10.40 -19.05
CA PRO M 39 -61.98 -9.64 -20.29
C PRO M 39 -62.46 -10.53 -21.43
N SER M 40 -63.51 -11.31 -21.14
CA SER M 40 -64.06 -12.28 -22.10
C SER M 40 -65.28 -11.75 -22.87
N LEU M 41 -65.35 -10.42 -23.02
CA LEU M 41 -66.39 -9.76 -23.81
C LEU M 41 -66.18 -10.03 -25.30
N LYS M 42 -67.21 -10.56 -25.95
CA LYS M 42 -67.13 -11.09 -27.33
C LYS M 42 -66.13 -12.24 -27.42
N GLN M 43 -66.28 -13.19 -26.49
CA GLN M 43 -65.42 -14.38 -26.44
C GLN M 43 -66.19 -15.59 -25.90
N GLN M 44 -66.38 -15.64 -24.58
CA GLN M 44 -67.00 -16.80 -23.93
C GLN M 44 -68.29 -16.47 -23.18
N LEU M 45 -68.25 -15.41 -22.38
CA LEU M 45 -69.38 -15.03 -21.51
C LEU M 45 -70.52 -14.36 -22.26
N PHE M 46 -70.20 -13.46 -23.18
CA PHE M 46 -71.20 -12.78 -24.00
C PHE M 46 -71.77 -13.70 -25.08
N SER M 47 -71.02 -14.76 -25.40
CA SER M 47 -71.47 -15.79 -26.33
C SER M 47 -72.44 -16.76 -25.63
N TYR M 48 -72.18 -17.03 -24.36
CA TYR M 48 -73.05 -17.90 -23.56
C TYR M 48 -74.28 -17.14 -23.04
N ALA M 49 -74.20 -15.81 -23.01
CA ALA M 49 -75.32 -14.95 -22.60
C ALA M 49 -76.44 -14.96 -23.63
N ILE M 50 -76.08 -15.09 -24.91
CA ILE M 50 -77.04 -15.28 -25.98
C ILE M 50 -77.66 -16.68 -25.90
N LEU M 51 -76.85 -17.65 -25.47
CA LEU M 51 -77.32 -19.01 -25.18
C LEU M 51 -78.05 -19.08 -23.83
N GLY M 52 -78.05 -17.95 -23.12
CA GLY M 52 -78.82 -17.80 -21.88
C GLY M 52 -80.06 -16.95 -22.09
N PHE M 53 -80.01 -16.10 -23.12
CA PHE M 53 -81.15 -15.28 -23.52
C PHE M 53 -82.17 -16.11 -24.31
N ALA M 54 -81.66 -17.14 -25.00
CA ALA M 54 -82.49 -18.03 -25.81
C ALA M 54 -83.23 -19.08 -24.96
N LEU M 55 -82.58 -19.54 -23.89
CA LEU M 55 -83.18 -20.53 -22.99
C LEU M 55 -84.27 -19.95 -22.08
N SER M 56 -84.31 -18.61 -21.97
CA SER M 56 -85.26 -17.91 -21.11
C SER M 56 -86.42 -17.29 -21.87
N GLU M 57 -86.16 -16.81 -23.08
CA GLU M 57 -87.20 -16.24 -23.95
C GLU M 57 -87.97 -17.33 -24.71
N ALA M 58 -87.47 -18.56 -24.64
CA ALA M 58 -88.17 -19.73 -25.18
C ALA M 58 -89.30 -20.16 -24.25
N MET M 59 -89.07 -19.98 -22.94
CA MET M 59 -90.10 -20.16 -21.93
C MET M 59 -91.07 -18.98 -21.93
N GLY M 60 -90.76 -17.97 -22.74
CA GLY M 60 -91.67 -16.86 -23.04
C GLY M 60 -92.37 -17.06 -24.37
N LEU M 61 -91.75 -17.86 -25.23
CA LEU M 61 -92.33 -18.23 -26.52
C LEU M 61 -93.33 -19.38 -26.35
N PHE M 62 -93.01 -20.31 -25.46
CA PHE M 62 -93.89 -21.43 -25.12
C PHE M 62 -95.07 -20.99 -24.26
N CYS M 63 -95.05 -19.73 -23.83
CA CYS M 63 -96.14 -19.13 -23.05
C CYS M 63 -96.97 -18.16 -23.88
N LEU M 64 -96.34 -17.52 -24.87
CA LEU M 64 -97.02 -16.63 -25.80
C LEU M 64 -97.78 -17.41 -26.88
N MET M 65 -97.38 -18.67 -27.06
CA MET M 65 -98.06 -19.60 -27.97
C MET M 65 -99.36 -20.13 -27.35
N VAL M 66 -99.40 -20.17 -26.02
CA VAL M 66 -100.62 -20.52 -25.28
C VAL M 66 -101.58 -19.34 -25.26
N ALA M 67 -101.03 -18.13 -25.27
CA ALA M 67 -101.81 -16.89 -25.32
C ALA M 67 -102.36 -16.61 -26.73
N PHE M 68 -101.64 -17.09 -27.74
CA PHE M 68 -102.09 -17.02 -29.13
C PHE M 68 -103.05 -18.16 -29.46
N LEU M 69 -102.93 -19.27 -28.73
CA LEU M 69 -103.82 -20.42 -28.88
C LEU M 69 -105.23 -20.08 -28.40
N ILE M 70 -105.32 -19.34 -27.30
CA ILE M 70 -106.60 -18.89 -26.76
C ILE M 70 -106.97 -17.50 -27.29
N LEU M 71 -106.67 -17.27 -28.57
CA LEU M 71 -106.99 -16.01 -29.25
C LEU M 71 -107.27 -16.20 -30.74
N PHE M 72 -106.92 -17.37 -31.28
CA PHE M 72 -107.18 -17.72 -32.67
C PHE M 72 -107.22 -19.24 -32.88
N ILE N 1 -120.57 -11.06 -21.53
CA ILE N 1 -119.75 -12.23 -21.95
C ILE N 1 -118.72 -11.88 -23.03
N ASP N 2 -119.16 -11.16 -24.07
CA ASP N 2 -118.27 -10.73 -25.14
C ASP N 2 -117.52 -9.44 -24.80
N THR N 3 -118.26 -8.44 -24.33
CA THR N 3 -117.68 -7.16 -23.91
C THR N 3 -117.27 -7.18 -22.44
N ALA N 4 -117.89 -8.08 -21.67
CA ALA N 4 -117.62 -8.21 -20.24
C ALA N 4 -116.28 -8.90 -19.95
N ALA N 5 -115.95 -9.89 -20.77
CA ALA N 5 -114.71 -10.67 -20.61
C ALA N 5 -113.49 -10.02 -21.27
N LYS N 6 -113.73 -8.94 -22.02
CA LYS N 6 -112.66 -8.15 -22.63
C LYS N 6 -112.08 -7.14 -21.63
N PHE N 7 -112.76 -7.00 -20.48
CA PHE N 7 -112.34 -6.09 -19.40
C PHE N 7 -111.50 -6.79 -18.33
N ILE N 8 -111.86 -8.04 -18.01
CA ILE N 8 -111.06 -8.88 -17.12
C ILE N 8 -110.27 -9.90 -17.95
N GLY N 9 -109.60 -9.38 -18.99
CA GLY N 9 -108.77 -10.17 -19.90
C GLY N 9 -107.56 -9.39 -20.38
N ALA N 10 -107.65 -8.06 -20.27
CA ALA N 10 -106.53 -7.16 -20.51
C ALA N 10 -105.95 -6.67 -19.17
N GLY N 11 -106.66 -6.99 -18.09
CA GLY N 11 -106.21 -6.69 -16.72
C GLY N 11 -105.29 -7.75 -16.16
N ALA N 12 -105.47 -8.99 -16.63
CA ALA N 12 -104.60 -10.11 -16.27
C ALA N 12 -103.34 -10.13 -17.13
N ALA N 13 -103.42 -9.47 -18.29
CA ALA N 13 -102.27 -9.31 -19.18
C ALA N 13 -101.46 -8.05 -18.82
N THR N 14 -101.96 -7.29 -17.85
CA THR N 14 -101.26 -6.10 -17.33
C THR N 14 -100.33 -6.45 -16.17
N VAL N 15 -100.52 -7.63 -15.59
CA VAL N 15 -99.64 -8.14 -14.53
C VAL N 15 -98.41 -8.85 -15.09
N GLY N 16 -98.30 -8.88 -16.42
CA GLY N 16 -97.12 -9.39 -17.10
C GLY N 16 -95.99 -8.38 -17.13
N VAL N 17 -96.31 -7.14 -16.76
CA VAL N 17 -95.33 -6.05 -16.69
C VAL N 17 -94.53 -6.05 -15.38
N ALA N 18 -94.78 -7.06 -14.54
CA ALA N 18 -94.05 -7.25 -13.28
C ALA N 18 -92.69 -7.91 -13.52
N GLY N 19 -92.56 -8.61 -14.65
CA GLY N 19 -91.30 -9.21 -15.07
C GLY N 19 -90.35 -8.18 -15.64
N SER N 20 -90.89 -7.22 -16.37
CA SER N 20 -90.10 -6.12 -16.93
C SER N 20 -89.79 -5.05 -15.88
N GLY N 21 -90.62 -4.98 -14.84
CA GLY N 21 -90.46 -4.01 -13.76
C GLY N 21 -89.28 -4.30 -12.86
N ALA N 22 -89.14 -5.57 -12.48
CA ALA N 22 -88.03 -6.02 -11.62
C ALA N 22 -86.82 -6.48 -12.43
N GLY N 23 -87.04 -6.77 -13.71
CA GLY N 23 -85.97 -7.14 -14.64
C GLY N 23 -85.10 -5.96 -15.01
N ILE N 24 -85.71 -4.76 -15.02
CA ILE N 24 -84.99 -3.51 -15.26
C ILE N 24 -84.23 -3.07 -13.99
N GLY N 25 -84.70 -3.53 -12.84
CA GLY N 25 -84.03 -3.28 -11.56
C GLY N 25 -82.88 -4.23 -11.31
N THR N 26 -82.99 -5.44 -11.88
CA THR N 26 -81.92 -6.44 -11.79
C THR N 26 -80.81 -6.15 -12.80
N VAL N 27 -81.17 -5.57 -13.94
CA VAL N 27 -80.19 -5.23 -14.98
C VAL N 27 -79.39 -3.99 -14.64
N PHE N 28 -80.10 -2.90 -14.31
CA PHE N 28 -79.45 -1.64 -13.94
C PHE N 28 -78.77 -1.71 -12.57
N GLY N 29 -79.25 -2.60 -11.71
CA GLY N 29 -78.66 -2.85 -10.40
C GLY N 29 -77.31 -3.53 -10.48
N SER N 30 -77.18 -4.45 -11.44
CA SER N 30 -75.92 -5.14 -11.69
C SER N 30 -74.88 -4.21 -12.32
N LEU N 31 -75.35 -3.20 -13.05
CA LEU N 31 -74.48 -2.19 -13.65
C LEU N 31 -74.00 -1.18 -12.60
N ILE N 32 -74.77 -1.02 -11.54
CA ILE N 32 -74.38 -0.18 -10.41
C ILE N 32 -73.43 -0.93 -9.48
N ILE N 33 -73.52 -2.26 -9.49
CA ILE N 33 -72.60 -3.11 -8.74
C ILE N 33 -71.45 -3.62 -9.63
N GLY N 34 -71.35 -3.04 -10.82
CA GLY N 34 -70.32 -3.40 -11.78
C GLY N 34 -69.32 -2.27 -11.98
N TYR N 35 -69.83 -1.06 -12.18
CA TYR N 35 -69.00 0.14 -12.30
C TYR N 35 -68.35 0.52 -10.96
N ALA N 36 -68.83 -0.13 -9.89
CA ALA N 36 -68.24 0.01 -8.56
C ALA N 36 -66.93 -0.78 -8.45
N ARG N 37 -66.86 -1.88 -9.19
CA ARG N 37 -65.60 -2.61 -9.38
C ARG N 37 -64.69 -1.82 -10.33
N ASN N 38 -65.31 -0.94 -11.13
CA ASN N 38 -64.60 0.03 -12.00
C ASN N 38 -63.79 -0.61 -13.15
N PRO N 39 -63.38 0.20 -14.12
CA PRO N 39 -63.58 1.63 -14.40
C PRO N 39 -64.18 1.83 -15.79
N SER N 40 -64.43 0.72 -16.48
CA SER N 40 -65.00 0.73 -17.83
C SER N 40 -66.49 1.12 -17.82
N LEU N 41 -66.79 2.27 -17.21
CA LEU N 41 -68.16 2.79 -17.14
C LEU N 41 -68.60 3.35 -18.49
N LYS N 42 -67.87 4.33 -19.01
CA LYS N 42 -68.11 4.87 -20.35
C LYS N 42 -67.84 3.80 -21.40
N GLN N 43 -68.89 3.41 -22.12
CA GLN N 43 -68.87 2.25 -23.03
C GLN N 43 -68.60 0.94 -22.28
N GLN N 44 -68.58 -0.17 -23.02
CA GLN N 44 -68.32 -1.52 -22.47
C GLN N 44 -69.40 -2.03 -21.50
N LEU N 45 -69.63 -1.30 -20.41
CA LEU N 45 -70.55 -1.74 -19.36
C LEU N 45 -71.92 -1.04 -19.42
N PHE N 46 -71.90 0.30 -19.46
CA PHE N 46 -73.14 1.09 -19.55
C PHE N 46 -73.74 1.04 -20.95
N SER N 47 -72.90 0.75 -21.94
CA SER N 47 -73.34 0.52 -23.31
C SER N 47 -74.01 -0.84 -23.44
N TYR N 48 -73.53 -1.81 -22.66
CA TYR N 48 -74.14 -3.13 -22.57
C TYR N 48 -75.40 -3.11 -21.71
N ALA N 49 -75.48 -2.12 -20.83
CA ALA N 49 -76.66 -1.91 -19.99
C ALA N 49 -77.87 -1.42 -20.81
N ILE N 50 -77.59 -0.79 -21.95
CA ILE N 50 -78.63 -0.36 -22.89
C ILE N 50 -79.06 -1.51 -23.81
N LEU N 51 -78.27 -2.58 -23.83
CA LEU N 51 -78.60 -3.80 -24.58
C LEU N 51 -79.41 -4.76 -23.71
N GLY N 52 -79.20 -4.68 -22.39
CA GLY N 52 -79.92 -5.51 -21.43
C GLY N 52 -81.26 -4.93 -21.03
N PHE N 53 -81.36 -3.60 -21.04
CA PHE N 53 -82.60 -2.90 -20.70
C PHE N 53 -83.59 -2.90 -21.86
N ALA N 54 -83.07 -3.03 -23.08
CA ALA N 54 -83.90 -3.14 -24.27
C ALA N 54 -84.43 -4.56 -24.44
N LEU N 55 -83.62 -5.54 -24.03
CA LEU N 55 -84.00 -6.96 -24.07
C LEU N 55 -84.87 -7.36 -22.87
N SER N 56 -85.10 -6.41 -21.97
CA SER N 56 -85.99 -6.60 -20.82
C SER N 56 -87.28 -5.81 -20.97
N GLU N 57 -87.21 -4.72 -21.74
CA GLU N 57 -88.40 -3.96 -22.13
C GLU N 57 -88.96 -4.48 -23.46
N ALA N 58 -88.32 -5.51 -24.00
CA ALA N 58 -88.81 -6.24 -25.18
C ALA N 58 -90.01 -7.11 -24.79
N MET N 59 -89.91 -7.74 -23.61
CA MET N 59 -91.05 -8.46 -23.03
C MET N 59 -92.11 -7.46 -22.56
N GLY N 60 -91.68 -6.23 -22.29
CA GLY N 60 -92.59 -5.13 -21.95
C GLY N 60 -93.23 -4.50 -23.19
N LEU N 61 -92.63 -4.72 -24.35
CA LEU N 61 -93.17 -4.25 -25.63
C LEU N 61 -94.05 -5.31 -26.30
N PHE N 62 -94.11 -6.49 -25.69
CA PHE N 62 -94.94 -7.60 -26.16
C PHE N 62 -96.10 -7.90 -25.20
N CYS N 63 -95.99 -7.41 -23.97
CA CYS N 63 -97.05 -7.59 -22.96
C CYS N 63 -98.01 -6.39 -22.90
N LEU N 64 -97.52 -5.21 -23.25
CA LEU N 64 -98.34 -4.00 -23.30
C LEU N 64 -99.05 -3.85 -24.64
N MET N 65 -98.58 -4.59 -25.65
CA MET N 65 -99.23 -4.67 -26.96
C MET N 65 -100.32 -5.74 -26.96
N VAL N 66 -100.34 -6.57 -25.91
CA VAL N 66 -101.37 -7.59 -25.72
C VAL N 66 -102.61 -7.02 -25.05
N ALA N 67 -102.41 -6.23 -24.00
CA ALA N 67 -103.50 -5.56 -23.27
C ALA N 67 -104.12 -4.42 -24.09
N PHE N 68 -103.34 -3.84 -24.99
CA PHE N 68 -103.81 -2.78 -25.90
C PHE N 68 -104.54 -3.34 -27.12
N LEU N 69 -104.55 -4.67 -27.26
CA LEU N 69 -105.28 -5.35 -28.34
C LEU N 69 -106.69 -5.77 -27.89
N ILE N 70 -106.83 -6.02 -26.59
CA ILE N 70 -108.13 -6.38 -26.00
C ILE N 70 -108.91 -5.13 -25.57
N LEU N 71 -108.35 -3.95 -25.83
CA LEU N 71 -108.98 -2.67 -25.49
C LEU N 71 -109.80 -2.12 -26.67
N PHE N 72 -109.12 -1.75 -27.75
CA PHE N 72 -109.77 -1.18 -28.94
C PHE N 72 -109.42 -1.96 -30.20
N ILE O 1 -122.24 -6.38 -15.75
CA ILE O 1 -121.28 -6.90 -16.77
C ILE O 1 -120.38 -5.80 -17.33
N ASP O 2 -120.97 -4.62 -17.59
CA ASP O 2 -120.23 -3.47 -18.13
C ASP O 2 -119.59 -2.60 -17.05
N THR O 3 -120.07 -2.75 -15.81
CA THR O 3 -119.54 -2.00 -14.67
C THR O 3 -118.93 -2.93 -13.61
N ALA O 4 -119.41 -4.17 -13.59
CA ALA O 4 -118.94 -5.19 -12.64
C ALA O 4 -117.52 -5.67 -12.98
N ALA O 5 -117.29 -5.97 -14.25
CA ALA O 5 -115.98 -6.44 -14.73
C ALA O 5 -114.95 -5.30 -14.84
N LYS O 6 -115.35 -4.09 -14.45
CA LYS O 6 -114.46 -2.94 -14.41
C LYS O 6 -113.87 -2.70 -13.01
N PHE O 7 -114.42 -3.42 -12.01
CA PHE O 7 -113.96 -3.31 -10.62
C PHE O 7 -113.04 -4.47 -10.21
N ILE O 8 -113.25 -5.64 -10.82
CA ILE O 8 -112.41 -6.82 -10.55
C ILE O 8 -111.27 -6.96 -11.57
N GLY O 9 -111.31 -6.11 -12.61
CA GLY O 9 -110.26 -6.07 -13.65
C GLY O 9 -109.25 -4.95 -13.43
N ALA O 10 -109.62 -3.98 -12.60
CA ALA O 10 -108.71 -2.92 -12.18
C ALA O 10 -107.88 -3.39 -10.96
N GLY O 11 -108.27 -4.53 -10.40
CA GLY O 11 -107.56 -5.15 -9.29
C GLY O 11 -106.44 -6.09 -9.75
N ALA O 12 -106.61 -6.67 -10.93
CA ALA O 12 -105.60 -7.56 -11.53
C ALA O 12 -104.44 -6.78 -12.14
N ALA O 13 -104.67 -5.51 -12.44
CA ALA O 13 -103.63 -4.61 -12.97
C ALA O 13 -102.84 -3.94 -11.84
N THR O 14 -103.27 -4.14 -10.60
CA THR O 14 -102.58 -3.65 -9.41
C THR O 14 -101.51 -4.65 -8.94
N VAL O 15 -101.48 -5.82 -9.58
CA VAL O 15 -100.45 -6.83 -9.34
C VAL O 15 -99.23 -6.59 -10.22
N GLY O 16 -99.32 -5.58 -11.10
CA GLY O 16 -98.20 -5.14 -11.94
C GLY O 16 -97.27 -4.16 -11.23
N VAL O 17 -97.64 -3.78 -10.02
CA VAL O 17 -96.79 -2.96 -9.15
C VAL O 17 -95.95 -3.83 -8.23
N ALA O 18 -96.06 -5.16 -8.41
CA ALA O 18 -95.24 -6.13 -7.68
C ALA O 18 -93.82 -6.18 -8.24
N GLY O 19 -93.68 -5.77 -9.51
CA GLY O 19 -92.38 -5.70 -10.16
C GLY O 19 -91.64 -4.40 -9.88
N SER O 20 -92.38 -3.31 -9.73
CA SER O 20 -91.81 -2.00 -9.43
C SER O 20 -91.35 -1.87 -7.97
N GLY O 21 -91.91 -2.71 -7.10
CA GLY O 21 -91.61 -2.69 -5.66
C GLY O 21 -90.53 -3.66 -5.24
N ALA O 22 -90.46 -4.81 -5.92
CA ALA O 22 -89.39 -5.78 -5.72
C ALA O 22 -88.14 -5.39 -6.50
N GLY O 23 -88.36 -4.69 -7.62
CA GLY O 23 -87.27 -4.17 -8.44
C GLY O 23 -86.56 -2.98 -7.81
N ILE O 24 -87.31 -2.20 -7.01
CA ILE O 24 -86.76 -1.06 -6.28
C ILE O 24 -85.85 -1.52 -5.13
N GLY O 25 -86.15 -2.69 -4.56
CA GLY O 25 -85.31 -3.32 -3.55
C GLY O 25 -84.08 -3.98 -4.13
N THR O 26 -84.04 -4.10 -5.45
CA THR O 26 -82.89 -4.64 -6.17
C THR O 26 -82.02 -3.53 -6.77
N VAL O 27 -82.64 -2.38 -7.04
CA VAL O 27 -81.93 -1.22 -7.59
C VAL O 27 -81.26 -0.37 -6.50
N PHE O 28 -81.71 -0.56 -5.25
CA PHE O 28 -81.14 0.12 -4.10
C PHE O 28 -80.22 -0.80 -3.29
N GLY O 29 -80.54 -2.09 -3.29
CA GLY O 29 -79.74 -3.11 -2.61
C GLY O 29 -78.40 -3.32 -3.30
N SER O 30 -78.42 -3.34 -4.64
CA SER O 30 -77.20 -3.45 -5.44
C SER O 30 -76.46 -2.11 -5.51
N LEU O 31 -77.00 -1.10 -4.84
CA LEU O 31 -76.34 0.18 -4.65
C LEU O 31 -75.76 0.29 -3.23
N ILE O 32 -76.30 -0.51 -2.32
CA ILE O 32 -75.80 -0.60 -0.94
C ILE O 32 -74.49 -1.39 -0.88
N ILE O 33 -74.46 -2.53 -1.56
CA ILE O 33 -73.24 -3.33 -1.69
C ILE O 33 -72.27 -2.70 -2.69
N GLY O 34 -72.77 -1.78 -3.51
CA GLY O 34 -71.95 -1.06 -4.49
C GLY O 34 -71.08 0.01 -3.87
N TYR O 35 -71.67 0.82 -2.98
CA TYR O 35 -70.93 1.83 -2.24
C TYR O 35 -70.18 1.24 -1.04
N ALA O 36 -70.45 -0.04 -0.74
CA ALA O 36 -69.72 -0.79 0.30
C ALA O 36 -68.30 -1.08 -0.16
N ARG O 37 -68.15 -1.46 -1.43
CA ARG O 37 -66.85 -1.54 -2.07
C ARG O 37 -66.32 -0.14 -2.36
N ASN O 38 -67.25 0.83 -2.35
CA ASN O 38 -66.93 2.27 -2.35
C ASN O 38 -66.18 2.77 -3.60
N PRO O 39 -65.83 4.07 -3.64
CA PRO O 39 -66.01 5.20 -2.72
C PRO O 39 -66.85 6.31 -3.33
N SER O 40 -67.13 6.22 -4.62
CA SER O 40 -67.91 7.22 -5.34
C SER O 40 -69.38 7.21 -4.91
N LEU O 41 -69.65 7.83 -3.75
CA LEU O 41 -71.00 7.94 -3.21
C LEU O 41 -71.82 8.96 -4.02
N LYS O 42 -71.58 10.25 -3.78
CA LYS O 42 -72.19 11.31 -4.58
C LYS O 42 -71.55 11.33 -5.97
N GLN O 43 -72.39 11.21 -7.00
CA GLN O 43 -71.97 11.04 -8.41
C GLN O 43 -71.58 9.59 -8.73
N GLN O 44 -71.70 9.24 -10.01
CA GLN O 44 -71.35 7.92 -10.55
C GLN O 44 -72.27 6.78 -10.08
N LEU O 45 -72.22 6.44 -8.79
CA LEU O 45 -72.94 5.27 -8.26
C LEU O 45 -74.39 5.55 -7.85
N PHE O 46 -74.58 6.58 -7.02
CA PHE O 46 -75.91 6.99 -6.56
C PHE O 46 -76.65 7.77 -7.64
N SER O 47 -75.91 8.34 -8.58
CA SER O 47 -76.48 8.99 -9.76
C SER O 47 -77.05 7.95 -10.73
N TYR O 48 -76.39 6.78 -10.79
CA TYR O 48 -76.85 5.66 -11.59
C TYR O 48 -77.99 4.90 -10.92
N ALA O 49 -78.14 5.10 -9.61
CA ALA O 49 -79.24 4.50 -8.85
C ALA O 49 -80.57 5.24 -9.12
N ILE O 50 -80.48 6.55 -9.36
CA ILE O 50 -81.64 7.38 -9.65
C ILE O 50 -82.17 7.13 -11.07
N LEU O 51 -81.26 6.90 -12.02
CA LEU O 51 -81.62 6.58 -13.39
C LEU O 51 -82.06 5.12 -13.56
N GLY O 52 -81.91 4.35 -12.48
CA GLY O 52 -82.32 2.94 -12.45
C GLY O 52 -83.67 2.73 -11.80
N PHE O 53 -83.94 3.46 -10.72
CA PHE O 53 -85.24 3.42 -10.03
C PHE O 53 -86.33 4.11 -10.84
N ALA O 54 -85.93 5.09 -11.65
CA ALA O 54 -86.83 5.76 -12.58
C ALA O 54 -87.24 4.81 -13.70
N LEU O 55 -86.35 3.88 -14.05
CA LEU O 55 -86.63 2.84 -15.03
C LEU O 55 -87.18 1.57 -14.36
N SER O 56 -87.43 1.65 -13.06
CA SER O 56 -88.03 0.55 -12.30
C SER O 56 -89.47 0.88 -11.88
N GLU O 57 -89.71 2.14 -11.53
CA GLU O 57 -91.03 2.61 -11.15
C GLU O 57 -91.85 3.09 -12.35
N ALA O 58 -91.22 3.11 -13.53
CA ALA O 58 -91.88 3.44 -14.79
C ALA O 58 -92.87 2.34 -15.19
N MET O 59 -92.54 1.11 -14.82
CA MET O 59 -93.44 -0.03 -15.00
C MET O 59 -94.45 -0.13 -13.86
N GLY O 60 -94.40 0.84 -12.94
CA GLY O 60 -95.38 0.97 -11.86
C GLY O 60 -96.35 2.11 -12.09
N LEU O 61 -95.88 3.16 -12.77
CA LEU O 61 -96.71 4.32 -13.10
C LEU O 61 -97.54 4.09 -14.37
N PHE O 62 -97.02 3.27 -15.27
CA PHE O 62 -97.74 2.87 -16.48
C PHE O 62 -98.77 1.77 -16.17
N CYS O 63 -98.50 1.00 -15.12
CA CYS O 63 -99.41 -0.05 -14.64
C CYS O 63 -100.52 0.53 -13.75
N LEU O 64 -100.27 1.71 -13.18
CA LEU O 64 -101.28 2.47 -12.44
C LEU O 64 -101.99 3.46 -13.39
N MET O 65 -101.57 3.49 -14.64
CA MET O 65 -102.23 4.25 -15.71
C MET O 65 -103.23 3.35 -16.45
N VAL O 66 -103.02 2.03 -16.38
CA VAL O 66 -103.95 1.03 -16.90
C VAL O 66 -104.92 0.56 -15.83
N ALA O 67 -104.62 0.92 -14.57
CA ALA O 67 -105.50 0.64 -13.44
C ALA O 67 -106.58 1.71 -13.31
N PHE O 68 -106.16 2.98 -13.37
CA PHE O 68 -107.07 4.12 -13.24
C PHE O 68 -107.90 4.39 -14.50
N LEU O 69 -107.52 3.73 -15.60
CA LEU O 69 -108.27 3.82 -16.86
C LEU O 69 -109.40 2.79 -16.91
N ILE O 70 -109.46 1.92 -15.89
CA ILE O 70 -110.50 0.90 -15.78
C ILE O 70 -111.53 1.24 -14.69
N LEU O 71 -111.23 2.26 -13.89
CA LEU O 71 -112.12 2.72 -12.83
C LEU O 71 -112.49 4.21 -12.97
N PHE O 72 -111.73 4.93 -13.79
CA PHE O 72 -111.99 6.35 -14.05
C PHE O 72 -111.62 6.73 -15.48
N ILE P 1 -123.11 -8.67 -8.18
CA ILE P 1 -122.38 -8.04 -9.33
C ILE P 1 -121.79 -6.70 -8.94
N ASP P 2 -122.58 -5.89 -8.24
CA ASP P 2 -122.13 -4.57 -7.77
C ASP P 2 -121.41 -4.69 -6.42
N THR P 3 -121.87 -5.64 -5.60
CA THR P 3 -121.25 -5.93 -4.31
C THR P 3 -120.37 -7.18 -4.39
N ALA P 4 -120.40 -7.83 -5.56
CA ALA P 4 -119.61 -9.04 -5.81
C ALA P 4 -118.21 -8.72 -6.37
N ALA P 5 -118.16 -7.93 -7.44
CA ALA P 5 -116.92 -7.62 -8.14
C ALA P 5 -115.99 -6.66 -7.38
N LYS P 6 -116.53 -5.95 -6.39
CA LYS P 6 -115.74 -5.09 -5.51
C LYS P 6 -115.20 -5.85 -4.29
N PHE P 7 -115.73 -7.06 -4.09
CA PHE P 7 -115.30 -7.93 -2.99
C PHE P 7 -114.26 -8.96 -3.45
N ILE P 8 -114.26 -9.27 -4.74
CA ILE P 8 -113.24 -10.13 -5.35
C ILE P 8 -112.15 -9.28 -6.02
N GLY P 9 -112.46 -8.01 -6.25
CA GLY P 9 -111.52 -7.06 -6.85
C GLY P 9 -110.58 -6.45 -5.83
N ALA P 10 -111.04 -6.34 -4.59
CA ALA P 10 -110.20 -5.86 -3.47
C ALA P 10 -109.19 -6.92 -3.01
N GLY P 11 -109.41 -8.16 -3.43
CA GLY P 11 -108.51 -9.27 -3.13
C GLY P 11 -107.35 -9.40 -4.09
N ALA P 12 -107.60 -9.05 -5.36
CA ALA P 12 -106.57 -9.09 -6.40
C ALA P 12 -105.53 -7.97 -6.28
N ALA P 13 -105.95 -6.85 -5.67
CA ALA P 13 -105.06 -5.71 -5.42
C ALA P 13 -104.12 -5.94 -4.23
N THR P 14 -104.39 -6.99 -3.45
CA THR P 14 -103.54 -7.37 -2.31
C THR P 14 -102.38 -8.28 -2.73
N VAL P 15 -102.26 -8.52 -4.03
CA VAL P 15 -101.11 -9.23 -4.61
C VAL P 15 -100.03 -8.24 -5.05
N GLY P 16 -100.19 -6.97 -4.65
CA GLY P 16 -99.21 -5.93 -4.91
C GLY P 16 -98.27 -5.72 -3.74
N VAL P 17 -98.56 -6.40 -2.62
CA VAL P 17 -97.73 -6.35 -1.42
C VAL P 17 -96.69 -7.49 -1.39
N ALA P 18 -96.75 -8.35 -2.40
CA ALA P 18 -95.75 -9.41 -2.57
C ALA P 18 -94.45 -8.83 -3.13
N GLY P 19 -94.55 -7.66 -3.77
CA GLY P 19 -93.38 -6.94 -4.27
C GLY P 19 -92.65 -6.17 -3.18
N SER P 20 -93.41 -5.49 -2.33
CA SER P 20 -92.85 -4.73 -1.21
C SER P 20 -92.34 -5.63 -0.07
N GLY P 21 -92.88 -6.85 0.01
CA GLY P 21 -92.50 -7.82 1.03
C GLY P 21 -91.12 -8.42 0.80
N ALA P 22 -90.86 -8.84 -0.43
CA ALA P 22 -89.55 -9.38 -0.82
C ALA P 22 -88.57 -8.26 -1.17
N GLY P 23 -89.12 -7.10 -1.53
CA GLY P 23 -88.32 -5.91 -1.82
C GLY P 23 -87.75 -5.26 -0.56
N ILE P 24 -88.35 -5.58 0.58
CA ILE P 24 -87.87 -5.12 1.89
C ILE P 24 -86.81 -6.06 2.48
N GLY P 25 -86.87 -7.34 2.08
CA GLY P 25 -85.90 -8.34 2.52
C GLY P 25 -84.57 -8.23 1.79
N THR P 26 -84.60 -7.68 0.58
CA THR P 26 -83.40 -7.50 -0.23
C THR P 26 -82.61 -6.26 0.17
N VAL P 27 -83.32 -5.15 0.39
CA VAL P 27 -82.70 -3.89 0.81
C VAL P 27 -82.11 -3.98 2.22
N PHE P 28 -82.72 -4.85 3.04
CA PHE P 28 -82.21 -5.15 4.38
C PHE P 28 -81.26 -6.34 4.36
N GLY P 29 -81.18 -7.02 3.21
CA GLY P 29 -80.26 -8.13 3.01
C GLY P 29 -78.90 -7.66 2.54
N SER P 30 -78.91 -6.73 1.57
CA SER P 30 -77.68 -6.14 1.04
C SER P 30 -77.03 -5.17 2.03
N LEU P 31 -77.79 -4.78 3.05
CA LEU P 31 -77.26 -3.98 4.16
C LEU P 31 -76.63 -4.88 5.22
N ILE P 32 -77.02 -6.16 5.22
CA ILE P 32 -76.42 -7.16 6.11
C ILE P 32 -75.11 -7.68 5.54
N ILE P 33 -75.04 -7.76 4.20
CA ILE P 33 -73.81 -8.14 3.51
C ILE P 33 -72.89 -6.94 3.30
N GLY P 34 -73.45 -5.74 3.35
CA GLY P 34 -72.71 -4.49 3.22
C GLY P 34 -71.97 -4.09 4.48
N TYR P 35 -72.64 -4.22 5.62
CA TYR P 35 -72.03 -3.96 6.93
C TYR P 35 -71.12 -5.13 7.35
N ALA P 36 -71.22 -6.24 6.62
CA ALA P 36 -70.28 -7.35 6.75
C ALA P 36 -68.94 -6.98 6.12
N ARG P 37 -68.99 -6.23 5.02
CA ARG P 37 -67.80 -5.64 4.42
C ARG P 37 -67.28 -4.47 5.26
N ASN P 38 -68.11 -4.03 6.19
CA ASN P 38 -67.76 -3.02 7.22
C ASN P 38 -67.39 -1.63 6.69
N PRO P 39 -67.39 -0.62 7.56
CA PRO P 39 -67.70 -0.43 8.97
C PRO P 39 -68.53 0.83 9.19
N SER P 40 -68.87 1.51 8.09
CA SER P 40 -69.71 2.70 8.13
C SER P 40 -71.18 2.35 8.36
N LEU P 41 -71.46 1.67 9.47
CA LEU P 41 -72.82 1.21 9.83
C LEU P 41 -73.74 2.39 10.11
N LYS P 42 -73.62 2.98 11.29
CA LYS P 42 -74.35 4.22 11.63
C LYS P 42 -73.92 5.33 10.67
N GLN P 43 -74.90 5.95 10.02
CA GLN P 43 -74.69 6.91 8.92
C GLN P 43 -74.18 6.23 7.64
N GLN P 44 -74.46 6.87 6.50
CA GLN P 44 -74.07 6.38 5.17
C GLN P 44 -74.82 5.13 4.70
N LEU P 45 -74.49 3.98 5.29
CA LEU P 45 -75.02 2.69 4.83
C LEU P 45 -76.38 2.32 5.41
N PHE P 46 -76.48 2.29 6.74
CA PHE P 46 -77.74 1.96 7.42
C PHE P 46 -78.70 3.15 7.46
N SER P 47 -78.21 4.32 7.02
CA SER P 47 -79.05 5.50 6.83
C SER P 47 -79.63 5.52 5.41
N TYR P 48 -79.07 4.69 4.54
CA TYR P 48 -79.57 4.53 3.17
C TYR P 48 -80.59 3.39 3.08
N ALA P 49 -80.53 2.47 4.04
CA ALA P 49 -81.48 1.34 4.12
C ALA P 49 -82.91 1.82 4.45
N ILE P 50 -83.01 3.00 5.07
CA ILE P 50 -84.28 3.65 5.30
C ILE P 50 -84.78 4.29 3.99
N LEU P 51 -83.84 4.81 3.20
CA LEU P 51 -84.15 5.39 1.88
C LEU P 51 -84.47 4.32 0.84
N GLY P 52 -84.13 3.07 1.16
CA GLY P 52 -84.41 1.92 0.30
C GLY P 52 -85.64 1.13 0.71
N PHE P 53 -86.07 1.30 1.96
CA PHE P 53 -87.30 0.68 2.46
C PHE P 53 -88.50 1.61 2.30
N ALA P 54 -88.22 2.89 2.02
CA ALA P 54 -89.24 3.91 1.81
C ALA P 54 -89.70 3.96 0.35
N LEU P 55 -88.76 3.77 -0.57
CA LEU P 55 -89.07 3.73 -2.00
C LEU P 55 -89.65 2.37 -2.42
N SER P 56 -89.60 1.39 -1.52
CA SER P 56 -90.13 0.04 -1.77
C SER P 56 -91.53 -0.15 -1.16
N GLU P 57 -91.76 0.48 -0.01
CA GLU P 57 -93.07 0.47 0.64
C GLU P 57 -93.98 1.59 0.09
N ALA P 58 -93.45 2.37 -0.85
CA ALA P 58 -94.21 3.41 -1.55
C ALA P 58 -95.13 2.80 -2.60
N MET P 59 -94.68 1.68 -3.18
CA MET P 59 -95.51 0.89 -4.10
C MET P 59 -96.44 -0.01 -3.31
N GLY P 60 -96.05 -0.34 -2.08
CA GLY P 60 -96.88 -1.09 -1.15
C GLY P 60 -98.04 -0.24 -0.63
N LEU P 61 -97.72 1.01 -0.27
CA LEU P 61 -98.73 1.99 0.14
C LEU P 61 -99.63 2.41 -1.01
N PHE P 62 -99.11 2.30 -2.24
CA PHE P 62 -99.88 2.55 -3.46
C PHE P 62 -100.80 1.36 -3.80
N CYS P 63 -100.39 0.17 -3.37
CA CYS P 63 -101.19 -1.04 -3.59
C CYS P 63 -102.23 -1.26 -2.49
N LEU P 64 -101.91 -0.81 -1.26
CA LEU P 64 -102.82 -0.89 -0.13
C LEU P 64 -103.88 0.22 -0.15
N MET P 65 -103.68 1.20 -1.02
CA MET P 65 -104.66 2.25 -1.27
C MET P 65 -105.73 1.78 -2.26
N VAL P 66 -105.33 0.87 -3.15
CA VAL P 66 -106.24 0.32 -4.17
C VAL P 66 -107.21 -0.71 -3.59
N ALA P 67 -106.71 -1.58 -2.72
CA ALA P 67 -107.52 -2.61 -2.07
C ALA P 67 -108.50 -2.04 -1.04
N PHE P 68 -108.20 -0.84 -0.53
CA PHE P 68 -109.05 -0.13 0.42
C PHE P 68 -110.04 0.80 -0.28
N LEU P 69 -109.84 0.98 -1.59
CA LEU P 69 -110.75 1.78 -2.42
C LEU P 69 -111.96 0.97 -2.89
N ILE P 70 -111.77 -0.34 -2.99
CA ILE P 70 -112.86 -1.27 -3.35
C ILE P 70 -113.48 -1.92 -2.10
N LEU P 71 -112.93 -1.62 -0.94
CA LEU P 71 -113.43 -2.14 0.34
C LEU P 71 -114.19 -1.09 1.14
N PHE P 72 -113.98 0.18 0.81
CA PHE P 72 -114.67 1.30 1.46
C PHE P 72 -114.80 2.49 0.52
N ILE Q 1 -123.25 -13.85 -5.01
CA ILE Q 1 -122.71 -12.48 -5.19
C ILE Q 1 -122.11 -11.91 -3.91
N ASP Q 2 -122.82 -12.09 -2.78
CA ASP Q 2 -122.35 -11.60 -1.48
C ASP Q 2 -121.58 -12.66 -0.69
N THR Q 3 -122.09 -13.89 -0.72
CA THR Q 3 -121.50 -15.01 0.02
C THR Q 3 -120.30 -15.64 -0.70
N ALA Q 4 -120.25 -15.46 -2.03
CA ALA Q 4 -119.24 -16.10 -2.87
C ALA Q 4 -117.95 -15.28 -3.02
N ALA Q 5 -118.08 -13.98 -3.31
CA ALA Q 5 -116.96 -13.11 -3.64
C ALA Q 5 -115.99 -12.84 -2.48
N LYS Q 6 -116.43 -13.13 -1.26
CA LYS Q 6 -115.60 -13.01 -0.07
C LYS Q 6 -114.66 -14.21 0.10
N PHE Q 7 -114.99 -15.31 -0.59
CA PHE Q 7 -114.14 -16.50 -0.62
C PHE Q 7 -113.09 -16.41 -1.73
N ILE Q 8 -113.43 -15.68 -2.79
CA ILE Q 8 -112.50 -15.40 -3.88
C ILE Q 8 -111.87 -14.00 -3.71
N GLY Q 9 -111.79 -13.56 -2.45
CA GLY Q 9 -111.17 -12.28 -2.09
C GLY Q 9 -110.06 -12.48 -1.08
N ALA Q 10 -110.24 -13.47 -0.21
CA ALA Q 10 -109.21 -13.85 0.75
C ALA Q 10 -108.25 -14.90 0.16
N GLY Q 11 -108.58 -15.36 -1.05
CA GLY Q 11 -107.74 -16.31 -1.79
C GLY Q 11 -106.67 -15.63 -2.59
N ALA Q 12 -107.02 -14.48 -3.19
CA ALA Q 12 -106.06 -13.65 -3.93
C ALA Q 12 -105.27 -12.72 -3.00
N ALA Q 13 -105.73 -12.60 -1.75
CA ALA Q 13 -105.03 -11.82 -0.73
C ALA Q 13 -103.97 -12.65 0.00
N THR Q 14 -103.98 -13.96 -0.25
CA THR Q 14 -102.97 -14.88 0.28
C THR Q 14 -101.76 -14.97 -0.66
N VAL Q 15 -101.89 -14.37 -1.84
CA VAL Q 15 -100.82 -14.26 -2.82
C VAL Q 15 -99.92 -13.04 -2.56
N GLY Q 16 -100.10 -12.42 -1.39
CA GLY Q 16 -99.24 -11.33 -0.94
C GLY Q 16 -98.18 -11.83 0.03
N VAL Q 17 -98.34 -13.09 0.46
CA VAL Q 17 -97.36 -13.76 1.33
C VAL Q 17 -96.20 -14.33 0.51
N ALA Q 18 -96.35 -14.32 -0.82
CA ALA Q 18 -95.31 -14.80 -1.75
C ALA Q 18 -94.06 -13.92 -1.75
N GLY Q 19 -94.12 -12.81 -1.01
CA GLY Q 19 -92.97 -11.90 -0.85
C GLY Q 19 -92.36 -11.98 0.54
N SER Q 20 -93.19 -12.25 1.54
CA SER Q 20 -92.75 -12.38 2.93
C SER Q 20 -91.93 -13.65 3.18
N GLY Q 21 -92.16 -14.66 2.35
CA GLY Q 21 -91.44 -15.93 2.46
C GLY Q 21 -90.16 -16.00 1.65
N ALA Q 22 -90.17 -15.35 0.49
CA ALA Q 22 -89.01 -15.28 -0.38
C ALA Q 22 -88.03 -14.18 0.05
N GLY Q 23 -88.56 -13.10 0.61
CA GLY Q 23 -87.76 -12.00 1.13
C GLY Q 23 -87.03 -12.36 2.42
N ILE Q 24 -87.63 -13.26 3.20
CA ILE Q 24 -87.01 -13.83 4.39
C ILE Q 24 -85.89 -14.78 4.00
N GLY Q 25 -86.02 -15.44 2.85
CA GLY Q 25 -84.96 -16.27 2.28
C GLY Q 25 -83.83 -15.44 1.70
N THR Q 26 -84.14 -14.18 1.36
CA THR Q 26 -83.15 -13.24 0.83
C THR Q 26 -82.32 -12.60 1.95
N VAL Q 27 -82.98 -12.25 3.05
CA VAL Q 27 -82.30 -11.65 4.21
C VAL Q 27 -81.51 -12.67 5.03
N PHE Q 28 -82.11 -13.83 5.27
CA PHE Q 28 -81.45 -14.92 6.02
C PHE Q 28 -80.38 -15.62 5.19
N GLY Q 29 -80.41 -15.42 3.88
CA GLY Q 29 -79.35 -15.90 3.00
C GLY Q 29 -78.16 -14.95 3.03
N SER Q 30 -78.46 -13.65 3.06
CA SER Q 30 -77.44 -12.60 3.14
C SER Q 30 -76.78 -12.51 4.52
N LEU Q 31 -77.43 -13.12 5.51
CA LEU Q 31 -76.86 -13.29 6.85
C LEU Q 31 -76.11 -14.62 6.94
N ILE Q 32 -76.48 -15.56 6.08
CA ILE Q 32 -75.79 -16.85 5.97
C ILE Q 32 -74.49 -16.71 5.16
N ILE Q 33 -74.53 -15.86 4.14
CA ILE Q 33 -73.34 -15.56 3.34
C ILE Q 33 -72.52 -14.43 3.95
N GLY Q 34 -73.17 -13.60 4.76
CA GLY Q 34 -72.51 -12.46 5.42
C GLY Q 34 -71.62 -12.87 6.57
N TYR Q 35 -72.08 -13.85 7.36
CA TYR Q 35 -71.32 -14.38 8.50
C TYR Q 35 -70.13 -15.22 8.06
N ALA Q 36 -70.14 -15.65 6.79
CA ALA Q 36 -69.03 -16.40 6.20
C ALA Q 36 -67.78 -15.52 6.11
N ARG Q 37 -67.96 -14.27 5.69
CA ARG Q 37 -66.89 -13.28 5.65
C ARG Q 37 -66.38 -12.93 7.06
N ASN Q 38 -67.21 -13.25 8.06
CA ASN Q 38 -66.86 -13.13 9.49
C ASN Q 38 -66.69 -11.68 9.99
N PRO Q 39 -66.58 -11.49 11.32
CA PRO Q 39 -66.60 -12.35 12.50
C PRO Q 39 -67.72 -11.96 13.46
N SER Q 40 -68.35 -10.81 13.20
CA SER Q 40 -69.48 -10.35 14.00
C SER Q 40 -70.73 -11.20 13.75
N LEU Q 41 -70.79 -12.35 14.42
CA LEU Q 41 -71.93 -13.26 14.31
C LEU Q 41 -72.83 -13.21 15.55
N LYS Q 42 -72.23 -13.34 16.73
CA LYS Q 42 -72.96 -13.24 18.00
C LYS Q 42 -73.14 -11.77 18.44
N GLN Q 43 -73.36 -10.90 17.46
CA GLN Q 43 -73.54 -9.45 17.64
C GLN Q 43 -73.47 -8.72 16.29
N GLN Q 44 -74.03 -7.51 16.24
CA GLN Q 44 -73.97 -6.61 15.07
C GLN Q 44 -74.77 -7.08 13.84
N LEU Q 45 -74.36 -8.21 13.24
CA LEU Q 45 -74.92 -8.66 11.95
C LEU Q 45 -76.12 -9.60 12.06
N PHE Q 46 -76.03 -10.61 12.94
CA PHE Q 46 -77.16 -11.53 13.18
C PHE Q 46 -78.24 -10.86 14.04
N SER Q 47 -77.91 -9.70 14.60
CA SER Q 47 -78.87 -8.84 15.28
C SER Q 47 -79.53 -7.89 14.28
N TYR Q 48 -79.05 -7.89 13.05
CA TYR Q 48 -79.65 -7.14 11.96
C TYR Q 48 -80.49 -8.05 11.04
N ALA Q 49 -80.32 -9.36 11.21
CA ALA Q 49 -81.11 -10.36 10.49
C ALA Q 49 -82.48 -10.58 11.13
N ILE Q 50 -82.58 -10.27 12.42
CA ILE Q 50 -83.85 -10.26 13.15
C ILE Q 50 -84.66 -9.01 12.80
N LEU Q 51 -83.96 -7.91 12.52
CA LEU Q 51 -84.58 -6.66 12.09
C LEU Q 51 -84.96 -6.68 10.61
N GLY Q 52 -84.44 -7.67 9.89
CA GLY Q 52 -84.76 -7.87 8.47
C GLY Q 52 -85.85 -8.89 8.25
N PHE Q 53 -85.86 -9.95 9.07
CA PHE Q 53 -86.88 -11.00 9.01
C PHE Q 53 -88.21 -10.55 9.62
N ALA Q 54 -88.21 -9.36 10.22
CA ALA Q 54 -89.41 -8.76 10.79
C ALA Q 54 -90.06 -7.79 9.80
N LEU Q 55 -89.26 -6.94 9.16
CA LEU Q 55 -89.73 -6.00 8.15
C LEU Q 55 -90.24 -6.70 6.89
N SER Q 56 -89.74 -7.91 6.65
CA SER Q 56 -90.21 -8.76 5.56
C SER Q 56 -91.54 -9.42 5.91
N GLU Q 57 -91.67 -9.86 7.17
CA GLU Q 57 -92.91 -10.44 7.68
C GLU Q 57 -93.91 -9.35 8.11
N ALA Q 58 -93.51 -8.09 7.98
CA ALA Q 58 -94.38 -6.94 8.27
C ALA Q 58 -95.38 -6.71 7.13
N MET Q 59 -95.00 -7.12 5.93
CA MET Q 59 -95.92 -7.18 4.80
C MET Q 59 -96.52 -8.58 4.70
N GLY Q 60 -96.20 -9.42 5.68
CA GLY Q 60 -96.74 -10.77 5.80
C GLY Q 60 -97.75 -10.91 6.95
N LEU Q 61 -97.90 -9.84 7.72
CA LEU Q 61 -98.92 -9.74 8.76
C LEU Q 61 -99.98 -8.72 8.33
N PHE Q 62 -99.57 -7.77 7.50
CA PHE Q 62 -100.47 -6.78 6.92
C PHE Q 62 -101.31 -7.39 5.80
N CYS Q 63 -100.72 -8.36 5.09
CA CYS Q 63 -101.42 -9.09 4.04
C CYS Q 63 -102.30 -10.19 4.62
N LEU Q 64 -101.83 -10.78 5.73
CA LEU Q 64 -102.57 -11.85 6.42
C LEU Q 64 -103.81 -11.35 7.17
N MET Q 65 -103.77 -10.08 7.57
CA MET Q 65 -104.90 -9.44 8.25
C MET Q 65 -106.05 -9.11 7.30
N VAL Q 66 -105.73 -8.96 6.01
CA VAL Q 66 -106.73 -8.71 4.97
C VAL Q 66 -107.45 -10.00 4.56
N ALA Q 67 -106.74 -11.12 4.61
CA ALA Q 67 -107.31 -12.43 4.32
C ALA Q 67 -108.13 -12.94 5.51
N PHE Q 68 -107.83 -12.42 6.70
CA PHE Q 68 -108.60 -12.72 7.90
C PHE Q 68 -109.79 -11.76 8.06
N LEU Q 69 -109.78 -10.68 7.28
CA LEU Q 69 -110.86 -9.70 7.28
C LEU Q 69 -111.99 -10.09 6.32
N ILE Q 70 -111.62 -10.63 5.16
CA ILE Q 70 -112.59 -11.05 4.15
C ILE Q 70 -113.32 -12.34 4.55
N LEU Q 71 -112.71 -13.13 5.44
CA LEU Q 71 -113.29 -14.40 5.89
C LEU Q 71 -114.24 -14.23 7.07
N PHE Q 72 -113.76 -13.62 8.16
CA PHE Q 72 -114.55 -13.41 9.37
C PHE Q 72 -114.86 -11.93 9.60
N PHE R 1 59.33 28.14 27.46
CA PHE R 1 60.56 27.53 28.05
C PHE R 1 61.67 28.45 27.67
N ALA R 2 62.80 27.84 27.29
CA ALA R 2 63.95 28.54 26.87
C ALA R 2 63.65 28.78 25.44
N LYS R 3 63.67 30.05 24.99
CA LYS R 3 63.40 30.34 23.61
C LYS R 3 64.51 29.82 22.78
N LEU R 4 64.13 29.36 21.60
CA LEU R 4 64.95 28.45 20.89
C LEU R 4 65.51 29.08 19.71
N VAL R 5 66.72 28.62 19.45
CA VAL R 5 67.58 29.14 18.48
C VAL R 5 67.37 28.19 17.39
N ARG R 6 66.58 28.69 16.43
CA ARG R 6 66.19 27.99 15.27
C ARG R 6 66.80 28.63 14.09
N PRO R 7 68.10 28.61 13.88
CA PRO R 7 68.65 29.18 12.70
C PRO R 7 68.64 28.06 11.75
N PRO R 8 67.95 28.15 10.65
CA PRO R 8 67.79 27.08 9.72
C PRO R 8 69.07 26.46 9.26
N VAL R 9 68.90 25.28 8.65
CA VAL R 9 69.94 24.40 8.25
C VAL R 9 70.62 23.86 9.45
N GLN R 10 69.98 23.08 10.37
CA GLN R 10 68.62 22.60 10.57
C GLN R 10 67.96 21.87 9.43
N ILE R 11 66.72 21.37 9.65
CA ILE R 11 65.95 20.59 8.70
C ILE R 11 64.54 20.59 9.18
N TYR R 12 64.38 21.01 10.44
CA TYR R 12 63.11 21.26 11.03
C TYR R 12 62.39 19.98 11.19
N GLY R 13 62.77 19.39 12.35
CA GLY R 13 62.36 18.13 12.83
C GLY R 13 63.34 17.29 12.15
N ILE R 14 63.22 15.99 12.30
CA ILE R 14 63.95 15.12 11.45
C ILE R 14 65.42 15.23 11.77
N GLU R 15 65.74 15.27 13.06
CA GLU R 15 67.02 15.53 13.65
C GLU R 15 67.48 16.84 13.31
N GLY R 16 66.47 17.67 13.06
CA GLY R 16 66.48 19.07 13.10
C GLY R 16 65.94 19.21 14.44
N ARG R 17 65.08 18.29 14.90
CA ARG R 17 64.64 18.30 16.25
C ARG R 17 65.78 18.12 17.14
N TYR R 18 66.67 17.20 16.73
CA TYR R 18 67.93 17.18 17.37
C TYR R 18 68.81 18.35 17.12
N ALA R 19 69.04 18.65 15.82
CA ALA R 19 70.00 19.61 15.35
C ALA R 19 69.89 20.91 16.01
N THR R 20 68.65 21.41 16.04
CA THR R 20 68.22 22.64 16.65
C THR R 20 68.43 22.71 18.10
N ALA R 21 68.71 21.55 18.72
CA ALA R 21 69.03 21.52 20.09
C ALA R 21 70.36 22.08 20.11
N LEU R 22 71.21 21.63 19.20
CA LEU R 22 72.55 22.08 19.11
C LEU R 22 72.62 23.35 18.32
N TYR R 23 71.51 23.79 17.71
CA TYR R 23 71.43 25.09 17.15
C TYR R 23 71.08 26.02 18.16
N SER R 24 70.79 25.55 19.35
CA SER R 24 70.78 26.45 20.42
C SER R 24 71.92 26.16 21.33
N ALA R 25 72.35 24.90 21.43
CA ALA R 25 73.42 24.54 22.32
C ALA R 25 74.80 24.90 22.03
N ALA R 26 75.17 24.63 20.78
CA ALA R 26 76.50 24.73 20.26
C ALA R 26 76.71 26.16 20.17
N SER R 27 75.68 26.75 19.61
CA SER R 27 75.33 28.09 19.41
C SER R 27 75.53 28.95 20.57
N LYS R 28 74.83 28.73 21.69
CA LYS R 28 75.30 29.30 22.90
C LYS R 28 76.63 28.74 23.17
N GLN R 29 77.55 29.55 23.68
CA GLN R 29 78.93 29.16 23.80
C GLN R 29 79.67 29.00 22.52
N ASN R 30 78.97 28.97 21.38
CA ASN R 30 79.53 29.07 20.06
C ASN R 30 80.56 28.10 19.78
N LYS R 31 80.24 26.91 20.25
CA LYS R 31 80.96 25.76 20.01
C LYS R 31 80.27 25.17 18.85
N LEU R 32 79.60 26.01 18.07
CA LEU R 32 78.87 25.60 16.94
C LEU R 32 79.61 24.75 16.07
N GLU R 33 80.76 25.30 15.69
CA GLU R 33 81.56 24.66 14.75
C GLU R 33 82.42 23.74 15.46
N GLN R 34 82.85 24.12 16.67
CA GLN R 34 83.67 23.28 17.46
C GLN R 34 83.17 21.92 17.58
N VAL R 35 81.87 21.83 17.66
CA VAL R 35 81.17 20.65 17.91
C VAL R 35 80.79 20.13 16.62
N GLU R 36 80.42 20.99 15.66
CA GLU R 36 80.11 20.64 14.29
C GLU R 36 81.09 19.69 13.72
N LYS R 37 82.32 19.84 14.21
CA LYS R 37 83.44 19.18 13.77
C LYS R 37 83.66 18.04 14.62
N GLU R 38 83.37 18.11 15.93
CA GLU R 38 83.43 16.98 16.82
C GLU R 38 82.74 15.89 16.22
N LEU R 39 81.57 16.20 15.70
CA LEU R 39 80.76 15.25 15.09
C LEU R 39 81.37 14.67 13.88
N LEU R 40 81.94 15.49 13.01
CA LEU R 40 82.56 14.98 11.82
C LEU R 40 83.53 13.94 12.05
N ARG R 41 84.29 14.16 13.09
CA ARG R 41 85.38 13.38 13.55
C ARG R 41 84.90 12.09 14.00
N VAL R 42 83.97 12.21 14.92
CA VAL R 42 83.28 11.18 15.59
C VAL R 42 82.79 10.20 14.65
N GLY R 43 82.14 10.70 13.60
CA GLY R 43 81.40 9.96 12.64
C GLY R 43 82.02 8.70 12.25
N GLN R 44 83.30 8.75 12.03
CA GLN R 44 83.98 7.66 11.41
C GLN R 44 84.64 6.82 12.37
N ILE R 45 84.85 7.37 13.57
CA ILE R 45 85.12 6.68 14.83
C ILE R 45 83.97 5.80 15.09
N LEU R 46 82.84 6.16 14.51
CA LEU R 46 81.71 5.36 14.48
C LEU R 46 82.01 4.46 13.26
N LYS R 47 81.83 4.94 11.98
CA LYS R 47 81.71 4.22 10.71
C LYS R 47 82.49 2.99 10.42
N GLU R 48 83.45 2.63 11.27
CA GLU R 48 84.00 1.28 11.24
C GLU R 48 83.09 0.39 12.02
N PRO R 49 83.20 -0.92 12.11
CA PRO R 49 82.17 -1.75 12.76
C PRO R 49 81.92 -1.63 14.26
N LYS R 50 82.36 -0.51 14.84
CA LYS R 50 81.85 -0.21 16.10
C LYS R 50 80.44 -0.25 15.62
N MET R 51 80.16 0.49 14.45
CA MET R 51 78.94 0.82 13.68
C MET R 51 78.05 -0.30 13.30
N ALA R 52 78.50 -1.26 12.55
CA ALA R 52 77.63 -2.37 12.43
C ALA R 52 77.61 -3.21 13.69
N ALA R 53 78.68 -3.20 14.59
CA ALA R 53 78.74 -4.60 14.80
C ALA R 53 77.99 -4.79 16.04
N SER R 54 77.72 -3.69 16.73
CA SER R 54 77.13 -3.71 18.01
C SER R 54 76.56 -2.39 18.15
N LEU R 55 77.03 -1.49 17.29
CA LEU R 55 76.78 -0.13 17.40
C LEU R 55 75.40 0.11 16.97
N LEU R 56 75.10 -0.31 15.74
CA LEU R 56 73.77 -0.28 15.30
C LEU R 56 73.24 -1.64 15.44
N ASN R 57 74.00 -2.58 16.01
CA ASN R 57 73.46 -3.87 16.21
C ASN R 57 73.20 -3.98 17.65
N PRO R 58 72.00 -4.33 17.86
CA PRO R 58 71.67 -4.96 19.10
C PRO R 58 71.13 -6.27 18.71
N TYR R 59 71.59 -7.24 19.43
CA TYR R 59 71.39 -8.62 19.27
C TYR R 59 71.45 -9.06 20.68
N VAL R 60 72.08 -8.17 21.47
CA VAL R 60 72.09 -8.12 22.89
C VAL R 60 70.79 -7.54 23.24
N LYS R 61 70.19 -6.80 22.26
CA LYS R 61 68.97 -6.11 22.37
C LYS R 61 69.33 -4.94 23.23
N ARG R 62 69.31 -3.70 22.69
CA ARG R 62 69.89 -2.53 23.32
C ARG R 62 69.33 -2.35 24.68
N SER R 63 70.15 -2.57 25.71
CA SER R 63 69.60 -2.43 27.03
C SER R 63 70.72 -2.39 27.95
N VAL R 64 71.87 -2.73 27.42
CA VAL R 64 73.03 -2.94 28.17
C VAL R 64 74.05 -2.44 27.28
N LYS R 65 73.72 -2.53 25.99
CA LYS R 65 74.37 -1.97 24.89
C LYS R 65 74.38 -0.51 25.03
N VAL R 66 73.21 0.05 25.41
CA VAL R 66 73.06 1.46 25.62
C VAL R 66 73.60 1.83 26.94
N LYS R 67 74.13 0.86 27.65
CA LYS R 67 74.63 1.06 28.95
C LYS R 67 75.98 0.50 28.87
N SER R 68 76.61 0.62 27.71
CA SER R 68 77.97 0.20 27.56
C SER R 68 78.53 0.88 26.40
N LEU R 69 77.69 1.60 25.67
CA LEU R 69 78.14 2.43 24.61
C LEU R 69 77.91 3.82 25.04
N SER R 70 77.33 3.94 26.24
CA SER R 70 77.29 5.16 26.98
C SER R 70 78.66 5.31 27.56
N ASP R 71 79.47 4.20 27.72
CA ASP R 71 80.71 4.29 28.50
C ASP R 71 81.90 3.61 27.87
N MET R 72 81.76 2.47 27.14
CA MET R 72 82.94 1.92 26.51
C MET R 72 83.37 2.82 25.36
N THR R 73 82.46 3.12 24.39
CA THR R 73 82.67 4.09 23.34
C THR R 73 82.35 5.51 23.75
N ALA R 74 81.24 5.80 24.52
CA ALA R 74 81.08 7.19 24.82
C ALA R 74 81.88 7.27 26.02
N LYS R 75 83.07 7.82 25.79
CA LYS R 75 84.17 7.67 26.67
C LYS R 75 85.20 8.65 26.22
N GLU R 76 84.78 9.75 25.56
CA GLU R 76 85.74 10.47 24.80
C GLU R 76 85.76 11.88 25.17
N LYS R 77 86.79 12.50 24.63
CA LYS R 77 87.10 13.88 24.50
C LYS R 77 86.00 14.58 23.78
N PHE R 78 85.34 13.90 22.82
CA PHE R 78 84.19 14.45 22.17
C PHE R 78 83.09 14.18 23.13
N SER R 79 82.75 15.24 23.85
CA SER R 79 81.94 15.12 25.00
C SER R 79 81.50 16.41 25.60
N PRO R 80 81.61 17.66 25.19
CA PRO R 80 80.96 18.75 25.92
C PRO R 80 79.47 18.62 25.87
N LEU R 81 79.00 18.00 24.82
CA LEU R 81 77.65 17.62 24.73
C LEU R 81 77.66 16.42 23.90
N THR R 82 78.72 16.33 23.11
CA THR R 82 78.91 15.42 22.06
C THR R 82 78.70 14.02 22.37
N SER R 83 79.38 13.46 23.35
CA SER R 83 79.02 12.15 23.75
C SER R 83 77.77 12.10 24.52
N ASN R 84 77.17 13.24 24.86
CA ASN R 84 76.18 13.20 25.89
C ASN R 84 74.86 13.18 25.30
N LEU R 85 74.78 13.90 24.20
CA LEU R 85 73.83 13.81 23.20
C LEU R 85 73.90 12.51 22.53
N ILE R 86 75.02 11.78 22.64
CA ILE R 86 75.08 10.48 22.05
C ILE R 86 74.29 9.62 22.90
N ASN R 87 74.71 9.65 24.14
CA ASN R 87 74.16 9.04 25.29
C ASN R 87 72.73 9.42 25.49
N LEU R 88 72.20 10.34 24.69
CA LEU R 88 70.83 10.65 24.60
C LEU R 88 70.21 9.90 23.41
N LEU R 89 70.75 10.02 22.20
CA LEU R 89 70.36 9.29 21.02
C LEU R 89 70.36 7.82 21.18
N ALA R 90 71.16 7.34 22.10
CA ALA R 90 71.48 5.95 22.17
C ALA R 90 70.37 5.04 22.47
N GLU R 91 69.70 5.32 23.56
CA GLU R 91 68.59 4.66 24.17
C GLU R 91 67.58 5.01 23.21
N ASN R 92 67.51 6.32 22.95
CA ASN R 92 66.68 6.86 21.96
C ASN R 92 67.08 6.49 20.57
N GLY R 93 67.83 5.39 20.34
CA GLY R 93 68.06 4.68 19.10
C GLY R 93 68.45 5.46 17.88
N ARG R 94 68.61 6.78 17.99
CA ARG R 94 68.78 7.70 16.92
C ARG R 94 70.18 7.66 16.45
N LEU R 95 70.89 6.62 16.87
CA LEU R 95 72.18 6.30 16.44
C LEU R 95 72.17 5.89 15.03
N THR R 96 71.12 5.17 14.66
CA THR R 96 70.91 4.80 13.31
C THR R 96 70.55 5.96 12.42
N ASN R 97 70.58 7.18 12.96
CA ASN R 97 70.00 8.33 12.32
C ASN R 97 71.03 9.30 12.11
N THR R 98 72.11 9.06 12.81
CA THR R 98 73.13 9.99 13.02
C THR R 98 73.64 10.63 11.79
N PRO R 99 73.92 10.03 10.64
CA PRO R 99 74.51 10.72 9.53
C PRO R 99 73.79 11.95 9.25
N ALA R 100 72.47 11.80 9.22
CA ALA R 100 71.54 12.83 9.03
C ALA R 100 71.52 13.84 10.09
N VAL R 101 71.79 13.50 11.34
CA VAL R 101 71.77 14.54 12.32
C VAL R 101 72.93 15.42 12.10
N ILE R 102 74.00 14.79 11.62
CA ILE R 102 75.24 15.45 11.48
C ILE R 102 75.13 16.26 10.33
N SER R 103 74.66 15.69 9.24
CA SER R 103 74.30 16.34 8.05
C SER R 103 73.65 17.59 8.34
N ALA R 104 72.58 17.51 9.13
CA ALA R 104 71.77 18.62 9.46
C ALA R 104 72.53 19.67 10.12
N PHE R 105 73.40 19.26 11.03
CA PHE R 105 74.26 20.16 11.66
C PHE R 105 75.20 20.82 10.74
N SER R 106 76.06 19.99 10.16
CA SER R 106 77.15 20.29 9.30
C SER R 106 76.68 21.20 8.25
N THR R 107 75.56 20.92 7.65
CA THR R 107 74.96 21.98 6.93
C THR R 107 74.56 22.97 8.09
N MET R 108 75.34 24.02 8.61
CA MET R 108 75.40 25.03 9.69
C MET R 108 76.69 25.81 9.53
N MET R 109 77.81 25.60 10.24
CA MET R 109 78.85 26.53 9.83
C MET R 109 79.41 26.24 8.48
N SER R 110 79.47 24.94 8.11
CA SER R 110 79.91 24.45 6.82
C SER R 110 78.94 24.89 5.76
N VAL R 111 77.69 24.37 5.73
CA VAL R 111 76.77 24.90 4.75
C VAL R 111 75.49 25.41 5.40
N HIS R 112 75.40 26.70 5.82
CA HIS R 112 74.26 27.48 6.29
C HIS R 112 74.45 28.65 5.39
N ARG R 113 75.76 28.84 5.31
CA ARG R 113 76.72 29.64 4.60
C ARG R 113 76.86 29.17 3.16
N GLY R 114 76.06 28.19 2.64
CA GLY R 114 76.11 27.61 1.30
C GLY R 114 75.74 28.43 0.09
N GLU R 115 75.26 27.79 -1.02
CA GLU R 115 74.57 28.42 -2.16
C GLU R 115 73.65 27.38 -2.79
N VAL R 116 72.66 27.76 -3.68
CA VAL R 116 71.53 26.91 -4.09
C VAL R 116 70.82 27.12 -5.42
N PRO R 117 70.91 28.15 -6.23
CA PRO R 117 70.09 28.35 -7.41
C PRO R 117 69.94 27.22 -8.31
N CYS R 118 68.74 26.99 -8.80
CA CYS R 118 68.55 25.83 -9.55
C CYS R 118 67.39 26.12 -10.34
N THR R 119 67.63 26.42 -11.59
CA THR R 119 66.61 26.75 -12.49
C THR R 119 66.61 25.48 -13.20
N VAL R 120 66.40 25.50 -14.50
CA VAL R 120 66.51 24.33 -15.31
C VAL R 120 67.79 24.41 -16.03
N THR R 121 68.42 25.53 -15.80
CA THR R 121 69.62 25.87 -16.37
C THR R 121 70.56 25.66 -15.27
N THR R 122 70.13 25.82 -13.99
CA THR R 122 71.03 25.64 -12.90
C THR R 122 70.56 24.58 -12.02
N ALA R 123 71.49 24.23 -11.13
CA ALA R 123 71.69 23.05 -10.42
C ALA R 123 72.99 23.34 -9.74
N SER R 124 73.00 24.46 -9.03
CA SER R 124 74.07 25.07 -8.28
C SER R 124 75.17 24.19 -7.78
N ALA R 125 76.38 24.77 -7.71
CA ALA R 125 77.55 24.13 -7.20
C ALA R 125 77.67 24.38 -5.73
N LEU R 126 76.64 25.04 -5.18
CA LEU R 126 76.41 25.36 -3.80
C LEU R 126 77.48 25.94 -2.97
N ASP R 127 78.33 26.75 -3.56
CA ASP R 127 79.52 27.15 -2.88
C ASP R 127 79.14 28.16 -1.89
N GLU R 128 80.01 28.42 -0.94
CA GLU R 128 79.51 28.95 0.27
C GLU R 128 79.56 30.41 0.12
N THR R 129 78.40 31.07 -0.02
CA THR R 129 78.40 32.48 -0.28
C THR R 129 77.16 32.96 0.35
N THR R 130 77.22 34.17 0.91
CA THR R 130 76.11 34.76 1.61
C THR R 130 75.38 35.68 0.70
N LEU R 131 75.88 35.80 -0.52
CA LEU R 131 75.37 36.72 -1.46
C LEU R 131 75.35 36.02 -2.75
N THR R 132 74.72 36.66 -3.73
CA THR R 132 74.22 35.96 -4.87
C THR R 132 74.37 36.75 -6.08
N GLU R 133 74.41 36.00 -7.18
CA GLU R 133 74.61 36.48 -8.49
C GLU R 133 75.89 37.22 -8.55
N LEU R 134 76.98 36.49 -8.33
CA LEU R 134 78.26 37.08 -8.43
C LEU R 134 79.16 36.00 -8.79
N LYS R 135 79.22 35.07 -7.83
CA LYS R 135 80.00 33.88 -7.74
C LYS R 135 79.59 33.05 -8.90
N THR R 136 78.32 33.27 -9.18
CA THR R 136 77.39 32.86 -10.14
C THR R 136 77.77 33.23 -11.53
N VAL R 137 79.03 33.59 -11.74
CA VAL R 137 79.50 33.92 -13.04
C VAL R 137 80.92 33.51 -13.02
N LEU R 138 81.48 33.32 -11.82
CA LEU R 138 82.83 32.89 -11.61
C LEU R 138 82.90 31.48 -11.98
N LYS R 139 81.69 30.93 -11.92
CA LYS R 139 81.19 29.73 -12.44
C LYS R 139 81.50 29.54 -13.86
N SER R 140 81.74 30.61 -14.61
CA SER R 140 82.04 30.49 -15.99
C SER R 140 83.49 30.36 -16.20
N PHE R 141 84.24 30.26 -15.12
CA PHE R 141 85.66 30.05 -15.22
C PHE R 141 85.90 28.86 -14.54
N LEU R 142 84.95 28.55 -13.67
CA LEU R 142 84.77 27.22 -13.27
C LEU R 142 84.42 26.47 -14.51
N SER R 143 83.52 27.04 -15.35
CA SER R 143 82.99 26.38 -16.51
C SER R 143 84.06 25.91 -17.36
N LYS R 144 84.16 24.58 -17.52
CA LYS R 144 85.18 23.98 -18.30
C LYS R 144 84.84 22.51 -18.51
N GLY R 145 83.68 21.94 -18.01
CA GLY R 145 83.37 20.51 -18.20
C GLY R 145 81.96 19.98 -17.89
N GLN R 146 81.85 18.81 -17.20
CA GLN R 146 80.66 18.05 -16.78
C GLN R 146 79.72 17.61 -17.87
N VAL R 147 78.74 16.78 -17.44
CA VAL R 147 77.63 16.35 -18.23
C VAL R 147 76.58 17.35 -17.90
N LEU R 148 77.03 18.45 -17.29
CA LEU R 148 76.31 19.54 -16.82
C LEU R 148 75.56 18.97 -15.70
N LYS R 149 76.31 18.42 -14.73
CA LYS R 149 75.78 18.07 -13.47
C LYS R 149 75.51 19.32 -12.71
N LEU R 150 76.44 19.95 -11.96
CA LEU R 150 76.14 21.19 -11.31
C LEU R 150 75.91 22.16 -12.41
N GLU R 151 74.69 22.70 -12.50
CA GLU R 151 74.12 23.37 -13.64
C GLU R 151 73.99 22.50 -14.85
N VAL R 152 73.01 22.82 -15.70
CA VAL R 152 72.31 21.83 -16.45
C VAL R 152 72.50 21.96 -17.91
N LYS R 153 72.61 20.79 -18.58
CA LYS R 153 71.86 20.35 -19.73
C LYS R 153 70.58 21.05 -19.91
N ILE R 154 70.43 21.63 -21.08
CA ILE R 154 69.36 22.52 -21.34
C ILE R 154 69.11 22.27 -22.78
N ASP R 155 69.59 21.10 -23.20
CA ASP R 155 69.59 20.58 -24.49
C ASP R 155 68.47 19.68 -24.76
N PRO R 156 68.24 18.54 -24.13
CA PRO R 156 67.26 17.61 -24.63
C PRO R 156 65.90 18.12 -24.36
N SER R 157 65.86 19.27 -23.72
CA SER R 157 65.16 19.39 -22.52
C SER R 157 64.53 20.56 -23.04
N ILE R 158 65.12 21.71 -22.65
CA ILE R 158 64.88 22.96 -23.23
C ILE R 158 65.37 22.71 -24.55
N MET R 159 64.57 23.10 -25.50
CA MET R 159 64.78 22.84 -26.86
C MET R 159 64.33 21.55 -27.36
N GLY R 160 64.91 20.47 -26.82
CA GLY R 160 64.60 19.19 -27.39
C GLY R 160 63.16 18.87 -27.37
N GLY R 161 62.46 19.22 -26.33
CA GLY R 161 61.07 19.00 -26.33
C GLY R 161 60.33 19.92 -27.27
N MET R 162 60.88 21.09 -27.54
CA MET R 162 60.12 22.19 -28.08
C MET R 162 59.51 21.95 -29.38
N ILE R 163 60.19 21.16 -30.19
CA ILE R 163 59.74 20.83 -31.50
C ILE R 163 58.59 19.93 -31.40
N VAL R 164 58.64 19.15 -30.36
CA VAL R 164 57.64 18.25 -30.03
C VAL R 164 56.47 19.02 -29.60
N ARG R 165 56.76 20.06 -28.82
CA ARG R 165 55.76 20.78 -28.14
C ARG R 165 54.92 21.52 -29.10
N ILE R 166 55.48 22.04 -30.19
CA ILE R 166 54.69 22.56 -31.24
C ILE R 166 53.93 21.49 -31.95
N GLY R 167 54.55 20.33 -32.11
CA GLY R 167 53.87 19.22 -32.65
C GLY R 167 55.06 18.38 -33.00
N GLU R 168 54.85 17.25 -33.53
N PRO S 1 -80.87 29.95 -35.90
CA PRO S 1 -82.09 30.51 -35.28
C PRO S 1 -83.26 30.53 -36.27
N TYR S 2 -83.01 31.00 -37.51
CA TYR S 2 -84.02 31.05 -38.56
C TYR S 2 -84.53 29.66 -38.95
N VAL S 3 -83.60 28.70 -39.06
CA VAL S 3 -83.94 27.30 -39.35
C VAL S 3 -84.88 26.73 -38.30
N LEU S 4 -84.57 26.96 -37.02
CA LEU S 4 -85.42 26.53 -35.91
C LEU S 4 -86.82 27.11 -36.01
N GLY S 5 -86.92 28.42 -36.27
CA GLY S 5 -88.19 29.10 -36.45
C GLY S 5 -89.00 28.54 -37.61
N THR S 6 -88.36 28.27 -38.75
CA THR S 6 -88.98 27.55 -39.88
C THR S 6 -89.50 26.17 -39.47
N GLY S 7 -88.69 25.39 -38.75
CA GLY S 7 -89.06 24.05 -38.29
C GLY S 7 -90.28 24.07 -37.37
N LEU S 8 -90.34 25.02 -36.45
CA LEU S 8 -91.50 25.23 -35.58
C LEU S 8 -92.77 25.55 -36.37
N ILE S 9 -92.67 26.46 -37.34
CA ILE S 9 -93.79 26.86 -38.18
C ILE S 9 -94.38 25.63 -38.90
N LEU S 10 -93.51 24.79 -39.47
CA LEU S 10 -93.95 23.57 -40.14
C LEU S 10 -94.73 22.66 -39.21
N TYR S 11 -94.21 22.47 -37.99
CA TYR S 11 -94.86 21.66 -36.99
C TYR S 11 -96.28 22.18 -36.64
N LEU S 12 -96.42 23.49 -36.44
CA LEU S 12 -97.70 24.10 -36.16
C LEU S 12 -98.72 23.84 -37.28
N LEU S 13 -98.28 23.97 -38.54
CA LEU S 13 -99.10 23.62 -39.69
C LEU S 13 -99.52 22.14 -39.68
N SER S 14 -98.57 21.24 -39.39
CA SER S 14 -98.84 19.81 -39.26
C SER S 14 -99.88 19.50 -38.19
N LYS S 15 -99.81 20.17 -37.05
CA LYS S 15 -100.85 20.07 -36.02
C LYS S 15 -102.20 20.55 -36.56
N GLU S 16 -102.26 21.68 -37.25
CA GLU S 16 -103.54 22.25 -37.69
C GLU S 16 -104.35 21.30 -38.57
N ILE S 17 -103.67 20.66 -39.54
CA ILE S 17 -104.32 19.70 -40.44
C ILE S 17 -104.70 18.41 -39.69
N TYR S 18 -103.84 17.95 -38.77
CA TYR S 18 -104.07 16.79 -37.93
C TYR S 18 -104.06 17.20 -36.46
N VAL S 19 -105.23 17.60 -35.98
CA VAL S 19 -105.48 17.85 -34.57
C VAL S 19 -106.71 17.08 -34.11
N ILE S 20 -106.59 16.34 -33.02
CA ILE S 20 -107.76 15.64 -32.44
C ILE S 20 -108.57 16.56 -31.57
N THR S 21 -107.91 17.07 -30.52
CA THR S 21 -108.56 17.84 -29.48
C THR S 21 -107.70 18.98 -28.99
N PRO S 22 -108.35 20.08 -28.65
CA PRO S 22 -107.68 21.37 -28.63
C PRO S 22 -106.69 21.68 -27.50
N GLU S 23 -106.92 21.18 -26.29
CA GLU S 23 -106.48 21.90 -25.08
C GLU S 23 -105.53 21.05 -24.28
N THR S 24 -105.97 19.86 -23.96
CA THR S 24 -105.16 19.05 -23.10
C THR S 24 -103.96 18.44 -23.79
N PHE S 25 -104.18 17.95 -25.00
CA PHE S 25 -103.07 17.54 -25.84
C PHE S 25 -102.09 18.68 -26.04
N SER S 26 -102.61 19.91 -26.22
CA SER S 26 -101.77 21.11 -26.28
C SER S 26 -101.01 21.40 -25.00
N ALA S 27 -101.66 21.32 -23.86
CA ALA S 27 -101.06 21.61 -22.58
C ALA S 27 -99.82 20.69 -22.36
N ILE S 28 -99.87 19.45 -22.86
CA ILE S 28 -98.82 18.43 -22.63
C ILE S 28 -97.60 18.82 -23.43
N SER S 29 -97.85 19.11 -24.70
CA SER S 29 -96.82 19.52 -25.63
C SER S 29 -96.20 20.85 -25.19
N THR S 30 -97.02 21.81 -24.77
CA THR S 30 -96.58 23.18 -24.52
C THR S 30 -95.63 23.24 -23.35
N ILE S 31 -95.91 22.50 -22.29
CA ILE S 31 -94.96 22.36 -21.20
C ILE S 31 -93.69 21.64 -21.66
N GLY S 32 -93.80 20.67 -22.57
CA GLY S 32 -92.64 20.04 -23.21
C GLY S 32 -91.72 21.06 -23.89
N PHE S 33 -92.30 22.02 -24.61
CA PHE S 33 -91.56 23.11 -25.24
C PHE S 33 -90.90 24.02 -24.22
N LEU S 34 -91.68 24.49 -23.26
CA LEU S 34 -91.25 25.55 -22.35
C LEU S 34 -90.04 25.13 -21.54
N VAL S 35 -90.05 23.90 -21.03
CA VAL S 35 -88.91 23.31 -20.31
C VAL S 35 -87.67 23.35 -21.18
N TYR S 36 -87.83 23.03 -22.47
CA TYR S 36 -86.72 22.96 -23.38
C TYR S 36 -86.07 24.30 -23.53
N ILE S 37 -86.75 25.44 -23.54
CA ILE S 37 -86.11 26.75 -23.76
C ILE S 37 -84.95 27.00 -22.78
N VAL S 38 -85.25 26.93 -21.49
CA VAL S 38 -84.28 27.19 -20.42
C VAL S 38 -83.18 26.12 -20.43
N LYS S 39 -83.58 24.86 -20.56
CA LYS S 39 -82.64 23.74 -20.73
C LYS S 39 -81.74 23.93 -21.97
N LYS S 40 -82.35 24.37 -23.07
CA LYS S 40 -81.80 24.44 -24.42
C LYS S 40 -80.69 25.44 -24.42
N TYR S 41 -80.88 26.60 -23.79
CA TYR S 41 -79.85 27.63 -23.72
C TYR S 41 -78.57 27.10 -23.08
N GLY S 42 -78.69 26.34 -22.00
CA GLY S 42 -77.54 25.68 -21.37
C GLY S 42 -76.90 24.62 -22.28
N ALA S 43 -77.71 23.77 -22.90
CA ALA S 43 -77.23 22.83 -23.92
C ALA S 43 -76.59 23.53 -25.12
N SER S 44 -77.13 24.67 -25.56
CA SER S 44 -76.67 25.44 -26.71
C SER S 44 -75.26 25.96 -26.49
N VAL S 45 -74.92 26.41 -25.30
CA VAL S 45 -73.54 26.79 -24.97
C VAL S 45 -72.58 25.62 -25.16
N GLY S 46 -72.99 24.41 -24.78
CA GLY S 46 -72.26 23.17 -25.08
C GLY S 46 -72.20 22.88 -26.58
N GLU S 47 -73.34 22.87 -27.27
CA GLU S 47 -73.41 22.77 -28.74
C GLU S 47 -72.46 23.74 -29.45
N PHE S 48 -72.46 25.00 -29.02
CA PHE S 48 -71.58 26.04 -29.52
C PHE S 48 -70.10 25.73 -29.29
N ALA S 49 -69.76 25.25 -28.09
CA ALA S 49 -68.41 24.87 -27.72
C ALA S 49 -67.83 23.82 -28.65
N ASP S 50 -68.59 22.73 -28.91
CA ASP S 50 -68.12 21.64 -29.74
C ASP S 50 -67.69 22.21 -31.06
N LYS S 51 -68.67 22.75 -31.73
CA LYS S 51 -68.69 22.36 -33.07
C LYS S 51 -67.70 23.11 -33.96
N LEU S 52 -67.83 24.43 -33.90
CA LEU S 52 -67.02 25.31 -34.71
C LEU S 52 -65.55 25.12 -34.37
N ASN S 53 -65.24 24.71 -33.14
CA ASN S 53 -63.91 24.26 -32.77
C ASN S 53 -63.54 22.90 -33.40
N GLU S 54 -64.48 21.96 -33.46
CA GLU S 54 -64.25 20.64 -34.07
C GLU S 54 -64.04 20.76 -35.60
N GLN S 55 -64.85 21.60 -36.23
CA GLN S 55 -64.66 22.02 -37.61
C GLN S 55 -63.24 22.54 -37.82
N LYS S 56 -62.80 23.48 -36.97
CA LYS S 56 -61.49 24.12 -37.10
C LYS S 56 -60.35 23.13 -36.90
N ILE S 57 -60.47 22.19 -35.98
CA ILE S 57 -59.41 21.23 -35.67
C ILE S 57 -59.13 20.32 -36.86
N ALA S 58 -60.18 19.65 -37.36
CA ALA S 58 -60.05 18.72 -38.48
C ALA S 58 -59.66 19.45 -39.76
N GLN S 59 -60.17 20.68 -39.94
CA GLN S 59 -59.69 21.57 -41.00
C GLN S 59 -58.19 21.81 -40.90
N LEU S 60 -57.74 22.34 -39.76
CA LEU S 60 -56.41 22.92 -39.64
C LEU S 60 -55.31 21.88 -39.82
N GLU S 61 -55.60 20.63 -39.45
CA GLU S 61 -54.67 19.53 -39.55
C GLU S 61 -54.05 19.42 -40.93
N GLU S 62 -54.89 19.32 -41.96
CA GLU S 62 -54.48 18.99 -43.34
C GLU S 62 -53.66 20.14 -43.94
N VAL S 63 -53.99 21.37 -43.56
CA VAL S 63 -53.29 22.57 -44.02
C VAL S 63 -51.83 22.56 -43.58
N LYS S 64 -51.58 22.19 -42.32
CA LYS S 64 -50.22 22.11 -41.78
C LYS S 64 -49.46 20.92 -42.37
N GLN S 65 -50.16 19.81 -42.66
CA GLN S 65 -49.56 18.68 -43.37
C GLN S 65 -49.02 19.08 -44.73
N ALA S 66 -49.81 19.83 -45.51
CA ALA S 66 -49.35 20.33 -46.81
C ALA S 66 -48.20 21.31 -46.63
N SER S 67 -48.30 22.23 -45.67
CA SER S 67 -47.30 23.29 -45.47
C SER S 67 -45.91 22.75 -45.17
N ILE S 68 -45.86 21.68 -44.36
CA ILE S 68 -44.61 20.96 -44.09
C ILE S 68 -44.05 20.38 -45.37
N LYS S 69 -44.86 19.58 -46.10
CA LYS S 69 -44.37 18.75 -47.20
C LYS S 69 -43.83 19.57 -48.35
N GLN S 70 -44.44 20.70 -48.60
CA GLN S 70 -44.05 21.47 -49.77
C GLN S 70 -42.67 22.09 -49.64
N ILE S 71 -42.39 22.74 -48.51
CA ILE S 71 -41.08 23.35 -48.32
C ILE S 71 -40.05 22.26 -48.13
N GLN S 72 -40.47 21.12 -47.59
CA GLN S 72 -39.55 20.05 -47.29
C GLN S 72 -38.79 19.64 -48.52
N ASP S 73 -39.57 19.51 -49.55
CA ASP S 73 -39.14 19.03 -50.78
C ASP S 73 -38.14 20.01 -51.40
N ALA S 74 -38.47 21.30 -51.36
CA ALA S 74 -37.52 22.34 -51.71
C ALA S 74 -36.15 22.16 -51.13
N ILE S 75 -36.21 21.99 -49.82
CA ILE S 75 -35.07 22.19 -48.99
C ILE S 75 -34.13 21.07 -49.36
N ASP S 76 -34.66 19.85 -49.34
CA ASP S 76 -33.85 18.66 -49.42
C ASP S 76 -33.19 18.50 -50.78
N MET S 77 -33.88 18.93 -51.84
CA MET S 77 -33.30 18.91 -53.16
C MET S 77 -32.28 19.99 -53.33
N GLU S 78 -32.61 21.22 -52.92
CA GLU S 78 -31.68 22.34 -53.01
C GLU S 78 -30.40 22.09 -52.24
N LYS S 79 -30.50 21.38 -51.11
CA LYS S 79 -29.33 20.93 -50.37
C LYS S 79 -28.58 19.84 -51.12
N SER S 80 -29.28 18.85 -51.68
CA SER S 80 -28.67 17.80 -52.51
C SER S 80 -27.91 18.35 -53.71
N GLN S 81 -28.45 19.35 -54.41
CA GLN S 81 -27.72 20.04 -55.47
C GLN S 81 -26.47 20.70 -54.96
N GLN S 82 -26.66 21.60 -53.99
CA GLN S 82 -25.58 22.45 -53.52
C GLN S 82 -24.42 21.59 -53.05
N ALA S 83 -24.71 20.47 -52.39
CA ALA S 83 -23.70 19.63 -51.79
C ALA S 83 -22.74 19.09 -52.83
N LEU S 84 -23.28 18.50 -53.89
CA LEU S 84 -22.45 17.79 -54.83
C LEU S 84 -21.60 18.69 -55.69
N VAL S 85 -22.15 19.86 -55.99
CA VAL S 85 -21.38 20.91 -56.63
C VAL S 85 -20.15 21.18 -55.79
N GLN S 86 -20.38 21.53 -54.51
CA GLN S 86 -19.31 22.08 -53.70
C GLN S 86 -18.23 21.07 -53.43
N LYS S 87 -18.64 19.88 -53.06
CA LYS S 87 -17.72 18.81 -52.69
C LYS S 87 -16.87 18.35 -53.80
N ARG S 88 -17.38 18.39 -55.01
CA ARG S 88 -16.60 18.00 -56.15
C ARG S 88 -15.69 19.06 -56.62
N HIS S 89 -16.21 20.28 -56.71
CA HIS S 89 -15.34 21.35 -57.12
C HIS S 89 -14.25 21.52 -56.12
N TYR S 90 -14.50 21.29 -54.85
CA TYR S 90 -13.48 21.11 -53.86
C TYR S 90 -12.60 19.89 -54.08
N LEU S 91 -13.23 18.78 -54.40
CA LEU S 91 -12.49 17.57 -54.68
C LEU S 91 -11.51 17.75 -55.84
N PHE S 92 -11.90 18.57 -56.82
CA PHE S 92 -11.12 18.81 -58.01
C PHE S 92 -9.79 19.37 -57.79
N ASP S 93 -9.88 20.20 -56.83
CA ASP S 93 -8.67 20.75 -56.49
C ASP S 93 -7.88 19.91 -55.42
N VAL S 94 -8.55 19.23 -54.48
CA VAL S 94 -7.82 18.33 -53.57
C VAL S 94 -6.99 17.30 -54.32
N GLN S 95 -7.57 16.68 -55.35
CA GLN S 95 -6.87 15.67 -56.15
C GLN S 95 -5.64 16.28 -56.75
N ARG S 96 -5.65 17.61 -57.08
CA ARG S 96 -4.36 18.27 -57.41
C ARG S 96 -3.38 18.03 -56.44
N ASN S 97 -3.84 18.63 -55.39
CA ASN S 97 -2.94 19.09 -54.45
C ASN S 97 -2.08 17.93 -53.99
N ASN S 98 -2.75 16.77 -53.96
CA ASN S 98 -2.14 15.51 -53.63
C ASN S 98 -1.02 15.15 -54.54
N ILE S 99 -1.33 15.17 -55.82
CA ILE S 99 -0.33 14.80 -56.76
C ILE S 99 0.82 15.75 -56.54
N ALA S 100 0.51 17.02 -56.63
CA ALA S 100 1.54 17.89 -56.85
C ALA S 100 2.49 18.16 -55.76
N MET S 101 2.01 18.10 -54.55
CA MET S 101 2.87 18.06 -53.41
C MET S 101 4.10 17.19 -53.58
N ALA S 102 3.92 16.02 -54.19
CA ALA S 102 5.00 15.05 -54.38
C ALA S 102 6.12 15.54 -55.21
N LEU S 103 5.66 16.25 -56.18
CA LEU S 103 6.49 16.84 -57.08
C LEU S 103 7.47 17.78 -56.33
N GLU S 104 6.96 18.75 -55.56
CA GLU S 104 7.83 19.90 -55.09
C GLU S 104 8.87 19.40 -54.16
N VAL S 105 8.44 18.36 -53.46
CA VAL S 105 9.30 17.59 -52.59
C VAL S 105 10.49 17.10 -53.36
N THR S 106 10.27 16.44 -54.49
CA THR S 106 11.40 15.83 -55.16
C THR S 106 12.32 16.90 -55.74
N TYR S 107 11.82 18.02 -56.26
CA TYR S 107 12.76 19.08 -56.62
C TYR S 107 13.58 19.57 -55.44
N ARG S 108 12.95 19.81 -54.27
CA ARG S 108 13.64 20.17 -53.02
C ARG S 108 14.71 19.19 -52.67
N GLU S 109 14.32 17.94 -52.73
CA GLU S 109 15.20 16.88 -52.32
C GLU S 109 16.41 16.78 -53.24
N ARG S 110 16.22 16.96 -54.55
CA ARG S 110 17.29 16.81 -55.53
C ARG S 110 18.41 17.74 -55.24
N LEU S 111 18.11 18.98 -54.96
CA LEU S 111 19.11 19.98 -54.75
C LEU S 111 19.97 19.64 -53.55
N HIS S 112 19.36 19.26 -52.42
CA HIS S 112 20.09 18.72 -51.27
C HIS S 112 20.92 17.52 -51.65
N ARG S 113 20.30 16.59 -52.36
CA ARG S 113 20.83 15.24 -52.56
C ARG S 113 22.12 15.28 -53.34
N VAL S 114 22.11 16.05 -54.42
CA VAL S 114 23.29 16.25 -55.26
C VAL S 114 24.36 17.04 -54.55
N TYR S 115 23.92 18.03 -53.79
CA TYR S 115 24.85 18.92 -53.13
C TYR S 115 25.63 18.24 -52.04
N ARG S 116 24.97 17.37 -51.28
CA ARG S 116 25.65 16.41 -50.42
C ARG S 116 26.61 15.54 -51.23
N GLU S 117 26.10 14.93 -52.30
CA GLU S 117 26.81 13.84 -52.96
C GLU S 117 28.15 14.30 -53.57
N VAL S 118 28.19 15.54 -54.08
CA VAL S 118 29.41 16.15 -54.59
C VAL S 118 30.45 16.32 -53.49
N LYS S 119 30.03 16.82 -52.31
CA LYS S 119 30.93 17.19 -51.22
C LYS S 119 31.79 16.04 -50.77
N ASN S 120 31.22 14.84 -50.71
CA ASN S 120 31.94 13.70 -50.19
C ASN S 120 33.23 13.51 -51.01
N ARG S 121 33.09 13.59 -52.35
CA ARG S 121 34.20 13.35 -53.28
C ARG S 121 35.35 14.31 -53.03
N LEU S 122 34.98 15.57 -52.88
CA LEU S 122 35.90 16.66 -52.62
C LEU S 122 36.55 16.55 -51.25
N ASP S 123 35.74 16.35 -50.22
CA ASP S 123 36.20 16.32 -48.84
C ASP S 123 37.20 15.18 -48.68
N TYR S 124 37.04 14.07 -49.40
CA TYR S 124 37.98 12.96 -49.34
C TYR S 124 39.36 13.35 -49.75
N HIS S 125 39.42 14.05 -50.87
CA HIS S 125 40.66 14.53 -51.33
C HIS S 125 41.29 15.53 -50.36
N ILE S 126 40.51 16.45 -49.80
CA ILE S 126 40.96 17.37 -48.74
C ILE S 126 41.51 16.62 -47.54
N SER S 127 40.76 15.63 -47.07
CA SER S 127 41.08 14.86 -45.87
C SER S 127 42.37 14.09 -46.05
N VAL S 128 42.59 13.53 -47.24
CA VAL S 128 43.83 12.84 -47.58
C VAL S 128 44.99 13.80 -47.51
N GLN S 129 44.90 14.94 -48.17
CA GLN S 129 46.02 15.88 -48.21
C GLN S 129 46.39 16.41 -46.83
N ASN S 130 45.39 16.66 -45.97
CA ASN S 130 45.64 16.93 -44.56
C ASN S 130 46.34 15.78 -43.85
N MET S 131 45.80 14.55 -43.95
CA MET S 131 46.34 13.39 -43.26
C MET S 131 47.76 13.09 -43.72
N MET S 132 48.02 13.27 -45.01
CA MET S 132 49.35 13.13 -45.61
C MET S 132 50.31 14.20 -45.17
N ARG S 133 49.83 15.38 -44.91
CA ARG S 133 50.72 16.37 -44.35
C ARG S 133 51.08 16.07 -42.91
N GLN S 134 50.16 15.53 -42.12
CA GLN S 134 50.41 15.12 -40.73
C GLN S 134 51.35 13.95 -40.65
N LYS S 135 51.15 12.96 -41.51
CA LYS S 135 52.03 11.84 -41.53
C LYS S 135 53.41 12.42 -41.97
N GLU S 136 53.49 13.28 -43.00
CA GLU S 136 54.76 13.78 -43.49
C GLU S 136 55.38 14.60 -42.38
N GLN S 137 54.57 15.31 -41.61
CA GLN S 137 54.97 16.02 -40.42
C GLN S 137 55.60 15.03 -39.47
N GLU S 138 54.94 13.98 -39.00
CA GLU S 138 55.57 13.03 -38.07
C GLU S 138 56.87 12.45 -38.59
N HIS S 139 56.92 12.18 -39.88
CA HIS S 139 58.04 11.49 -40.42
C HIS S 139 59.23 12.35 -40.81
N MET S 140 58.89 13.47 -41.44
CA MET S 140 59.70 14.66 -41.49
C MET S 140 60.24 15.07 -40.15
N ILE S 141 59.41 15.20 -39.15
CA ILE S 141 59.75 15.58 -37.80
C ILE S 141 60.69 14.58 -37.17
N ASN S 142 60.41 13.29 -37.28
CA ASN S 142 61.20 12.24 -36.69
C ASN S 142 62.57 12.18 -37.32
N TRP S 143 62.66 12.39 -38.63
CA TRP S 143 63.94 12.43 -39.28
C TRP S 143 64.67 13.73 -39.01
N VAL S 144 63.97 14.88 -39.06
CA VAL S 144 64.56 16.18 -38.81
C VAL S 144 65.13 16.25 -37.41
N GLU S 145 64.28 16.01 -36.42
CA GLU S 145 64.68 16.03 -35.02
C GLU S 145 65.78 15.01 -34.73
N LYS S 146 65.73 13.84 -35.39
CA LYS S 146 66.77 12.81 -35.20
C LYS S 146 68.05 13.15 -35.96
N ARG S 147 67.93 13.79 -37.12
CA ARG S 147 69.06 14.27 -37.90
C ARG S 147 69.69 15.40 -37.12
N VAL S 148 69.23 16.59 -37.38
CA VAL S 148 69.77 17.78 -36.80
C VAL S 148 69.51 17.82 -35.33
N VAL S 149 70.55 18.19 -34.63
CA VAL S 149 70.44 18.64 -33.25
C VAL S 149 71.83 18.98 -32.69
N GLN S 150 72.89 18.59 -33.41
CA GLN S 150 74.13 18.17 -32.77
C GLN S 150 75.03 19.36 -32.50
N SER S 151 74.86 20.41 -33.31
CA SER S 151 75.81 21.50 -33.38
C SER S 151 75.68 22.45 -32.22
N ILE S 152 74.55 22.43 -31.50
CA ILE S 152 74.38 23.14 -30.23
C ILE S 152 75.51 22.85 -29.23
N SER S 153 76.13 21.67 -29.32
CA SER S 153 77.05 21.12 -28.32
C SER S 153 78.33 20.57 -28.95
N ALA S 154 78.29 20.26 -30.26
CA ALA S 154 79.51 20.04 -31.05
C ALA S 154 80.32 21.33 -31.22
N GLN S 155 79.65 22.46 -31.47
CA GLN S 155 80.00 23.71 -30.80
C GLN S 155 79.62 23.63 -29.32
N GLN S 156 80.60 23.34 -28.45
CA GLN S 156 80.44 23.54 -27.00
C GLN S 156 80.21 25.03 -26.69
N GLU S 157 80.59 25.90 -27.61
CA GLU S 157 80.41 27.33 -27.47
C GLU S 157 79.03 27.80 -27.91
N LYS S 158 78.19 26.92 -28.45
CA LYS S 158 76.74 27.12 -28.51
C LYS S 158 75.99 26.61 -27.27
N GLU S 159 76.70 25.97 -26.35
CA GLU S 159 76.34 25.88 -24.92
C GLU S 159 77.07 26.95 -24.11
N THR S 160 78.15 27.54 -24.64
CA THR S 160 78.66 28.80 -24.12
C THR S 160 77.72 29.93 -24.44
N ILE S 161 76.99 29.96 -25.57
CA ILE S 161 75.95 30.98 -25.79
C ILE S 161 74.73 30.77 -24.88
N ALA S 162 74.52 29.54 -24.41
CA ALA S 162 73.68 29.30 -23.25
C ALA S 162 74.31 29.81 -21.96
N LYS S 163 75.59 29.51 -21.70
CA LYS S 163 76.36 30.04 -20.57
C LYS S 163 76.48 31.57 -20.58
N CYS S 164 76.50 32.19 -21.75
CA CYS S 164 76.61 33.61 -22.01
C CYS S 164 75.31 34.26 -21.58
N ILE S 165 74.20 33.82 -22.15
CA ILE S 165 72.89 34.29 -21.71
C ILE S 165 72.64 33.91 -20.27
N ALA S 166 73.15 32.78 -19.81
CA ALA S 166 73.04 32.34 -18.44
C ALA S 166 73.88 33.18 -17.51
N ASP S 167 74.98 33.80 -17.92
CA ASP S 167 75.77 34.80 -17.22
C ASP S 167 75.12 36.18 -17.32
N LEU S 168 74.44 36.44 -18.44
CA LEU S 168 73.48 37.53 -18.58
C LEU S 168 72.12 37.18 -17.99
N LYS S 169 71.96 36.01 -17.38
CA LYS S 169 70.88 35.77 -16.45
C LYS S 169 71.43 35.84 -15.11
N LEU S 170 72.56 35.25 -14.91
CA LEU S 170 73.24 35.38 -13.74
C LEU S 170 73.22 36.84 -13.41
N LEU S 171 74.06 37.68 -13.98
CA LEU S 171 73.92 39.10 -13.73
C LEU S 171 72.49 39.54 -14.04
N SER S 172 72.09 39.35 -15.29
CA SER S 172 70.92 40.06 -15.83
C SER S 172 69.67 39.20 -15.98
N LYS S 173 69.38 38.38 -14.96
CA LYS S 173 68.01 37.94 -14.67
C LYS S 173 67.39 38.85 -13.61
N LYS S 174 68.13 39.02 -12.51
CA LYS S 174 68.14 40.27 -11.75
C LYS S 174 68.99 41.35 -12.46
N ARG T 3 7.46 15.76 -60.81
CA ARG T 3 7.05 17.20 -61.12
C ARG T 3 7.60 18.27 -60.03
N LYS T 4 6.93 19.44 -59.65
CA LYS T 4 6.77 20.12 -58.27
C LYS T 4 5.33 20.53 -57.72
N LEU T 5 5.07 20.64 -56.40
CA LEU T 5 3.86 21.03 -55.58
C LEU T 5 2.78 21.53 -56.48
N ALA T 6 1.55 21.33 -56.09
CA ALA T 6 0.41 21.96 -56.74
C ALA T 6 -0.62 21.93 -55.68
N LEU T 7 -1.63 22.64 -56.03
CA LEU T 7 -2.65 23.08 -55.17
C LEU T 7 -3.75 23.47 -56.10
N LYS T 8 -4.90 23.01 -55.70
CA LYS T 8 -6.20 23.30 -56.25
C LYS T 8 -7.02 23.28 -54.88
N THR T 9 -8.15 24.09 -54.57
CA THR T 9 -9.73 23.86 -54.16
C THR T 9 -9.66 22.84 -53.05
N ILE T 10 -8.70 23.04 -52.19
CA ILE T 10 -8.60 22.16 -51.06
C ILE T 10 -9.62 22.65 -50.06
N ASP T 11 -10.74 21.95 -49.93
CA ASP T 11 -11.87 22.53 -49.18
C ASP T 11 -12.56 21.45 -48.38
N TRP T 12 -11.98 21.28 -47.20
CA TRP T 12 -11.76 19.95 -46.66
C TRP T 12 -13.06 19.26 -46.26
N VAL T 13 -14.06 20.09 -45.98
CA VAL T 13 -15.30 19.68 -45.34
C VAL T 13 -16.20 18.93 -46.30
N ALA T 14 -16.40 19.55 -47.44
CA ALA T 14 -17.04 18.92 -48.54
C ALA T 14 -16.13 17.89 -49.23
N PHE T 15 -14.80 18.01 -49.11
CA PHE T 15 -13.89 17.12 -49.81
C PHE T 15 -14.25 15.67 -49.54
N GLY T 16 -14.20 15.21 -48.28
CA GLY T 16 -14.39 13.79 -47.96
C GLY T 16 -15.75 13.25 -48.38
N GLU T 17 -16.67 14.14 -48.71
CA GLU T 17 -18.09 13.99 -48.50
C GLU T 17 -18.69 13.12 -49.63
N ILE T 18 -17.86 12.47 -50.48
CA ILE T 18 -18.14 12.39 -51.92
C ILE T 18 -19.21 11.39 -52.24
N ILE T 19 -18.99 10.13 -51.87
CA ILE T 19 -19.90 8.99 -52.04
C ILE T 19 -19.84 8.27 -53.42
N PRO T 20 -18.70 8.16 -54.12
CA PRO T 20 -18.58 7.20 -55.20
C PRO T 20 -17.75 6.01 -54.72
N ARG T 21 -18.36 5.03 -54.04
CA ARG T 21 -17.86 4.58 -52.72
C ARG T 21 -16.40 4.10 -52.67
N ASN T 22 -15.99 3.41 -53.73
CA ASN T 22 -14.61 2.95 -53.96
C ASN T 22 -13.58 4.08 -54.17
N GLN T 23 -14.07 5.31 -54.32
CA GLN T 23 -13.32 6.56 -54.30
C GLN T 23 -13.81 7.52 -53.20
N LYS T 24 -14.95 7.20 -52.55
CA LYS T 24 -15.45 7.92 -51.38
C LYS T 24 -14.47 7.74 -50.25
N ALA T 25 -14.22 6.47 -49.90
CA ALA T 25 -13.37 6.16 -48.77
C ALA T 25 -12.03 6.89 -48.86
N VAL T 26 -11.51 6.96 -50.09
CA VAL T 26 -10.16 7.47 -50.38
C VAL T 26 -10.00 8.87 -49.84
N ALA T 27 -11.00 9.73 -50.07
CA ALA T 27 -10.93 11.13 -49.71
C ALA T 27 -10.63 11.36 -48.23
N ASN T 28 -11.32 10.62 -47.37
CA ASN T 28 -11.19 10.71 -45.91
C ASN T 28 -9.73 10.54 -45.48
N SER T 29 -9.08 9.49 -46.00
CA SER T 29 -7.64 9.28 -45.82
C SER T 29 -6.80 10.29 -46.60
N LEU T 30 -7.23 10.63 -47.82
CA LEU T 30 -6.47 11.42 -48.77
C LEU T 30 -6.26 12.83 -48.27
N LYS T 31 -7.22 13.38 -47.52
CA LYS T 31 -7.06 14.55 -46.66
C LYS T 31 -5.81 14.46 -45.82
N SER T 32 -5.66 13.40 -45.04
CA SER T 32 -4.59 13.32 -44.03
C SER T 32 -3.26 13.01 -44.66
N TRP T 33 -3.25 12.07 -45.62
CA TRP T 33 -2.14 11.89 -46.53
C TRP T 33 -1.67 13.24 -47.12
N ASN T 34 -2.60 14.00 -47.69
CA ASN T 34 -2.41 15.35 -48.20
C ASN T 34 -1.92 16.32 -47.14
N GLU T 35 -2.57 16.48 -46.01
CA GLU T 35 -2.28 17.55 -45.07
C GLU T 35 -0.90 17.37 -44.45
N THR T 36 -0.62 16.12 -44.09
CA THR T 36 0.73 15.63 -43.77
C THR T 36 1.65 16.02 -44.87
N LEU T 37 1.39 15.57 -46.12
CA LEU T 37 2.09 16.01 -47.30
C LEU T 37 2.24 17.52 -47.11
N THR T 38 1.26 18.39 -47.21
CA THR T 38 1.38 19.84 -47.37
C THR T 38 2.37 20.46 -46.40
N SER T 39 2.24 20.15 -45.10
CA SER T 39 3.19 20.55 -44.06
C SER T 39 4.61 20.01 -44.27
N ARG T 40 4.77 18.79 -44.79
CA ARG T 40 6.06 18.15 -45.02
C ARG T 40 6.87 18.81 -46.11
N LEU T 41 6.25 19.13 -47.23
CA LEU T 41 6.83 20.07 -48.16
C LEU T 41 7.08 21.33 -47.42
N ALA T 42 6.09 22.00 -46.83
CA ALA T 42 6.29 23.31 -46.18
C ALA T 42 7.59 23.40 -45.33
N THR T 43 8.06 22.27 -44.83
CA THR T 43 9.38 22.08 -44.26
C THR T 43 10.55 22.48 -45.17
N LEU T 44 10.90 21.63 -46.16
CA LEU T 44 12.27 21.52 -46.67
C LEU T 44 12.82 22.90 -47.10
N PRO T 45 14.15 23.02 -47.16
CA PRO T 45 14.75 23.92 -48.13
C PRO T 45 14.47 23.41 -49.54
N GLU T 46 14.44 24.29 -50.53
CA GLU T 46 14.51 23.86 -51.90
C GLU T 46 15.93 23.44 -52.22
N LYS T 47 16.84 24.41 -52.29
CA LYS T 47 18.22 24.25 -52.78
C LYS T 47 19.21 24.30 -51.65
N PRO T 48 20.41 23.77 -51.88
CA PRO T 48 21.45 23.84 -50.91
C PRO T 48 22.38 24.99 -51.35
N PRO T 49 23.58 25.08 -50.78
CA PRO T 49 24.57 26.09 -51.13
C PRO T 49 24.87 26.16 -52.65
N ALA T 50 25.74 27.11 -52.98
CA ALA T 50 26.54 27.11 -54.21
C ALA T 50 28.02 26.97 -53.88
N ILE T 51 28.71 26.06 -54.57
CA ILE T 51 30.05 25.64 -54.19
C ILE T 51 31.04 26.80 -54.22
N ASP T 52 31.90 26.88 -53.20
CA ASP T 52 33.12 27.68 -53.23
C ASP T 52 34.23 26.95 -54.00
N TRP T 53 34.14 27.01 -55.33
CA TRP T 53 35.05 26.25 -56.16
C TRP T 53 36.48 26.74 -56.09
N ALA T 54 36.65 28.07 -56.07
CA ALA T 54 37.93 28.74 -55.86
C ALA T 54 38.74 28.07 -54.74
N TYR T 55 38.09 27.83 -53.59
CA TYR T 55 38.69 27.07 -52.51
C TYR T 55 38.89 25.61 -52.85
N TYR T 56 37.89 24.87 -53.27
CA TYR T 56 38.04 23.42 -53.30
C TYR T 56 39.20 22.94 -54.17
N LYS T 57 39.56 23.71 -55.19
CA LYS T 57 40.85 23.59 -55.91
C LYS T 57 42.08 23.67 -54.99
N ALA T 58 42.03 24.57 -54.01
CA ALA T 58 43.08 24.88 -53.04
C ALA T 58 43.57 23.63 -52.31
N ASN T 59 42.64 22.94 -51.64
CA ASN T 59 42.95 21.73 -50.89
C ASN T 59 42.08 20.57 -51.31
N VAL T 60 41.77 20.46 -52.59
CA VAL T 60 41.78 19.22 -53.38
C VAL T 60 42.81 19.41 -54.49
N ALA T 61 44.11 19.24 -54.20
CA ALA T 61 45.18 19.54 -55.15
C ALA T 61 45.38 18.44 -56.21
N LYS T 62 44.55 17.40 -56.15
CA LYS T 62 44.02 16.68 -57.31
C LYS T 62 42.96 17.53 -58.00
N ALA T 63 43.27 18.79 -58.31
CA ALA T 63 42.27 19.81 -58.60
C ALA T 63 41.65 19.63 -59.97
N GLY T 64 42.25 18.79 -60.82
CA GLY T 64 41.55 18.19 -61.95
C GLY T 64 40.23 17.56 -61.54
N LEU T 65 40.18 16.80 -60.44
CA LEU T 65 38.93 16.27 -59.86
C LEU T 65 37.94 17.34 -59.49
N VAL T 66 38.37 18.29 -58.66
CA VAL T 66 37.62 19.49 -58.33
C VAL T 66 37.06 20.12 -59.56
N ASP T 67 37.88 20.40 -60.57
CA ASP T 67 37.54 21.15 -61.74
C ASP T 67 36.62 20.31 -62.61
N ASP T 68 36.93 19.04 -62.85
CA ASP T 68 36.06 18.07 -63.48
C ASP T 68 34.67 18.16 -62.87
N PHE T 69 34.56 17.93 -61.56
CA PHE T 69 33.31 18.02 -60.81
C PHE T 69 32.77 19.43 -60.73
N GLU T 70 33.62 20.43 -60.76
CA GLU T 70 33.29 21.85 -60.75
C GLU T 70 32.54 22.19 -62.01
N LYS T 71 33.16 21.94 -63.17
CA LYS T 71 32.55 22.11 -64.48
C LYS T 71 31.28 21.29 -64.54
N LYS T 72 31.32 20.04 -64.07
CA LYS T 72 30.15 19.16 -64.02
C LYS T 72 29.07 19.75 -63.15
N PHE T 73 29.35 20.25 -61.96
CA PHE T 73 28.41 20.90 -61.03
C PHE T 73 27.85 22.20 -61.61
N ASN T 74 28.73 23.04 -62.16
CA ASN T 74 28.37 24.26 -62.86
C ASN T 74 27.44 23.91 -64.02
N ALA T 75 27.65 22.76 -64.65
CA ALA T 75 26.88 22.27 -65.77
C ALA T 75 25.70 21.39 -65.35
N LEU T 76 25.60 20.97 -64.08
CA LEU T 76 24.83 19.79 -63.71
C LEU T 76 23.43 20.24 -63.36
N LYS T 77 22.45 19.79 -64.14
CA LYS T 77 21.07 20.28 -64.05
C LYS T 77 20.12 19.12 -64.12
N VAL T 78 19.50 18.86 -62.98
CA VAL T 78 18.72 17.66 -62.76
C VAL T 78 17.54 17.67 -63.74
N PRO T 79 17.12 16.50 -64.23
CA PRO T 79 15.73 16.32 -64.67
C PRO T 79 14.80 16.66 -63.49
N ILE T 80 13.48 16.67 -63.67
CA ILE T 80 12.55 16.71 -62.54
C ILE T 80 11.88 15.35 -62.35
N PRO T 81 11.12 15.20 -61.26
CA PRO T 81 10.65 13.92 -60.72
C PRO T 81 9.74 13.18 -61.69
N GLU T 82 9.28 12.02 -61.26
CA GLU T 82 8.26 11.27 -61.96
C GLU T 82 6.94 11.36 -61.21
N ASP T 83 5.84 11.44 -61.94
CA ASP T 83 4.50 11.16 -61.43
C ASP T 83 3.53 10.85 -62.57
N LYS T 84 2.36 10.35 -62.20
CA LYS T 84 1.64 9.28 -62.91
C LYS T 84 0.14 9.36 -62.68
N TYR T 85 -0.27 10.01 -61.60
CA TYR T 85 -1.67 10.09 -61.21
C TYR T 85 -2.29 11.36 -61.74
N THR T 86 -1.82 11.89 -62.88
CA THR T 86 -2.61 12.85 -63.64
C THR T 86 -3.75 12.20 -64.42
N ALA T 87 -4.03 10.91 -64.21
CA ALA T 87 -5.37 10.36 -64.39
C ALA T 87 -6.33 10.82 -63.29
N GLN T 88 -5.86 11.29 -62.14
CA GLN T 88 -6.71 11.85 -61.09
C GLN T 88 -7.43 13.07 -61.52
N VAL T 89 -6.80 13.91 -62.33
CA VAL T 89 -7.45 14.94 -63.14
C VAL T 89 -8.75 14.47 -63.78
N ASP T 90 -8.81 13.24 -64.25
CA ASP T 90 -9.93 12.70 -65.01
C ASP T 90 -10.80 11.72 -64.19
N ALA T 91 -10.19 11.00 -63.25
CA ALA T 91 -10.85 10.33 -62.14
C ALA T 91 -11.68 11.31 -61.32
N GLU T 92 -11.32 12.54 -61.39
CA GLU T 92 -12.16 13.62 -61.05
C GLU T 92 -13.32 13.73 -62.04
N GLU T 93 -13.16 14.07 -63.33
CA GLU T 93 -14.25 14.39 -64.28
C GLU T 93 -15.45 13.43 -64.25
N LYS T 94 -15.23 12.15 -63.95
CA LYS T 94 -16.24 11.11 -63.74
C LYS T 94 -17.14 11.24 -62.53
N GLU T 95 -16.53 11.42 -61.35
CA GLU T 95 -17.02 11.83 -60.06
C GLU T 95 -16.71 13.33 -59.81
N ASP T 96 -16.42 14.28 -60.90
CA ASP T 96 -17.11 15.57 -61.83
C ASP T 96 -18.40 15.94 -62.81
N VAL T 97 -18.91 15.01 -63.58
CA VAL T 97 -20.30 14.53 -63.90
C VAL T 97 -21.36 13.79 -62.93
N LYS T 98 -21.09 12.78 -62.06
CA LYS T 98 -21.79 12.49 -60.78
C LYS T 98 -22.36 13.64 -59.87
N SER T 99 -21.62 14.47 -59.14
CA SER T 99 -21.96 15.94 -59.04
C SER T 99 -22.79 16.62 -60.10
N CYS T 100 -22.31 16.76 -61.36
CA CYS T 100 -23.15 17.29 -62.42
C CYS T 100 -24.36 16.34 -62.57
N ALA T 101 -24.55 15.72 -63.74
CA ALA T 101 -25.67 14.87 -64.10
C ALA T 101 -26.56 14.44 -62.95
N GLU T 102 -26.04 13.53 -62.10
CA GLU T 102 -26.82 12.84 -61.08
C GLU T 102 -27.63 13.80 -60.27
N PHE T 103 -27.08 14.94 -59.91
CA PHE T 103 -27.69 15.73 -58.89
C PHE T 103 -27.64 17.24 -59.08
N LEU T 104 -26.74 17.77 -59.90
CA LEU T 104 -27.05 18.94 -60.72
C LEU T 104 -28.50 18.85 -61.22
N THR T 105 -28.75 17.96 -62.18
CA THR T 105 -29.99 18.01 -62.96
C THR T 105 -31.16 17.54 -62.15
N GLN T 106 -31.01 16.36 -61.52
CA GLN T 106 -31.98 15.84 -60.56
C GLN T 106 -32.42 16.94 -59.66
N SER T 107 -31.50 17.69 -59.08
CA SER T 107 -31.89 18.58 -58.05
C SER T 107 -32.63 19.76 -58.61
N LYS T 108 -32.13 20.45 -59.63
CA LYS T 108 -32.91 21.51 -60.30
C LYS T 108 -34.31 21.02 -60.59
N THR T 109 -34.45 19.84 -61.18
CA THR T 109 -35.74 19.27 -61.59
C THR T 109 -36.70 19.18 -60.45
N ARG T 110 -36.22 18.46 -59.46
CA ARG T 110 -36.85 18.22 -58.22
C ARG T 110 -37.18 19.61 -57.54
N ILE T 111 -36.24 20.54 -57.44
CA ILE T 111 -36.41 21.86 -56.80
C ILE T 111 -37.53 22.62 -57.49
N GLN T 112 -37.58 22.53 -58.81
CA GLN T 112 -38.59 23.19 -59.60
C GLN T 112 -39.95 22.78 -59.10
N GLU T 113 -40.31 21.50 -59.24
CA GLU T 113 -41.65 21.02 -58.91
C GLU T 113 -41.96 21.35 -57.49
N TYR T 114 -41.13 21.02 -56.52
CA TYR T 114 -41.32 21.38 -55.12
C TYR T 114 -41.58 22.84 -54.81
N GLU T 115 -40.86 23.75 -55.43
CA GLU T 115 -40.92 25.14 -54.93
C GLU T 115 -41.97 25.95 -55.56
N LYS T 116 -42.06 25.67 -56.84
CA LYS T 116 -43.34 25.77 -57.51
C LYS T 116 -44.49 25.11 -56.73
N GLU T 117 -44.28 23.93 -56.18
CA GLU T 117 -45.22 23.08 -55.44
C GLU T 117 -45.59 23.70 -54.10
N LEU T 118 -44.76 24.63 -53.61
CA LEU T 118 -45.07 25.52 -52.51
C LEU T 118 -46.17 26.46 -52.89
N GLU T 119 -46.05 27.18 -54.00
CA GLU T 119 -46.99 28.27 -54.25
C GLU T 119 -48.41 27.77 -54.34
N LYS T 120 -48.67 26.80 -55.21
CA LYS T 120 -50.03 26.37 -55.55
C LYS T 120 -50.76 25.73 -54.39
N MET T 121 -50.06 24.96 -53.59
CA MET T 121 -50.65 24.38 -52.40
C MET T 121 -50.55 25.38 -51.20
N ARG T 122 -49.74 26.47 -51.25
CA ARG T 122 -49.90 27.70 -50.42
C ARG T 122 -51.16 28.49 -50.69
N ASN T 123 -51.91 28.09 -51.72
CA ASN T 123 -53.16 28.72 -52.11
C ASN T 123 -54.35 27.78 -51.87
N ILE T 124 -54.88 27.23 -52.86
N LEU U 5 67.24 35.09 -30.19
CA LEU U 5 68.10 33.93 -30.04
C LEU U 5 68.00 33.12 -31.29
N ASP U 6 69.14 32.80 -31.85
CA ASP U 6 69.35 32.06 -33.07
C ASP U 6 70.30 30.87 -32.85
N PRO U 7 70.65 30.41 -31.63
CA PRO U 7 70.89 29.01 -31.32
C PRO U 7 69.52 28.32 -31.15
N VAL U 8 68.54 29.02 -30.59
CA VAL U 8 67.12 28.68 -30.62
C VAL U 8 66.58 28.65 -32.04
N GLN U 9 66.77 29.75 -32.76
CA GLN U 9 66.24 29.90 -34.10
C GLN U 9 67.25 29.55 -35.14
N LYS U 10 68.49 29.20 -34.75
CA LYS U 10 69.31 28.21 -35.42
C LYS U 10 68.59 26.91 -35.43
N LEU U 11 67.86 26.47 -34.39
CA LEU U 11 67.22 25.15 -34.31
C LEU U 11 65.84 25.11 -34.94
N PHE U 12 65.11 26.22 -34.82
CA PHE U 12 64.04 26.55 -35.74
C PHE U 12 64.63 26.50 -37.14
N VAL U 13 65.72 27.26 -37.41
CA VAL U 13 66.67 27.08 -38.52
C VAL U 13 66.98 25.63 -38.73
N ASP U 14 67.37 24.88 -37.74
CA ASP U 14 68.16 23.71 -37.99
C ASP U 14 67.26 22.63 -38.44
N LYS U 15 66.04 22.66 -37.95
CA LYS U 15 64.96 21.87 -38.45
C LYS U 15 64.42 22.46 -39.71
N ILE U 16 64.34 23.78 -39.87
CA ILE U 16 63.80 24.38 -41.09
C ILE U 16 64.77 24.21 -42.31
N ARG U 17 66.07 24.16 -42.10
CA ARG U 17 67.04 23.79 -43.11
C ARG U 17 66.80 22.36 -43.50
N GLU U 18 66.27 21.54 -42.62
CA GLU U 18 65.63 20.30 -43.02
C GLU U 18 64.14 20.36 -43.24
N TYR U 19 63.53 21.53 -43.07
CA TYR U 19 62.37 21.93 -43.84
C TYR U 19 62.81 21.84 -45.26
N ARG U 20 63.92 22.43 -45.67
CA ARG U 20 64.24 22.50 -47.08
C ARG U 20 65.01 21.30 -47.56
N THR U 21 65.87 20.75 -46.72
CA THR U 21 66.72 19.62 -47.05
C THR U 21 65.84 18.44 -47.34
N LYS U 22 65.02 18.01 -46.39
CA LYS U 22 64.00 17.01 -46.68
C LYS U 22 62.95 17.43 -47.69
N ARG U 23 62.39 18.64 -47.62
CA ARG U 23 61.31 19.04 -48.56
C ARG U 23 61.80 19.08 -50.01
N GLN U 24 63.02 19.59 -50.19
CA GLN U 24 63.84 19.46 -51.40
C GLN U 24 64.79 18.24 -51.37
N THR U 25 64.43 17.20 -50.61
CA THR U 25 64.88 15.81 -50.79
C THR U 25 63.72 15.05 -51.44
N SER U 26 62.74 14.60 -50.63
CA SER U 26 61.32 14.63 -50.97
C SER U 26 60.46 14.80 -49.71
N GLY U 27 60.33 13.72 -48.92
CA GLY U 27 59.45 13.68 -47.76
C GLY U 27 58.25 12.77 -47.97
N GLY U 28 57.90 11.98 -46.96
CA GLY U 28 56.88 10.94 -47.14
C GLY U 28 57.26 9.65 -46.47
N PRO U 29 57.57 8.54 -47.15
CA PRO U 29 58.46 7.48 -46.67
C PRO U 29 59.90 7.74 -47.17
N VAL U 30 60.25 9.02 -47.30
CA VAL U 30 61.42 9.50 -48.02
C VAL U 30 62.06 10.59 -47.17
N ASP U 31 63.37 10.43 -46.92
CA ASP U 31 64.11 11.06 -45.83
C ASP U 31 63.74 10.57 -44.44
N ALA U 32 63.28 9.34 -44.42
CA ALA U 32 62.24 9.01 -43.52
C ALA U 32 62.00 7.43 -43.57
N GLY U 33 62.32 6.74 -44.66
CA GLY U 33 62.19 5.27 -44.71
C GLY U 33 60.79 4.83 -45.11
N PRO U 34 60.61 3.54 -45.45
CA PRO U 34 59.35 2.99 -45.92
C PRO U 34 58.12 3.30 -45.08
N GLU U 35 58.31 3.45 -43.76
CA GLU U 35 57.29 3.34 -42.70
C GLU U 35 55.95 3.99 -43.04
N TYR U 36 56.02 5.11 -43.74
CA TYR U 36 54.95 6.02 -43.97
C TYR U 36 54.00 5.35 -44.90
N GLN U 37 54.52 4.78 -45.97
CA GLN U 37 53.65 4.11 -46.92
C GLN U 37 52.86 2.98 -46.27
N GLN U 38 53.53 2.18 -45.42
CA GLN U 38 52.95 0.97 -44.82
C GLN U 38 51.71 1.28 -43.99
N ASP U 39 51.73 2.39 -43.25
CA ASP U 39 50.49 2.99 -42.74
C ASP U 39 49.67 3.57 -43.89
N LEU U 40 50.27 4.46 -44.69
CA LEU U 40 49.60 5.39 -45.58
C LEU U 40 48.46 4.74 -46.34
N ASP U 41 48.78 3.64 -47.00
CA ASP U 41 47.82 2.84 -47.77
C ASP U 41 46.56 2.51 -46.96
N ARG U 42 46.74 2.03 -45.73
CA ARG U 42 45.67 1.71 -44.81
C ARG U 42 44.99 2.99 -44.39
N GLU U 43 45.68 4.05 -44.03
CA GLU U 43 45.09 5.26 -43.47
C GLU U 43 44.22 6.00 -44.50
N LEU U 44 44.69 6.07 -45.74
CA LEU U 44 43.90 6.55 -46.86
C LEU U 44 42.79 5.63 -47.25
N PHE U 45 42.94 4.34 -47.02
CA PHE U 45 41.82 3.44 -47.12
C PHE U 45 40.77 3.76 -46.07
N LYS U 46 41.17 4.05 -44.84
CA LYS U 46 40.24 4.52 -43.80
C LYS U 46 39.54 5.74 -44.22
N LEU U 47 40.22 6.66 -44.89
CA LEU U 47 39.50 7.77 -45.46
C LEU U 47 38.41 7.24 -46.40
N LYS U 48 38.65 6.20 -47.19
CA LYS U 48 37.66 5.53 -48.08
C LYS U 48 36.51 4.98 -47.28
N GLN U 49 36.80 4.39 -46.15
CA GLN U 49 35.80 4.14 -45.12
C GLN U 49 35.11 5.39 -44.56
N MET U 50 35.83 6.49 -44.33
CA MET U 50 35.35 7.75 -43.77
C MET U 50 34.34 8.42 -44.70
N TYR U 51 34.34 8.04 -45.98
CA TYR U 51 33.34 8.46 -46.95
C TYR U 51 32.41 7.34 -47.41
N GLY U 52 32.64 6.14 -46.92
CA GLY U 52 32.28 4.92 -47.62
C GLY U 52 32.99 4.75 -48.97
N LYS U 53 32.94 3.51 -49.49
CA LYS U 53 33.65 3.15 -50.73
C LYS U 53 32.93 3.63 -51.97
N ALA U 54 31.84 4.39 -51.79
CA ALA U 54 31.39 5.35 -52.78
C ALA U 54 32.59 6.19 -53.27
N ASP U 55 32.89 6.08 -54.55
CA ASP U 55 34.13 6.58 -55.11
C ASP U 55 34.17 8.09 -55.00
N MET U 56 34.97 8.59 -54.05
CA MET U 56 35.24 10.01 -53.84
C MET U 56 36.00 10.68 -54.98
N ASN U 57 35.98 10.10 -56.17
CA ASN U 57 36.77 10.48 -57.34
C ASN U 57 35.97 10.23 -58.62
N THR U 58 34.69 9.90 -58.52
CA THR U 58 33.75 9.88 -59.62
C THR U 58 32.61 10.82 -59.33
N PHE U 59 32.40 11.73 -60.28
CA PHE U 59 31.27 12.62 -60.24
C PHE U 59 29.98 11.82 -60.07
N PRO U 60 29.20 12.18 -59.07
CA PRO U 60 27.99 11.48 -58.75
C PRO U 60 26.84 11.83 -59.70
N ASN U 61 25.86 10.93 -59.81
CA ASN U 61 24.56 11.21 -60.41
C ASN U 61 23.40 10.92 -59.46
N PHE U 62 22.21 11.38 -59.82
CA PHE U 62 21.24 11.85 -58.88
C PHE U 62 19.89 11.27 -59.22
N THR U 63 19.05 11.14 -58.22
CA THR U 63 17.81 10.37 -58.21
C THR U 63 16.67 11.03 -58.97
N PHE U 64 15.93 10.21 -59.71
CA PHE U 64 14.74 10.56 -60.45
C PHE U 64 13.64 9.55 -60.14
N GLU U 65 12.60 10.08 -59.50
CA GLU U 65 11.91 9.46 -58.39
C GLU U 65 10.43 9.85 -58.33
N ASP U 66 9.65 9.02 -57.64
CA ASP U 66 8.21 9.23 -57.46
C ASP U 66 7.68 8.58 -56.17
N PRO U 67 7.03 9.35 -55.29
CA PRO U 67 6.20 8.85 -54.21
C PRO U 67 4.79 8.50 -54.70
N LYS U 68 4.01 7.85 -53.84
CA LYS U 68 2.83 7.08 -54.25
C LYS U 68 1.55 7.87 -54.10
N PHE U 69 0.62 7.66 -55.03
CA PHE U 69 -0.75 8.15 -54.96
C PHE U 69 -1.70 7.19 -55.70
N GLU U 70 -2.92 7.66 -55.99
CA GLU U 70 -4.05 6.83 -56.42
C GLU U 70 -4.73 7.30 -57.70
N VAL U 71 -5.91 7.62 -57.59
N ILE V 1 -107.20 9.75 -48.48
CA ILE V 1 -106.10 9.73 -49.48
C ILE V 1 -105.05 10.74 -49.11
N THR V 2 -105.35 12.05 -49.29
CA THR V 2 -104.43 13.16 -48.98
C THR V 2 -103.71 12.92 -47.68
N PRO V 3 -104.40 12.56 -46.59
CA PRO V 3 -103.77 12.60 -45.30
C PRO V 3 -102.58 11.67 -45.11
N VAL V 4 -102.81 10.42 -45.48
CA VAL V 4 -101.80 9.36 -45.48
C VAL V 4 -100.74 9.64 -46.53
N ILE V 5 -101.15 10.15 -47.69
CA ILE V 5 -100.24 10.48 -48.78
C ILE V 5 -99.31 11.62 -48.40
N LEU V 6 -99.77 12.59 -47.63
CA LEU V 6 -98.99 13.74 -47.22
C LEU V 6 -97.91 13.34 -46.21
N GLY V 7 -98.20 12.32 -45.40
CA GLY V 7 -97.39 11.98 -44.25
C GLY V 7 -96.04 11.36 -44.64
N LEU V 8 -96.06 10.38 -45.53
CA LEU V 8 -94.85 9.60 -45.85
C LEU V 8 -93.74 10.41 -46.55
N PRO V 9 -94.10 11.27 -47.52
CA PRO V 9 -93.16 12.20 -48.12
C PRO V 9 -92.57 13.14 -47.07
N LEU V 10 -93.36 13.57 -46.09
CA LEU V 10 -92.89 14.50 -45.05
C LEU V 10 -91.81 13.86 -44.17
N VAL V 11 -92.01 12.61 -43.78
CA VAL V 11 -91.03 11.84 -43.02
C VAL V 11 -89.76 11.63 -43.84
N THR V 12 -89.92 11.30 -45.13
CA THR V 12 -88.79 11.22 -46.07
C THR V 12 -88.04 12.55 -46.14
N LEU V 13 -88.77 13.67 -46.23
CA LEU V 13 -88.19 14.98 -46.55
C LEU V 13 -87.35 15.51 -45.40
N ILE V 14 -87.76 15.24 -44.17
CA ILE V 14 -87.03 15.68 -42.98
C ILE V 14 -85.68 14.99 -42.88
N VAL V 15 -85.60 13.72 -43.28
CA VAL V 15 -84.34 12.99 -43.36
C VAL V 15 -83.50 13.42 -44.55
N LEU V 16 -84.14 13.95 -45.59
CA LEU V 16 -83.51 14.25 -46.86
C LEU V 16 -82.60 15.46 -46.75
N PHE V 17 -83.07 16.53 -46.09
CA PHE V 17 -82.31 17.78 -45.98
C PHE V 17 -80.94 17.56 -45.36
N PRO V 18 -80.81 16.88 -44.22
CA PRO V 18 -79.52 16.57 -43.63
C PRO V 18 -78.60 15.78 -44.56
N SER V 19 -79.18 14.81 -45.29
CA SER V 19 -78.41 13.91 -46.15
C SER V 19 -77.96 14.56 -47.44
N LEU V 20 -78.67 15.60 -47.90
CA LEU V 20 -78.23 16.43 -49.01
C LEU V 20 -77.18 17.47 -48.58
N LEU V 21 -77.29 17.97 -47.36
CA LEU V 21 -76.52 19.13 -46.90
C LEU V 21 -75.06 18.79 -46.68
N PHE V 22 -74.79 17.63 -46.10
CA PHE V 22 -73.44 17.25 -45.75
C PHE V 22 -72.52 17.09 -46.97
N PRO V 23 -72.94 16.36 -48.03
CA PRO V 23 -72.22 16.31 -49.30
C PRO V 23 -71.90 17.70 -49.86
N THR V 24 -72.81 18.65 -49.65
CA THR V 24 -72.65 20.02 -50.13
C THR V 24 -71.53 20.77 -49.40
N SER V 25 -71.33 20.46 -48.11
CA SER V 25 -70.49 21.24 -47.20
C SER V 25 -69.00 21.15 -47.54
N ASN V 26 -68.65 20.26 -48.47
CA ASN V 26 -67.28 19.89 -48.79
C ASN V 26 -66.73 20.76 -49.92
N ARG V 27 -66.95 22.08 -49.90
CA ARG V 27 -65.86 23.08 -49.84
C ARG V 27 -66.38 24.45 -49.47
N LEU V 28 -67.55 24.76 -49.99
CA LEU V 28 -68.30 25.92 -49.62
C LEU V 28 -69.12 25.66 -48.37
N VAL V 29 -69.64 26.71 -47.76
CA VAL V 29 -69.56 28.14 -48.16
C VAL V 29 -68.73 28.96 -47.20
N SER V 30 -68.98 28.86 -45.90
CA SER V 30 -70.13 28.15 -45.29
C SER V 30 -71.20 29.06 -44.76
N ASN V 31 -70.84 30.33 -44.56
CA ASN V 31 -71.66 31.27 -43.83
C ASN V 31 -72.17 30.64 -42.52
N ARG V 32 -73.22 31.24 -41.97
CA ARG V 32 -73.92 30.68 -40.82
C ARG V 32 -74.53 29.32 -41.15
N PHE V 33 -75.10 29.17 -42.34
CA PHE V 33 -76.02 28.08 -42.65
C PHE V 33 -75.35 26.72 -42.66
N VAL V 34 -74.35 26.55 -43.53
CA VAL V 34 -73.81 25.22 -43.84
C VAL V 34 -73.11 24.68 -42.63
N THR V 35 -72.30 25.54 -42.02
CA THR V 35 -71.77 25.22 -40.75
C THR V 35 -72.90 25.21 -39.77
N LEU V 36 -74.07 25.75 -39.63
CA LEU V 36 -74.97 25.23 -38.54
C LEU V 36 -75.47 23.78 -38.74
N GLN V 37 -75.75 23.42 -39.98
CA GLN V 37 -76.36 22.12 -40.31
C GLN V 37 -75.37 20.96 -40.36
N GLN V 38 -74.09 21.25 -40.67
CA GLN V 38 -73.06 20.21 -40.80
C GLN V 38 -72.95 19.34 -39.51
N TRP V 39 -73.45 19.81 -38.38
CA TRP V 39 -73.29 19.13 -37.06
C TRP V 39 -74.13 17.97 -36.89
N MET V 40 -75.21 18.04 -37.61
CA MET V 40 -76.16 16.99 -37.54
C MET V 40 -75.45 15.68 -37.84
N LEU V 41 -74.70 15.63 -38.95
CA LEU V 41 -73.98 14.41 -39.30
C LEU V 41 -72.68 14.26 -38.52
N GLN V 42 -72.10 15.35 -38.02
CA GLN V 42 -71.02 15.25 -37.03
C GLN V 42 -71.46 14.56 -35.76
N LEU V 43 -72.69 14.77 -35.28
CA LEU V 43 -73.23 14.06 -34.12
C LEU V 43 -73.54 12.61 -34.44
N VAL V 44 -73.99 12.33 -35.65
CA VAL V 44 -74.19 10.95 -36.12
C VAL V 44 -72.87 10.20 -36.23
N SER V 45 -71.89 10.79 -36.94
CA SER V 45 -70.56 10.22 -37.15
C SER V 45 -69.71 10.24 -35.88
N LYS V 46 -70.16 10.98 -34.85
CA LYS V 46 -69.53 11.00 -33.53
C LYS V 46 -70.11 9.93 -32.63
N GLN V 47 -71.43 9.93 -32.47
CA GLN V 47 -72.10 9.12 -31.46
C GLN V 47 -72.11 7.66 -31.88
N MET V 48 -72.67 7.37 -33.05
CA MET V 48 -72.94 6.00 -33.49
C MET V 48 -71.65 5.23 -33.75
N MET V 49 -70.64 5.93 -34.27
CA MET V 49 -69.38 5.32 -34.69
C MET V 49 -68.56 4.78 -33.53
N SER V 50 -68.88 5.17 -32.30
CA SER V 50 -68.23 4.63 -31.10
C SER V 50 -68.51 3.15 -30.87
N ILE V 51 -69.57 2.62 -31.50
CA ILE V 51 -69.92 1.20 -31.43
C ILE V 51 -69.48 0.46 -32.70
N HIS V 52 -69.56 1.16 -33.84
CA HIS V 52 -69.33 0.54 -35.14
C HIS V 52 -67.90 0.07 -35.29
N ASN V 53 -67.74 -0.90 -36.18
CA ASN V 53 -66.46 -1.43 -36.60
C ASN V 53 -65.53 -1.89 -35.45
N SER V 54 -65.87 -2.96 -34.70
CA SER V 54 -66.99 -3.90 -34.91
C SER V 54 -67.07 -4.45 -36.34
N LYS V 55 -68.24 -4.30 -37.00
CA LYS V 55 -68.58 -5.15 -38.14
C LYS V 55 -67.88 -4.81 -39.46
N GLY V 56 -67.09 -3.74 -39.44
CA GLY V 56 -66.25 -3.35 -40.54
C GLY V 56 -66.77 -2.11 -41.22
N GLN V 57 -65.91 -1.45 -41.98
CA GLN V 57 -66.29 -0.23 -42.70
C GLN V 57 -67.44 -0.50 -43.67
N THR V 58 -67.44 -1.67 -44.31
CA THR V 58 -68.29 -1.96 -45.48
C THR V 58 -69.75 -1.70 -45.18
N TRP V 59 -70.24 -2.30 -44.10
CA TRP V 59 -71.66 -2.32 -43.79
C TRP V 59 -72.11 -1.12 -42.95
N THR V 60 -71.16 -0.30 -42.51
CA THR V 60 -71.37 0.66 -41.43
C THR V 60 -72.37 1.72 -41.86
N LEU V 61 -72.07 2.41 -42.96
CA LEU V 61 -72.83 3.60 -43.37
C LEU V 61 -74.24 3.24 -43.86
N MET V 62 -74.39 2.02 -44.37
CA MET V 62 -75.68 1.47 -44.77
C MET V 62 -76.65 1.41 -43.60
N LEU V 63 -76.19 0.92 -42.44
CA LEU V 63 -77.03 0.79 -41.26
C LEU V 63 -77.31 2.13 -40.58
N MET V 64 -76.31 3.01 -40.54
CA MET V 64 -76.42 4.29 -39.84
C MET V 64 -77.55 5.17 -40.40
N SER V 65 -77.82 5.04 -41.70
CA SER V 65 -78.95 5.70 -42.36
C SER V 65 -80.30 5.29 -41.74
N LEU V 66 -80.49 3.98 -41.50
CA LEU V 66 -81.72 3.46 -40.89
C LEU V 66 -81.83 3.85 -39.41
N ILE V 67 -80.71 3.78 -38.68
CA ILE V 67 -80.68 4.15 -37.26
C ILE V 67 -81.12 5.60 -37.07
N LEU V 68 -80.61 6.50 -37.90
CA LEU V 68 -81.02 7.91 -37.88
C LEU V 68 -82.49 8.06 -38.30
N PHE V 69 -82.90 7.35 -39.34
CA PHE V 69 -84.26 7.41 -39.87
C PHE V 69 -85.29 7.05 -38.79
N ILE V 70 -85.03 5.98 -38.03
CA ILE V 70 -85.94 5.49 -37.00
C ILE V 70 -86.11 6.54 -35.90
N GLY V 71 -85.00 7.10 -35.41
CA GLY V 71 -85.04 8.10 -34.36
C GLY V 71 -85.73 9.39 -34.81
N SER V 72 -85.42 9.84 -36.03
CA SER V 72 -86.03 11.05 -36.60
C SER V 72 -87.52 10.86 -36.88
N THR V 73 -87.93 9.67 -37.31
CA THR V 73 -89.35 9.37 -37.55
C THR V 73 -90.16 9.43 -36.26
N ASN V 74 -89.62 8.89 -35.16
CA ASN V 74 -90.27 8.96 -33.86
C ASN V 74 -90.39 10.40 -33.37
N LEU V 75 -89.36 11.22 -33.60
CA LEU V 75 -89.38 12.64 -33.25
C LEU V 75 -90.48 13.41 -33.97
N LEU V 76 -90.78 13.03 -35.21
CA LEU V 76 -91.86 13.61 -35.98
C LEU V 76 -93.23 13.08 -35.60
N GLY V 77 -93.32 12.06 -34.74
CA GLY V 77 -94.56 11.64 -34.11
C GLY V 77 -94.75 12.23 -32.71
N LEU V 78 -93.76 12.98 -32.20
CA LEU V 78 -93.77 13.47 -30.82
C LEU V 78 -94.76 14.59 -30.63
N LEU V 79 -94.49 15.61 -31.41
CA LEU V 79 -95.13 16.87 -31.30
C LEU V 79 -96.59 16.72 -31.86
N PRO V 80 -96.82 16.20 -33.08
CA PRO V 80 -98.10 16.38 -33.77
C PRO V 80 -99.16 15.60 -33.01
N HIS V 81 -100.31 16.21 -32.76
CA HIS V 81 -101.42 15.44 -32.24
C HIS V 81 -102.74 16.10 -32.63
N SER V 82 -103.75 15.32 -33.04
CA SER V 82 -103.67 13.86 -33.16
C SER V 82 -102.74 13.35 -34.20
N PHE V 83 -102.07 12.28 -33.80
CA PHE V 83 -101.12 11.64 -34.67
C PHE V 83 -100.75 10.24 -34.21
N THR V 84 -100.55 10.06 -32.91
CA THR V 84 -100.02 8.83 -32.34
C THR V 84 -100.93 7.62 -32.58
N PRO V 85 -102.25 7.73 -32.31
CA PRO V 85 -103.10 6.55 -32.25
C PRO V 85 -103.42 5.95 -33.62
N THR V 86 -103.28 6.75 -34.68
CA THR V 86 -103.61 6.34 -36.05
C THR V 86 -102.41 6.45 -36.97
N THR V 87 -101.86 7.65 -37.10
CA THR V 87 -100.85 7.95 -38.12
C THR V 87 -99.51 7.30 -37.77
N GLN V 88 -99.08 7.41 -36.52
CA GLN V 88 -97.86 6.77 -36.04
C GLN V 88 -97.99 5.24 -36.09
N LEU V 89 -99.18 4.69 -35.80
CA LEU V 89 -99.42 3.26 -35.89
C LEU V 89 -99.33 2.75 -37.33
N SER V 90 -99.88 3.50 -38.28
CA SER V 90 -99.73 3.20 -39.70
C SER V 90 -98.28 3.29 -40.16
N MET V 91 -97.51 4.23 -39.60
CA MET V 91 -96.08 4.35 -39.86
C MET V 91 -95.27 3.23 -39.21
N ASN V 92 -95.67 2.74 -38.03
CA ASN V 92 -95.07 1.56 -37.41
C ASN V 92 -95.30 0.30 -38.25
N LEU V 93 -96.47 0.19 -38.88
CA LEU V 93 -96.80 -0.91 -39.78
C LEU V 93 -96.16 -0.74 -41.16
N GLY V 94 -95.91 0.50 -41.58
CA GLY V 94 -95.20 0.81 -42.82
C GLY V 94 -93.69 0.63 -42.69
N MET V 95 -93.14 0.84 -41.49
CA MET V 95 -91.76 0.54 -41.13
C MET V 95 -91.55 -0.94 -40.81
N ALA V 96 -92.63 -1.73 -40.73
CA ALA V 96 -92.55 -3.13 -40.32
C ALA V 96 -91.80 -3.98 -41.34
N ILE V 97 -92.11 -3.81 -42.62
CA ILE V 97 -91.46 -4.55 -43.69
C ILE V 97 -89.96 -4.25 -43.73
N PRO V 98 -89.51 -2.98 -43.74
CA PRO V 98 -88.10 -2.65 -43.69
C PRO V 98 -87.33 -3.38 -42.58
N LEU V 99 -87.94 -3.51 -41.39
CA LEU V 99 -87.34 -4.17 -40.24
C LEU V 99 -87.22 -5.68 -40.44
N TRP V 100 -88.25 -6.30 -41.02
CA TRP V 100 -88.21 -7.70 -41.42
C TRP V 100 -87.25 -7.96 -42.59
N ALA V 101 -87.21 -7.03 -43.55
CA ALA V 101 -86.35 -7.11 -44.72
C ALA V 101 -84.87 -6.91 -44.33
N GLY V 102 -84.61 -6.23 -43.22
CA GLY V 102 -83.26 -5.94 -42.77
C GLY V 102 -82.46 -7.20 -42.46
N ALA V 103 -83.12 -8.22 -41.88
CA ALA V 103 -82.51 -9.53 -41.68
C ALA V 103 -82.37 -10.33 -42.98
N VAL V 104 -83.28 -10.10 -43.93
CA VAL V 104 -83.28 -10.80 -45.21
C VAL V 104 -82.06 -10.45 -46.02
N ILE V 105 -81.67 -9.17 -46.06
CA ILE V 105 -80.64 -8.64 -46.97
C ILE V 105 -79.42 -9.55 -47.02
N THR V 106 -78.95 -9.97 -45.83
CA THR V 106 -77.74 -10.77 -45.68
C THR V 106 -78.05 -12.17 -45.16
N GLY V 107 -79.00 -12.30 -44.25
CA GLY V 107 -79.31 -13.56 -43.60
C GLY V 107 -80.15 -14.47 -44.48
N PHE V 108 -81.46 -14.22 -44.51
CA PHE V 108 -82.40 -15.16 -45.12
C PHE V 108 -82.23 -15.27 -46.64
N ARG V 109 -81.80 -14.19 -47.30
CA ARG V 109 -81.57 -14.17 -48.74
C ARG V 109 -80.49 -15.17 -49.16
N ASN V 110 -79.38 -15.22 -48.41
CA ASN V 110 -78.27 -16.12 -48.71
C ASN V 110 -78.47 -17.51 -48.10
N LYS V 111 -79.17 -17.58 -46.95
CA LYS V 111 -79.47 -18.83 -46.28
C LYS V 111 -80.76 -18.69 -45.49
N THR V 112 -81.87 -19.08 -46.12
CA THR V 112 -83.17 -19.09 -45.43
C THR V 112 -83.24 -20.21 -44.42
N LYS V 113 -82.79 -21.41 -44.82
CA LYS V 113 -82.94 -22.64 -44.01
C LYS V 113 -82.21 -22.55 -42.67
N ALA V 114 -81.16 -21.73 -42.60
CA ALA V 114 -80.28 -21.61 -41.45
C ALA V 114 -79.59 -20.25 -41.43
N SER V 115 -80.36 -19.17 -41.37
CA SER V 115 -79.81 -17.80 -41.37
C SER V 115 -78.85 -17.55 -40.21
N LEU V 116 -78.95 -18.35 -39.14
CA LEU V 116 -78.02 -18.32 -38.01
C LEU V 116 -76.60 -18.74 -38.35
N ALA V 117 -76.40 -19.38 -39.50
CA ALA V 117 -75.07 -19.61 -40.06
C ALA V 117 -74.33 -18.30 -40.40
N HIS V 118 -75.07 -17.23 -40.69
CA HIS V 118 -74.50 -15.89 -40.87
C HIS V 118 -74.54 -15.06 -39.58
N PHE V 119 -75.52 -15.31 -38.72
CA PHE V 119 -75.78 -14.47 -37.56
C PHE V 119 -74.92 -14.85 -36.37
N LEU V 120 -75.03 -16.10 -35.93
CA LEU V 120 -74.38 -16.57 -34.74
C LEU V 120 -74.29 -18.10 -34.73
N PRO V 121 -73.19 -18.66 -35.26
CA PRO V 121 -73.05 -20.11 -35.40
C PRO V 121 -72.98 -20.84 -34.05
N GLN V 122 -72.12 -20.33 -33.17
CA GLN V 122 -71.97 -20.84 -31.80
C GLN V 122 -72.20 -19.70 -30.83
N GLY V 123 -73.21 -19.88 -30.00
CA GLY V 123 -73.53 -18.92 -28.96
C GLY V 123 -74.82 -19.40 -28.36
N THR V 124 -75.85 -18.64 -28.67
CA THR V 124 -77.23 -18.96 -28.30
C THR V 124 -77.80 -20.19 -28.81
N PRO V 125 -77.66 -20.34 -30.10
CA PRO V 125 -78.02 -21.59 -30.65
C PRO V 125 -76.87 -22.54 -30.35
N THR V 126 -77.24 -23.77 -29.99
CA THR V 126 -76.25 -24.81 -29.80
C THR V 126 -75.86 -25.39 -31.16
N PRO V 127 -74.57 -25.31 -31.56
CA PRO V 127 -74.10 -25.87 -32.83
C PRO V 127 -74.06 -27.40 -32.82
N LEU V 128 -73.93 -28.01 -31.64
CA LEU V 128 -73.97 -29.46 -31.46
C LEU V 128 -75.35 -30.04 -31.70
N ILE V 129 -76.39 -29.20 -31.62
CA ILE V 129 -77.79 -29.63 -31.67
C ILE V 129 -78.50 -28.78 -32.72
N PRO V 130 -78.58 -29.26 -33.97
CA PRO V 130 -79.26 -28.54 -35.04
C PRO V 130 -80.73 -28.25 -34.74
N MET V 131 -81.36 -29.07 -33.89
CA MET V 131 -82.73 -28.86 -33.44
C MET V 131 -82.89 -27.50 -32.73
N LEU V 132 -82.01 -27.20 -31.77
CA LEU V 132 -82.05 -25.95 -31.02
C LEU V 132 -81.72 -24.75 -31.89
N VAL V 133 -80.87 -24.92 -32.89
CA VAL V 133 -80.57 -23.86 -33.86
C VAL V 133 -81.84 -23.37 -34.55
N ILE V 134 -82.69 -24.30 -35.00
CA ILE V 134 -83.92 -23.95 -35.70
C ILE V 134 -84.97 -23.36 -34.75
N ILE V 135 -85.05 -23.89 -33.53
CA ILE V 135 -85.94 -23.34 -32.51
C ILE V 135 -85.59 -21.90 -32.19
N GLU V 136 -84.30 -21.64 -31.97
CA GLU V 136 -83.81 -20.32 -31.57
C GLU V 136 -83.67 -19.36 -32.75
N THR V 137 -83.89 -19.86 -33.96
CA THR V 137 -84.02 -19.00 -35.12
C THR V 137 -85.20 -18.05 -34.98
N ILE V 138 -86.26 -18.47 -34.28
CA ILE V 138 -87.36 -17.56 -33.97
C ILE V 138 -86.96 -16.53 -32.93
N SER V 139 -86.32 -16.94 -31.85
CA SER V 139 -85.96 -16.06 -30.73
C SER V 139 -84.89 -15.04 -31.12
N LEU V 140 -84.17 -15.29 -32.22
CA LEU V 140 -83.05 -14.47 -32.70
C LEU V 140 -83.38 -13.68 -33.96
N PHE V 141 -84.44 -14.07 -34.68
CA PHE V 141 -84.90 -13.38 -35.87
C PHE V 141 -86.41 -13.19 -35.92
N ILE V 142 -87.16 -14.28 -36.07
CA ILE V 142 -88.57 -14.20 -36.46
C ILE V 142 -89.38 -13.35 -35.49
N GLN V 143 -89.12 -13.51 -34.19
CA GLN V 143 -89.76 -12.74 -33.15
C GLN V 143 -89.11 -11.38 -32.95
N PRO V 144 -87.77 -11.24 -32.84
CA PRO V 144 -87.13 -9.93 -32.69
C PRO V 144 -87.49 -8.92 -33.77
N MET V 145 -87.75 -9.38 -35.00
CA MET V 145 -88.24 -8.54 -36.08
C MET V 145 -89.71 -8.10 -35.89
N ALA V 146 -90.55 -8.96 -35.32
CA ALA V 146 -91.88 -8.57 -34.83
C ALA V 146 -91.80 -7.64 -33.60
N LEU V 147 -90.83 -7.87 -32.71
CA LEU V 147 -90.60 -7.05 -31.52
C LEU V 147 -90.07 -5.68 -31.89
N ALA V 148 -89.37 -5.53 -33.02
CA ALA V 148 -88.89 -4.24 -33.49
C ALA V 148 -90.03 -3.32 -33.94
N VAL V 149 -91.14 -3.92 -34.41
CA VAL V 149 -92.38 -3.18 -34.70
C VAL V 149 -93.10 -2.81 -33.42
N ARG V 150 -93.18 -3.77 -32.49
CA ARG V 150 -93.70 -3.50 -31.16
C ARG V 150 -92.82 -2.47 -30.43
N LEU V 151 -91.54 -2.38 -30.77
CA LEU V 151 -90.56 -1.45 -30.19
C LEU V 151 -90.86 0.00 -30.36
N THR V 152 -91.23 0.33 -31.58
CA THR V 152 -91.72 1.65 -31.87
C THR V 152 -93.16 1.84 -31.42
N ALA V 153 -93.95 0.77 -31.38
CA ALA V 153 -95.34 0.82 -30.93
C ALA V 153 -95.50 0.97 -29.42
N ASN V 154 -94.49 0.64 -28.63
CA ASN V 154 -94.52 0.88 -27.19
C ASN V 154 -94.20 2.30 -26.81
N ILE V 155 -93.33 2.92 -27.58
CA ILE V 155 -93.19 4.37 -27.53
C ILE V 155 -94.52 5.03 -27.94
N THR V 156 -95.14 4.49 -28.99
CA THR V 156 -96.46 4.98 -29.43
C THR V 156 -97.50 4.86 -28.31
N ALA V 157 -97.49 3.77 -27.56
CA ALA V 157 -98.48 3.54 -26.51
C ALA V 157 -98.29 4.48 -25.32
N GLY V 158 -97.06 4.64 -24.85
CA GLY V 158 -96.76 5.51 -23.71
C GLY V 158 -96.95 6.99 -24.02
N HIS V 159 -96.53 7.42 -25.22
CA HIS V 159 -96.79 8.77 -25.72
C HIS V 159 -98.29 9.04 -25.90
N LEU V 160 -99.04 8.05 -26.39
CA LEU V 160 -100.47 8.18 -26.56
C LEU V 160 -101.19 8.37 -25.23
N LEU V 161 -100.85 7.57 -24.23
CA LEU V 161 -101.53 7.57 -22.95
C LEU V 161 -101.36 8.88 -22.20
N ILE V 162 -100.21 9.54 -22.37
CA ILE V 162 -99.97 10.86 -21.80
C ILE V 162 -101.03 11.84 -22.30
N HIS V 163 -101.25 11.83 -23.61
CA HIS V 163 -102.21 12.67 -24.29
C HIS V 163 -103.63 12.33 -23.85
N LEU V 164 -104.01 11.05 -23.92
CA LEU V 164 -105.35 10.58 -23.64
C LEU V 164 -105.76 10.84 -22.19
N ILE V 165 -104.86 10.55 -21.26
CA ILE V 165 -105.07 10.76 -19.83
C ILE V 165 -105.07 12.22 -19.50
N GLY V 166 -104.16 12.98 -20.13
CA GLY V 166 -104.21 14.41 -19.97
C GLY V 166 -105.63 14.81 -20.29
N GLY V 167 -106.09 14.49 -21.52
CA GLY V 167 -107.33 14.99 -22.15
C GLY V 167 -108.53 14.69 -21.33
N ALA V 168 -108.49 13.48 -20.81
CA ALA V 168 -109.55 12.98 -20.00
C ALA V 168 -109.56 13.60 -18.61
N THR V 169 -108.41 13.95 -18.05
CA THR V 169 -108.31 14.55 -16.72
C THR V 169 -108.80 15.99 -16.72
N LEU V 170 -108.40 16.77 -17.73
CA LEU V 170 -108.89 18.14 -17.91
C LEU V 170 -110.36 18.18 -18.35
N ALA V 171 -110.84 17.13 -19.03
CA ALA V 171 -112.25 16.99 -19.37
C ALA V 171 -113.09 16.59 -18.14
N LEU V 172 -112.56 15.73 -17.28
CA LEU V 172 -113.24 15.29 -16.06
C LEU V 172 -113.32 16.44 -15.05
N MET V 173 -112.19 17.11 -14.82
CA MET V 173 -112.09 18.26 -13.95
C MET V 173 -111.80 19.51 -14.77
N SER V 174 -112.80 19.96 -15.54
CA SER V 174 -112.73 21.21 -16.33
C SER V 174 -112.83 22.47 -15.46
N ILE V 175 -112.05 22.52 -14.39
CA ILE V 175 -112.15 23.56 -13.36
C ILE V 175 -111.42 24.84 -13.80
N SER V 176 -110.49 24.73 -14.75
CA SER V 176 -109.58 25.80 -15.18
C SER V 176 -108.59 26.27 -14.10
N THR V 177 -107.54 25.49 -13.83
CA THR V 177 -107.29 24.16 -14.40
C THR V 177 -108.17 23.06 -13.79
N THR V 178 -108.23 22.89 -12.46
CA THR V 178 -107.34 23.50 -11.45
C THR V 178 -106.62 22.43 -10.69
N THR V 179 -107.37 21.51 -10.10
CA THR V 179 -106.81 20.31 -9.49
C THR V 179 -106.19 19.38 -10.53
N ALA V 180 -106.73 19.37 -11.75
CA ALA V 180 -106.16 18.62 -12.86
C ALA V 180 -104.73 19.08 -13.19
N LEU V 181 -104.35 20.31 -12.82
CA LEU V 181 -103.01 20.83 -13.04
C LEU V 181 -101.94 19.98 -12.36
N ILE V 182 -102.23 19.46 -11.16
CA ILE V 182 -101.29 18.64 -10.40
C ILE V 182 -100.97 17.36 -11.18
N THR V 183 -102.01 16.68 -11.67
CA THR V 183 -101.84 15.46 -12.46
C THR V 183 -101.21 15.78 -13.80
N PHE V 184 -101.64 16.86 -14.44
CA PHE V 184 -101.18 17.22 -15.76
C PHE V 184 -99.72 17.65 -15.78
N THR V 185 -99.26 18.26 -14.70
CA THR V 185 -97.85 18.61 -14.47
C THR V 185 -96.95 17.38 -14.50
N ILE V 186 -97.40 16.29 -13.87
CA ILE V 186 -96.72 15.00 -13.95
C ILE V 186 -96.75 14.46 -15.38
N LEU V 187 -97.92 14.48 -16.03
CA LEU V 187 -98.10 13.89 -17.36
C LEU V 187 -97.21 14.51 -18.40
N ILE V 188 -96.87 15.75 -18.20
CA ILE V 188 -95.93 16.38 -19.06
C ILE V 188 -94.53 15.86 -18.87
N LEU V 189 -94.08 15.85 -17.61
CA LEU V 189 -92.74 15.39 -17.29
C LEU V 189 -92.51 13.98 -17.80
N LEU V 190 -93.60 13.19 -17.88
CA LEU V 190 -93.55 11.83 -18.38
C LEU V 190 -93.07 11.77 -19.81
N THR V 191 -93.27 12.80 -20.62
CA THR V 191 -92.84 12.78 -22.02
C THR V 191 -91.33 12.60 -22.14
N ILE V 192 -90.55 13.26 -21.27
CA ILE V 192 -89.10 13.07 -21.22
C ILE V 192 -88.73 11.70 -20.67
N LEU V 193 -89.36 11.29 -19.57
CA LEU V 193 -89.10 10.01 -18.93
C LEU V 193 -89.45 8.82 -19.84
N GLU V 194 -90.47 8.97 -20.67
CA GLU V 194 -90.99 7.96 -21.57
C GLU V 194 -90.32 8.07 -22.93
N PHE V 195 -90.77 9.03 -23.74
CA PHE V 195 -90.43 9.07 -25.15
C PHE V 195 -88.93 9.30 -25.32
N ALA V 196 -88.38 10.31 -24.67
CA ALA V 196 -87.00 10.73 -24.96
C ALA V 196 -85.98 9.66 -24.57
N VAL V 197 -86.28 8.88 -23.53
CA VAL V 197 -85.51 7.69 -23.16
C VAL V 197 -85.75 6.53 -24.12
N ALA V 198 -87.02 6.15 -24.31
CA ALA V 198 -87.38 4.93 -25.02
C ALA V 198 -87.06 5.04 -26.51
N MET V 199 -87.17 6.25 -27.08
CA MET V 199 -86.86 6.53 -28.47
C MET V 199 -85.39 6.30 -28.78
N ILE V 200 -84.52 6.69 -27.85
CA ILE V 200 -83.08 6.43 -27.99
C ILE V 200 -82.80 4.94 -27.92
N GLN V 201 -83.27 4.29 -26.86
CA GLN V 201 -83.11 2.84 -26.69
C GLN V 201 -83.66 2.04 -27.88
N ALA V 202 -84.61 2.63 -28.62
CA ALA V 202 -85.23 1.95 -29.74
C ALA V 202 -84.27 1.76 -30.91
N TYR V 203 -83.55 2.81 -31.28
CA TYR V 203 -82.59 2.74 -32.39
C TYR V 203 -81.25 2.15 -31.94
N VAL V 204 -81.00 2.04 -30.63
CA VAL V 204 -79.94 1.19 -30.11
C VAL V 204 -80.21 -0.27 -30.41
N PHE V 205 -81.46 -0.72 -30.31
CA PHE V 205 -81.80 -2.11 -30.59
C PHE V 205 -81.50 -2.48 -32.05
N THR V 206 -81.92 -1.62 -32.99
CA THR V 206 -81.61 -1.80 -34.40
C THR V 206 -80.11 -1.80 -34.66
N LEU V 207 -79.36 -0.93 -33.96
CA LEU V 207 -77.91 -0.93 -34.03
C LEU V 207 -77.34 -2.30 -33.68
N LEU V 208 -77.65 -2.81 -32.49
CA LEU V 208 -77.01 -4.01 -31.94
C LEU V 208 -77.33 -5.26 -32.74
N VAL V 209 -78.59 -5.41 -33.15
CA VAL V 209 -79.02 -6.59 -33.90
C VAL V 209 -78.35 -6.66 -35.27
N SER V 210 -78.29 -5.52 -35.95
CA SER V 210 -77.68 -5.46 -37.28
C SER V 210 -76.15 -5.56 -37.23
N LEU V 211 -75.55 -5.24 -36.09
CA LEU V 211 -74.15 -5.56 -35.81
C LEU V 211 -73.93 -7.05 -35.66
N TYR V 212 -74.73 -7.74 -34.85
CA TYR V 212 -74.52 -9.17 -34.56
C TYR V 212 -74.61 -10.05 -35.79
N LEU V 213 -75.45 -9.66 -36.73
CA LEU V 213 -75.48 -10.28 -38.03
C LEU V 213 -74.15 -10.10 -38.77
N HIS V 214 -73.88 -8.86 -39.18
CA HIS V 214 -72.79 -8.59 -40.12
C HIS V 214 -71.41 -8.81 -39.50
N ASP V 215 -71.30 -8.82 -38.18
CA ASP V 215 -70.02 -9.05 -37.49
C ASP V 215 -69.57 -10.51 -37.57
N ASN V 216 -70.52 -11.45 -37.54
CA ASN V 216 -70.22 -12.87 -37.69
C ASN V 216 -70.33 -13.37 -39.14
N THR V 217 -70.87 -12.51 -40.03
CA THR V 217 -71.01 -12.82 -41.46
C THR V 217 -69.66 -12.70 -42.17
#